data_7LQW
#
_entry.id   7LQW
#
_cell.length_a   1.00
_cell.length_b   1.00
_cell.length_c   1.00
_cell.angle_alpha   90.00
_cell.angle_beta   90.00
_cell.angle_gamma   90.00
#
_symmetry.space_group_name_H-M   'P 1'
#
loop_
_entity.id
_entity.type
_entity.pdbx_description
1 polymer '2-17 Heavy Chain'
2 polymer '2-17 Light Chain'
3 polymer 'Spike glycoprotein'
4 non-polymer 2-acetamido-2-deoxy-beta-D-glucopyranose
#
loop_
_entity_poly.entity_id
_entity_poly.type
_entity_poly.pdbx_seq_one_letter_code
_entity_poly.pdbx_strand_id
1 'polypeptide(L)'
;QVQLVQSGAEVKKPGSSVKVSCKASGGTFSSYAISWVRQAPGQGLEWMGGNIPIFGTANYAQKFQGRVTITADESTSTAY
MELSSLRSEDTAVYYCARGVGYRGVIPLNWFDPWGQGTVVTVSSASTKGPSVFPLAPSSKSTSGGTAALGCLVKDYFPEP
VTVSWNSGALTSGVHTFPAVLQSSGLYSLSSVVTVPSSSLGTQTYICNVNHKPSNTKVDKKVEPKSCDKTH
;
H
2 'polypeptide(L)'
;EIVMTQSPATLSVSPGERATLSCRASQSVSSDLAWYQHKPGQAPRLLIYGASTRATGIPVRFSGSGSGTEFTLTISSLQS
EDFAVYYCQQYNNWPPFTFGGGTKVEIKRTVAAPSVFIFPPSDEQLKSGTASVVCLLNNFYPREAKVQWKVDNALQSGNS
QESVTEQDSKDSTYSLSSTLTLSKADYEKHKVYACEVTHQGLSSPVTKSFNRGEC
;
L
3 'polypeptide(L)'
;MGILPSPGMPALLSLVSLLSVLLMGCVAETGTQCVNLTTRTQLPPAYTNSFTRGVYYPDKVFRSSVLHSTQDLFLPFFSN
VTWFHAIHVSGTNGTKRFDNPVLPFNDGVYFASTEKSNIIRGWIFGTTLDSKTQSLLIVNNATNVVIKVCEFQFCNDPFL
GVYYHKNNKSWMESEFRVYSSANNCTFEYVSQPFLMDLEGKQGNFKNLREFVFKNIDGYFKIYSKHTPINLVRDLPQGFS
ALEPLVDLPIGINITRFQTLLALHRSYLTPGDSSSGWTAGAAAYYVGYLQPRTFLLKYNENGTITDAVDCALDPLSETKC
TLKSFTVEKGIYQTSNFRVQPTESIVRFPNITNLCPFGEVFNATRFASVYAWNRKRISNCVADYSVLYNSASFSTFKCYG
VSPTKLNDLCFTNVYADSFVIRGDEVRQIAPGQTGKIADYNYKLPDDFTGCVIAWNSNNLDSKVGGNYNYLYRLFRKSNL
KPFERDISTEIYQAGSTPCNGVEGFNCYFPLQSYGFQPTNGVGYQPYRVVVLSFELLHAPATVCGPKKSTNLVKNKCVNF
NFNGLTGTGVLTESNKKFLPFQQFGRDIADTTDAVRDPQTLEILDITPCSFGGVSVITPGTNTSNQVAVLYQDVNCTEVP
VAIHADQLTPTWRVYSTGSNVFQTRAGCLIGAEHVNNSYECDIPIGAGICASYQTQTNSPGSASSVASQSIIAYTMSLGA
ENSVAYSNNSIAIPTNFTISVTTEILPVSMTKTSVDCTMYICGDSTECSNLLLQYGSFCTQLNRALTGIAVEQDKNTQEV
FAQVKQIYKTPPIKDFGGFNFSQILPDPSKPSKRSFIEDLLFNKVTLADAGFIKQYGDCLGDIAARDLICAQKFNGLTVL
PPLLTDEMIAQYTSALLAGTITSGWTFGAGAALQIPFAMQMAYRFNGIGVTQNVLYENQKLIANQFNSAIGKIQDSLSST
ASALGKLQDVVNQNAQALNTLVKQLSSNFGAISSVLNDILSRLDPPEAEVQIDRLITGRLQSLQTYVTQQLIRAAEIRAS
ANLAATKMSECVLGQSKRVDFCGKGYHLMSFPQSAPHGVVFLHVTYVPAQEKNFTTAPAICHDGKAHFPREGVFVSNGTH
WFVTQRNFYEPQIITTDNTFVSGNCDVVIGIVNNTVYDPLQPELDSFKEELDKYFKNHTSPDVDLGDISGINASVVNIQK
EIDRLNEVAKNLNESLIDLQELGKYEQGSGYIPEAPRDGQAYVRKDGEWVLLSTFLGRSLEVLFQGPGHHHHHHHHSAWS
HPQFEKGGGSGGGGSGGSAWSHPQFEK
;
B,C,A
#
loop_
_chem_comp.id
_chem_comp.type
_chem_comp.name
_chem_comp.formula
NAG D-saccharide, beta linking 2-acetamido-2-deoxy-beta-D-glucopyranose 'C8 H15 N O6'
#
# COMPACT_ATOMS: atom_id res chain seq x y z
N GLN A 1 45.22 -74.73 26.67
CA GLN A 1 44.39 -75.85 27.11
C GLN A 1 42.92 -75.61 26.78
N VAL A 2 42.60 -75.56 25.49
CA VAL A 2 41.24 -75.35 25.01
C VAL A 2 40.80 -76.58 24.23
N GLN A 3 39.64 -77.11 24.58
CA GLN A 3 39.08 -78.29 23.94
C GLN A 3 37.69 -77.97 23.39
N LEU A 4 37.41 -78.50 22.20
CA LEU A 4 36.12 -78.30 21.55
C LEU A 4 35.44 -79.64 21.38
N VAL A 5 34.16 -79.70 21.74
CA VAL A 5 33.35 -80.90 21.65
C VAL A 5 32.20 -80.65 20.69
N GLN A 6 32.05 -81.52 19.69
CA GLN A 6 31.01 -81.41 18.69
C GLN A 6 29.98 -82.54 18.86
N SER A 7 28.87 -82.40 18.17
CA SER A 7 27.81 -83.40 18.23
C SER A 7 28.23 -84.66 17.46
N GLY A 8 27.59 -85.77 17.83
CA GLY A 8 27.89 -87.04 17.20
C GLY A 8 27.31 -87.17 15.81
N ALA A 9 27.68 -88.24 15.13
CA ALA A 9 27.20 -88.49 13.78
C ALA A 9 25.71 -88.79 13.79
N GLU A 10 25.00 -88.23 12.83
CA GLU A 10 23.55 -88.41 12.72
C GLU A 10 23.19 -88.62 11.26
N VAL A 11 22.05 -89.27 11.04
CA VAL A 11 21.52 -89.53 9.71
C VAL A 11 20.16 -88.83 9.60
N LYS A 12 20.00 -88.01 8.58
CA LYS A 12 18.78 -87.23 8.38
C LYS A 12 18.14 -87.64 7.06
N LYS A 13 16.84 -87.91 7.10
CA LYS A 13 16.11 -88.26 5.89
C LYS A 13 15.88 -87.01 5.05
N PRO A 14 15.61 -87.20 3.75
CA PRO A 14 15.35 -86.04 2.88
C PRO A 14 14.08 -85.31 3.30
N GLY A 15 14.10 -83.99 3.13
CA GLY A 15 12.98 -83.15 3.50
C GLY A 15 12.93 -82.77 4.97
N SER A 16 13.88 -83.22 5.78
CA SER A 16 13.91 -82.93 7.20
C SER A 16 15.02 -81.94 7.52
N SER A 17 15.08 -81.52 8.77
CA SER A 17 16.08 -80.59 9.26
C SER A 17 16.86 -81.22 10.41
N VAL A 18 18.18 -81.06 10.39
CA VAL A 18 19.07 -81.62 11.39
C VAL A 18 19.88 -80.48 11.99
N LYS A 19 19.97 -80.47 13.32
CA LYS A 19 20.73 -79.46 14.05
C LYS A 19 22.02 -80.08 14.58
N VAL A 20 23.14 -79.43 14.31
CA VAL A 20 24.45 -79.87 14.76
C VAL A 20 25.01 -78.81 15.70
N SER A 21 25.41 -79.23 16.89
CA SER A 21 25.88 -78.32 17.92
C SER A 21 27.31 -78.68 18.33
N CYS A 22 28.14 -77.66 18.52
CA CYS A 22 29.51 -77.82 18.99
C CYS A 22 29.69 -77.01 20.26
N LYS A 23 30.26 -77.63 21.28
CA LYS A 23 30.45 -77.01 22.59
C LYS A 23 31.93 -76.82 22.87
N ALA A 24 32.28 -75.66 23.40
CA ALA A 24 33.65 -75.32 23.77
C ALA A 24 33.74 -75.14 25.28
N SER A 25 34.70 -75.81 25.89
CA SER A 25 34.90 -75.74 27.33
C SER A 25 36.39 -75.55 27.64
N GLY A 26 36.66 -74.94 28.78
CA GLY A 26 38.03 -74.69 29.19
C GLY A 26 38.70 -73.49 28.53
N GLY A 27 37.95 -72.70 27.76
CA GLY A 27 38.50 -71.55 27.08
C GLY A 27 37.51 -70.40 27.05
N THR A 28 37.94 -69.30 26.42
CA THR A 28 37.12 -68.10 26.30
C THR A 28 36.08 -68.33 25.22
N PHE A 29 34.96 -68.93 25.61
CA PHE A 29 33.88 -69.19 24.66
C PHE A 29 33.23 -67.88 24.20
N SER A 30 33.11 -66.91 25.11
CA SER A 30 32.52 -65.63 24.75
C SER A 30 33.39 -64.87 23.75
N SER A 31 34.71 -64.94 23.89
CA SER A 31 35.63 -64.27 22.98
C SER A 31 35.91 -65.09 21.73
N TYR A 32 35.36 -66.29 21.61
CA TYR A 32 35.57 -67.14 20.45
C TYR A 32 34.53 -66.84 19.38
N ALA A 33 34.87 -67.19 18.13
CA ALA A 33 34.03 -66.94 16.97
C ALA A 33 33.89 -68.24 16.18
N ILE A 34 32.75 -68.91 16.34
CA ILE A 34 32.55 -70.20 15.70
C ILE A 34 32.39 -70.02 14.19
N SER A 35 32.73 -71.06 13.44
CA SER A 35 32.58 -71.10 11.99
C SER A 35 32.20 -72.51 11.58
N TRP A 36 31.73 -72.65 10.34
CA TRP A 36 31.28 -73.94 9.82
C TRP A 36 32.06 -74.25 8.54
N VAL A 37 32.70 -75.40 8.52
CA VAL A 37 33.46 -75.88 7.35
C VAL A 37 33.01 -77.29 7.04
N ARG A 38 32.59 -77.52 5.80
CA ARG A 38 32.11 -78.82 5.36
C ARG A 38 32.97 -79.31 4.19
N GLN A 39 33.43 -80.56 4.28
CA GLN A 39 34.23 -81.19 3.25
C GLN A 39 33.51 -82.42 2.73
N ALA A 40 33.37 -82.52 1.41
CA ALA A 40 32.69 -83.62 0.77
C ALA A 40 33.56 -84.22 -0.32
N PRO A 41 33.36 -85.49 -0.66
CA PRO A 41 34.15 -86.10 -1.72
C PRO A 41 33.83 -85.49 -3.08
N GLY A 42 34.84 -85.47 -3.94
CA GLY A 42 34.70 -84.89 -5.27
C GLY A 42 34.83 -83.38 -5.33
N GLN A 43 35.08 -82.72 -4.20
CA GLN A 43 35.20 -81.27 -4.17
C GLN A 43 36.08 -80.87 -3.00
N GLY A 44 36.55 -79.62 -3.03
CA GLY A 44 37.38 -79.10 -1.98
C GLY A 44 36.59 -78.70 -0.75
N LEU A 45 37.31 -78.20 0.25
CA LEU A 45 36.68 -77.75 1.47
C LEU A 45 35.84 -76.51 1.23
N GLU A 46 34.65 -76.48 1.83
CA GLU A 46 33.73 -75.36 1.68
C GLU A 46 33.33 -74.85 3.06
N TRP A 47 33.28 -73.53 3.20
CA TRP A 47 32.89 -72.87 4.43
C TRP A 47 31.54 -72.21 4.24
N MET A 48 30.55 -72.61 5.02
CA MET A 48 29.22 -72.03 4.90
C MET A 48 29.16 -70.62 5.48
N GLY A 49 29.94 -70.35 6.51
CA GLY A 49 29.95 -69.04 7.13
C GLY A 49 30.57 -69.10 8.52
N GLY A 50 30.26 -68.09 9.32
CA GLY A 50 30.78 -68.01 10.67
C GLY A 50 30.16 -66.86 11.42
N ASN A 51 30.52 -66.78 12.70
CA ASN A 51 30.05 -65.72 13.58
C ASN A 51 31.14 -64.68 13.77
N ILE A 52 30.75 -63.41 13.71
CA ILE A 52 31.72 -62.32 13.89
C ILE A 52 32.20 -62.30 15.33
N PRO A 53 33.51 -62.25 15.59
CA PRO A 53 33.98 -62.19 16.98
C PRO A 53 33.64 -60.88 17.67
N ILE A 54 33.99 -59.76 17.03
CA ILE A 54 33.81 -58.46 17.67
C ILE A 54 32.34 -58.12 17.82
N PHE A 55 31.56 -58.27 16.74
CA PHE A 55 30.16 -57.89 16.76
C PHE A 55 29.25 -59.07 17.10
N GLY A 56 29.27 -60.11 16.27
CA GLY A 56 28.42 -61.26 16.48
C GLY A 56 27.20 -61.28 15.60
N THR A 57 27.27 -62.04 14.49
CA THR A 57 26.15 -62.18 13.59
C THR A 57 26.38 -63.41 12.72
N ALA A 58 25.28 -63.89 12.13
CA ALA A 58 25.33 -65.09 11.28
C ALA A 58 25.81 -64.69 9.88
N ASN A 59 27.10 -64.41 9.79
CA ASN A 59 27.73 -64.03 8.53
C ASN A 59 27.78 -65.26 7.62
N TYR A 60 26.92 -65.29 6.62
CA TYR A 60 26.86 -66.41 5.69
C TYR A 60 27.90 -66.19 4.59
N ALA A 61 27.85 -67.04 3.56
CA ALA A 61 28.76 -66.96 2.42
C ALA A 61 27.95 -66.98 1.14
N GLN A 62 28.65 -66.91 0.01
CA GLN A 62 27.99 -66.96 -1.29
C GLN A 62 27.34 -68.32 -1.51
N LYS A 63 26.15 -68.30 -2.11
CA LYS A 63 25.34 -69.49 -2.35
C LYS A 63 25.06 -70.26 -1.06
N PHE A 64 24.84 -69.53 0.04
CA PHE A 64 24.54 -70.16 1.31
C PHE A 64 23.41 -69.47 2.07
N GLN A 65 22.85 -68.38 1.55
CA GLN A 65 21.77 -67.71 2.24
C GLN A 65 20.46 -68.48 2.09
N GLY A 66 19.73 -68.59 3.20
CA GLY A 66 18.46 -69.29 3.21
C GLY A 66 18.56 -70.79 3.31
N ARG A 67 19.76 -71.35 3.42
CA ARG A 67 19.95 -72.79 3.53
C ARG A 67 20.52 -73.22 4.87
N VAL A 68 21.48 -72.46 5.41
CA VAL A 68 22.11 -72.77 6.68
C VAL A 68 21.91 -71.58 7.62
N THR A 69 21.38 -71.85 8.80
CA THR A 69 21.15 -70.84 9.82
C THR A 69 22.00 -71.18 11.04
N ILE A 70 22.78 -70.22 11.51
CA ILE A 70 23.69 -70.40 12.64
C ILE A 70 23.34 -69.39 13.72
N THR A 71 23.19 -69.89 14.95
CA THR A 71 22.93 -69.04 16.11
C THR A 71 23.89 -69.41 17.22
N ALA A 72 24.32 -68.42 17.98
CA ALA A 72 25.27 -68.59 19.06
C ALA A 72 24.68 -68.09 20.37
N ASP A 73 24.88 -68.87 21.43
CA ASP A 73 24.38 -68.54 22.76
C ASP A 73 25.56 -68.29 23.69
N GLU A 74 25.55 -67.15 24.37
CA GLU A 74 26.63 -66.82 25.29
C GLU A 74 26.52 -67.62 26.58
N SER A 75 25.29 -67.83 27.07
CA SER A 75 25.10 -68.55 28.32
C SER A 75 25.45 -70.03 28.17
N THR A 76 24.93 -70.67 27.13
CA THR A 76 25.19 -72.10 26.93
C THR A 76 26.53 -72.37 26.27
N SER A 77 27.15 -71.36 25.66
CA SER A 77 28.44 -71.49 24.97
C SER A 77 28.38 -72.58 23.89
N THR A 78 27.24 -72.68 23.20
CA THR A 78 27.04 -73.67 22.17
C THR A 78 26.39 -73.03 20.95
N ALA A 79 26.84 -73.42 19.77
CA ALA A 79 26.31 -72.93 18.51
C ALA A 79 25.68 -74.08 17.74
N TYR A 80 24.45 -73.88 17.28
CA TYR A 80 23.70 -74.90 16.56
C TYR A 80 23.43 -74.42 15.14
N MET A 81 23.71 -75.28 14.17
CA MET A 81 23.50 -74.99 12.76
C MET A 81 22.47 -75.98 12.20
N GLU A 82 21.44 -75.44 11.56
CA GLU A 82 20.38 -76.27 11.00
C GLU A 82 20.81 -76.89 9.67
N LEU A 83 20.13 -77.81 2.55
CA LEU A 83 20.12 -79.14 3.16
C LEU A 83 19.73 -80.21 2.12
N SER A 84 15.43 -78.11 6.54
CA SER A 84 14.67 -77.23 5.66
C SER A 84 15.21 -77.29 4.24
N SER A 85 14.29 -77.41 3.28
CA SER A 85 14.62 -77.50 1.84
C SER A 85 15.59 -78.64 1.57
N LEU A 86 15.36 -79.78 2.21
CA LEU A 86 16.21 -80.95 2.03
C LEU A 86 15.58 -81.96 1.08
N ARG A 87 20.91 -81.62 -2.55
CA ARG A 87 20.41 -82.61 -1.60
C ARG A 87 21.43 -83.73 -1.39
N SER A 88 21.75 -84.43 -2.49
CA SER A 88 22.72 -85.52 -2.41
C SER A 88 24.12 -84.98 -2.10
N GLU A 89 24.49 -83.84 -2.70
CA GLU A 89 25.79 -83.25 -2.44
C GLU A 89 25.89 -82.57 -1.09
N ASP A 90 24.76 -82.33 -0.42
CA ASP A 90 24.78 -81.67 0.87
C ASP A 90 25.29 -82.58 1.98
N THR A 91 25.31 -83.89 1.76
CA THR A 91 25.78 -84.83 2.77
C THR A 91 27.30 -84.76 2.87
N ALA A 92 27.80 -84.32 4.01
CA ALA A 92 29.24 -84.16 4.23
C ALA A 92 29.50 -84.18 5.72
N VAL A 93 30.71 -83.80 6.12
CA VAL A 93 31.11 -83.72 7.52
C VAL A 93 31.40 -82.26 7.85
N TYR A 94 30.78 -81.76 8.92
CA TYR A 94 30.91 -80.37 9.31
C TYR A 94 31.94 -80.22 10.42
N TYR A 95 32.72 -79.14 10.36
CA TYR A 95 33.74 -78.84 11.34
C TYR A 95 33.51 -77.45 11.92
N CYS A 96 33.89 -77.29 13.18
CA CYS A 96 33.68 -76.03 13.91
C CYS A 96 35.02 -75.45 14.32
N ALA A 97 35.19 -74.15 14.07
CA ALA A 97 36.40 -73.43 14.42
C ALA A 97 36.01 -72.16 15.16
N ARG A 98 36.27 -72.12 16.47
CA ARG A 98 35.89 -71.00 17.30
C ARG A 98 37.05 -70.04 17.57
N GLY A 99 38.29 -70.53 17.58
CA GLY A 99 39.44 -69.69 17.85
C GLY A 99 40.06 -69.07 16.60
N VAL A 100 39.38 -68.08 16.02
CA VAL A 100 39.90 -67.40 14.84
C VAL A 100 41.15 -66.62 15.23
N GLY A 101 42.28 -66.98 14.63
CA GLY A 101 43.54 -66.39 15.03
C GLY A 101 44.52 -66.06 13.92
N TYR A 102 44.02 -65.83 12.70
CA TYR A 102 44.90 -65.38 11.62
C TYR A 102 44.08 -64.47 10.71
N ARG A 103 44.09 -63.17 11.02
CA ARG A 103 43.45 -62.12 10.25
C ARG A 103 43.71 -60.76 10.88
N GLY A 104 43.20 -59.70 10.27
CA GLY A 104 43.29 -58.38 10.86
C GLY A 104 42.14 -58.06 11.79
N VAL A 105 41.49 -56.92 11.60
CA VAL A 105 40.34 -56.56 12.41
C VAL A 105 39.15 -57.43 12.03
N ILE A 106 38.43 -57.92 13.04
CA ILE A 106 37.29 -58.83 12.89
C ILE A 106 37.71 -60.10 12.14
N PRO A 107 38.49 -60.98 12.76
CA PRO A 107 38.94 -62.19 12.07
C PRO A 107 37.77 -63.10 11.67
N LEU A 108 37.88 -63.68 10.48
CA LEU A 108 36.88 -64.58 9.95
C LEU A 108 37.55 -65.63 9.08
N ASN A 109 36.83 -66.74 8.84
CA ASN A 109 37.31 -67.87 8.06
C ASN A 109 38.63 -68.41 8.62
N TRP A 110 38.56 -68.91 9.85
CA TRP A 110 39.75 -69.34 10.56
C TRP A 110 40.41 -70.53 9.89
N PHE A 111 39.63 -71.57 9.58
CA PHE A 111 40.13 -72.82 9.03
C PHE A 111 41.23 -73.44 9.91
N ASP A 112 41.16 -73.19 11.22
CA ASP A 112 42.16 -73.67 12.16
C ASP A 112 41.47 -74.11 13.44
N PRO A 113 42.09 -75.08 14.12
CA PRO A 113 41.57 -75.65 15.37
C PRO A 113 40.15 -76.19 15.17
N TRP A 114 40.01 -77.06 14.18
CA TRP A 114 38.72 -77.64 13.85
C TRP A 114 38.26 -78.60 14.95
N GLY A 115 36.96 -78.81 15.01
CA GLY A 115 36.37 -79.67 16.01
C GLY A 115 36.51 -81.14 15.66
N GLN A 116 35.80 -81.97 16.43
CA GLN A 116 35.84 -83.41 16.20
C GLN A 116 35.23 -83.77 14.85
N GLY A 117 34.14 -83.10 14.48
CA GLY A 117 33.50 -83.36 13.21
C GLY A 117 32.24 -84.20 13.32
N THR A 118 31.12 -83.66 12.84
CA THR A 118 29.84 -84.35 12.86
C THR A 118 29.50 -84.82 11.45
N VAL A 119 29.16 -86.09 11.32
CA VAL A 119 28.85 -86.69 10.03
C VAL A 119 27.35 -86.60 9.79
N VAL A 120 26.95 -86.01 8.66
CA VAL A 120 25.56 -85.87 8.28
C VAL A 120 25.38 -86.50 6.90
N THR A 121 24.42 -87.40 6.79
CA THR A 121 24.12 -88.08 5.53
C THR A 121 22.64 -87.94 5.22
N VAL A 122 22.32 -87.83 3.94
CA VAL A 122 20.94 -87.67 3.47
C VAL A 122 20.59 -88.89 2.64
N SER A 123 19.50 -89.57 3.02
CA SER A 123 19.05 -90.76 2.31
C SER A 123 17.54 -90.90 2.48
N SER A 124 16.95 -91.68 1.58
CA SER A 124 15.52 -91.92 1.62
C SER A 124 15.17 -93.05 2.58
N GLU B 1 34.87 -63.80 -4.72
CA GLU B 1 35.24 -65.21 -4.67
C GLU B 1 36.57 -65.46 -5.37
N ILE B 2 37.65 -65.44 -4.59
CA ILE B 2 38.98 -65.67 -5.16
C ILE B 2 39.15 -67.14 -5.53
N VAL B 3 40.10 -67.39 -6.42
CA VAL B 3 40.40 -68.75 -6.89
C VAL B 3 41.85 -69.06 -6.55
N MET B 4 42.05 -70.20 -5.89
CA MET B 4 43.39 -70.65 -5.51
C MET B 4 43.57 -72.10 -5.92
N THR B 5 44.81 -72.47 -6.21
CA THR B 5 45.14 -73.83 -6.62
C THR B 5 46.40 -74.28 -5.89
N GLN B 6 46.53 -75.60 -5.71
CA GLN B 6 47.68 -76.20 -5.07
C GLN B 6 48.30 -77.22 -6.01
N SER B 7 49.61 -77.15 -6.18
CA SER B 7 50.34 -78.04 -7.06
C SER B 7 51.58 -78.57 -6.35
N PRO B 8 51.98 -79.82 -6.64
CA PRO B 8 51.36 -80.80 -7.54
C PRO B 8 50.18 -81.52 -6.91
N ALA B 9 49.35 -82.15 -7.74
CA ALA B 9 48.21 -82.91 -7.22
C ALA B 9 48.67 -84.11 -6.40
N THR B 10 49.69 -84.82 -6.86
CA THR B 10 50.25 -85.95 -6.16
C THR B 10 51.76 -85.83 -6.13
N LEU B 11 52.35 -86.01 -4.95
CA LEU B 11 53.80 -85.93 -4.77
C LEU B 11 54.30 -87.20 -4.13
N SER B 12 55.35 -87.80 -4.70
CA SER B 12 55.97 -89.01 -4.19
C SER B 12 57.36 -88.65 -3.67
N VAL B 13 57.51 -88.63 -2.35
CA VAL B 13 58.77 -88.28 -1.70
C VAL B 13 59.18 -89.43 -0.80
N SER B 14 60.42 -89.89 -0.94
CA SER B 14 60.93 -90.97 -0.12
C SER B 14 61.14 -90.48 1.32
N PRO B 15 61.14 -91.40 2.28
CA PRO B 15 61.37 -90.99 3.67
C PRO B 15 62.78 -90.45 3.88
N GLY B 16 62.88 -89.47 4.77
CA GLY B 16 64.15 -88.83 5.05
C GLY B 16 64.55 -87.73 4.09
N GLU B 17 63.74 -87.46 3.07
CA GLU B 17 64.02 -86.43 2.09
C GLU B 17 63.24 -85.17 2.42
N ARG B 18 63.32 -84.18 1.53
CA ARG B 18 62.63 -82.90 1.70
C ARG B 18 61.44 -82.85 0.76
N ALA B 19 60.26 -82.53 1.31
CA ALA B 19 59.04 -82.41 0.55
C ALA B 19 58.70 -80.94 0.36
N THR B 20 58.46 -80.55 -0.89
CA THR B 20 58.16 -79.16 -1.23
C THR B 20 56.73 -79.06 -1.76
N LEU B 21 55.96 -78.14 -1.19
CA LEU B 21 54.59 -77.88 -1.62
C LEU B 21 54.48 -76.44 -2.08
N SER B 22 53.95 -76.24 -3.29
CA SER B 22 53.81 -74.91 -3.87
C SER B 22 52.34 -74.49 -3.86
N CYS B 23 52.11 -73.25 -3.45
CA CYS B 23 50.76 -72.70 -3.38
C CYS B 23 50.69 -71.41 -4.19
N ARG B 24 49.54 -71.16 -4.81
CA ARG B 24 49.33 -69.97 -5.61
C ARG B 24 47.90 -69.49 -5.43
N ALA B 25 47.69 -68.21 -5.71
CA ALA B 25 46.37 -67.60 -5.61
C ALA B 25 46.21 -66.57 -6.72
N SER B 26 44.94 -66.28 -7.04
CA SER B 26 44.63 -65.28 -8.05
C SER B 26 44.66 -63.86 -7.52
N GLN B 27 44.77 -63.69 -6.20
CA GLN B 27 44.84 -62.38 -5.57
C GLN B 27 46.07 -62.33 -4.67
N SER B 28 46.26 -61.17 -4.03
CA SER B 28 47.40 -60.99 -3.13
C SER B 28 47.21 -61.82 -1.88
N VAL B 29 48.00 -62.89 -1.74
CA VAL B 29 47.88 -63.79 -0.61
C VAL B 29 49.19 -63.78 0.17
N SER B 30 49.87 -62.64 0.19
CA SER B 30 51.13 -62.52 0.92
C SER B 30 50.92 -62.73 2.42
N SER B 31 49.84 -62.16 2.97
CA SER B 31 49.53 -62.30 4.39
C SER B 31 48.19 -62.96 4.64
N ASP B 32 47.57 -63.54 3.61
CA ASP B 32 46.26 -64.18 3.73
C ASP B 32 46.33 -65.57 3.12
N LEU B 33 46.73 -66.55 3.92
CA LEU B 33 46.83 -67.93 3.48
C LEU B 33 46.64 -68.86 4.67
N ALA B 34 46.00 -70.00 4.42
CA ALA B 34 45.72 -70.98 5.46
C ALA B 34 46.26 -72.34 5.03
N TRP B 35 47.00 -72.99 5.91
CA TRP B 35 47.54 -74.32 5.67
C TRP B 35 47.04 -75.26 6.75
N TYR B 36 46.44 -76.38 6.35
CA TYR B 36 45.91 -77.36 7.27
C TYR B 36 46.22 -78.76 6.76
N GLN B 37 46.34 -79.70 7.70
CA GLN B 37 46.61 -81.09 7.38
C GLN B 37 45.42 -81.94 7.82
N HIS B 38 44.95 -82.79 6.92
CA HIS B 38 43.78 -83.63 7.17
C HIS B 38 44.13 -85.10 6.91
N LYS B 39 43.49 -85.98 7.66
CA LYS B 39 43.67 -87.42 7.52
C LYS B 39 42.32 -88.09 7.42
N PRO B 40 42.26 -89.26 6.80
CA PRO B 40 40.97 -89.98 6.69
C PRO B 40 40.44 -90.37 8.06
N GLY B 41 39.13 -90.27 8.21
CA GLY B 41 38.48 -90.60 9.46
C GLY B 41 38.56 -89.54 10.53
N GLN B 42 39.15 -88.37 10.23
CA GLN B 42 39.29 -87.31 11.22
C GLN B 42 39.20 -85.97 10.52
N ALA B 43 38.87 -84.94 11.31
CA ALA B 43 38.77 -83.60 10.78
C ALA B 43 40.15 -83.02 10.50
N PRO B 44 40.24 -81.98 9.66
CA PRO B 44 41.54 -81.39 9.36
C PRO B 44 42.14 -80.70 10.58
N ARG B 45 43.48 -80.69 10.61
CA ARG B 45 44.23 -80.07 11.69
C ARG B 45 45.10 -78.96 11.10
N LEU B 46 45.09 -77.80 11.74
CA LEU B 46 45.84 -76.65 11.24
C LEU B 46 47.34 -76.90 11.36
N LEU B 47 48.08 -76.48 10.33
CA LEU B 47 49.54 -76.60 10.31
C LEU B 47 50.22 -75.24 10.31
N ILE B 48 49.90 -74.38 9.35
CA ILE B 48 50.47 -73.05 9.25
C ILE B 48 49.36 -72.04 9.01
N TYR B 49 49.37 -70.96 9.78
CA TYR B 49 48.41 -69.87 9.65
C TYR B 49 49.12 -68.62 9.19
N GLY B 50 48.63 -68.02 8.10
CA GLY B 50 49.23 -66.84 7.54
C GLY B 50 50.44 -67.09 6.65
N ALA B 51 50.83 -68.35 6.46
CA ALA B 51 51.94 -68.77 5.61
C ALA B 51 53.28 -68.20 6.04
N SER B 52 53.37 -67.64 7.25
CA SER B 52 54.62 -67.09 7.76
C SER B 52 54.94 -67.49 9.19
N THR B 53 53.95 -67.88 9.99
CA THR B 53 54.18 -68.25 11.39
C THR B 53 53.60 -69.63 11.63
N ARG B 54 54.41 -70.49 12.26
CA ARG B 54 53.96 -71.84 12.60
C ARG B 54 53.15 -71.83 13.88
N ALA B 55 52.18 -72.73 13.95
CA ALA B 55 51.33 -72.84 15.13
C ALA B 55 52.13 -73.39 16.31
N THR B 56 51.69 -73.02 17.52
CA THR B 56 52.36 -73.47 18.73
C THR B 56 52.13 -74.97 18.93
N GLY B 57 53.20 -75.70 19.22
CA GLY B 57 53.12 -77.13 19.41
C GLY B 57 53.23 -77.95 18.15
N ILE B 58 53.28 -77.32 16.98
CA ILE B 58 53.39 -78.02 15.70
C ILE B 58 54.82 -78.54 15.55
N PRO B 59 55.05 -79.56 14.73
CA PRO B 59 56.42 -80.04 14.53
C PRO B 59 57.27 -79.01 13.82
N VAL B 60 58.58 -79.04 14.13
CA VAL B 60 59.52 -78.09 13.53
C VAL B 60 59.89 -78.45 12.11
N ARG B 61 59.57 -79.67 11.66
CA ARG B 61 59.88 -80.05 10.28
C ARG B 61 59.07 -79.25 9.27
N PHE B 62 57.79 -79.00 9.58
CA PHE B 62 56.95 -78.23 8.68
C PHE B 62 57.37 -76.77 8.64
N SER B 63 57.37 -76.19 7.45
CA SER B 63 57.74 -74.80 7.27
C SER B 63 57.05 -74.24 6.05
N GLY B 64 56.98 -72.92 5.97
CA GLY B 64 56.36 -72.25 4.86
C GLY B 64 57.17 -71.04 4.43
N SER B 65 57.03 -70.68 3.16
CA SER B 65 57.77 -69.57 2.58
C SER B 65 57.01 -69.05 1.37
N GLY B 66 57.49 -67.94 0.84
CA GLY B 66 56.91 -67.32 -0.33
C GLY B 66 56.38 -65.92 -0.03
N SER B 67 56.22 -65.16 -1.11
CA SER B 67 55.74 -63.79 -1.01
C SER B 67 54.72 -63.55 -2.12
N GLY B 68 53.83 -62.59 -1.87
CA GLY B 68 52.80 -62.29 -2.85
C GLY B 68 51.81 -63.41 -3.00
N THR B 69 51.30 -63.58 -4.22
CA THR B 69 50.29 -64.59 -4.51
C THR B 69 50.84 -66.01 -4.48
N GLU B 70 52.16 -66.18 -4.44
CA GLU B 70 52.78 -67.50 -4.46
C GLU B 70 53.35 -67.83 -3.09
N PHE B 71 53.09 -69.06 -2.64
CA PHE B 71 53.58 -69.55 -1.36
C PHE B 71 54.21 -70.92 -1.55
N THR B 72 55.26 -71.19 -0.79
CA THR B 72 55.98 -72.44 -0.85
C THR B 72 56.05 -73.07 0.53
N LEU B 73 55.70 -74.33 0.64
CA LEU B 73 55.75 -75.08 1.89
C LEU B 73 56.81 -76.18 1.76
N THR B 74 57.76 -76.18 2.69
CA THR B 74 58.86 -77.14 2.68
C THR B 74 58.92 -77.87 4.01
N ILE B 75 59.17 -79.17 3.95
CA ILE B 75 59.29 -80.02 5.13
C ILE B 75 60.72 -80.55 5.18
N SER B 76 61.43 -80.23 6.26
CA SER B 76 62.81 -80.69 6.40
C SER B 76 62.87 -82.20 6.63
N SER B 77 61.97 -82.73 7.45
CA SER B 77 61.93 -84.15 7.77
C SER B 77 60.65 -84.77 7.24
N LEU B 78 60.78 -85.89 6.54
CA LEU B 78 59.64 -86.61 5.98
C LEU B 78 59.35 -87.85 6.81
N GLN B 79 58.10 -88.01 7.22
CA GLN B 79 57.67 -89.13 8.03
C GLN B 79 56.48 -89.81 7.39
N SER B 80 56.35 -91.12 7.64
CA SER B 80 55.22 -91.87 7.10
C SER B 80 53.90 -91.39 7.69
N GLU B 81 53.88 -91.10 9.00
CA GLU B 81 52.67 -90.59 9.62
C GLU B 81 52.38 -89.15 9.18
N ASP B 82 53.42 -88.39 8.85
CA ASP B 82 53.23 -87.01 8.42
C ASP B 82 52.67 -86.90 7.01
N PHE B 83 52.72 -87.98 6.23
CA PHE B 83 52.20 -87.97 4.87
C PHE B 83 50.67 -88.03 4.91
N ALA B 84 50.03 -86.94 4.51
CA ALA B 84 48.58 -86.84 4.53
C ALA B 84 48.14 -85.86 3.44
N VAL B 85 46.87 -85.46 3.50
CA VAL B 85 46.30 -84.54 2.53
C VAL B 85 46.45 -83.11 3.05
N TYR B 86 47.03 -82.24 2.22
CA TYR B 86 47.24 -80.85 2.57
C TYR B 86 46.56 -79.95 1.53
N TYR B 87 46.01 -78.84 2.00
CA TYR B 87 45.30 -77.90 1.13
C TYR B 87 45.60 -76.48 1.56
N CYS B 88 45.39 -75.54 0.64
CA CYS B 88 45.57 -74.12 0.88
C CYS B 88 44.25 -73.40 0.69
N GLN B 89 43.90 -72.54 1.62
CA GLN B 89 42.64 -71.80 1.60
C GLN B 89 42.89 -70.34 1.28
N GLN B 90 42.04 -69.77 0.43
CA GLN B 90 42.15 -68.38 0.02
C GLN B 90 41.41 -67.49 1.01
N TYR B 91 42.08 -66.45 1.47
CA TYR B 91 41.52 -65.53 2.46
C TYR B 91 41.65 -64.09 2.00
N ASN B 92 41.44 -63.85 0.71
CA ASN B 92 41.50 -62.49 0.19
C ASN B 92 40.41 -61.61 0.80
N ASN B 93 39.21 -62.14 0.93
CA ASN B 93 38.10 -61.45 1.58
C ASN B 93 38.01 -61.90 3.04
N TRP B 94 36.93 -61.51 3.70
CA TRP B 94 36.73 -61.87 5.10
C TRP B 94 36.22 -63.30 5.23
N PRO B 95 35.35 -64.36 2.34
CA PRO B 95 33.91 -64.09 2.20
C PRO B 95 33.46 -64.05 0.73
N PRO B 96 33.20 -65.23 0.14
CA PRO B 96 33.33 -66.56 0.74
C PRO B 96 34.75 -67.09 0.68
N PHE B 97 35.14 -67.89 1.69
CA PHE B 97 36.45 -68.52 1.66
C PHE B 97 36.45 -69.68 0.69
N THR B 98 37.45 -69.72 -0.18
CA THR B 98 37.57 -70.77 -1.21
C THR B 98 38.85 -71.55 -0.97
N PHE B 99 38.71 -72.79 -0.51
CA PHE B 99 39.86 -73.66 -0.31
C PHE B 99 40.34 -74.23 -1.65
N GLY B 100 41.60 -74.64 -1.66
CA GLY B 100 42.20 -75.20 -2.86
C GLY B 100 41.78 -76.63 -3.12
N GLY B 101 42.26 -77.15 -4.24
CA GLY B 101 41.94 -78.53 -4.60
C GLY B 101 42.56 -79.54 -3.65
N GLY B 102 43.75 -79.26 -3.15
CA GLY B 102 44.43 -80.15 -2.24
C GLY B 102 45.43 -81.04 -2.96
N THR B 103 46.32 -81.65 -2.16
CA THR B 103 47.37 -82.53 -2.67
C THR B 103 47.42 -83.80 -1.85
N LYS B 104 47.78 -84.89 -2.52
CA LYS B 104 47.93 -86.20 -1.89
C LYS B 104 49.42 -86.53 -1.79
N VAL B 105 49.86 -86.84 -0.57
CA VAL B 105 51.27 -87.15 -0.32
C VAL B 105 51.45 -88.66 -0.49
N GLU B 106 52.15 -89.04 -1.55
CA GLU B 106 52.42 -90.45 -1.85
C GLU B 106 53.83 -90.82 -1.43
N ILE B 107 54.07 -92.13 -1.32
CA ILE B 107 55.37 -92.66 -0.94
C ILE B 107 56.11 -93.10 -2.19
N LYS B 108 57.32 -92.59 -2.37
CA LYS B 108 58.12 -92.94 -3.54
C LYS B 108 58.57 -94.39 -3.47
N ARG B 109 58.51 -95.07 -4.60
CA ARG B 109 58.91 -96.47 -4.67
C ARG B 109 59.38 -96.84 -6.08
N ALA C 46 37.40 33.97 -36.55
CA ALA C 46 37.10 34.48 -35.21
C ALA C 46 35.93 33.75 -34.58
N TYR C 47 35.57 34.14 -33.36
CA TYR C 47 34.47 33.53 -32.63
C TYR C 47 33.59 34.62 -32.06
N THR C 48 32.27 34.42 -32.12
CA THR C 48 31.31 35.36 -31.58
C THR C 48 30.23 34.61 -30.82
N ASN C 49 29.62 35.31 -29.87
CA ASN C 49 28.60 34.73 -29.01
C ASN C 49 27.20 34.99 -29.56
N SER C 50 26.19 34.52 -28.82
CA SER C 50 24.82 34.37 -29.33
C SER C 50 23.82 34.92 -28.31
N PHE C 51 24.00 36.20 -27.93
CA PHE C 51 23.24 36.86 -26.87
C PHE C 51 21.76 36.46 -26.84
N THR C 52 21.05 36.70 -27.94
CA THR C 52 19.64 36.29 -28.04
C THR C 52 19.30 36.09 -29.53
N ARG C 53 19.19 34.83 -29.93
CA ARG C 53 18.89 34.44 -31.30
C ARG C 53 18.65 32.94 -31.31
N GLY C 54 17.69 32.50 -32.14
CA GLY C 54 17.45 31.08 -32.33
C GLY C 54 16.32 30.50 -31.51
N VAL C 55 15.15 31.14 -31.56
CA VAL C 55 13.95 30.64 -30.90
C VAL C 55 12.86 30.49 -31.94
N TYR C 56 12.23 29.31 -31.98
CA TYR C 56 11.15 29.02 -32.91
C TYR C 56 10.07 28.23 -32.19
N TYR C 57 8.91 28.12 -32.82
CA TYR C 57 7.82 27.33 -32.24
C TYR C 57 8.13 25.85 -32.38
N PRO C 58 8.19 25.09 -31.29
CA PRO C 58 8.45 23.65 -31.40
C PRO C 58 7.38 22.89 -32.14
N ASP C 59 6.13 23.32 -32.06
CA ASP C 59 5.01 22.63 -32.71
C ASP C 59 4.18 23.65 -33.48
N LYS C 60 3.09 23.16 -34.08
CA LYS C 60 2.20 23.98 -34.89
C LYS C 60 1.03 24.53 -34.09
N VAL C 61 0.94 24.20 -32.81
CA VAL C 61 -0.22 24.51 -31.99
C VAL C 61 -0.04 25.89 -31.36
N PHE C 62 -1.01 26.76 -31.55
CA PHE C 62 -0.99 28.08 -30.95
C PHE C 62 -1.43 28.01 -29.48
N ARG C 63 -0.76 28.80 -28.64
CA ARG C 63 -1.10 28.91 -27.24
C ARG C 63 -1.02 30.37 -26.82
N SER C 64 -1.84 30.74 -25.83
CA SER C 64 -1.97 32.13 -25.39
C SER C 64 -1.79 32.20 -23.88
N SER C 65 -0.54 32.33 -23.43
CA SER C 65 -0.19 32.52 -22.03
C SER C 65 -0.73 31.40 -21.15
N VAL C 66 -0.62 30.16 -21.65
CA VAL C 66 -1.06 28.98 -20.92
C VAL C 66 0.17 28.19 -20.49
N LEU C 67 -0.06 27.18 -19.66
CA LEU C 67 1.00 26.36 -19.08
C LEU C 67 1.01 25.00 -19.76
N HIS C 68 2.12 24.67 -20.40
CA HIS C 68 2.29 23.35 -21.02
C HIS C 68 3.79 23.13 -21.23
N SER C 69 4.34 22.13 -20.56
CA SER C 69 5.76 21.82 -20.68
C SER C 69 6.07 21.27 -22.08
N THR C 70 7.19 21.71 -22.64
CA THR C 70 7.59 21.29 -23.97
C THR C 70 9.11 21.26 -24.06
N GLN C 71 9.65 20.12 -24.48
CA GLN C 71 11.09 19.94 -24.65
C GLN C 71 11.37 19.72 -26.13
N ASP C 72 12.28 20.52 -26.69
CA ASP C 72 12.62 20.40 -28.10
C ASP C 72 14.03 20.95 -28.31
N LEU C 73 14.62 20.56 -29.44
CA LEU C 73 15.96 21.03 -29.80
C LEU C 73 15.94 22.53 -30.08
N PHE C 74 16.96 23.23 -29.58
CA PHE C 74 17.04 24.67 -29.73
C PHE C 74 18.48 25.11 -29.71
N LEU C 75 18.71 26.36 -30.09
CA LEU C 75 20.04 26.97 -30.03
C LEU C 75 20.26 27.59 -28.66
N PRO C 76 21.25 27.15 -27.90
CA PRO C 76 21.49 27.77 -26.57
C PRO C 76 21.93 29.22 -26.71
N PHE C 77 21.50 30.04 -25.75
CA PHE C 77 21.88 31.44 -25.74
C PHE C 77 23.33 31.62 -25.30
N PHE C 78 23.93 32.72 -25.75
CA PHE C 78 25.28 33.11 -25.36
C PHE C 78 26.32 32.05 -25.69
N SER C 79 26.10 31.30 -26.76
CA SER C 79 27.01 30.25 -27.17
C SER C 79 27.90 30.74 -28.31
N ASN C 80 29.13 30.25 -28.31
CA ASN C 80 30.08 30.61 -29.35
C ASN C 80 29.72 29.91 -30.66
N VAL C 81 29.72 30.67 -31.75
CA VAL C 81 29.43 30.13 -33.07
C VAL C 81 30.57 30.48 -34.00
N THR C 82 30.75 29.66 -35.03
CA THR C 82 31.86 29.82 -35.98
C THR C 82 31.42 30.78 -37.08
N TRP C 83 31.80 32.05 -36.94
CA TRP C 83 31.51 33.04 -37.97
C TRP C 83 32.47 32.85 -39.13
N PHE C 84 31.93 32.55 -40.31
CA PHE C 84 32.72 32.30 -41.50
C PHE C 84 32.69 33.51 -42.42
N HIS C 85 33.83 33.81 -43.02
CA HIS C 85 34.01 34.96 -43.91
C HIS C 85 34.54 34.42 -45.24
N ALA C 86 33.64 34.02 -46.12
CA ALA C 86 34.00 33.27 -47.32
C ALA C 86 34.20 34.18 -48.53
N ILE C 87 35.02 35.23 -48.37
CA ILE C 87 35.45 36.06 -49.50
C ILE C 87 36.93 36.37 -49.32
N HIS C 88 37.57 36.76 -50.41
CA HIS C 88 38.99 37.11 -50.40
C HIS C 88 39.18 38.61 -50.40
N ASP C 99 35.61 30.41 -49.20
CA ASP C 99 35.78 29.00 -48.87
C ASP C 99 34.61 28.48 -48.04
N ASN C 100 34.21 27.25 -48.29
CA ASN C 100 33.08 26.61 -47.60
C ASN C 100 33.56 25.30 -47.00
N PRO C 101 34.07 25.33 -45.76
CA PRO C 101 34.52 24.09 -45.13
C PRO C 101 33.36 23.14 -44.84
N VAL C 102 33.67 21.85 -44.86
CA VAL C 102 32.69 20.81 -44.61
C VAL C 102 32.64 20.56 -43.10
N LEU C 103 31.48 20.82 -42.49
CA LEU C 103 31.31 20.71 -41.06
C LEU C 103 30.45 19.50 -40.70
N PRO C 104 30.70 18.87 -39.57
CA PRO C 104 29.90 17.69 -39.17
C PRO C 104 28.49 18.09 -38.77
N PHE C 105 27.58 17.12 -38.91
CA PHE C 105 26.16 17.27 -38.57
C PHE C 105 25.81 16.17 -37.58
N ASN C 106 25.86 16.48 -36.29
CA ASN C 106 25.64 15.48 -35.26
C ASN C 106 24.16 15.23 -35.03
N ASP C 107 23.43 16.26 -34.58
CA ASP C 107 22.01 16.12 -34.31
C ASP C 107 21.21 17.36 -34.72
N GLY C 108 21.81 18.31 -35.43
CA GLY C 108 21.14 19.53 -35.79
C GLY C 108 22.11 20.70 -35.76
N VAL C 109 22.12 21.50 -36.83
CA VAL C 109 23.07 22.59 -36.98
C VAL C 109 22.28 23.88 -37.19
N TYR C 110 22.56 24.88 -36.35
CA TYR C 110 21.96 26.20 -36.51
C TYR C 110 22.71 26.99 -37.56
N PHE C 111 21.99 27.58 -38.50
CA PHE C 111 22.58 28.35 -39.58
C PHE C 111 21.97 29.74 -39.65
N ALA C 112 22.78 30.71 -40.02
CA ALA C 112 22.33 32.08 -40.22
C ALA C 112 23.31 32.78 -41.15
N SER C 113 22.78 33.46 -42.17
CA SER C 113 23.62 34.11 -43.16
C SER C 113 23.09 35.51 -43.43
N THR C 114 24.02 36.43 -43.70
CA THR C 114 23.69 37.79 -44.09
C THR C 114 24.10 38.03 -45.54
N GLU C 115 23.30 38.82 -46.25
CA GLU C 115 23.53 39.06 -47.67
C GLU C 115 22.83 40.35 -48.07
N LYS C 116 23.14 40.82 -49.27
CA LYS C 116 22.55 42.05 -49.79
C LYS C 116 21.94 41.80 -51.17
N SER C 117 22.51 40.86 -51.92
CA SER C 117 22.05 40.56 -53.27
C SER C 117 21.70 39.08 -53.43
N ASN C 118 21.26 38.43 -52.35
CA ASN C 118 20.83 37.04 -52.34
C ASN C 118 21.96 36.11 -52.83
N ILE C 119 23.07 36.13 -52.09
CA ILE C 119 24.22 35.32 -52.46
C ILE C 119 24.01 33.86 -52.08
N ILE C 120 23.42 33.60 -50.92
CA ILE C 120 23.25 32.23 -50.44
C ILE C 120 22.22 31.52 -51.31
N ARG C 121 22.57 30.34 -51.80
CA ARG C 121 21.71 29.56 -52.67
C ARG C 121 21.12 28.33 -51.97
N GLY C 122 21.97 27.48 -51.40
CA GLY C 122 21.48 26.27 -50.79
C GLY C 122 22.59 25.51 -50.10
N TRP C 123 22.27 24.28 -49.70
CA TRP C 123 23.18 23.43 -48.96
C TRP C 123 23.15 22.02 -49.54
N ILE C 124 24.22 21.29 -49.27
CA ILE C 124 24.38 19.91 -49.72
C ILE C 124 24.42 19.01 -48.49
N PHE C 125 23.72 17.88 -48.57
CA PHE C 125 23.66 16.94 -47.47
C PHE C 125 24.05 15.54 -47.95
N GLY C 126 24.86 14.86 -47.15
CA GLY C 126 25.30 13.52 -47.49
C GLY C 126 26.30 13.01 -46.47
N THR C 127 26.71 11.76 -46.68
CA THR C 127 27.69 11.11 -45.81
C THR C 127 29.10 11.15 -46.41
N THR C 128 29.26 10.59 -47.61
CA THR C 128 30.56 10.52 -48.26
C THR C 128 30.66 11.33 -49.54
N LEU C 129 29.52 11.60 -50.20
CA LEU C 129 29.46 12.46 -51.39
C LEU C 129 30.37 11.94 -52.51
N ASP C 130 30.38 10.62 -52.70
CA ASP C 130 31.18 10.00 -53.75
C ASP C 130 30.36 8.99 -54.54
N SER C 131 29.05 9.23 -54.65
CA SER C 131 28.08 8.45 -55.42
C SER C 131 27.86 7.04 -54.88
N LYS C 132 28.54 6.65 -53.80
CA LYS C 132 28.28 5.34 -53.20
C LYS C 132 27.10 5.36 -52.26
N THR C 133 26.64 6.54 -51.86
CA THR C 133 25.48 6.69 -50.98
C THR C 133 24.61 7.82 -51.50
N GLN C 134 23.32 7.76 -51.16
CA GLN C 134 22.39 8.79 -51.57
C GLN C 134 22.70 10.11 -50.88
N SER C 135 22.45 11.21 -51.59
CA SER C 135 22.73 12.54 -51.09
C SER C 135 21.55 13.46 -51.36
N LEU C 136 21.44 14.50 -50.55
CA LEU C 136 20.36 15.49 -50.67
C LEU C 136 20.94 16.80 -51.14
N LEU C 137 20.38 17.34 -52.22
CA LEU C 137 20.83 18.61 -52.79
C LEU C 137 19.64 19.55 -52.93
N ILE C 138 19.77 20.74 -52.35
CA ILE C 138 18.76 21.79 -52.45
C ILE C 138 19.43 23.04 -52.99
N VAL C 139 18.89 23.58 -54.09
CA VAL C 139 19.43 24.77 -54.72
C VAL C 139 18.29 25.79 -54.87
N ASN C 140 18.67 27.01 -55.26
CA ASN C 140 17.72 28.11 -55.39
C ASN C 140 18.20 29.02 -56.52
N ASN C 141 17.48 29.01 -57.63
CA ASN C 141 17.80 29.92 -58.72
C ASN C 141 16.98 31.20 -58.55
N ALA C 142 16.96 32.05 -59.58
CA ALA C 142 16.32 33.35 -59.47
C ALA C 142 14.79 33.27 -59.51
N THR C 143 14.21 32.11 -59.85
CA THR C 143 12.77 32.01 -60.03
C THR C 143 12.12 31.09 -59.01
N ASN C 144 12.58 29.84 -58.89
CA ASN C 144 11.88 28.86 -58.07
C ASN C 144 12.83 28.11 -57.14
N VAL C 145 12.33 27.03 -56.52
CA VAL C 145 13.15 26.15 -55.71
C VAL C 145 12.90 24.71 -56.17
N VAL C 146 13.95 23.92 -56.17
CA VAL C 146 13.87 22.50 -56.54
C VAL C 146 14.68 21.70 -55.53
N ILE C 147 14.08 20.59 -55.06
CA ILE C 147 14.70 19.72 -54.07
C ILE C 147 14.80 18.33 -54.67
N LYS C 148 15.99 17.75 -54.65
CA LYS C 148 16.25 16.46 -55.25
C LYS C 148 16.94 15.54 -54.25
N VAL C 149 16.57 14.27 -54.29
CA VAL C 149 17.14 13.26 -53.39
C VAL C 149 17.87 12.28 -54.30
N CYS C 150 18.50 12.83 -55.35
CA CYS C 150 19.12 12.03 -56.39
C CYS C 150 20.45 11.45 -55.89
N GLU C 151 21.26 10.93 -56.81
CA GLU C 151 22.52 10.28 -56.48
C GLU C 151 23.67 11.05 -57.11
N PHE C 152 23.69 12.36 -56.88
CA PHE C 152 24.64 13.24 -57.53
C PHE C 152 26.09 12.85 -57.23
N GLN C 153 26.93 12.93 -58.25
CA GLN C 153 28.38 12.77 -58.08
C GLN C 153 28.97 14.16 -57.88
N PHE C 154 29.38 14.44 -56.64
CA PHE C 154 29.84 15.78 -56.28
C PHE C 154 31.36 15.90 -56.48
N CYS C 155 31.77 17.05 -57.01
CA CYS C 155 33.18 17.31 -57.26
C CYS C 155 33.87 17.79 -55.98
N ASN C 156 35.16 18.13 -56.11
CA ASN C 156 35.93 18.56 -54.96
C ASN C 156 35.48 19.93 -54.46
N ASP C 157 35.20 20.86 -55.39
CA ASP C 157 34.82 22.23 -55.05
C ASP C 157 33.52 22.57 -55.75
N PRO C 158 32.38 22.18 -55.19
CA PRO C 158 31.09 22.54 -55.81
C PRO C 158 30.77 24.01 -55.62
N PHE C 159 30.29 24.63 -56.69
CA PHE C 159 29.86 26.03 -56.65
C PHE C 159 28.91 26.26 -57.81
N LEU C 160 28.45 27.51 -57.95
CA LEU C 160 27.57 27.87 -59.05
C LEU C 160 27.75 29.36 -59.35
N GLY C 161 27.54 29.73 -60.62
CA GLY C 161 27.63 31.10 -61.05
C GLY C 161 26.31 31.61 -61.61
N VAL C 162 26.22 32.93 -61.73
CA VAL C 162 25.03 33.57 -62.27
C VAL C 162 25.42 34.73 -63.19
N VAL C 178 22.94 23.87 -61.23
CA VAL C 178 24.00 24.21 -62.17
C VAL C 178 24.83 22.98 -62.46
N TYR C 179 25.34 22.34 -61.42
CA TYR C 179 26.14 21.13 -61.53
C TYR C 179 25.34 19.99 -60.91
N SER C 180 24.68 19.20 -61.76
CA SER C 180 23.76 18.18 -61.27
C SER C 180 23.71 17.03 -62.27
N SER C 181 23.60 15.82 -61.74
CA SER C 181 23.43 14.61 -62.53
C SER C 181 22.05 14.02 -62.30
N ALA C 182 21.79 12.84 -62.86
CA ALA C 182 20.51 12.16 -62.69
C ALA C 182 20.75 10.66 -62.80
N ASN C 183 20.72 9.97 -61.66
CA ASN C 183 20.95 8.54 -61.61
C ASN C 183 20.00 7.92 -60.58
N ASN C 184 18.96 7.24 -61.07
CA ASN C 184 18.02 6.50 -60.23
C ASN C 184 17.39 7.39 -59.15
N CYS C 185 17.02 8.61 -59.54
CA CYS C 185 16.41 9.54 -58.59
C CYS C 185 14.96 9.13 -58.31
N THR C 186 14.54 9.31 -57.06
CA THR C 186 13.22 8.87 -56.63
C THR C 186 12.32 9.99 -56.12
N PHE C 187 12.86 11.16 -55.81
CA PHE C 187 12.07 12.25 -55.27
C PHE C 187 12.45 13.57 -55.92
N GLU C 188 11.46 14.42 -56.16
CA GLU C 188 11.69 15.76 -56.70
C GLU C 188 10.54 16.65 -56.26
N TYR C 189 10.87 17.80 -55.67
CA TYR C 189 9.87 18.73 -55.19
C TYR C 189 10.19 20.12 -55.71
N VAL C 190 9.23 20.73 -56.41
CA VAL C 190 9.38 22.07 -56.97
C VAL C 190 8.28 22.95 -56.39
N SER C 191 8.67 24.12 -55.88
CA SER C 191 7.72 25.07 -55.30
C SER C 191 8.17 26.48 -55.65
N GLN C 192 7.57 27.46 -55.00
CA GLN C 192 7.92 28.86 -55.23
C GLN C 192 8.16 29.59 -53.90
N PHE C 205 24.24 44.88 -46.69
CA PHE C 205 23.89 43.79 -45.78
C PHE C 205 22.78 44.20 -44.83
N LYS C 206 21.63 44.58 -45.40
CA LYS C 206 20.48 44.99 -44.62
C LYS C 206 19.51 43.86 -44.33
N ASN C 207 19.82 42.63 -44.75
CA ASN C 207 18.95 41.49 -44.55
C ASN C 207 19.71 40.37 -43.86
N LEU C 208 18.99 39.60 -43.05
CA LEU C 208 19.57 38.47 -42.32
C LEU C 208 18.55 37.34 -42.32
N ARG C 209 18.93 36.19 -42.87
CA ARG C 209 18.06 35.02 -42.93
C ARG C 209 18.62 33.92 -42.03
N GLU C 210 17.72 33.17 -41.41
CA GLU C 210 18.08 32.14 -40.43
C GLU C 210 17.47 30.81 -40.86
N PHE C 211 18.28 29.75 -40.86
CA PHE C 211 17.83 28.42 -41.23
C PHE C 211 18.23 27.42 -40.16
N VAL C 212 17.30 26.55 -39.79
CA VAL C 212 17.53 25.51 -38.80
C VAL C 212 17.10 24.18 -39.41
N PHE C 213 17.99 23.20 -39.40
CA PHE C 213 17.72 21.88 -39.95
C PHE C 213 17.61 20.85 -38.84
N LYS C 214 16.59 20.01 -38.92
CA LYS C 214 16.38 18.93 -37.96
C LYS C 214 16.09 17.65 -38.72
N ASN C 215 16.58 16.53 -38.18
CA ASN C 215 16.36 15.20 -38.75
C ASN C 215 15.88 14.21 -37.68
N ILE C 216 14.57 14.20 -37.46
CA ILE C 216 13.93 13.31 -36.49
C ILE C 216 13.00 12.38 -37.25
N ASP C 217 13.23 11.07 -37.11
CA ASP C 217 12.42 10.04 -37.77
C ASP C 217 12.37 10.24 -39.28
N GLY C 218 13.49 10.64 -39.86
CA GLY C 218 13.57 10.85 -41.29
C GLY C 218 12.85 12.08 -41.80
N TYR C 219 12.53 13.02 -40.92
CA TYR C 219 11.82 14.24 -41.29
C TYR C 219 12.79 15.41 -41.29
N PHE C 220 12.81 16.16 -42.39
CA PHE C 220 13.68 17.33 -42.52
C PHE C 220 12.84 18.59 -42.33
N LYS C 221 13.19 19.37 -41.31
CA LYS C 221 12.44 20.57 -40.95
C LYS C 221 13.29 21.81 -41.22
N ILE C 222 12.66 22.83 -41.80
CA ILE C 222 13.33 24.09 -42.13
C ILE C 222 12.58 25.21 -41.41
N TYR C 223 13.32 26.00 -40.63
CA TYR C 223 12.77 27.14 -39.93
C TYR C 223 13.40 28.42 -40.45
N SER C 224 12.58 29.38 -40.85
CA SER C 224 13.08 30.56 -41.53
C SER C 224 12.36 31.82 -41.05
N LYS C 225 13.09 32.93 -41.06
CA LYS C 225 12.55 34.25 -40.80
C LYS C 225 13.54 35.33 -41.25
N HIS C 226 13.08 36.30 -42.02
CA HIS C 226 13.92 37.38 -42.52
C HIS C 226 13.67 38.65 -41.71
N THR C 227 14.74 39.37 -41.41
CA THR C 227 14.67 40.58 -40.60
C THR C 227 15.47 41.69 -41.23
N PRO C 228 15.02 42.94 -41.09
CA PRO C 228 15.84 44.09 -41.49
C PRO C 228 16.82 44.46 -40.38
N ILE C 229 18.08 44.65 -40.75
CA ILE C 229 19.13 44.97 -39.78
C ILE C 229 19.83 46.25 -40.22
N ASN C 230 20.43 46.93 -39.23
CA ASN C 230 21.17 48.15 -39.48
C ASN C 230 22.50 48.24 -38.74
N LEU C 231 22.84 47.24 -37.93
CA LEU C 231 24.08 47.26 -37.17
C LEU C 231 25.24 46.90 -38.09
N VAL C 232 26.43 47.42 -37.75
CA VAL C 232 27.56 47.39 -38.68
C VAL C 232 28.12 45.97 -38.82
N ARG C 233 28.70 45.44 -37.73
CA ARG C 233 29.19 44.06 -37.77
C ARG C 233 29.13 43.48 -36.35
N ASP C 234 28.00 42.86 -36.04
CA ASP C 234 27.67 42.12 -34.81
C ASP C 234 26.34 41.42 -35.06
N LEU C 235 25.85 40.72 -34.03
CA LEU C 235 24.50 40.19 -34.18
C LEU C 235 23.48 41.13 -33.56
N PRO C 236 22.32 41.30 -34.20
CA PRO C 236 21.31 42.20 -33.64
C PRO C 236 20.73 41.68 -32.33
N GLN C 237 20.32 42.63 -31.49
CA GLN C 237 19.73 42.32 -30.20
C GLN C 237 18.23 42.13 -30.26
N GLY C 238 17.62 42.33 -31.43
CA GLY C 238 16.19 42.13 -31.58
C GLY C 238 15.84 40.67 -31.77
N PHE C 239 14.54 40.42 -31.90
CA PHE C 239 14.04 39.06 -32.07
C PHE C 239 12.87 39.06 -33.05
N SER C 240 12.72 37.91 -33.73
CA SER C 240 11.56 37.65 -34.58
C SER C 240 11.26 36.17 -34.54
N ALA C 241 10.03 35.81 -34.89
CA ALA C 241 9.57 34.44 -34.82
C ALA C 241 9.78 33.74 -36.17
N LEU C 242 10.43 32.58 -36.11
CA LEU C 242 10.71 31.80 -37.31
C LEU C 242 9.49 30.97 -37.69
N GLU C 243 9.16 30.95 -38.99
CA GLU C 243 8.02 30.20 -39.49
C GLU C 243 8.51 28.99 -40.25
N PRO C 244 8.27 27.77 -39.75
CA PRO C 244 8.57 26.58 -40.55
C PRO C 244 7.78 26.56 -41.84
N LEU C 245 8.40 26.01 -42.89
CA LEU C 245 7.85 26.07 -44.23
C LEU C 245 7.38 24.71 -44.75
N VAL C 246 8.25 23.69 -44.74
CA VAL C 246 7.92 22.41 -45.35
C VAL C 246 8.73 21.32 -44.66
N ASP C 247 8.15 20.13 -44.59
CA ASP C 247 8.81 18.95 -44.05
C ASP C 247 9.00 17.91 -45.14
N LEU C 248 10.15 17.25 -45.14
CA LEU C 248 10.50 16.31 -46.20
C LEU C 248 10.87 14.95 -45.59
N PRO C 249 10.33 13.86 -46.12
CA PRO C 249 10.74 12.50 -45.68
C PRO C 249 11.93 11.97 -46.48
N ILE C 250 13.11 12.50 -46.18
CA ILE C 250 14.32 12.09 -46.89
C ILE C 250 14.65 10.64 -46.59
N GLY C 251 14.54 10.23 -45.33
CA GLY C 251 14.84 8.85 -44.95
C GLY C 251 16.27 8.45 -45.20
N ILE C 252 17.22 9.36 -45.02
CA ILE C 252 18.63 9.09 -45.27
C ILE C 252 19.43 9.54 -44.06
N ASN C 253 20.72 9.23 -44.08
CA ASN C 253 21.65 9.61 -43.03
C ASN C 253 22.46 10.80 -43.49
N ILE C 254 22.58 11.81 -42.63
CA ILE C 254 23.36 13.01 -42.91
C ILE C 254 24.41 13.16 -41.82
N THR C 255 25.67 13.25 -42.23
CA THR C 255 26.77 13.46 -41.29
C THR C 255 27.60 14.71 -41.59
N ARG C 256 27.60 15.19 -42.83
CA ARG C 256 28.37 16.37 -43.20
C ARG C 256 27.51 17.25 -44.12
N PHE C 257 27.92 18.50 -44.26
CA PHE C 257 27.19 19.44 -45.10
C PHE C 257 28.14 20.49 -45.65
N GLN C 258 27.73 21.12 -46.75
CA GLN C 258 28.47 22.21 -47.35
C GLN C 258 27.49 23.07 -48.13
N THR C 259 27.57 24.39 -47.93
CA THR C 259 26.65 25.32 -48.57
C THR C 259 27.11 25.65 -49.98
N LEU C 260 26.32 26.48 -50.67
CA LEU C 260 26.63 26.92 -52.02
C LEU C 260 26.58 28.44 -52.09
N LEU C 261 27.29 28.99 -53.06
CA LEU C 261 27.39 30.44 -53.22
C LEU C 261 27.15 30.81 -54.68
N ALA C 262 26.61 32.02 -54.88
CA ALA C 262 26.37 32.56 -56.21
C ALA C 262 27.60 33.34 -56.66
N LEU C 263 28.34 32.77 -57.61
CA LEU C 263 29.57 33.37 -58.09
C LEU C 263 29.33 34.08 -59.43
N HIS C 264 30.40 34.65 -59.97
CA HIS C 264 30.35 35.32 -61.26
C HIS C 264 31.35 34.79 -62.28
N ARG C 265 32.52 34.33 -61.83
CA ARG C 265 33.54 33.78 -62.70
C ARG C 265 33.67 32.28 -62.42
N SER C 266 33.66 31.48 -63.49
CA SER C 266 33.71 30.03 -63.37
C SER C 266 35.18 29.58 -63.39
N TYR C 267 35.62 28.97 -62.29
CA TYR C 267 36.97 28.45 -62.15
C TYR C 267 36.86 27.02 -61.61
N LEU C 268 36.83 26.05 -62.52
CA LEU C 268 36.71 24.64 -62.14
C LEU C 268 38.08 24.13 -61.73
N THR C 269 38.24 23.78 -60.46
CA THR C 269 39.52 23.28 -59.96
C THR C 269 39.38 21.86 -59.43
N ALA C 283 30.54 36.09 -43.45
CA ALA C 283 29.58 35.81 -44.50
C ALA C 283 28.34 35.13 -43.95
N TYR C 284 28.54 34.12 -43.10
CA TYR C 284 27.44 33.38 -42.52
C TYR C 284 27.83 32.87 -41.14
N TYR C 285 26.83 32.60 -40.33
CA TYR C 285 27.02 32.12 -38.96
C TYR C 285 26.51 30.68 -38.86
N VAL C 286 27.31 29.82 -38.23
CA VAL C 286 26.98 28.41 -38.10
C VAL C 286 26.98 28.05 -36.62
N GLY C 287 25.89 27.49 -36.13
CA GLY C 287 25.79 27.05 -34.75
C GLY C 287 25.32 25.61 -34.67
N TYR C 288 25.34 25.08 -33.46
CA TYR C 288 24.95 23.69 -33.19
C TYR C 288 23.77 23.66 -32.24
N LEU C 289 22.93 22.65 -32.41
CA LEU C 289 21.73 22.47 -31.61
C LEU C 289 21.96 21.40 -30.53
N GLN C 290 21.36 21.64 -29.36
CA GLN C 290 21.48 20.73 -28.23
C GLN C 290 20.08 20.39 -27.73
N PRO C 291 19.86 19.15 -27.28
CA PRO C 291 18.59 18.83 -26.61
C PRO C 291 18.39 19.68 -25.37
N ARG C 292 17.37 20.53 -25.38
CA ARG C 292 17.18 21.52 -24.33
C ARG C 292 15.70 21.57 -23.94
N THR C 293 15.45 22.01 -22.70
CA THR C 293 14.10 22.25 -22.21
C THR C 293 13.86 23.75 -22.21
N PHE C 294 12.98 24.21 -23.08
CA PHE C 294 12.74 25.63 -23.27
C PHE C 294 11.37 26.02 -22.72
N LEU C 295 11.33 27.15 -22.02
CA LEU C 295 10.08 27.69 -21.47
C LEU C 295 9.82 29.03 -22.15
N LEU C 296 8.88 29.04 -23.09
CA LEU C 296 8.53 30.23 -23.85
C LEU C 296 7.20 30.78 -23.32
N LYS C 297 7.17 32.08 -23.07
CA LYS C 297 5.96 32.76 -22.62
C LYS C 297 5.40 33.62 -23.75
N TYR C 298 4.07 33.57 -23.88
CA TYR C 298 3.37 34.19 -25.00
C TYR C 298 2.47 35.30 -24.47
N ASN C 299 2.40 36.39 -25.23
CA ASN C 299 1.52 37.49 -24.88
C ASN C 299 0.10 37.18 -25.37
N GLU C 300 -0.79 38.16 -25.31
CA GLU C 300 -2.15 37.95 -25.80
C GLU C 300 -2.19 37.78 -27.31
N ASN C 301 -1.22 38.35 -28.02
CA ASN C 301 -1.13 38.17 -29.47
C ASN C 301 -0.56 36.81 -29.84
N GLY C 302 0.34 36.27 -29.01
CA GLY C 302 1.06 35.05 -29.32
C GLY C 302 2.47 35.27 -29.81
N THR C 303 2.87 36.50 -30.11
CA THR C 303 4.24 36.77 -30.50
C THR C 303 5.14 36.72 -29.27
N ILE C 304 6.24 35.98 -29.37
CA ILE C 304 7.19 35.85 -28.27
C ILE C 304 8.09 37.08 -28.25
N THR C 305 8.06 37.82 -27.15
CA THR C 305 8.89 39.01 -27.00
C THR C 305 10.19 38.73 -26.25
N ASP C 306 10.24 37.67 -25.45
CA ASP C 306 11.44 37.31 -24.72
C ASP C 306 11.42 35.82 -24.44
N ALA C 307 12.62 35.23 -24.39
CA ALA C 307 12.77 33.82 -24.08
C ALA C 307 13.98 33.64 -23.19
N VAL C 308 13.93 32.64 -22.31
CA VAL C 308 15.01 32.35 -21.38
C VAL C 308 15.35 30.87 -21.49
N ASP C 309 16.57 30.56 -21.90
CA ASP C 309 17.05 29.19 -21.90
C ASP C 309 17.31 28.74 -20.47
N CYS C 310 16.95 27.50 -20.17
CA CYS C 310 17.09 26.92 -18.84
C CYS C 310 18.33 26.05 -18.71
N ALA C 311 19.44 26.45 -19.32
CA ALA C 311 20.71 25.77 -19.07
C ALA C 311 21.90 26.71 -19.04
N LEU C 312 21.68 28.03 -19.14
CA LEU C 312 22.79 28.98 -19.13
C LEU C 312 23.53 28.97 -17.80
N ASP C 313 22.79 28.94 -16.70
CA ASP C 313 23.36 28.96 -15.36
C ASP C 313 22.34 28.35 -14.41
N PRO C 314 22.78 27.93 -13.21
CA PRO C 314 21.81 27.37 -12.25
C PRO C 314 20.69 28.33 -11.86
N LEU C 315 20.87 29.63 -12.07
CA LEU C 315 19.75 30.56 -11.93
C LEU C 315 18.66 30.26 -12.96
N SER C 316 19.06 29.99 -14.20
CA SER C 316 18.08 29.65 -15.24
C SER C 316 17.41 28.31 -14.96
N GLU C 317 18.10 27.41 -14.25
CA GLU C 317 17.48 26.15 -13.87
C GLU C 317 16.30 26.35 -12.93
N THR C 318 16.28 27.45 -12.18
CA THR C 318 15.19 27.71 -11.25
C THR C 318 13.88 27.97 -11.98
N LYS C 319 13.94 28.72 -13.08
CA LYS C 319 12.73 29.15 -13.77
C LYS C 319 11.95 27.95 -14.31
N CYS C 320 12.64 27.06 -15.04
CA CYS C 320 11.96 25.86 -15.54
C CYS C 320 11.56 24.92 -14.41
N THR C 321 12.30 24.92 -13.31
CA THR C 321 11.91 24.10 -12.16
C THR C 321 10.61 24.61 -11.56
N LEU C 322 10.43 25.94 -11.47
CA LEU C 322 9.27 26.53 -10.84
C LEU C 322 8.20 26.92 -11.84
N LYS C 323 8.54 26.98 -13.14
CA LYS C 323 7.60 27.28 -14.22
C LYS C 323 7.07 28.71 -14.13
N SER C 324 7.95 29.64 -13.75
CA SER C 324 7.60 31.06 -13.70
C SER C 324 8.90 31.87 -13.72
N PHE C 325 8.75 33.18 -13.87
CA PHE C 325 9.88 34.11 -13.88
C PHE C 325 9.87 35.10 -12.73
N THR C 326 8.76 35.81 -12.52
CA THR C 326 8.67 36.84 -11.50
C THR C 326 8.24 36.18 -10.18
N VAL C 327 9.22 35.84 -9.36
CA VAL C 327 8.99 35.15 -8.09
C VAL C 327 9.72 35.89 -6.99
N GLU C 328 9.08 36.02 -5.83
CA GLU C 328 9.61 36.79 -4.72
C GLU C 328 10.93 36.18 -4.22
N LYS C 329 11.65 36.99 -3.44
CA LYS C 329 12.95 36.57 -2.92
C LYS C 329 12.82 35.41 -1.95
N GLY C 330 13.78 34.49 -2.01
CA GLY C 330 13.74 33.33 -1.15
C GLY C 330 14.83 32.36 -1.51
N ILE C 331 14.61 31.09 -1.18
CA ILE C 331 15.53 30.01 -1.52
C ILE C 331 14.74 28.90 -2.20
N TYR C 332 15.35 28.29 -3.22
CA TYR C 332 14.69 27.24 -3.98
C TYR C 332 15.69 26.13 -4.27
N GLN C 333 15.16 24.93 -4.50
CA GLN C 333 15.95 23.78 -4.90
C GLN C 333 15.54 23.36 -6.30
N THR C 334 16.53 23.06 -7.13
CA THR C 334 16.31 22.60 -8.50
C THR C 334 16.82 21.17 -8.64
N SER C 335 16.06 20.35 -9.35
CA SER C 335 16.48 18.98 -9.60
C SER C 335 17.76 18.97 -10.42
N ASN C 336 18.67 18.06 -10.08
CA ASN C 336 19.94 17.99 -10.78
C ASN C 336 19.73 17.57 -12.23
N PHE C 337 20.48 18.20 -13.13
CA PHE C 337 20.34 17.95 -14.56
C PHE C 337 21.67 17.78 -15.27
N ARG C 338 22.79 17.93 -14.57
CA ARG C 338 24.09 17.70 -15.18
C ARG C 338 24.28 16.21 -15.49
N VAL C 339 24.83 15.93 -16.67
CA VAL C 339 25.09 14.56 -17.12
C VAL C 339 26.59 14.32 -17.07
N GLN C 340 26.98 13.15 -16.58
CA GLN C 340 28.39 12.83 -16.42
C GLN C 340 28.79 11.69 -17.33
N PRO C 341 29.95 11.77 -17.98
CA PRO C 341 30.44 10.63 -18.77
C PRO C 341 30.97 9.54 -17.84
N THR C 342 30.43 8.34 -17.98
CA THR C 342 30.77 7.22 -17.12
C THR C 342 31.22 6.05 -17.98
N GLU C 343 32.45 5.59 -17.76
CA GLU C 343 32.99 4.47 -18.50
C GLU C 343 32.55 3.15 -17.88
N SER C 344 32.86 2.06 -18.56
CA SER C 344 32.49 0.72 -18.13
C SER C 344 33.74 -0.09 -17.80
N ILE C 345 33.71 -0.78 -16.67
CA ILE C 345 34.80 -1.64 -16.22
C ILE C 345 34.25 -3.04 -16.08
N VAL C 346 34.91 -4.00 -16.75
CA VAL C 346 34.46 -5.39 -16.77
C VAL C 346 35.40 -6.20 -15.88
N ARG C 347 34.81 -6.99 -14.97
CA ARG C 347 35.56 -7.87 -14.08
C ARG C 347 34.98 -9.27 -14.19
N PHE C 348 35.70 -10.16 -14.88
CA PHE C 348 35.27 -11.53 -15.10
C PHE C 348 36.35 -12.48 -14.61
N PRO C 349 35.95 -13.67 -14.14
CA PRO C 349 36.95 -14.64 -13.66
C PRO C 349 37.83 -15.16 -14.78
N ASN C 350 39.06 -15.51 -14.42
CA ASN C 350 40.03 -16.05 -15.36
C ASN C 350 39.65 -17.50 -15.65
N ILE C 351 38.80 -17.69 -16.65
CA ILE C 351 38.35 -19.01 -17.07
C ILE C 351 38.56 -19.12 -18.58
N THR C 352 39.19 -20.21 -19.01
CA THR C 352 39.59 -20.36 -20.41
C THR C 352 39.15 -21.66 -21.06
N ASN C 353 38.66 -22.64 -20.31
CA ASN C 353 38.25 -23.93 -20.89
C ASN C 353 36.84 -23.78 -21.45
N LEU C 354 36.76 -23.45 -22.74
CA LEU C 354 35.48 -23.32 -23.41
C LEU C 354 34.78 -24.68 -23.50
N CYS C 355 33.47 -24.68 -23.30
CA CYS C 355 32.67 -25.90 -23.39
C CYS C 355 31.89 -25.91 -24.69
N PRO C 356 32.15 -26.86 -25.59
CA PRO C 356 31.37 -26.92 -26.83
C PRO C 356 29.92 -27.30 -26.55
N PHE C 357 29.03 -26.76 -27.39
CA PHE C 357 27.60 -27.03 -27.27
C PHE C 357 27.18 -28.28 -28.03
N GLY C 358 28.11 -28.97 -28.69
CA GLY C 358 27.77 -30.16 -29.45
C GLY C 358 27.30 -31.31 -28.59
N GLU C 359 27.59 -31.29 -27.29
CA GLU C 359 27.12 -32.35 -26.40
C GLU C 359 25.60 -32.31 -26.25
N VAL C 360 24.98 -31.16 -26.48
CA VAL C 360 23.53 -31.03 -26.40
C VAL C 360 22.91 -30.48 -27.67
N PHE C 361 23.70 -30.03 -28.65
CA PHE C 361 23.17 -29.52 -29.90
C PHE C 361 23.58 -30.36 -31.10
N ASN C 362 24.87 -30.65 -31.24
CA ASN C 362 25.34 -31.48 -32.35
C ASN C 362 25.35 -32.96 -31.99
N ALA C 363 24.19 -33.47 -31.56
CA ALA C 363 24.01 -34.86 -31.21
C ALA C 363 22.87 -35.44 -32.03
N THR C 364 23.12 -36.60 -32.65
CA THR C 364 22.12 -37.24 -33.49
C THR C 364 21.14 -38.09 -32.70
N ARG C 365 21.36 -38.27 -31.40
CA ARG C 365 20.50 -39.10 -30.55
C ARG C 365 19.96 -38.23 -29.42
N PHE C 366 18.72 -37.80 -29.54
CA PHE C 366 18.05 -37.02 -28.51
C PHE C 366 17.07 -37.89 -27.74
N ALA C 367 16.94 -37.63 -26.45
CA ALA C 367 16.08 -38.42 -25.58
C ALA C 367 14.61 -38.12 -25.88
N SER C 368 13.74 -38.94 -25.28
CA SER C 368 12.30 -38.82 -25.47
C SER C 368 11.76 -37.68 -24.59
N VAL C 369 10.44 -37.56 -24.52
CA VAL C 369 9.84 -36.50 -23.74
C VAL C 369 9.49 -36.95 -22.32
N TYR C 370 9.17 -38.23 -22.12
CA TYR C 370 8.90 -38.71 -20.77
C TYR C 370 10.18 -38.89 -19.97
N ALA C 371 11.30 -39.13 -20.63
CA ALA C 371 12.61 -39.23 -19.99
C ALA C 371 13.55 -38.33 -20.79
N TRP C 372 13.59 -37.05 -20.45
CA TRP C 372 14.40 -36.08 -21.16
C TRP C 372 15.81 -36.01 -20.57
N ASN C 373 16.78 -35.72 -21.42
CA ASN C 373 18.18 -35.69 -21.02
C ASN C 373 18.54 -34.30 -20.52
N ARG C 374 19.08 -34.23 -19.32
CA ARG C 374 19.55 -32.99 -18.71
C ARG C 374 21.06 -33.09 -18.52
N LYS C 375 21.80 -32.15 -19.10
CA LYS C 375 23.25 -32.13 -19.01
C LYS C 375 23.69 -30.84 -18.34
N ARG C 376 24.37 -30.95 -17.21
CA ARG C 376 24.85 -29.78 -16.49
C ARG C 376 25.95 -29.08 -17.29
N ILE C 377 25.98 -27.76 -17.19
CA ILE C 377 26.99 -26.93 -17.85
C ILE C 377 27.58 -26.02 -16.78
N SER C 378 28.85 -26.24 -16.44
CA SER C 378 29.52 -25.45 -15.42
C SER C 378 31.02 -25.55 -15.61
N ASN C 379 31.74 -24.63 -14.97
CA ASN C 379 33.21 -24.57 -15.03
C ASN C 379 33.70 -24.49 -16.47
N CYS C 380 33.01 -23.69 -17.28
CA CYS C 380 33.35 -23.57 -18.70
C CYS C 380 32.97 -22.19 -19.19
N VAL C 381 33.47 -21.83 -20.35
CA VAL C 381 33.19 -20.55 -21.00
C VAL C 381 32.10 -20.78 -22.04
N ALA C 382 30.96 -20.13 -21.86
CA ALA C 382 29.84 -20.25 -22.79
C ALA C 382 29.94 -19.12 -23.81
N ASP C 383 30.05 -19.50 -25.09
CA ASP C 383 30.16 -18.54 -26.17
C ASP C 383 28.81 -18.42 -26.88
N TYR C 384 28.21 -17.23 -26.83
CA TYR C 384 26.93 -16.98 -27.46
C TYR C 384 27.03 -16.07 -28.67
N SER C 385 28.23 -15.64 -29.05
CA SER C 385 28.39 -14.76 -30.20
C SER C 385 28.12 -15.49 -31.52
N VAL C 386 28.09 -16.83 -31.50
CA VAL C 386 27.83 -17.58 -32.73
C VAL C 386 26.42 -18.15 -32.78
N LEU C 387 25.72 -18.20 -31.65
CA LEU C 387 24.37 -18.78 -31.63
C LEU C 387 23.36 -17.85 -32.30
N TYR C 388 23.26 -16.62 -31.82
CA TYR C 388 22.35 -15.67 -32.42
C TYR C 388 22.81 -15.18 -33.79
N ASN C 389 24.13 -15.15 -34.04
CA ASN C 389 24.61 -14.67 -35.33
C ASN C 389 24.29 -15.65 -36.45
N SER C 390 24.25 -16.94 -36.15
CA SER C 390 23.89 -17.93 -37.15
C SER C 390 22.41 -17.83 -37.49
N ALA C 391 22.08 -17.94 -38.78
CA ALA C 391 20.70 -17.88 -39.25
C ALA C 391 20.12 -19.25 -39.55
N SER C 392 20.77 -20.32 -39.08
CA SER C 392 20.31 -21.67 -39.36
C SER C 392 19.14 -22.10 -38.48
N PHE C 393 18.75 -21.29 -37.50
CA PHE C 393 17.65 -21.63 -36.60
C PHE C 393 16.39 -20.91 -37.04
N SER C 394 15.30 -21.66 -37.16
CA SER C 394 14.02 -21.11 -37.60
C SER C 394 13.05 -20.83 -36.46
N THR C 395 13.41 -21.20 -35.23
CA THR C 395 12.54 -20.99 -34.07
C THR C 395 13.41 -20.53 -32.90
N PHE C 396 13.35 -19.24 -32.59
CA PHE C 396 14.12 -18.64 -31.48
C PHE C 396 13.23 -17.58 -30.84
N LYS C 397 12.50 -17.99 -29.80
CA LYS C 397 11.56 -17.08 -29.13
C LYS C 397 11.61 -17.38 -27.63
N CYS C 398 11.97 -16.39 -26.83
CA CYS C 398 11.97 -16.52 -25.39
C CYS C 398 11.60 -15.18 -24.75
N TYR C 399 10.92 -15.25 -23.61
CA TYR C 399 10.44 -14.07 -22.91
C TYR C 399 11.14 -13.81 -21.58
N GLY C 400 11.87 -14.80 -21.05
CA GLY C 400 12.55 -14.59 -19.78
C GLY C 400 13.63 -13.53 -19.86
N VAL C 401 14.47 -13.59 -20.89
CA VAL C 401 15.53 -12.63 -21.13
C VAL C 401 15.55 -12.29 -22.62
N SER C 402 16.39 -11.31 -22.98
CA SER C 402 16.53 -10.93 -24.38
C SER C 402 17.81 -11.51 -24.95
N PRO C 403 17.77 -12.00 -26.19
CA PRO C 403 18.99 -12.60 -26.78
C PRO C 403 20.17 -11.65 -26.88
N THR C 404 19.92 -10.36 -27.12
CA THR C 404 21.02 -9.41 -27.29
C THR C 404 21.81 -9.18 -26.01
N LYS C 405 21.24 -9.51 -24.86
CA LYS C 405 21.92 -9.33 -23.58
C LYS C 405 22.57 -10.61 -23.07
N LEU C 406 22.56 -11.68 -23.88
CA LEU C 406 23.18 -12.93 -23.45
C LEU C 406 24.69 -12.83 -23.34
N ASN C 407 25.30 -11.84 -23.97
CA ASN C 407 26.74 -11.64 -23.89
C ASN C 407 27.16 -10.71 -22.77
N ASP C 408 26.21 -10.22 -21.96
CA ASP C 408 26.50 -9.29 -20.87
C ASP C 408 25.97 -9.80 -19.53
N LEU C 409 25.72 -11.10 -19.41
CA LEU C 409 25.17 -11.67 -18.19
C LEU C 409 25.95 -12.94 -17.83
N CYS C 410 25.89 -13.28 -16.55
CA CYS C 410 26.46 -14.53 -16.03
C CYS C 410 25.32 -15.39 -15.50
N PHE C 411 25.40 -16.69 -15.75
CA PHE C 411 24.28 -17.58 -15.49
C PHE C 411 24.40 -18.37 -14.20
N THR C 412 25.63 -18.74 -13.81
CA THR C 412 26.00 -19.43 -12.58
C THR C 412 25.56 -20.90 -12.64
N ASN C 413 24.75 -21.23 -13.64
CA ASN C 413 24.31 -22.60 -13.94
C ASN C 413 23.55 -22.59 -15.26
N VAL C 414 23.71 -23.66 -16.03
CA VAL C 414 23.00 -23.80 -17.30
C VAL C 414 22.40 -25.20 -17.35
N TYR C 415 21.12 -25.28 -17.67
CA TYR C 415 20.43 -26.56 -17.85
C TYR C 415 20.04 -26.70 -19.32
N ALA C 416 20.42 -27.83 -19.92
CA ALA C 416 20.14 -28.11 -21.32
C ALA C 416 19.28 -29.36 -21.40
N ASP C 417 18.16 -29.27 -22.11
CA ASP C 417 17.23 -30.37 -22.28
C ASP C 417 17.11 -30.73 -23.75
N SER C 418 16.91 -32.02 -24.01
CA SER C 418 16.76 -32.51 -25.38
C SER C 418 15.53 -33.40 -25.47
N PHE C 419 14.65 -33.08 -26.40
CA PHE C 419 13.44 -33.86 -26.63
C PHE C 419 12.90 -33.55 -28.02
N VAL C 420 12.03 -34.43 -28.51
CA VAL C 420 11.50 -34.34 -29.86
C VAL C 420 9.98 -34.22 -29.78
N ILE C 421 9.44 -33.23 -30.48
CA ILE C 421 8.00 -33.00 -30.56
C ILE C 421 7.64 -32.79 -32.03
N ARG C 422 6.33 -32.69 -32.29
CA ARG C 422 5.83 -32.52 -33.64
C ARG C 422 5.99 -31.07 -34.10
N GLY C 423 5.63 -30.81 -35.36
CA GLY C 423 5.74 -29.46 -35.88
C GLY C 423 4.78 -28.48 -35.24
N ASP C 424 3.55 -28.92 -34.99
CA ASP C 424 2.54 -28.07 -34.36
C ASP C 424 2.58 -28.09 -32.85
N GLU C 425 3.52 -28.83 -32.26
CA GLU C 425 3.63 -28.94 -30.81
C GLU C 425 4.62 -27.95 -30.22
N VAL C 426 5.20 -27.07 -31.04
CA VAL C 426 6.16 -26.10 -30.54
C VAL C 426 5.50 -25.04 -29.67
N ARG C 427 4.18 -24.88 -29.77
CA ARG C 427 3.48 -23.90 -28.94
C ARG C 427 3.40 -24.34 -27.49
N GLN C 428 3.66 -25.61 -27.21
CA GLN C 428 3.48 -26.17 -25.87
C GLN C 428 4.71 -26.02 -24.99
N ILE C 429 5.78 -25.40 -25.50
CA ILE C 429 7.05 -25.34 -24.76
C ILE C 429 7.16 -24.09 -23.90
N ALA C 430 6.48 -23.00 -24.27
CA ALA C 430 6.50 -21.78 -23.48
C ALA C 430 5.88 -22.02 -22.11
N PRO C 431 6.41 -21.38 -21.07
CA PRO C 431 5.90 -21.60 -19.72
C PRO C 431 4.46 -21.12 -19.58
N GLY C 432 3.62 -21.98 -19.00
CA GLY C 432 2.23 -21.63 -18.78
C GLY C 432 1.39 -21.62 -20.03
N GLN C 433 1.24 -22.77 -20.68
CA GLN C 433 0.44 -22.90 -21.88
C GLN C 433 -0.72 -23.86 -21.62
N THR C 434 -1.66 -23.87 -22.55
CA THR C 434 -2.88 -24.67 -22.43
C THR C 434 -2.77 -25.91 -23.31
N GLY C 435 -3.04 -27.07 -22.73
CA GLY C 435 -3.05 -28.30 -23.50
C GLY C 435 -2.70 -29.54 -22.72
N LYS C 436 -1.83 -30.39 -23.28
CA LYS C 436 -1.51 -31.69 -22.72
C LYS C 436 -0.07 -31.78 -22.24
N ILE C 437 0.90 -31.50 -23.12
CA ILE C 437 2.30 -31.68 -22.75
C ILE C 437 2.70 -30.67 -21.68
N ALA C 438 2.24 -29.43 -21.79
CA ALA C 438 2.66 -28.39 -20.86
C ALA C 438 2.06 -28.57 -19.46
N ASP C 439 1.00 -29.35 -19.33
CA ASP C 439 0.32 -29.51 -18.05
C ASP C 439 0.39 -30.91 -17.47
N TYR C 440 0.78 -31.92 -18.26
CA TYR C 440 0.80 -33.30 -17.78
C TYR C 440 2.14 -33.99 -17.95
N ASN C 441 3.04 -33.50 -18.81
CA ASN C 441 4.32 -34.13 -19.04
C ASN C 441 5.49 -33.23 -18.69
N TYR C 442 5.48 -31.99 -19.16
CA TYR C 442 6.59 -31.06 -18.98
C TYR C 442 6.01 -29.70 -18.57
N LYS C 443 5.94 -29.45 -17.27
CA LYS C 443 5.39 -28.22 -16.73
C LYS C 443 6.52 -27.28 -16.36
N LEU C 444 6.50 -26.08 -16.93
CA LEU C 444 7.49 -25.06 -16.62
C LEU C 444 6.93 -24.05 -15.63
N PRO C 445 7.76 -23.49 -14.76
CA PRO C 445 7.26 -22.53 -13.77
C PRO C 445 6.80 -21.23 -14.43
N ASP C 446 5.87 -20.56 -13.75
CA ASP C 446 5.39 -19.27 -14.25
C ASP C 446 6.50 -18.23 -14.26
N ASP C 447 7.33 -18.20 -13.23
CA ASP C 447 8.49 -17.32 -13.18
C ASP C 447 9.68 -18.11 -13.74
N PHE C 448 9.94 -17.95 -15.02
CA PHE C 448 10.96 -18.71 -15.73
C PHE C 448 11.98 -17.77 -16.34
N THR C 449 13.25 -18.17 -16.30
CA THR C 449 14.35 -17.41 -16.87
C THR C 449 15.18 -18.34 -17.75
N GLY C 450 15.02 -18.21 -19.06
CA GLY C 450 15.75 -19.06 -19.99
C GLY C 450 15.22 -18.88 -21.39
N CYS C 451 15.92 -19.49 -22.33
CA CYS C 451 15.57 -19.40 -23.74
C CYS C 451 15.51 -20.77 -24.38
N VAL C 452 14.66 -20.88 -25.41
CA VAL C 452 14.38 -22.14 -26.09
C VAL C 452 14.87 -22.03 -27.53
N ILE C 453 15.66 -23.01 -27.97
CA ILE C 453 16.20 -23.05 -29.32
C ILE C 453 15.63 -24.28 -30.01
N ALA C 454 14.98 -24.06 -31.15
CA ALA C 454 14.37 -25.13 -31.93
C ALA C 454 14.70 -24.94 -33.40
N TRP C 455 14.80 -26.06 -34.13
CA TRP C 455 15.12 -26.02 -35.55
C TRP C 455 14.53 -27.25 -36.22
N ASN C 456 14.39 -27.16 -37.54
CA ASN C 456 13.85 -28.28 -38.31
C ASN C 456 14.84 -29.43 -38.36
N SER C 457 14.33 -30.64 -38.20
CA SER C 457 15.13 -31.86 -38.27
C SER C 457 14.39 -32.94 -39.06
N ASN C 458 13.72 -32.53 -40.14
CA ASN C 458 12.97 -33.48 -40.94
C ASN C 458 13.88 -34.39 -41.78
N ASN C 459 15.12 -33.97 -42.04
CA ASN C 459 16.02 -34.76 -42.86
C ASN C 459 16.76 -35.83 -42.06
N LEU C 460 16.59 -35.87 -40.74
CA LEU C 460 17.28 -36.84 -39.90
C LEU C 460 16.35 -37.73 -39.09
N ASP C 461 15.07 -37.39 -38.98
CA ASP C 461 14.13 -38.17 -38.19
C ASP C 461 13.01 -38.80 -39.02
N SER C 462 13.04 -38.65 -40.35
CA SER C 462 12.02 -39.21 -41.22
C SER C 462 12.59 -40.40 -41.98
N LYS C 463 11.86 -41.50 -41.99
CA LYS C 463 12.29 -42.71 -42.67
C LYS C 463 12.14 -42.57 -44.19
N GLY C 466 7.32 -45.08 -40.85
CA GLY C 466 8.05 -43.98 -40.24
C GLY C 466 8.75 -44.37 -38.96
N ASN C 467 9.35 -43.37 -38.29
CA ASN C 467 10.04 -43.62 -37.04
C ASN C 467 9.05 -43.92 -35.93
N TYR C 468 9.32 -44.97 -35.16
CA TYR C 468 8.46 -45.38 -34.05
C TYR C 468 9.22 -45.47 -32.74
N ASN C 469 10.36 -44.79 -32.64
CA ASN C 469 11.16 -44.79 -31.43
C ASN C 469 10.83 -43.63 -30.48
N TYR C 470 9.87 -42.78 -30.86
CA TYR C 470 9.47 -41.64 -30.04
C TYR C 470 8.18 -42.01 -29.32
N LEU C 471 8.28 -42.28 -28.03
CA LEU C 471 7.15 -42.72 -27.22
C LEU C 471 6.83 -41.68 -26.16
N TYR C 472 5.57 -41.69 -25.71
CA TYR C 472 5.13 -40.74 -24.69
C TYR C 472 3.90 -41.30 -23.98
N ARG C 473 3.83 -41.04 -22.68
CA ARG C 473 2.65 -41.38 -21.90
C ARG C 473 1.58 -40.29 -22.07
N LEU C 474 0.32 -40.68 -21.85
CA LEU C 474 -0.81 -39.78 -22.05
C LEU C 474 -1.33 -39.20 -20.74
N PHE C 475 -1.68 -40.04 -19.78
CA PHE C 475 -2.30 -39.57 -18.54
C PHE C 475 -1.80 -40.42 -17.37
N ARG C 476 -2.14 -39.96 -16.17
CA ARG C 476 -1.75 -40.67 -14.95
C ARG C 476 -2.85 -40.46 -13.92
N LYS C 477 -2.54 -40.73 -12.65
CA LYS C 477 -3.55 -40.66 -11.59
C LYS C 477 -4.08 -39.24 -11.42
N SER C 478 -3.21 -38.31 -11.04
CA SER C 478 -3.61 -36.94 -10.78
C SER C 478 -2.49 -35.99 -11.20
N ASN C 479 -2.68 -34.71 -10.90
CA ASN C 479 -1.70 -33.68 -11.24
C ASN C 479 -0.79 -33.44 -10.04
N LEU C 480 0.52 -33.48 -10.27
CA LEU C 480 1.51 -33.30 -9.21
C LEU C 480 2.42 -32.14 -9.54
N LYS C 481 3.42 -31.94 -8.68
CA LYS C 481 4.37 -30.87 -8.86
C LYS C 481 5.25 -31.13 -10.09
N PRO C 482 5.70 -30.06 -10.77
CA PRO C 482 6.46 -30.24 -12.01
C PRO C 482 7.82 -30.87 -11.75
N PHE C 483 8.44 -31.30 -12.84
CA PHE C 483 9.77 -31.94 -12.84
C PHE C 483 9.77 -33.20 -11.97
N GLU C 484 8.96 -34.17 -12.38
CA GLU C 484 8.92 -35.49 -11.77
C GLU C 484 9.29 -36.52 -12.83
N ARG C 485 10.29 -37.34 -12.52
CA ARG C 485 10.81 -38.34 -13.44
C ARG C 485 10.53 -39.73 -12.92
N ASP C 486 9.97 -40.59 -13.77
CA ASP C 486 9.69 -41.96 -13.40
C ASP C 486 9.71 -42.83 -14.66
N ILE C 487 10.26 -44.02 -14.54
CA ILE C 487 10.29 -45.00 -15.62
C ILE C 487 9.60 -46.26 -15.13
N SER C 488 8.57 -46.70 -15.86
CA SER C 488 7.81 -47.87 -15.50
C SER C 488 6.96 -48.29 -16.69
N THR C 489 6.66 -49.59 -16.76
CA THR C 489 5.79 -50.14 -17.79
C THR C 489 4.39 -50.44 -17.26
N GLU C 490 4.04 -49.88 -16.11
CA GLU C 490 2.74 -50.15 -15.51
C GLU C 490 1.63 -49.49 -16.31
N ILE C 491 0.59 -50.25 -16.62
CA ILE C 491 -0.55 -49.73 -17.35
C ILE C 491 -1.43 -48.90 -16.42
N TYR C 492 -2.34 -48.14 -17.03
CA TYR C 492 -3.24 -47.26 -16.29
C TYR C 492 -4.64 -47.87 -16.24
N GLN C 493 -5.21 -47.94 -15.05
CA GLN C 493 -6.56 -48.45 -14.84
C GLN C 493 -7.44 -47.33 -14.32
N ALA C 494 -8.59 -47.12 -14.97
CA ALA C 494 -9.49 -46.04 -14.62
C ALA C 494 -10.85 -46.50 -14.12
N GLY C 495 -11.23 -47.76 -14.33
CA GLY C 495 -12.52 -48.24 -13.88
C GLY C 495 -12.47 -48.91 -12.53
N SER C 496 -13.21 -50.02 -12.39
CA SER C 496 -13.25 -50.76 -11.13
C SER C 496 -12.56 -52.11 -11.18
N THR C 497 -12.37 -52.69 -12.37
CA THR C 497 -11.71 -53.98 -12.48
C THR C 497 -10.20 -53.80 -12.34
N PRO C 498 -9.56 -54.43 -11.37
CA PRO C 498 -8.10 -54.28 -11.17
C PRO C 498 -7.29 -55.13 -12.16
N CYS C 499 -7.13 -54.63 -13.37
CA CYS C 499 -6.32 -55.31 -14.36
C CYS C 499 -4.85 -55.26 -13.97
N ASN C 500 -4.15 -56.39 -14.14
CA ASN C 500 -2.76 -56.53 -13.75
C ASN C 500 -1.94 -56.86 -15.00
N GLY C 501 -1.49 -55.81 -15.69
CA GLY C 501 -0.66 -56.02 -16.87
C GLY C 501 -1.41 -56.47 -18.10
N VAL C 502 -2.74 -56.39 -18.11
CA VAL C 502 -3.55 -56.83 -19.24
C VAL C 502 -4.36 -55.65 -19.75
N GLU C 503 -4.38 -55.49 -21.07
CA GLU C 503 -5.12 -54.41 -21.72
C GLU C 503 -6.53 -54.87 -22.10
N GLY C 504 -7.28 -55.24 -21.07
CA GLY C 504 -8.63 -55.74 -21.27
C GLY C 504 -9.69 -54.65 -21.18
N PHE C 505 -10.60 -54.78 -20.22
CA PHE C 505 -11.67 -53.81 -20.06
C PHE C 505 -11.15 -52.58 -19.34
N ASN C 506 -11.31 -51.41 -19.96
CA ASN C 506 -10.95 -50.12 -19.37
C ASN C 506 -9.47 -50.04 -19.00
N CYS C 507 -8.62 -50.78 -19.72
CA CYS C 507 -7.19 -50.74 -19.50
C CYS C 507 -6.50 -50.68 -20.86
N TYR C 508 -5.58 -49.74 -21.02
CA TYR C 508 -4.93 -49.50 -22.30
C TYR C 508 -3.41 -49.46 -22.11
N PHE C 509 -2.70 -49.61 -23.22
CA PHE C 509 -1.24 -49.63 -23.20
C PHE C 509 -0.73 -48.20 -23.29
N PRO C 510 -0.02 -47.70 -22.26
CA PRO C 510 0.28 -46.25 -22.23
C PRO C 510 1.20 -45.75 -23.32
N LEU C 511 2.02 -46.61 -23.92
CA LEU C 511 3.03 -46.15 -24.87
C LEU C 511 2.36 -45.84 -26.20
N GLN C 512 2.52 -44.60 -26.67
CA GLN C 512 2.00 -44.15 -27.95
C GLN C 512 3.11 -43.49 -28.73
N SER C 513 3.13 -43.72 -30.05
CA SER C 513 4.19 -43.21 -30.92
C SER C 513 3.60 -42.28 -31.97
N TYR C 514 4.41 -41.30 -32.37
CA TYR C 514 4.00 -40.36 -33.40
C TYR C 514 4.18 -40.99 -34.79
N GLY C 515 3.79 -40.24 -35.82
CA GLY C 515 4.00 -40.66 -37.19
C GLY C 515 4.75 -39.62 -37.98
N PHE C 516 5.97 -39.95 -38.42
CA PHE C 516 6.83 -39.01 -39.14
C PHE C 516 7.20 -39.62 -40.49
N GLN C 517 6.74 -38.98 -41.56
CA GLN C 517 7.05 -39.39 -42.92
C GLN C 517 7.24 -38.13 -43.78
N PRO C 518 8.06 -38.21 -44.82
CA PRO C 518 8.23 -37.03 -45.70
C PRO C 518 6.97 -36.64 -46.45
N THR C 519 5.99 -37.55 -46.58
CA THR C 519 4.78 -37.23 -47.31
C THR C 519 3.88 -36.24 -46.58
N ASN C 520 4.08 -36.05 -45.28
CA ASN C 520 3.27 -35.10 -44.52
C ASN C 520 3.71 -33.67 -44.81
N GLY C 521 2.75 -32.76 -44.69
CA GLY C 521 2.98 -31.35 -44.93
C GLY C 521 3.51 -30.63 -43.71
N VAL C 522 3.41 -29.30 -43.75
CA VAL C 522 3.86 -28.48 -42.63
C VAL C 522 2.96 -28.70 -41.42
N GLY C 523 3.57 -28.70 -40.23
CA GLY C 523 2.87 -28.93 -39.00
C GLY C 523 3.00 -30.33 -38.44
N TYR C 524 3.44 -31.29 -39.26
CA TYR C 524 3.64 -32.65 -38.80
C TYR C 524 5.10 -33.11 -38.87
N GLN C 525 5.99 -32.24 -39.34
CA GLN C 525 7.40 -32.62 -39.41
C GLN C 525 7.99 -32.71 -38.01
N PRO C 526 8.89 -33.66 -37.77
CA PRO C 526 9.52 -33.76 -36.44
C PRO C 526 10.48 -32.62 -36.19
N TYR C 527 10.42 -32.07 -34.97
CA TYR C 527 11.26 -30.96 -34.57
C TYR C 527 12.05 -31.33 -33.33
N ARG C 528 13.32 -30.95 -33.32
CA ARG C 528 14.20 -31.15 -32.17
C ARG C 528 14.30 -29.84 -31.41
N VAL C 529 13.84 -29.84 -30.16
CA VAL C 529 13.75 -28.63 -29.34
C VAL C 529 14.71 -28.77 -28.16
N VAL C 530 15.59 -27.78 -28.01
CA VAL C 530 16.54 -27.73 -26.90
C VAL C 530 16.18 -26.51 -26.06
N VAL C 531 15.95 -26.73 -24.77
CA VAL C 531 15.50 -25.69 -23.85
C VAL C 531 16.65 -25.37 -22.90
N LEU C 532 16.97 -24.08 -22.80
CA LEU C 532 18.01 -23.60 -21.90
C LEU C 532 17.37 -22.79 -20.77
N SER C 533 17.97 -22.87 -19.59
CA SER C 533 17.46 -22.16 -18.43
C SER C 533 18.62 -21.83 -17.50
N PHE C 534 18.41 -20.83 -16.65
CA PHE C 534 19.44 -20.36 -15.73
C PHE C 534 18.80 -19.50 -14.65
N GLU C 535 19.50 -19.36 -13.53
CA GLU C 535 19.10 -18.54 -12.40
C GLU C 535 20.11 -17.42 -12.20
N LEU C 536 19.92 -16.65 -11.13
CA LEU C 536 20.81 -15.52 -10.87
C LEU C 536 21.33 -15.50 -9.43
N LEU C 537 20.53 -15.99 -8.48
CA LEU C 537 20.86 -15.92 -7.05
C LEU C 537 21.32 -17.29 -6.59
N HIS C 538 22.63 -17.52 -6.64
CA HIS C 538 23.23 -18.79 -6.26
C HIS C 538 24.62 -18.52 -5.72
N ALA C 539 25.45 -19.57 -5.67
CA ALA C 539 26.85 -19.53 -5.26
C ALA C 539 27.66 -18.66 -6.20
N PRO C 540 28.97 -18.39 -5.90
CA PRO C 540 29.85 -17.74 -6.89
C PRO C 540 29.69 -18.30 -8.31
N ALA C 541 29.65 -17.40 -9.29
CA ALA C 541 29.19 -17.76 -10.63
C ALA C 541 30.15 -18.72 -11.31
N THR C 542 31.39 -18.26 -11.57
CA THR C 542 32.45 -19.02 -12.23
C THR C 542 32.08 -19.31 -13.69
N VAL C 543 30.88 -18.88 -14.11
CA VAL C 543 30.40 -19.05 -15.47
C VAL C 543 29.88 -17.71 -15.95
N CYS C 544 30.49 -17.19 -17.02
CA CYS C 544 30.12 -15.88 -17.55
C CYS C 544 30.26 -15.92 -19.07
N GLY C 545 30.20 -14.75 -19.69
CA GLY C 545 30.24 -14.64 -21.13
C GLY C 545 31.65 -14.68 -21.69
N PRO C 546 31.76 -14.50 -23.01
CA PRO C 546 33.08 -14.57 -23.66
C PRO C 546 33.95 -13.34 -23.46
N LYS C 547 33.45 -12.29 -22.81
CA LYS C 547 34.21 -11.05 -22.69
C LYS C 547 35.38 -11.23 -21.71
N LYS C 548 36.33 -10.30 -21.81
CA LYS C 548 37.53 -10.31 -21.00
C LYS C 548 37.47 -9.20 -19.97
N SER C 549 38.16 -9.41 -18.85
CA SER C 549 38.16 -8.45 -17.75
C SER C 549 38.92 -7.19 -18.14
N THR C 550 38.66 -6.13 -17.38
CA THR C 550 39.30 -4.83 -17.58
C THR C 550 39.95 -4.41 -16.26
N ASN C 551 41.08 -3.73 -16.36
CA ASN C 551 41.81 -3.31 -15.16
C ASN C 551 40.98 -2.35 -14.31
N LEU C 552 41.16 -2.45 -12.99
CA LEU C 552 40.36 -1.65 -12.07
C LEU C 552 40.85 -0.21 -12.01
N VAL C 553 39.91 0.71 -11.90
CA VAL C 553 40.19 2.12 -11.68
C VAL C 553 39.41 2.59 -10.45
N LYS C 554 40.02 3.47 -9.67
CA LYS C 554 39.45 3.91 -8.41
C LYS C 554 39.26 5.42 -8.41
N ASN C 555 38.46 5.89 -7.45
CA ASN C 555 38.14 7.31 -7.28
C ASN C 555 37.53 7.90 -8.55
N LYS C 556 36.68 7.12 -9.20
CA LYS C 556 36.03 7.56 -10.43
C LYS C 556 34.72 6.81 -10.59
N CYS C 557 33.69 7.52 -11.06
CA CYS C 557 32.37 6.93 -11.27
C CYS C 557 32.40 6.11 -12.56
N VAL C 558 32.44 4.78 -12.43
CA VAL C 558 32.52 3.88 -13.57
C VAL C 558 31.43 2.83 -13.45
N ASN C 559 31.13 2.19 -14.58
CA ASN C 559 30.14 1.12 -14.64
C ASN C 559 30.85 -0.19 -14.35
N PHE C 560 30.90 -0.55 -13.06
CA PHE C 560 31.53 -1.81 -12.67
C PHE C 560 30.68 -2.99 -13.08
N ASN C 561 31.34 -4.13 -13.30
CA ASN C 561 30.67 -5.37 -13.71
C ASN C 561 31.27 -6.51 -12.89
N PHE C 562 30.65 -6.82 -11.76
CA PHE C 562 31.10 -7.89 -10.87
C PHE C 562 30.10 -9.03 -10.96
N ASN C 563 30.49 -10.12 -11.63
CA ASN C 563 29.68 -11.32 -11.77
C ASN C 563 28.33 -11.04 -12.44
N GLY C 564 28.28 -10.04 -13.31
CA GLY C 564 27.11 -9.79 -14.13
C GLY C 564 26.20 -8.67 -13.67
N LEU C 565 26.54 -7.96 -12.59
CA LEU C 565 25.73 -6.85 -12.11
C LEU C 565 26.32 -5.53 -12.59
N THR C 566 25.45 -4.64 -13.06
CA THR C 566 25.87 -3.35 -13.60
C THR C 566 25.40 -2.24 -12.65
N GLY C 567 26.31 -1.33 -12.34
CA GLY C 567 25.96 -0.21 -11.48
C GLY C 567 27.00 0.88 -11.60
N THR C 568 26.62 2.07 -11.15
CA THR C 568 27.48 3.24 -11.16
C THR C 568 27.81 3.65 -9.73
N GLY C 569 29.09 3.82 -9.45
CA GLY C 569 29.53 4.20 -8.11
C GLY C 569 31.01 4.50 -8.11
N VAL C 570 31.51 4.79 -6.91
CA VAL C 570 32.91 5.12 -6.71
C VAL C 570 33.61 3.92 -6.10
N LEU C 571 34.69 3.47 -6.74
CA LEU C 571 35.44 2.30 -6.29
C LEU C 571 36.51 2.76 -5.30
N THR C 572 36.35 2.39 -4.04
CA THR C 572 37.28 2.78 -2.98
C THR C 572 37.71 1.56 -2.19
N GLU C 573 38.89 1.67 -1.59
CA GLU C 573 39.39 0.60 -0.74
C GLU C 573 38.58 0.50 0.54
N SER C 574 38.30 -0.73 0.97
CA SER C 574 37.55 -0.99 2.18
C SER C 574 38.40 -1.78 3.17
N ASN C 575 38.33 -1.38 4.43
CA ASN C 575 39.06 -2.04 5.50
C ASN C 575 38.24 -3.13 6.19
N LYS C 576 37.03 -3.41 5.69
CA LYS C 576 36.20 -4.45 6.27
C LYS C 576 36.83 -5.82 6.07
N LYS C 577 36.70 -6.67 7.09
CA LYS C 577 37.24 -8.03 7.05
C LYS C 577 36.08 -8.97 6.75
N PHE C 578 36.01 -9.43 5.50
CA PHE C 578 34.94 -10.33 5.07
C PHE C 578 35.31 -11.77 5.43
N LEU C 579 34.52 -12.71 4.95
CA LEU C 579 34.72 -14.13 5.15
C LEU C 579 35.07 -14.82 3.84
N PRO C 580 35.80 -15.95 3.88
CA PRO C 580 36.24 -16.59 2.64
C PRO C 580 35.11 -17.17 1.79
N PHE C 581 33.86 -17.07 2.21
CA PHE C 581 32.71 -17.55 1.43
C PHE C 581 31.71 -16.41 1.29
N GLN C 582 32.00 -15.49 0.37
CA GLN C 582 31.16 -14.34 0.08
C GLN C 582 31.47 -13.88 -1.35
N GLN C 583 30.49 -13.24 -1.97
CA GLN C 583 30.68 -12.55 -3.23
C GLN C 583 30.30 -11.08 -3.19
N PHE C 584 29.32 -10.71 -2.37
CA PHE C 584 28.88 -9.33 -2.26
C PHE C 584 28.22 -9.14 -0.91
N GLY C 585 28.17 -7.88 -0.47
CA GLY C 585 27.59 -7.53 0.80
C GLY C 585 26.33 -6.70 0.62
N ARG C 586 25.38 -6.89 1.54
CA ARG C 586 24.13 -6.16 1.55
C ARG C 586 24.10 -5.15 2.68
N ASP C 587 22.97 -4.48 2.85
CA ASP C 587 22.80 -3.49 3.89
C ASP C 587 21.32 -3.48 4.28
N ILE C 588 20.89 -2.44 4.99
CA ILE C 588 19.48 -2.26 5.29
C ILE C 588 18.69 -2.07 4.00
N ALA C 589 19.26 -1.32 3.06
CA ALA C 589 18.61 -1.09 1.78
C ALA C 589 18.67 -2.30 0.86
N ASP C 590 19.37 -3.37 1.25
CA ASP C 590 19.57 -4.55 0.42
C ASP C 590 20.22 -4.18 -0.91
N THR C 591 21.19 -3.28 -0.85
CA THR C 591 21.93 -2.82 -2.01
C THR C 591 23.38 -3.25 -1.90
N THR C 592 23.98 -3.61 -3.03
CA THR C 592 25.38 -4.04 -3.05
C THR C 592 26.28 -2.85 -2.77
N ASP C 593 26.80 -2.78 -1.54
CA ASP C 593 27.68 -1.70 -1.14
C ASP C 593 29.15 -2.10 -1.15
N ALA C 594 29.45 -3.37 -0.91
CA ALA C 594 30.82 -3.86 -0.93
C ALA C 594 30.86 -5.17 -1.71
N VAL C 595 31.81 -5.29 -2.62
CA VAL C 595 31.97 -6.47 -3.45
C VAL C 595 33.44 -6.90 -3.40
N ARG C 596 33.66 -8.19 -3.62
CA ARG C 596 35.00 -8.75 -3.61
C ARG C 596 35.50 -8.91 -5.03
N ASP C 597 36.75 -8.49 -5.27
CA ASP C 597 37.34 -8.57 -6.60
C ASP C 597 37.52 -10.03 -6.99
N PRO C 598 36.95 -10.48 -8.12
CA PRO C 598 37.16 -11.88 -8.54
C PRO C 598 38.58 -12.18 -9.00
N GLN C 599 39.44 -11.18 -9.13
CA GLN C 599 40.81 -11.38 -9.61
C GLN C 599 41.84 -11.21 -8.50
N THR C 600 41.85 -10.05 -7.83
CA THR C 600 42.83 -9.79 -6.78
C THR C 600 42.35 -10.20 -5.40
N LEU C 601 41.07 -10.56 -5.25
CA LEU C 601 40.48 -10.94 -3.97
C LEU C 601 40.68 -9.86 -2.91
N GLU C 602 40.51 -8.60 -3.32
CA GLU C 602 40.72 -7.46 -2.46
C GLU C 602 39.37 -6.88 -2.03
N ILE C 603 39.23 -6.62 -0.73
CA ILE C 603 38.00 -6.05 -0.20
C ILE C 603 37.92 -4.58 -0.59
N LEU C 604 36.80 -4.19 -1.19
CA LEU C 604 36.60 -2.82 -1.65
C LEU C 604 35.14 -2.45 -1.48
N ASP C 605 34.89 -1.14 -1.43
CA ASP C 605 33.55 -0.61 -1.21
C ASP C 605 33.05 0.12 -2.45
N ILE C 606 31.74 0.15 -2.61
CA ILE C 606 31.08 0.79 -3.74
C ILE C 606 30.01 1.74 -3.21
N THR C 607 30.07 3.00 -3.64
CA THR C 607 29.06 3.98 -3.25
C THR C 607 28.98 5.13 -4.26
N PRO C 608 27.78 5.57 -4.61
CA PRO C 608 27.63 6.76 -5.46
C PRO C 608 27.46 8.03 -4.66
N CYS C 609 27.90 9.13 -5.26
CA CYS C 609 27.80 10.46 -4.67
C CYS C 609 27.28 11.42 -5.74
N SER C 610 25.95 11.55 -5.83
CA SER C 610 25.34 12.41 -6.83
C SER C 610 24.92 13.76 -6.27
N PHE C 611 24.55 13.80 -4.99
CA PHE C 611 24.08 15.02 -4.28
C PHE C 611 23.15 15.86 -5.15
N GLY C 612 22.15 15.20 -5.72
CA GLY C 612 21.23 15.82 -6.66
C GLY C 612 20.39 16.94 -6.08
N GLY C 613 20.33 17.08 -4.77
CA GLY C 613 19.63 18.18 -4.15
C GLY C 613 20.44 19.46 -4.11
N VAL C 614 20.55 20.13 -5.24
CA VAL C 614 21.30 21.39 -5.33
C VAL C 614 20.33 22.55 -5.12
N SER C 615 20.74 23.52 -4.31
CA SER C 615 19.91 24.65 -3.95
C SER C 615 20.63 25.95 -4.30
N VAL C 616 19.86 26.96 -4.69
CA VAL C 616 20.40 28.27 -5.04
C VAL C 616 19.70 29.33 -4.19
N ILE C 617 20.48 30.27 -3.68
CA ILE C 617 19.97 31.41 -2.92
C ILE C 617 19.89 32.60 -3.85
N THR C 618 18.71 33.17 -4.00
CA THR C 618 18.48 34.19 -5.00
C THR C 618 17.55 35.25 -4.43
N PRO C 619 17.82 36.53 -4.68
CA PRO C 619 16.87 37.58 -4.29
C PRO C 619 15.70 37.63 -5.26
N GLY C 620 14.91 38.70 -5.22
CA GLY C 620 13.86 38.88 -6.20
C GLY C 620 14.41 38.84 -7.61
N THR C 621 13.79 38.04 -8.48
CA THR C 621 14.32 37.81 -9.82
C THR C 621 14.36 39.07 -10.66
N ASN C 622 13.61 40.10 -10.28
CA ASN C 622 13.64 41.39 -10.96
C ASN C 622 14.66 42.35 -10.37
N THR C 623 15.44 41.92 -9.38
CA THR C 623 16.40 42.79 -8.70
C THR C 623 17.82 42.62 -9.22
N SER C 624 18.32 41.39 -9.30
CA SER C 624 19.69 41.15 -9.71
C SER C 624 19.80 39.76 -10.34
N ASN C 625 20.91 39.54 -11.03
CA ASN C 625 21.19 38.25 -11.65
C ASN C 625 22.25 37.44 -10.92
N GLN C 626 23.19 38.09 -10.24
CA GLN C 626 24.22 37.36 -9.51
C GLN C 626 23.60 36.66 -8.31
N VAL C 627 23.95 35.39 -8.11
CA VAL C 627 23.32 34.54 -7.11
C VAL C 627 24.41 33.73 -6.39
N ALA C 628 23.97 32.96 -5.40
CA ALA C 628 24.83 32.04 -4.68
C ALA C 628 24.21 30.66 -4.68
N VAL C 629 25.02 29.64 -4.91
CA VAL C 629 24.57 28.25 -5.02
C VAL C 629 25.06 27.48 -3.81
N LEU C 630 24.17 26.72 -3.18
CA LEU C 630 24.48 25.94 -2.00
C LEU C 630 24.57 24.47 -2.36
N TYR C 631 25.68 23.83 -2.00
CA TYR C 631 25.90 22.41 -2.22
C TYR C 631 25.81 21.68 -0.87
N GLN C 632 25.10 20.56 -0.86
CA GLN C 632 24.74 19.89 0.39
C GLN C 632 25.68 18.71 0.64
N ASP C 633 26.53 18.85 1.67
CA ASP C 633 27.35 17.76 2.21
C ASP C 633 28.27 17.16 1.15
N VAL C 634 29.14 18.00 0.60
CA VAL C 634 30.08 17.56 -0.43
C VAL C 634 31.48 18.02 -0.09
N ASN C 635 31.59 18.96 0.86
CA ASN C 635 32.84 19.58 1.30
C ASN C 635 33.49 20.39 0.18
N CYS C 636 32.83 20.45 -0.98
CA CYS C 636 33.26 21.22 -2.16
C CYS C 636 34.75 21.04 -2.49
N THR C 637 35.27 19.84 -2.21
CA THR C 637 36.59 19.44 -2.68
C THR C 637 36.54 18.32 -3.70
N GLU C 638 35.37 17.70 -3.90
CA GLU C 638 35.19 16.64 -4.88
C GLU C 638 34.17 17.05 -5.95
N VAL C 639 33.89 18.34 -6.08
CA VAL C 639 32.92 18.79 -7.09
C VAL C 639 33.37 18.46 -8.51
N PRO C 640 34.60 18.75 -8.94
CA PRO C 640 35.00 18.34 -10.31
C PRO C 640 35.08 16.84 -10.50
N VAL C 641 35.18 16.06 -9.43
CA VAL C 641 35.34 14.61 -9.56
C VAL C 641 34.01 13.88 -9.49
N ALA C 642 33.10 14.33 -8.61
CA ALA C 642 31.83 13.63 -8.43
C ALA C 642 30.95 13.73 -9.67
N ILE C 643 30.92 14.90 -10.31
CA ILE C 643 30.06 15.11 -11.47
C ILE C 643 30.83 15.15 -12.79
N HIS C 644 32.16 15.00 -12.74
CA HIS C 644 33.02 15.04 -13.92
C HIS C 644 32.85 16.36 -14.69
N ALA C 645 33.11 17.46 -13.98
CA ALA C 645 32.95 18.79 -14.54
C ALA C 645 34.08 19.18 -15.48
N ASP C 646 35.16 18.39 -15.55
CA ASP C 646 36.27 18.71 -16.46
C ASP C 646 35.82 18.64 -17.92
N GLN C 647 35.01 17.64 -18.26
CA GLN C 647 34.52 17.47 -19.63
C GLN C 647 33.18 18.15 -19.87
N LEU C 648 32.67 18.88 -18.90
CA LEU C 648 31.38 19.56 -19.04
C LEU C 648 31.56 20.92 -19.72
N THR C 649 30.47 21.67 -19.80
CA THR C 649 30.51 23.00 -20.37
C THR C 649 31.32 23.94 -19.47
N PRO C 650 31.99 24.94 -20.05
CA PRO C 650 32.81 25.84 -19.23
C PRO C 650 32.01 26.66 -18.22
N THR C 651 30.71 26.84 -18.43
CA THR C 651 29.91 27.62 -17.47
C THR C 651 29.72 26.89 -16.15
N TRP C 652 29.83 25.56 -16.13
CA TRP C 652 29.74 24.82 -14.87
C TRP C 652 31.03 24.92 -14.06
N ARG C 653 32.17 25.03 -14.73
CA ARG C 653 33.44 25.12 -14.02
C ARG C 653 33.65 26.47 -13.34
N VAL C 654 32.89 27.49 -13.73
CA VAL C 654 33.02 28.80 -13.10
C VAL C 654 32.61 28.74 -11.64
N TYR C 655 31.49 28.08 -11.35
CA TYR C 655 31.01 27.94 -9.98
C TYR C 655 31.53 26.68 -9.30
N SER C 656 32.30 25.85 -10.01
CA SER C 656 32.84 24.64 -9.41
C SER C 656 33.98 24.92 -8.44
N THR C 657 34.79 25.94 -8.72
CA THR C 657 35.92 26.27 -7.87
C THR C 657 36.26 27.75 -8.03
N GLY C 658 37.00 28.27 -7.09
CA GLY C 658 37.41 29.66 -7.10
C GLY C 658 37.67 30.15 -5.69
N SER C 659 37.88 31.47 -5.59
CA SER C 659 38.13 32.10 -4.30
C SER C 659 36.86 32.40 -3.53
N ASN C 660 35.70 32.34 -4.19
CA ASN C 660 34.41 32.60 -3.53
C ASN C 660 33.83 31.28 -3.03
N VAL C 661 34.55 30.68 -2.07
CA VAL C 661 34.20 29.39 -1.51
C VAL C 661 34.13 29.53 0.00
N PHE C 662 33.00 29.14 0.58
CA PHE C 662 32.81 29.15 2.01
C PHE C 662 32.14 27.85 2.43
N GLN C 663 32.59 27.28 3.54
CA GLN C 663 32.11 25.99 4.02
C GLN C 663 31.26 26.19 5.25
N THR C 664 30.07 25.58 5.25
CA THR C 664 29.14 25.64 6.36
C THR C 664 28.93 24.25 6.94
N ARG C 665 28.21 24.18 8.05
CA ARG C 665 27.80 22.89 8.58
C ARG C 665 26.76 22.22 7.68
N ALA C 666 26.08 23.00 6.84
CA ALA C 666 25.10 22.47 5.90
C ALA C 666 25.72 22.13 4.54
N GLY C 667 26.98 22.43 4.33
CA GLY C 667 27.65 22.16 3.08
C GLY C 667 28.62 23.27 2.75
N CYS C 668 28.95 23.39 1.47
CA CYS C 668 29.85 24.42 0.98
C CYS C 668 29.06 25.39 0.11
N LEU C 669 29.13 26.67 0.45
CA LEU C 669 28.39 27.72 -0.24
C LEU C 669 29.33 28.48 -1.16
N ILE C 670 28.93 28.64 -2.42
CA ILE C 670 29.73 29.30 -3.44
C ILE C 670 28.90 30.39 -4.08
N GLY C 671 29.46 31.60 -4.15
CA GLY C 671 28.78 32.71 -4.79
C GLY C 671 28.40 33.82 -3.84
N ALA C 672 28.96 33.80 -2.64
CA ALA C 672 28.70 34.82 -1.65
C ALA C 672 30.00 35.22 -0.97
N GLU C 673 30.04 36.45 -0.47
CA GLU C 673 31.19 36.97 0.26
C GLU C 673 30.91 36.87 1.75
N HIS C 674 31.71 36.09 2.46
CA HIS C 674 31.53 35.92 3.89
C HIS C 674 31.87 37.22 4.63
N VAL C 675 31.08 37.54 5.65
CA VAL C 675 31.28 38.71 6.47
C VAL C 675 31.33 38.30 7.92
N ASN C 676 32.12 39.02 8.72
CA ASN C 676 32.32 38.68 10.12
C ASN C 676 31.30 39.35 11.04
N ASN C 677 30.42 40.18 10.51
CA ASN C 677 29.36 40.74 11.34
C ASN C 677 28.20 39.76 11.45
N SER C 678 27.11 40.19 12.07
CA SER C 678 25.95 39.33 12.27
C SER C 678 24.71 40.18 12.34
N TYR C 679 23.80 40.00 11.37
CA TYR C 679 22.56 40.75 11.29
C TYR C 679 21.37 39.81 11.44
N GLU C 680 20.20 40.40 11.65
CA GLU C 680 18.95 39.64 11.68
C GLU C 680 18.63 39.19 10.26
N CYS C 681 18.95 37.95 9.95
CA CYS C 681 18.91 37.48 8.57
C CYS C 681 17.48 37.33 8.07
N ASP C 682 17.32 37.40 6.75
CA ASP C 682 16.02 37.31 6.11
C ASP C 682 15.88 36.11 5.18
N ILE C 683 16.98 35.46 4.80
CA ILE C 683 16.96 34.35 3.86
C ILE C 683 17.44 33.11 4.60
N PRO C 684 16.56 32.19 5.00
CA PRO C 684 17.01 30.99 5.68
C PRO C 684 17.69 30.03 4.71
N ILE C 685 18.83 29.50 5.13
CA ILE C 685 19.56 28.53 4.32
C ILE C 685 19.71 27.24 5.10
N GLY C 686 20.30 27.33 6.29
CA GLY C 686 20.52 26.18 7.14
C GLY C 686 21.79 26.33 7.93
N ALA C 687 21.86 25.57 9.03
CA ALA C 687 23.03 25.53 9.92
C ALA C 687 23.35 26.92 10.48
N GLY C 688 22.34 27.76 10.67
CA GLY C 688 22.55 29.08 11.21
C GLY C 688 23.14 30.08 10.24
N ILE C 689 23.24 29.73 8.96
CA ILE C 689 23.83 30.59 7.94
C ILE C 689 22.71 31.16 7.08
N CYS C 690 22.75 32.46 6.83
CA CYS C 690 21.72 33.12 6.03
C CYS C 690 22.33 33.92 4.88
N ALA C 691 21.51 34.73 4.21
CA ALA C 691 21.96 35.55 3.12
C ALA C 691 21.12 36.82 3.08
N SER C 692 21.63 37.83 2.37
CA SER C 692 20.97 39.11 2.32
C SER C 692 21.41 39.86 1.07
N TYR C 693 20.87 41.06 0.90
CA TYR C 693 21.17 41.93 -0.23
C TYR C 693 21.69 43.25 0.35
N GLN C 694 22.99 43.33 0.60
CA GLN C 694 23.59 44.49 1.24
C GLN C 694 24.91 44.83 0.55
N THR C 695 25.19 46.13 0.45
CA THR C 695 26.42 46.61 -0.19
C THR C 695 27.65 46.18 0.60
N SER C 708 28.87 48.72 -6.32
CA SER C 708 29.47 47.63 -5.56
C SER C 708 28.41 46.88 -4.76
N GLN C 709 27.83 45.85 -5.36
CA GLN C 709 26.78 45.06 -4.75
C GLN C 709 27.11 43.58 -4.81
N SER C 710 26.79 42.87 -3.73
CA SER C 710 27.01 41.43 -3.65
C SER C 710 26.11 40.87 -2.57
N ILE C 711 25.98 39.54 -2.57
CA ILE C 711 25.18 38.83 -1.58
C ILE C 711 26.13 38.32 -0.49
N ILE C 712 25.83 38.67 0.76
CA ILE C 712 26.67 38.34 1.90
C ILE C 712 26.01 37.20 2.67
N ALA C 713 26.85 36.33 3.23
CA ALA C 713 26.38 35.22 4.05
C ALA C 713 27.05 35.30 5.42
N TYR C 714 26.27 35.04 6.47
CA TYR C 714 26.77 35.19 7.82
C TYR C 714 25.93 34.37 8.79
N THR C 715 26.49 34.11 9.96
CA THR C 715 25.72 33.54 11.04
C THR C 715 24.71 34.57 11.55
N MET C 716 23.45 34.15 11.67
CA MET C 716 22.39 35.08 12.02
C MET C 716 22.60 35.63 13.42
N SER C 717 22.13 36.86 13.63
CA SER C 717 22.17 37.49 14.94
C SER C 717 20.89 37.12 15.69
N LEU C 718 21.05 36.46 16.83
CA LEU C 718 19.90 36.04 17.62
C LEU C 718 19.14 37.22 18.21
N GLY C 719 19.73 38.41 18.22
CA GLY C 719 19.08 39.59 18.72
C GLY C 719 20.10 40.57 19.23
N ALA C 720 19.60 41.72 19.68
CA ALA C 720 20.45 42.74 20.28
C ALA C 720 20.80 42.32 21.71
N GLU C 721 22.09 42.24 22.00
CA GLU C 721 22.53 41.85 23.34
C GLU C 721 22.15 42.92 24.35
N ASN C 722 21.60 42.49 25.48
CA ASN C 722 21.14 43.40 26.51
C ASN C 722 21.32 42.77 27.88
N SER C 723 21.40 43.63 28.90
CA SER C 723 21.53 43.18 30.28
C SER C 723 20.61 44.02 31.15
N VAL C 724 20.21 43.43 32.27
CA VAL C 724 19.28 44.06 33.21
C VAL C 724 20.06 44.44 34.46
N ALA C 725 19.90 45.69 34.89
CA ALA C 725 20.57 46.20 36.09
C ALA C 725 19.84 45.63 37.32
N TYR C 726 20.19 44.40 37.66
CA TYR C 726 19.57 43.70 38.77
C TYR C 726 20.46 43.77 40.00
N SER C 727 19.81 44.00 41.15
CA SER C 727 20.49 43.97 42.44
C SER C 727 19.47 43.58 43.49
N ASN C 728 19.85 43.69 44.77
CA ASN C 728 18.93 43.35 45.84
C ASN C 728 17.82 44.38 45.99
N ASN C 729 18.12 45.65 45.71
CA ASN C 729 17.18 46.73 46.00
C ASN C 729 17.07 47.70 44.82
N SER C 730 16.94 47.17 43.61
CA SER C 730 16.75 47.97 42.42
C SER C 730 15.39 47.66 41.82
N ILE C 731 14.62 48.69 41.50
CA ILE C 731 13.30 48.53 40.91
C ILE C 731 13.12 49.56 39.80
N ALA C 732 12.37 49.18 38.77
CA ALA C 732 12.04 50.05 37.65
C ALA C 732 10.54 50.16 37.54
N ILE C 733 10.02 51.39 37.52
CA ILE C 733 8.61 51.66 37.38
C ILE C 733 8.41 52.52 36.15
N PRO C 734 7.55 52.14 35.22
CA PRO C 734 7.34 52.99 34.02
C PRO C 734 6.69 54.31 34.37
N THR C 735 7.01 55.33 33.58
CA THR C 735 6.48 56.68 33.75
C THR C 735 5.45 57.04 32.71
N ASN C 736 5.73 56.82 31.43
CA ASN C 736 4.80 57.10 30.35
C ASN C 736 4.37 55.78 29.71
N PHE C 737 3.36 55.88 28.85
CA PHE C 737 2.83 54.70 28.18
C PHE C 737 2.37 55.06 26.79
N THR C 738 2.61 54.16 25.83
CA THR C 738 2.22 54.35 24.44
C THR C 738 1.26 53.24 24.04
N ILE C 739 0.11 53.63 23.49
CA ILE C 739 -0.89 52.69 23.02
C ILE C 739 -0.58 52.37 21.56
N SER C 740 -0.08 51.16 21.31
CA SER C 740 0.31 50.74 19.97
C SER C 740 -0.63 49.63 19.51
N VAL C 741 -1.05 49.70 18.25
CA VAL C 741 -1.97 48.73 17.67
C VAL C 741 -1.23 47.94 16.59
N THR C 742 -1.35 46.62 16.66
CA THR C 742 -0.72 45.72 15.70
C THR C 742 -1.79 44.91 14.97
N THR C 743 -1.35 44.07 14.06
CA THR C 743 -2.24 43.24 13.26
C THR C 743 -1.76 41.79 13.30
N GLU C 744 -2.71 40.89 13.54
CA GLU C 744 -2.46 39.45 13.44
C GLU C 744 -3.54 38.87 12.53
N ILE C 745 -3.12 38.34 11.39
CA ILE C 745 -4.04 37.92 10.34
C ILE C 745 -4.06 36.40 10.30
N LEU C 746 -5.26 35.82 10.40
CA LEU C 746 -5.43 34.38 10.36
C LEU C 746 -6.54 34.03 9.39
N PRO C 747 -6.36 33.03 8.53
CA PRO C 747 -7.43 32.65 7.60
C PRO C 747 -8.59 32.00 8.34
N VAL C 748 -9.78 32.13 7.74
CA VAL C 748 -11.00 31.53 8.26
C VAL C 748 -11.63 30.57 7.25
N SER C 749 -11.69 30.98 5.98
CA SER C 749 -12.29 30.16 4.94
C SER C 749 -11.36 30.14 3.73
N MET C 750 -11.75 29.36 2.72
CA MET C 750 -11.04 29.34 1.45
C MET C 750 -12.03 29.00 0.35
N THR C 751 -11.55 28.98 -0.88
CA THR C 751 -12.41 28.72 -2.03
C THR C 751 -12.96 27.29 -1.98
N LYS C 752 -14.27 27.17 -1.82
CA LYS C 752 -14.91 25.87 -1.80
C LYS C 752 -14.95 25.29 -3.20
N THR C 753 -14.38 24.10 -3.38
CA THR C 753 -14.24 23.47 -4.68
C THR C 753 -14.98 22.14 -4.71
N SER C 754 -15.58 21.83 -5.86
CA SER C 754 -16.27 20.57 -6.07
C SER C 754 -15.80 19.96 -7.39
N VAL C 755 -15.49 18.67 -7.37
CA VAL C 755 -14.98 17.95 -8.53
C VAL C 755 -15.90 16.77 -8.79
N ASP C 756 -16.31 16.60 -10.05
CA ASP C 756 -17.24 15.55 -10.44
C ASP C 756 -16.51 14.23 -10.66
N CYS C 757 -17.20 13.14 -10.38
CA CYS C 757 -16.70 11.81 -10.71
C CYS C 757 -16.55 11.58 -12.21
N THR C 758 -17.58 11.84 -13.00
CA THR C 758 -17.67 11.27 -14.34
C THR C 758 -16.91 12.10 -15.37
N MET C 759 -17.21 13.39 -15.46
CA MET C 759 -16.66 14.21 -16.54
C MET C 759 -15.17 14.43 -16.38
N TYR C 760 -14.65 14.35 -15.15
CA TYR C 760 -13.22 14.52 -14.96
C TYR C 760 -12.43 13.33 -15.52
N ILE C 761 -12.91 12.12 -15.28
CA ILE C 761 -12.19 10.92 -15.69
C ILE C 761 -12.64 10.44 -17.06
N CYS C 762 -13.94 10.33 -17.27
CA CYS C 762 -14.51 9.87 -18.54
C CYS C 762 -15.28 11.03 -19.15
N GLY C 763 -14.61 11.80 -20.00
CA GLY C 763 -15.23 12.97 -20.60
C GLY C 763 -16.31 12.62 -21.60
N ASP C 764 -17.57 12.85 -21.22
CA ASP C 764 -18.76 12.73 -22.07
C ASP C 764 -18.80 11.43 -22.87
N SER C 765 -18.20 10.36 -22.33
CA SER C 765 -18.21 9.06 -22.97
C SER C 765 -18.99 8.07 -22.11
N THR C 766 -20.03 7.48 -22.70
CA THR C 766 -20.84 6.51 -21.96
C THR C 766 -20.15 5.17 -21.81
N GLU C 767 -19.21 4.83 -22.70
CA GLU C 767 -18.49 3.56 -22.57
C GLU C 767 -17.53 3.58 -21.39
N CYS C 768 -16.85 4.70 -21.17
CA CYS C 768 -15.95 4.82 -20.04
C CYS C 768 -16.71 4.87 -18.72
N SER C 769 -17.93 5.39 -18.73
CA SER C 769 -18.73 5.45 -17.51
C SER C 769 -19.09 4.06 -17.02
N ASN C 770 -19.43 3.15 -17.95
CA ASN C 770 -19.74 1.78 -17.55
C ASN C 770 -18.51 1.08 -16.96
N LEU C 771 -17.34 1.31 -17.54
CA LEU C 771 -16.12 0.71 -17.01
C LEU C 771 -15.74 1.33 -15.67
N LEU C 772 -16.03 2.61 -15.46
CA LEU C 772 -15.65 3.28 -14.22
C LEU C 772 -16.45 2.74 -13.04
N LEU C 773 -17.72 2.38 -13.28
CA LEU C 773 -18.55 1.86 -12.19
C LEU C 773 -18.04 0.52 -11.66
N GLN C 774 -17.22 -0.19 -12.44
CA GLN C 774 -16.61 -1.42 -11.96
C GLN C 774 -15.48 -1.18 -10.96
N TYR C 775 -15.06 0.07 -10.79
CA TYR C 775 -14.04 0.41 -9.81
C TYR C 775 -14.61 0.72 -8.43
N GLY C 776 -15.79 0.17 -8.12
CA GLY C 776 -16.35 0.39 -6.80
C GLY C 776 -16.90 1.80 -6.64
N SER C 777 -16.79 2.32 -5.43
CA SER C 777 -17.37 3.61 -5.06
C SER C 777 -16.33 4.56 -4.52
N PHE C 778 -15.18 4.68 -5.20
CA PHE C 778 -14.20 5.68 -4.79
C PHE C 778 -14.77 7.10 -4.92
N CYS C 779 -15.29 7.45 -6.09
CA CYS C 779 -15.70 8.84 -6.31
C CYS C 779 -17.01 9.15 -5.60
N THR C 780 -17.79 8.11 -5.29
CA THR C 780 -18.91 8.30 -4.37
C THR C 780 -18.40 8.70 -2.99
N GLN C 781 -17.29 8.12 -2.57
CA GLN C 781 -16.61 8.58 -1.36
C GLN C 781 -15.92 9.92 -1.60
N LEU C 782 -15.36 10.12 -2.79
CA LEU C 782 -14.69 11.38 -3.08
C LEU C 782 -15.68 12.54 -3.16
N ASN C 783 -16.83 12.32 -3.80
CA ASN C 783 -17.84 13.37 -3.87
C ASN C 783 -18.36 13.71 -2.47
N ARG C 784 -18.61 12.68 -1.65
CA ARG C 784 -19.09 12.92 -0.30
C ARG C 784 -18.06 13.65 0.55
N ALA C 785 -16.78 13.33 0.36
CA ALA C 785 -15.73 14.01 1.11
C ALA C 785 -15.66 15.48 0.76
N LEU C 786 -15.79 15.82 -0.53
CA LEU C 786 -15.72 17.22 -0.94
C LEU C 786 -16.94 17.99 -0.46
N THR C 787 -18.13 17.39 -0.54
CA THR C 787 -19.32 18.06 -0.02
C THR C 787 -19.24 18.25 1.48
N GLY C 788 -18.52 17.35 2.18
CA GLY C 788 -18.30 17.56 3.60
C GLY C 788 -17.45 18.78 3.89
N ILE C 789 -16.44 19.03 3.04
CA ILE C 789 -15.59 20.20 3.22
C ILE C 789 -16.40 21.48 3.05
N ALA C 790 -17.27 21.51 2.03
CA ALA C 790 -18.07 22.71 1.78
C ALA C 790 -18.99 23.03 2.94
N VAL C 791 -19.62 22.01 3.53
CA VAL C 791 -20.46 22.22 4.70
C VAL C 791 -19.61 22.70 5.87
N GLU C 792 -18.45 22.07 6.09
CA GLU C 792 -17.56 22.48 7.16
C GLU C 792 -17.00 23.89 6.90
N GLN C 793 -16.69 24.19 5.65
CA GLN C 793 -16.16 25.51 5.34
C GLN C 793 -17.21 26.60 5.49
N ASP C 794 -18.49 26.26 5.34
CA ASP C 794 -19.54 27.20 5.72
C ASP C 794 -19.59 27.40 7.22
N LYS C 795 -19.28 26.36 7.99
CA LYS C 795 -19.35 26.43 9.45
C LYS C 795 -18.26 27.31 10.04
N ASN C 796 -17.08 27.36 9.40
CA ASN C 796 -15.98 28.14 9.96
C ASN C 796 -16.32 29.62 10.03
N THR C 797 -17.00 30.14 9.00
CA THR C 797 -17.44 31.54 9.03
C THR C 797 -18.44 31.77 10.15
N GLN C 798 -19.34 30.81 10.37
CA GLN C 798 -20.36 30.97 11.41
C GLN C 798 -19.76 30.93 12.80
N GLU C 799 -18.77 30.05 13.02
CA GLU C 799 -18.18 29.93 14.34
C GLU C 799 -17.30 31.12 14.70
N VAL C 800 -16.90 31.92 13.71
CA VAL C 800 -16.06 33.09 13.94
C VAL C 800 -16.89 34.35 14.07
N PHE C 801 -17.74 34.63 13.08
CA PHE C 801 -18.48 35.89 13.06
C PHE C 801 -19.80 35.80 13.79
N ALA C 802 -20.58 34.74 13.57
CA ALA C 802 -21.93 34.64 14.12
C ALA C 802 -21.90 34.23 15.59
N GLN C 803 -21.27 35.09 16.40
CA GLN C 803 -21.30 34.95 17.85
C GLN C 803 -22.36 35.82 18.51
N VAL C 804 -22.93 36.77 17.79
CA VAL C 804 -24.01 37.61 18.28
C VAL C 804 -25.18 37.52 17.30
N LYS C 805 -26.36 37.26 17.84
CA LYS C 805 -27.57 37.18 17.02
C LYS C 805 -28.11 38.56 16.64
N GLN C 806 -27.73 39.60 17.37
CA GLN C 806 -28.28 40.93 17.19
C GLN C 806 -27.27 41.81 16.47
N ILE C 807 -27.72 42.50 15.43
CA ILE C 807 -26.88 43.43 14.68
C ILE C 807 -27.00 44.81 15.32
N TYR C 808 -25.85 45.43 15.59
CA TYR C 808 -25.81 46.71 16.27
C TYR C 808 -25.32 47.79 15.32
N LYS C 809 -25.83 49.00 15.50
CA LYS C 809 -25.47 50.14 14.67
C LYS C 809 -24.75 51.19 15.50
N THR C 810 -23.85 51.91 14.83
CA THR C 810 -23.15 53.01 15.48
C THR C 810 -24.15 54.11 15.85
N PRO C 811 -23.93 54.80 16.98
CA PRO C 811 -24.85 55.88 17.36
C PRO C 811 -24.79 57.01 16.36
N PRO C 812 -25.89 57.74 16.18
CA PRO C 812 -25.88 58.87 15.23
C PRO C 812 -24.94 60.00 15.63
N ILE C 813 -24.57 60.10 16.89
CA ILE C 813 -23.65 61.12 17.38
C ILE C 813 -22.32 60.45 17.69
N LYS C 814 -21.24 61.00 17.15
CA LYS C 814 -19.91 60.42 17.24
C LYS C 814 -19.04 61.14 18.27
N ASP C 815 -19.65 61.54 19.38
CA ASP C 815 -18.92 62.18 20.48
C ASP C 815 -18.31 61.14 21.42
N PHE C 816 -17.34 60.42 20.88
CA PHE C 816 -16.66 59.32 21.58
C PHE C 816 -15.53 59.80 22.48
N GLY C 817 -15.52 61.06 22.88
CA GLY C 817 -14.49 61.56 23.76
C GLY C 817 -13.10 61.57 23.15
N GLY C 818 -12.99 61.90 21.87
CA GLY C 818 -11.73 62.03 21.20
C GLY C 818 -11.32 60.84 20.35
N PHE C 819 -11.93 59.68 20.55
CA PHE C 819 -11.59 58.50 19.79
C PHE C 819 -12.33 58.54 18.45
N ASN C 820 -11.57 58.55 17.36
CA ASN C 820 -12.12 58.67 16.01
C ASN C 820 -12.01 57.32 15.32
N PHE C 821 -13.13 56.60 15.25
CA PHE C 821 -13.20 55.30 14.62
C PHE C 821 -13.76 55.34 13.21
N SER C 822 -13.93 56.54 12.65
CA SER C 822 -14.53 56.67 11.32
C SER C 822 -13.63 56.10 10.23
N GLN C 823 -12.36 55.84 10.52
CA GLN C 823 -11.49 55.19 9.56
C GLN C 823 -11.69 53.68 9.50
N ILE C 824 -12.45 53.10 10.43
CA ILE C 824 -12.73 51.67 10.43
C ILE C 824 -14.21 51.35 10.51
N LEU C 825 -15.06 52.30 10.90
CA LEU C 825 -16.50 52.05 10.87
C LEU C 825 -17.01 52.11 9.43
N PRO C 826 -18.14 51.46 9.15
CA PRO C 826 -18.73 51.56 7.81
C PRO C 826 -19.16 52.99 7.50
N ASP C 827 -19.05 53.35 6.22
CA ASP C 827 -19.39 54.68 5.76
C ASP C 827 -20.55 54.63 4.77
N PRO C 828 -21.48 55.59 4.84
CA PRO C 828 -22.62 55.60 3.91
C PRO C 828 -22.29 56.14 2.52
N SER C 829 -21.02 56.42 2.22
CA SER C 829 -20.66 56.91 0.89
C SER C 829 -20.85 55.82 -0.16
N LYS C 830 -20.15 54.71 0.00
CA LYS C 830 -20.32 53.59 -0.92
C LYS C 830 -21.66 52.90 -0.65
N PRO C 831 -22.26 52.29 -1.68
CA PRO C 831 -23.57 51.64 -1.49
C PRO C 831 -23.54 50.50 -0.47
N SER C 832 -22.44 49.75 -0.39
CA SER C 832 -22.34 48.67 0.57
C SER C 832 -21.93 49.19 1.94
N LYS C 833 -22.00 48.31 2.94
CA LYS C 833 -21.57 48.63 4.29
C LYS C 833 -20.09 48.37 4.52
N ARG C 834 -19.31 48.31 3.45
CA ARG C 834 -17.89 48.05 3.56
C ARG C 834 -17.18 49.25 4.17
N SER C 835 -16.15 48.97 4.98
CA SER C 835 -15.46 50.01 5.73
C SER C 835 -14.27 50.56 4.96
N PHE C 836 -13.65 51.62 5.51
CA PHE C 836 -12.52 52.25 4.86
C PHE C 836 -11.27 51.38 4.86
N ILE C 837 -11.18 50.42 5.77
CA ILE C 837 -10.05 49.51 5.78
C ILE C 837 -10.36 48.21 5.06
N GLU C 838 -11.64 47.82 5.02
CA GLU C 838 -12.01 46.56 4.38
C GLU C 838 -11.76 46.58 2.88
N ASP C 839 -12.10 47.68 2.21
CA ASP C 839 -11.81 47.78 0.79
C ASP C 839 -10.32 47.89 0.53
N LEU C 840 -9.58 48.52 1.43
CA LEU C 840 -8.12 48.51 1.34
C LEU C 840 -7.58 47.09 1.49
N LEU C 841 -8.16 46.31 2.41
CA LEU C 841 -7.77 44.91 2.53
C LEU C 841 -8.28 44.09 1.36
N PHE C 842 -9.45 44.44 0.82
CA PHE C 842 -10.02 43.69 -0.29
C PHE C 842 -9.20 43.83 -1.57
N ASN C 843 -8.38 44.87 -1.69
CA ASN C 843 -7.65 45.12 -2.92
C ASN C 843 -6.24 44.55 -2.91
N LYS C 844 -5.68 44.27 -1.73
CA LYS C 844 -4.28 43.84 -1.67
C LYS C 844 -4.11 42.42 -2.18
N VAL C 845 -4.99 41.50 -1.76
CA VAL C 845 -4.88 40.09 -2.13
C VAL C 845 -5.85 39.81 -3.27
N THR C 846 -5.39 39.04 -4.25
CA THR C 846 -6.19 38.70 -5.42
C THR C 846 -6.20 37.18 -5.61
N LEU C 847 -7.26 36.70 -6.25
CA LEU C 847 -7.40 35.27 -6.53
C LEU C 847 -6.36 34.80 -7.55
N ASP C 867 -8.77 32.15 -20.52
CA ASP C 867 -8.61 32.68 -19.17
C ASP C 867 -8.18 31.59 -18.20
N LEU C 868 -7.48 31.98 -17.13
CA LEU C 868 -7.05 31.01 -16.13
C LEU C 868 -8.24 30.40 -15.39
N ILE C 869 -9.24 31.21 -15.06
CA ILE C 869 -10.40 30.70 -14.35
C ILE C 869 -11.35 29.98 -15.31
N CYS C 870 -11.31 30.32 -16.59
CA CYS C 870 -12.19 29.66 -17.56
C CYS C 870 -11.69 28.26 -17.91
N ALA C 871 -10.37 28.05 -17.90
CA ALA C 871 -9.81 26.74 -18.23
C ALA C 871 -10.23 25.70 -17.20
N GLN C 872 -10.24 26.07 -15.92
CA GLN C 872 -10.69 25.15 -14.89
C GLN C 872 -12.16 24.80 -15.06
N LYS C 873 -12.99 25.78 -15.42
CA LYS C 873 -14.41 25.52 -15.64
C LYS C 873 -14.64 24.63 -16.85
N PHE C 874 -13.83 24.78 -17.90
CA PHE C 874 -14.04 24.02 -19.13
C PHE C 874 -13.78 22.53 -18.95
N ASN C 875 -13.04 22.14 -17.91
CA ASN C 875 -12.73 20.74 -17.67
C ASN C 875 -13.63 20.10 -16.63
N GLY C 876 -14.63 20.83 -16.13
CA GLY C 876 -15.56 20.28 -15.18
C GLY C 876 -15.25 20.54 -13.72
N LEU C 877 -14.33 21.46 -13.42
CA LEU C 877 -13.99 21.81 -12.05
C LEU C 877 -14.73 23.10 -11.69
N THR C 878 -15.75 22.98 -10.84
CA THR C 878 -16.60 24.11 -10.49
C THR C 878 -16.23 24.66 -9.12
N VAL C 879 -16.72 25.86 -8.84
CA VAL C 879 -16.49 26.55 -7.58
C VAL C 879 -17.84 26.91 -6.98
N LEU C 880 -18.13 26.43 -5.78
CA LEU C 880 -19.37 26.78 -5.11
C LEU C 880 -19.22 28.13 -4.41
N PRO C 881 -20.22 29.00 -4.52
CA PRO C 881 -20.15 30.29 -3.83
C PRO C 881 -20.20 30.09 -2.32
N PRO C 882 -19.56 30.96 -1.56
CA PRO C 882 -19.61 30.85 -0.10
C PRO C 882 -20.99 31.16 0.44
N LEU C 883 -21.26 30.63 1.64
CA LEU C 883 -22.56 30.84 2.28
C LEU C 883 -22.78 32.31 2.62
N LEU C 884 -21.76 32.99 3.11
CA LEU C 884 -21.85 34.40 3.49
C LEU C 884 -21.18 35.24 2.40
N THR C 885 -21.91 36.20 1.85
CA THR C 885 -21.40 37.00 0.76
C THR C 885 -20.46 38.09 1.29
N ASP C 886 -19.73 38.71 0.36
CA ASP C 886 -18.70 39.68 0.74
C ASP C 886 -19.32 40.95 1.31
N GLU C 887 -20.33 41.50 0.63
CA GLU C 887 -20.95 42.74 1.08
C GLU C 887 -21.79 42.55 2.34
N MET C 888 -22.11 41.31 2.71
CA MET C 888 -22.95 41.04 3.86
C MET C 888 -22.15 40.65 5.09
N ILE C 889 -20.98 40.02 4.92
CA ILE C 889 -20.16 39.63 6.05
C ILE C 889 -19.64 40.84 6.82
N ALA C 890 -19.57 42.00 6.17
CA ALA C 890 -19.13 43.22 6.86
C ALA C 890 -20.15 43.70 7.88
N GLN C 891 -21.41 43.30 7.75
CA GLN C 891 -22.42 43.69 8.73
C GLN C 891 -22.10 43.13 10.11
N TYR C 892 -21.63 41.88 10.17
CA TYR C 892 -21.16 41.31 11.42
C TYR C 892 -19.98 42.11 11.96
N THR C 893 -19.06 42.51 11.08
CA THR C 893 -17.94 43.34 11.51
C THR C 893 -18.41 44.68 12.04
N SER C 894 -19.38 45.31 11.35
CA SER C 894 -19.90 46.59 11.79
C SER C 894 -20.62 46.46 13.13
N ALA C 895 -21.40 45.38 13.29
CA ALA C 895 -22.14 45.19 14.54
C ALA C 895 -21.19 44.99 15.72
N LEU C 896 -20.15 44.18 15.53
CA LEU C 896 -19.18 43.95 16.60
C LEU C 896 -18.37 45.20 16.89
N LEU C 897 -18.09 46.01 15.87
CA LEU C 897 -17.55 47.34 16.12
C LEU C 897 -18.55 48.20 16.89
N ALA C 898 -19.83 48.11 16.53
CA ALA C 898 -20.85 48.84 17.26
C ALA C 898 -21.06 48.24 18.65
N GLY C 899 -21.05 46.91 18.75
CA GLY C 899 -21.28 46.28 20.04
C GLY C 899 -20.18 46.54 21.05
N THR C 900 -18.92 46.50 20.60
CA THR C 900 -17.82 46.71 21.52
C THR C 900 -17.73 48.16 21.99
N ILE C 901 -17.89 49.11 21.07
CA ILE C 901 -17.74 50.51 21.43
C ILE C 901 -18.90 50.98 22.29
N THR C 902 -20.13 50.64 21.91
CA THR C 902 -21.30 51.16 22.60
C THR C 902 -21.62 50.43 23.89
N SER C 903 -21.26 49.15 24.00
CA SER C 903 -21.66 48.35 25.16
C SER C 903 -20.50 47.72 25.92
N GLY C 904 -19.28 47.75 25.40
CA GLY C 904 -18.17 47.13 26.08
C GLY C 904 -18.19 45.62 25.99
N TRP C 905 -17.87 44.95 27.09
CA TRP C 905 -17.89 43.49 27.13
C TRP C 905 -19.26 42.92 27.43
N THR C 906 -20.25 43.77 27.66
CA THR C 906 -21.55 43.28 28.14
C THR C 906 -22.30 42.50 27.07
N PHE C 907 -22.21 42.93 25.80
CA PHE C 907 -23.00 42.30 24.75
C PHE C 907 -22.57 40.86 24.47
N GLY C 908 -21.39 40.46 24.93
CA GLY C 908 -20.99 39.07 24.85
C GLY C 908 -21.57 38.18 25.92
N ALA C 909 -22.28 38.76 26.89
CA ALA C 909 -22.91 37.99 27.96
C ALA C 909 -24.42 37.97 27.85
N GLY C 910 -24.99 38.51 26.77
CA GLY C 910 -26.43 38.54 26.62
C GLY C 910 -26.91 39.87 26.09
N ALA C 911 -27.88 40.47 26.77
CA ALA C 911 -28.36 41.80 26.38
C ALA C 911 -27.28 42.84 26.63
N ALA C 912 -27.05 43.70 25.64
CA ALA C 912 -26.01 44.70 25.76
C ALA C 912 -26.39 45.76 26.79
N LEU C 913 -25.36 46.36 27.38
CA LEU C 913 -25.53 47.41 28.39
C LEU C 913 -24.81 48.64 27.89
N GLN C 914 -25.56 49.72 27.63
CA GLN C 914 -24.94 50.91 27.08
C GLN C 914 -24.00 51.55 28.09
N ILE C 915 -22.88 52.07 27.59
CA ILE C 915 -21.81 52.57 28.44
C ILE C 915 -20.94 53.51 27.60
N PRO C 916 -20.61 54.70 28.10
CA PRO C 916 -19.79 55.62 27.31
C PRO C 916 -18.35 55.14 27.23
N PHE C 917 -17.67 55.58 26.17
CA PHE C 917 -16.29 55.15 25.93
C PHE C 917 -15.34 55.62 27.02
N ALA C 918 -15.65 56.72 27.70
CA ALA C 918 -14.86 57.13 28.85
C ALA C 918 -14.96 56.10 29.97
N MET C 919 -16.16 55.56 30.20
CA MET C 919 -16.32 54.51 31.20
C MET C 919 -15.68 53.21 30.72
N GLN C 920 -15.93 52.84 29.46
CA GLN C 920 -15.49 51.55 28.95
C GLN C 920 -13.97 51.45 28.91
N MET C 921 -13.29 52.50 28.43
CA MET C 921 -11.84 52.46 28.38
C MET C 921 -11.24 52.43 29.77
N ALA C 922 -11.80 53.21 30.70
CA ALA C 922 -11.26 53.24 32.06
C ALA C 922 -11.43 51.89 32.75
N TYR C 923 -12.56 51.22 32.52
CA TYR C 923 -12.81 49.96 33.20
C TYR C 923 -11.95 48.83 32.64
N ARG C 924 -11.46 48.97 31.41
CA ARG C 924 -10.46 48.04 30.90
C ARG C 924 -9.11 48.25 31.55
N PHE C 925 -8.80 49.49 31.94
CA PHE C 925 -7.51 49.76 32.58
C PHE C 925 -7.40 49.09 33.94
N ASN C 926 -8.50 49.00 34.68
CA ASN C 926 -8.48 48.34 35.98
C ASN C 926 -8.22 46.84 35.87
N GLY C 927 -8.39 46.27 34.69
CA GLY C 927 -8.15 44.86 34.47
C GLY C 927 -6.71 44.49 34.16
N ILE C 928 -5.82 45.46 34.05
CA ILE C 928 -4.41 45.18 33.80
C ILE C 928 -3.53 45.71 34.93
N GLY C 929 -4.14 46.01 36.08
CA GLY C 929 -3.39 46.46 37.23
C GLY C 929 -3.17 47.95 37.33
N VAL C 930 -3.56 48.72 36.32
CA VAL C 930 -3.38 50.17 36.32
C VAL C 930 -4.66 50.81 36.84
N THR C 931 -4.53 51.64 37.86
CA THR C 931 -5.69 52.31 38.45
C THR C 931 -6.33 53.24 37.44
N GLN C 932 -7.67 53.30 37.46
CA GLN C 932 -8.41 54.09 36.49
C GLN C 932 -8.20 55.59 36.66
N ASN C 933 -7.58 56.03 37.77
CA ASN C 933 -7.28 57.45 37.93
C ASN C 933 -6.28 57.97 36.90
N VAL C 934 -5.46 57.08 36.33
CA VAL C 934 -4.45 57.51 35.37
C VAL C 934 -5.12 58.04 34.10
N LEU C 935 -6.26 57.45 33.72
CA LEU C 935 -6.86 57.74 32.42
C LEU C 935 -7.34 59.18 32.33
N TYR C 936 -8.14 59.64 33.30
CA TYR C 936 -8.81 60.92 33.15
C TYR C 936 -7.89 62.11 33.35
N GLU C 937 -6.69 61.88 33.89
CA GLU C 937 -5.63 62.87 33.80
C GLU C 937 -4.74 62.66 32.58
N ASN C 938 -5.07 61.69 31.72
CA ASN C 938 -4.29 61.46 30.51
C ASN C 938 -5.19 61.15 29.31
N GLN C 939 -6.48 61.44 29.40
CA GLN C 939 -7.42 61.05 28.33
C GLN C 939 -7.14 61.81 27.04
N LYS C 940 -6.88 63.11 27.13
CA LYS C 940 -6.69 63.92 25.94
C LYS C 940 -5.47 63.47 25.14
N LEU C 941 -4.40 63.10 25.84
CA LEU C 941 -3.21 62.60 25.15
C LEU C 941 -3.45 61.21 24.56
N ILE C 942 -4.25 60.38 25.25
CA ILE C 942 -4.53 59.04 24.76
C ILE C 942 -5.29 59.09 23.45
N ALA C 943 -6.30 59.96 23.37
CA ALA C 943 -7.09 60.07 22.14
C ALA C 943 -6.24 60.51 20.96
N ASN C 944 -5.33 61.46 21.18
CA ASN C 944 -4.38 61.82 20.14
C ASN C 944 -3.43 60.66 19.85
N GLN C 945 -3.02 59.94 20.90
CA GLN C 945 -2.17 58.76 20.69
C GLN C 945 -2.91 57.67 19.92
N PHE C 946 -4.19 57.45 20.25
CA PHE C 946 -4.96 56.44 19.55
C PHE C 946 -5.19 56.82 18.09
N ASN C 947 -5.48 58.10 17.83
CA ASN C 947 -5.74 58.52 16.45
C ASN C 947 -4.52 58.36 15.57
N SER C 948 -3.34 58.69 16.09
CA SER C 948 -2.11 58.49 15.32
C SER C 948 -1.77 57.02 15.18
N ALA C 949 -2.14 56.20 16.17
CA ALA C 949 -1.85 54.77 16.10
C ALA C 949 -2.65 54.10 14.98
N ILE C 950 -3.92 54.49 14.81
CA ILE C 950 -4.73 53.92 13.75
C ILE C 950 -4.18 54.30 12.39
N GLY C 951 -3.67 55.53 12.26
CA GLY C 951 -3.12 55.98 10.99
C GLY C 951 -1.89 55.22 10.54
N LYS C 952 -1.23 54.50 11.46
CA LYS C 952 -0.09 53.69 11.06
C LYS C 952 -0.49 52.51 10.19
N ILE C 953 -1.69 51.96 10.41
CA ILE C 953 -2.15 50.84 9.60
C ILE C 953 -2.37 51.28 8.16
N GLN C 954 -3.02 52.45 7.97
CA GLN C 954 -3.25 52.95 6.62
C GLN C 954 -1.95 53.26 5.91
N ASP C 955 -0.97 53.83 6.62
CA ASP C 955 0.32 54.10 6.02
C ASP C 955 1.05 52.82 5.65
N SER C 956 0.95 51.79 6.50
CA SER C 956 1.67 50.54 6.29
C SER C 956 0.95 49.57 5.36
N LEU C 957 -0.29 49.84 5.00
CA LEU C 957 -1.04 48.93 4.14
C LEU C 957 -1.41 49.50 2.79
N SER C 958 -1.60 50.82 2.68
CA SER C 958 -1.92 51.43 1.39
C SER C 958 -0.69 51.63 0.52
N SER C 959 0.51 51.43 1.05
CA SER C 959 1.74 51.57 0.30
C SER C 959 2.09 50.24 -0.37
N THR C 960 3.30 50.15 -0.91
CA THR C 960 3.75 48.92 -1.57
C THR C 960 4.14 47.83 -0.59
N ALA C 961 4.23 48.13 0.70
CA ALA C 961 4.58 47.13 1.69
C ALA C 961 3.40 46.19 1.92
N SER C 962 3.60 44.89 1.69
CA SER C 962 2.55 43.89 1.80
C SER C 962 2.68 43.19 3.15
N ALA C 963 1.74 43.47 4.05
CA ALA C 963 1.68 42.82 5.35
C ALA C 963 0.71 41.64 5.38
N LEU C 964 -0.02 41.41 4.29
CA LEU C 964 -0.97 40.29 4.21
C LEU C 964 -0.30 39.08 3.57
N GLY C 965 0.80 38.66 4.19
CA GLY C 965 1.56 37.55 3.63
C GLY C 965 0.91 36.20 3.85
N LYS C 966 0.21 36.02 4.97
CA LYS C 966 -0.39 34.73 5.28
C LYS C 966 -1.61 34.47 4.41
N LEU C 967 -2.46 35.48 4.22
CA LEU C 967 -3.65 35.30 3.40
C LEU C 967 -3.31 35.15 1.93
N GLN C 968 -2.23 35.79 1.47
CA GLN C 968 -1.84 35.67 0.08
C GLN C 968 -1.42 34.24 -0.26
N ASP C 969 -0.69 33.60 0.65
CA ASP C 969 -0.19 32.25 0.36
C ASP C 969 -1.31 31.22 0.37
N VAL C 970 -2.22 31.30 1.34
CA VAL C 970 -3.27 30.28 1.48
C VAL C 970 -4.18 30.31 0.26
N VAL C 971 -4.59 31.51 -0.18
CA VAL C 971 -5.41 31.60 -1.38
C VAL C 971 -4.63 31.12 -2.60
N ASN C 972 -3.36 31.50 -2.69
CA ASN C 972 -2.52 31.05 -3.81
C ASN C 972 -2.27 29.55 -3.76
N GLN C 973 -2.09 28.98 -2.56
CA GLN C 973 -1.77 27.56 -2.44
C GLN C 973 -2.90 26.69 -2.97
N ASN C 974 -4.15 27.04 -2.65
CA ASN C 974 -5.28 26.31 -3.21
C ASN C 974 -5.37 26.48 -4.71
N ALA C 975 -5.11 27.70 -5.20
CA ALA C 975 -5.09 27.92 -6.64
C ALA C 975 -3.94 27.17 -7.30
N GLN C 976 -2.77 27.15 -6.65
CA GLN C 976 -1.62 26.44 -7.21
C GLN C 976 -1.85 24.94 -7.22
N ALA C 977 -2.55 24.41 -6.22
CA ALA C 977 -2.88 22.99 -6.23
C ALA C 977 -3.94 22.68 -7.28
N LEU C 978 -4.93 23.55 -7.43
CA LEU C 978 -5.96 23.34 -8.44
C LEU C 978 -5.38 23.41 -9.85
N ASN C 979 -4.49 24.38 -10.10
CA ASN C 979 -3.89 24.50 -11.42
C ASN C 979 -3.00 23.30 -11.74
N THR C 980 -2.29 22.80 -10.74
CA THR C 980 -1.41 21.65 -10.97
C THR C 980 -2.22 20.40 -11.27
N LEU C 981 -3.43 20.29 -10.71
CA LEU C 981 -4.31 19.17 -11.04
C LEU C 981 -4.69 19.20 -12.51
N VAL C 982 -4.93 20.38 -13.07
CA VAL C 982 -5.35 20.49 -14.46
C VAL C 982 -4.23 20.03 -15.39
N LYS C 983 -2.98 20.33 -15.04
CA LYS C 983 -1.85 20.00 -15.91
C LYS C 983 -1.72 18.49 -16.11
N GLN C 984 -2.15 17.69 -15.13
CA GLN C 984 -1.95 16.25 -15.21
C GLN C 984 -2.86 15.59 -16.24
N LEU C 985 -3.90 16.29 -16.70
CA LEU C 985 -4.73 15.78 -17.78
C LEU C 985 -3.98 15.67 -19.11
N SER C 986 -2.83 16.33 -19.22
CA SER C 986 -2.05 16.33 -20.46
C SER C 986 -1.13 15.13 -20.58
N SER C 987 -1.10 14.25 -19.59
CA SER C 987 -0.23 13.08 -19.58
C SER C 987 -1.03 11.82 -19.84
N ASN C 988 -0.52 10.97 -20.71
CA ASN C 988 -1.22 9.77 -21.13
C ASN C 988 -1.11 8.61 -20.15
N PHE C 989 -0.23 8.70 -19.15
CA PHE C 989 0.00 7.62 -18.18
C PHE C 989 0.36 6.30 -18.87
N GLY C 990 1.15 6.39 -19.94
CA GLY C 990 1.56 5.22 -20.67
C GLY C 990 0.65 4.82 -21.82
N ALA C 991 -0.46 5.52 -22.02
CA ALA C 991 -1.38 5.20 -23.10
C ALA C 991 -0.87 5.81 -24.41
N ILE C 992 -1.60 5.53 -25.50
CA ILE C 992 -1.19 6.04 -26.80
C ILE C 992 -1.48 7.53 -26.95
N SER C 993 -2.38 8.08 -26.15
CA SER C 993 -2.72 9.50 -26.24
C SER C 993 -3.22 9.98 -24.90
N SER C 994 -3.14 11.28 -24.69
CA SER C 994 -3.57 11.91 -23.45
C SER C 994 -5.01 12.38 -23.50
N VAL C 995 -5.70 12.20 -24.63
CA VAL C 995 -7.08 12.62 -24.80
C VAL C 995 -7.94 11.38 -24.98
N LEU C 996 -9.04 11.30 -24.22
CA LEU C 996 -9.94 10.17 -24.34
C LEU C 996 -10.77 10.23 -25.62
N ASN C 997 -10.88 11.40 -26.25
CA ASN C 997 -11.78 11.57 -27.38
C ASN C 997 -11.32 10.76 -28.59
N ASP C 998 -10.03 10.84 -28.92
CA ASP C 998 -9.52 10.17 -30.11
C ASP C 998 -9.06 8.74 -29.85
N ILE C 999 -9.03 8.29 -28.59
CA ILE C 999 -8.71 6.90 -28.31
C ILE C 999 -9.86 6.00 -28.75
N LEU C 1000 -11.10 6.39 -28.46
CA LEU C 1000 -12.25 5.59 -28.85
C LEU C 1000 -12.41 5.51 -30.36
N SER C 1001 -11.92 6.50 -31.10
CA SER C 1001 -12.01 6.49 -32.55
C SER C 1001 -10.91 5.66 -33.22
N ARG C 1002 -10.00 5.09 -32.43
CA ARG C 1002 -8.93 4.25 -32.97
C ARG C 1002 -8.99 2.81 -32.50
N LEU C 1003 -9.67 2.52 -31.40
CA LEU C 1003 -9.71 1.18 -30.83
C LEU C 1003 -11.14 0.73 -30.64
N ASP C 1004 -11.42 -0.52 -30.99
CA ASP C 1004 -12.73 -1.09 -30.75
C ASP C 1004 -12.92 -1.38 -29.26
N PRO C 1005 -14.16 -1.39 -28.78
CA PRO C 1005 -14.42 -1.59 -27.34
C PRO C 1005 -13.92 -2.93 -26.82
N PRO C 1006 -13.87 -4.01 -27.63
CA PRO C 1006 -13.20 -5.23 -27.14
C PRO C 1006 -11.77 -5.02 -26.68
N GLU C 1007 -11.00 -4.18 -27.37
CA GLU C 1007 -9.61 -3.90 -27.00
C GLU C 1007 -9.40 -2.51 -26.43
N ALA C 1008 -10.43 -1.64 -26.45
CA ALA C 1008 -10.28 -0.32 -25.86
C ALA C 1008 -10.19 -0.36 -24.35
N GLU C 1009 -10.62 -1.45 -23.71
CA GLU C 1009 -10.55 -1.53 -22.26
C GLU C 1009 -9.12 -1.56 -21.76
N VAL C 1010 -8.19 -2.09 -22.56
CA VAL C 1010 -6.80 -2.19 -22.11
C VAL C 1010 -6.17 -0.82 -22.02
N GLN C 1011 -6.34 0.02 -23.05
CA GLN C 1011 -5.68 1.31 -23.08
C GLN C 1011 -6.34 2.31 -22.13
N ILE C 1012 -7.67 2.32 -22.06
CA ILE C 1012 -8.36 3.28 -21.22
C ILE C 1012 -8.11 2.98 -19.74
N ASP C 1013 -7.99 1.70 -19.38
CA ASP C 1013 -7.77 1.33 -17.99
C ASP C 1013 -6.48 1.92 -17.44
N ARG C 1014 -5.45 2.05 -18.28
CA ARG C 1014 -4.23 2.70 -17.85
C ARG C 1014 -4.47 4.16 -17.49
N LEU C 1015 -5.29 4.85 -18.29
CA LEU C 1015 -5.59 6.25 -18.01
C LEU C 1015 -6.49 6.38 -16.78
N ILE C 1016 -7.35 5.41 -16.52
CA ILE C 1016 -8.24 5.47 -15.37
C ILE C 1016 -7.44 5.42 -14.07
N THR C 1017 -6.48 4.50 -13.99
CA THR C 1017 -5.67 4.36 -12.78
C THR C 1017 -4.85 5.61 -12.51
N GLY C 1018 -4.43 6.31 -13.57
CA GLY C 1018 -3.72 7.56 -13.38
C GLY C 1018 -4.60 8.73 -13.00
N ARG C 1019 -5.89 8.66 -13.31
CA ARG C 1019 -6.79 9.76 -12.99
C ARG C 1019 -7.46 9.63 -11.63
N LEU C 1020 -7.73 8.41 -11.18
CA LEU C 1020 -8.15 8.22 -9.79
C LEU C 1020 -7.03 8.61 -8.83
N GLN C 1021 -5.80 8.22 -9.16
CA GLN C 1021 -4.66 8.64 -8.36
C GLN C 1021 -4.44 10.15 -8.45
N SER C 1022 -4.92 10.80 -9.52
CA SER C 1022 -4.93 12.26 -9.56
C SER C 1022 -5.88 12.81 -8.50
N LEU C 1023 -7.06 12.22 -8.36
CA LEU C 1023 -8.01 12.68 -7.36
C LEU C 1023 -7.62 12.26 -5.95
N GLN C 1024 -7.02 11.08 -5.80
CA GLN C 1024 -6.60 10.64 -4.47
C GLN C 1024 -5.56 11.58 -3.87
N THR C 1025 -4.64 12.07 -4.70
CA THR C 1025 -3.67 13.05 -4.21
C THR C 1025 -4.35 14.36 -3.84
N TYR C 1026 -5.33 14.81 -4.65
CA TYR C 1026 -5.97 16.09 -4.40
C TYR C 1026 -6.84 16.07 -3.17
N VAL C 1027 -7.67 15.03 -3.03
CA VAL C 1027 -8.60 14.97 -1.91
C VAL C 1027 -7.86 14.83 -0.58
N THR C 1028 -6.79 14.03 -0.58
CA THR C 1028 -6.00 13.89 0.64
C THR C 1028 -5.36 15.20 1.05
N GLN C 1029 -4.80 15.95 0.08
CA GLN C 1029 -4.19 17.23 0.40
C GLN C 1029 -5.22 18.25 0.87
N GLN C 1030 -6.40 18.27 0.22
CA GLN C 1030 -7.42 19.24 0.60
C GLN C 1030 -7.94 18.99 2.01
N LEU C 1031 -8.14 17.72 2.37
CA LEU C 1031 -8.57 17.39 3.74
C LEU C 1031 -7.50 17.78 4.75
N ILE C 1032 -6.22 17.54 4.42
CA ILE C 1032 -5.14 17.97 5.29
C ILE C 1032 -5.12 19.49 5.39
N ARG C 1033 -5.25 20.18 4.26
CA ARG C 1033 -5.32 21.64 4.29
C ARG C 1033 -6.59 22.14 4.96
N ALA C 1034 -7.66 21.34 4.93
CA ALA C 1034 -8.87 21.71 5.66
C ALA C 1034 -8.62 21.75 7.15
N ALA C 1035 -7.84 20.78 7.66
CA ALA C 1035 -7.50 20.76 9.08
C ALA C 1035 -6.64 21.97 9.46
N GLU C 1036 -5.77 22.42 8.55
CA GLU C 1036 -4.94 23.59 8.83
C GLU C 1036 -5.79 24.83 9.02
N ILE C 1037 -6.79 25.03 8.16
CA ILE C 1037 -7.70 26.15 8.32
C ILE C 1037 -8.60 25.96 9.54
N ARG C 1038 -9.04 24.71 9.77
CA ARG C 1038 -9.98 24.44 10.84
C ARG C 1038 -9.40 24.76 12.20
N ALA C 1039 -8.13 24.41 12.42
CA ALA C 1039 -7.46 24.80 13.65
C ALA C 1039 -7.26 26.31 13.71
N SER C 1040 -6.92 26.92 12.58
CA SER C 1040 -6.74 28.37 12.54
C SER C 1040 -8.04 29.11 12.78
N ALA C 1041 -9.13 28.63 12.17
CA ALA C 1041 -10.43 29.27 12.38
C ALA C 1041 -10.89 29.16 13.82
N ASN C 1042 -10.68 27.99 14.43
CA ASN C 1042 -11.02 27.83 15.84
C ASN C 1042 -10.13 28.71 16.72
N LEU C 1043 -8.85 28.85 16.35
CA LEU C 1043 -7.97 29.75 17.08
C LEU C 1043 -8.44 31.20 16.96
N ALA C 1044 -8.89 31.60 15.76
CA ALA C 1044 -9.48 32.92 15.60
C ALA C 1044 -10.77 33.04 16.40
N ALA C 1045 -11.59 31.99 16.38
CA ALA C 1045 -12.84 32.00 17.14
C ALA C 1045 -12.57 32.08 18.64
N THR C 1046 -11.54 31.37 19.10
CA THR C 1046 -11.15 31.51 20.50
C THR C 1046 -10.70 32.94 20.81
N LYS C 1047 -9.94 33.54 19.89
CA LYS C 1047 -9.60 34.95 20.04
C LYS C 1047 -10.81 35.84 19.79
N MET C 1048 -11.82 35.33 19.09
CA MET C 1048 -13.00 36.13 18.81
C MET C 1048 -13.89 36.26 20.05
N SER C 1049 -13.91 35.24 20.90
CA SER C 1049 -14.70 35.32 22.12
C SER C 1049 -13.95 35.96 23.28
N GLU C 1050 -12.63 36.14 23.15
CA GLU C 1050 -11.81 36.64 24.24
C GLU C 1050 -11.24 38.02 23.98
N CYS C 1051 -10.62 38.23 22.81
CA CYS C 1051 -9.88 39.46 22.58
C CYS C 1051 -10.76 40.65 22.24
N VAL C 1052 -12.00 40.45 21.81
CA VAL C 1052 -12.89 41.54 21.44
C VAL C 1052 -14.17 41.55 22.26
N LEU C 1053 -14.77 40.37 22.51
CA LEU C 1053 -16.01 40.34 23.28
C LEU C 1053 -15.79 40.54 24.77
N GLY C 1054 -14.55 40.62 25.22
CA GLY C 1054 -14.25 40.88 26.62
C GLY C 1054 -12.82 41.36 26.76
N GLN C 1055 -12.41 41.56 28.01
CA GLN C 1055 -11.05 41.93 28.32
C GLN C 1055 -10.26 40.67 28.68
N SER C 1056 -9.11 40.50 28.04
CA SER C 1056 -8.32 39.29 28.17
C SER C 1056 -7.14 39.53 29.11
N LYS C 1057 -6.94 38.61 30.05
CA LYS C 1057 -5.87 38.72 31.03
C LYS C 1057 -4.61 37.95 30.63
N ARG C 1058 -4.71 37.02 29.69
CA ARG C 1058 -3.54 36.25 29.28
C ARG C 1058 -2.58 37.12 28.48
N VAL C 1059 -1.30 36.83 28.61
CA VAL C 1059 -0.24 37.67 28.06
C VAL C 1059 0.16 37.16 26.68
N ASP C 1060 0.30 38.10 25.75
CA ASP C 1060 0.75 37.82 24.38
C ASP C 1060 -0.16 36.82 23.67
N PHE C 1061 -1.47 36.97 23.87
CA PHE C 1061 -2.45 36.21 23.12
C PHE C 1061 -3.29 37.08 22.19
N CYS C 1062 -3.45 38.36 22.53
CA CYS C 1062 -4.14 39.31 21.64
C CYS C 1062 -3.19 40.44 21.29
N GLY C 1063 -1.97 40.11 20.91
CA GLY C 1063 -0.97 41.10 20.54
C GLY C 1063 0.13 41.22 21.58
N LYS C 1064 1.21 41.87 21.17
CA LYS C 1064 2.36 42.04 22.05
C LYS C 1064 2.02 43.00 23.18
N GLY C 1065 2.47 42.67 24.38
CA GLY C 1065 2.19 43.51 25.54
C GLY C 1065 0.83 43.25 26.14
N TYR C 1066 0.50 44.06 27.14
CA TYR C 1066 -0.79 43.94 27.81
C TYR C 1066 -1.91 44.31 26.85
N HIS C 1067 -3.04 43.62 26.98
CA HIS C 1067 -4.14 43.75 26.04
C HIS C 1067 -5.31 44.49 26.66
N LEU C 1068 -5.93 45.38 25.87
CA LEU C 1068 -7.11 46.13 26.30
C LEU C 1068 -8.35 45.72 25.51
N MET C 1069 -8.30 45.80 24.19
CA MET C 1069 -9.44 45.43 23.36
C MET C 1069 -8.93 45.05 21.97
N SER C 1070 -9.86 44.72 21.09
CA SER C 1070 -9.55 44.43 19.71
C SER C 1070 -10.73 44.85 18.84
N PHE C 1071 -10.46 44.98 17.53
CA PHE C 1071 -11.48 45.30 16.56
C PHE C 1071 -11.34 44.36 15.38
N PRO C 1072 -12.38 43.63 15.00
CA PRO C 1072 -12.31 42.76 13.83
C PRO C 1072 -12.64 43.47 12.53
N GLN C 1073 -11.95 43.07 11.47
CA GLN C 1073 -12.19 43.59 10.14
C GLN C 1073 -12.22 42.43 9.16
N SER C 1074 -13.22 42.43 8.27
CA SER C 1074 -13.36 41.35 7.31
C SER C 1074 -12.27 41.41 6.26
N ALA C 1075 -11.80 40.24 5.84
CA ALA C 1075 -10.76 40.10 4.84
C ALA C 1075 -11.18 39.00 3.88
N PRO C 1076 -10.65 39.00 2.66
CA PRO C 1076 -10.98 37.92 1.72
C PRO C 1076 -10.52 36.56 2.23
N HIS C 1077 -11.49 35.67 2.48
CA HIS C 1077 -11.23 34.32 2.98
C HIS C 1077 -10.44 34.34 4.28
N GLY C 1078 -10.76 35.29 5.15
CA GLY C 1078 -10.08 35.38 6.43
C GLY C 1078 -10.55 36.57 7.22
N VAL C 1079 -9.87 36.81 8.34
CA VAL C 1079 -10.15 37.96 9.20
C VAL C 1079 -8.84 38.67 9.48
N VAL C 1080 -8.96 39.97 9.78
CA VAL C 1080 -7.83 40.80 10.16
C VAL C 1080 -8.18 41.48 11.48
N PHE C 1081 -7.35 41.26 12.49
CA PHE C 1081 -7.59 41.79 13.82
C PHE C 1081 -6.84 43.09 14.03
N LEU C 1082 -7.45 44.01 14.77
CA LEU C 1082 -6.82 45.27 15.16
C LEU C 1082 -6.73 45.25 16.69
N HIS C 1083 -5.66 44.65 17.20
CA HIS C 1083 -5.47 44.58 18.64
C HIS C 1083 -5.00 45.92 19.20
N VAL C 1084 -5.54 46.30 20.33
CA VAL C 1084 -5.13 47.51 21.04
C VAL C 1084 -4.37 47.07 22.29
N THR C 1085 -3.11 47.48 22.38
CA THR C 1085 -2.21 46.97 23.40
C THR C 1085 -1.60 48.10 24.20
N TYR C 1086 -1.25 47.80 25.45
CA TYR C 1086 -0.64 48.74 26.38
C TYR C 1086 0.83 48.37 26.54
N VAL C 1087 1.72 49.29 26.18
CA VAL C 1087 3.15 49.05 26.23
C VAL C 1087 3.79 50.14 27.10
N PRO C 1088 4.40 49.79 28.23
CA PRO C 1088 5.11 50.80 29.02
C PRO C 1088 6.35 51.30 28.30
N ALA C 1089 6.75 52.52 28.65
CA ALA C 1089 7.95 53.12 28.09
C ALA C 1089 8.47 54.17 29.06
N GLN C 1090 9.71 54.60 28.84
CA GLN C 1090 10.37 55.62 29.65
C GLN C 1090 10.42 55.20 31.12
N GLU C 1091 11.13 54.11 31.38
CA GLU C 1091 11.30 53.62 32.73
C GLU C 1091 12.47 54.32 33.43
N LYS C 1092 12.35 54.46 34.74
CA LYS C 1092 13.37 55.11 35.54
C LYS C 1092 13.81 54.18 36.67
N ASN C 1093 15.03 54.38 37.14
CA ASN C 1093 15.58 53.53 38.20
C ASN C 1093 15.17 54.07 39.57
N PHE C 1094 14.77 53.15 40.44
CA PHE C 1094 14.43 53.50 41.82
C PHE C 1094 14.99 52.44 42.75
N THR C 1095 14.86 52.71 44.06
CA THR C 1095 15.28 51.79 45.10
C THR C 1095 14.05 51.29 45.86
N THR C 1096 14.01 49.99 46.12
CA THR C 1096 12.83 49.34 46.70
C THR C 1096 13.19 48.68 48.03
N ALA C 1097 12.14 48.31 48.76
CA ALA C 1097 12.26 47.60 50.03
C ALA C 1097 10.94 46.91 50.31
N PRO C 1098 10.96 45.73 50.92
CA PRO C 1098 9.71 44.99 51.17
C PRO C 1098 8.78 45.65 52.17
N ALA C 1099 9.29 45.98 53.35
CA ALA C 1099 8.43 46.44 54.43
C ALA C 1099 9.15 47.50 55.24
N ILE C 1100 8.38 48.14 56.14
CA ILE C 1100 8.90 49.15 57.04
C ILE C 1100 8.49 48.81 58.46
N CYS C 1101 9.44 48.83 59.39
CA CYS C 1101 9.14 48.66 60.81
C CYS C 1101 8.74 50.01 61.37
N HIS C 1102 7.45 50.17 61.69
CA HIS C 1102 6.92 51.43 62.17
C HIS C 1102 7.07 51.59 63.68
N ASP C 1103 6.44 50.70 64.44
CA ASP C 1103 6.50 50.72 65.90
C ASP C 1103 6.73 49.29 66.41
N GLY C 1104 7.69 48.61 65.82
CA GLY C 1104 7.89 47.21 66.08
C GLY C 1104 7.07 46.29 65.20
N LYS C 1105 6.21 46.83 64.35
CA LYS C 1105 5.36 46.05 63.48
C LYS C 1105 5.73 46.34 62.02
N ALA C 1106 5.53 45.34 61.17
CA ALA C 1106 5.90 45.42 59.76
C ALA C 1106 4.69 45.79 58.92
N HIS C 1107 4.89 46.72 57.99
CA HIS C 1107 3.85 47.17 57.07
C HIS C 1107 4.23 46.79 55.65
N PHE C 1108 3.34 46.06 54.98
CA PHE C 1108 3.53 45.65 53.60
C PHE C 1108 2.58 46.42 52.69
N PRO C 1109 2.92 46.59 51.41
CA PRO C 1109 2.03 47.30 50.50
C PRO C 1109 0.70 46.57 50.33
N ARG C 1110 -0.40 47.30 50.52
CA ARG C 1110 -1.72 46.74 50.31
C ARG C 1110 -1.93 46.36 48.84
N GLU C 1111 -1.51 47.25 47.94
CA GLU C 1111 -1.56 46.96 46.51
C GLU C 1111 -0.50 47.82 45.83
N GLY C 1112 0.61 47.21 45.45
CA GLY C 1112 1.66 47.90 44.74
C GLY C 1112 3.01 47.57 45.36
N VAL C 1113 3.97 48.47 45.14
CA VAL C 1113 5.34 48.31 45.60
C VAL C 1113 5.73 49.55 46.39
N PHE C 1114 6.93 49.49 46.98
CA PHE C 1114 7.53 50.63 47.66
C PHE C 1114 8.78 51.04 46.90
N VAL C 1115 8.86 52.32 46.52
CA VAL C 1115 9.96 52.84 45.73
C VAL C 1115 10.59 54.04 46.44
N SER C 1116 11.77 54.42 45.98
CA SER C 1116 12.48 55.56 46.51
C SER C 1116 13.04 56.39 45.36
N ASN C 1117 12.87 57.71 45.47
CA ASN C 1117 13.47 58.64 44.52
C ASN C 1117 14.91 58.96 44.87
N GLY C 1118 15.43 58.42 45.97
CA GLY C 1118 16.78 58.69 46.41
C GLY C 1118 16.84 59.20 47.84
N THR C 1119 15.86 59.99 48.24
CA THR C 1119 15.82 60.57 49.58
C THR C 1119 14.67 60.05 50.42
N HIS C 1120 13.43 60.17 49.93
CA HIS C 1120 12.25 59.79 50.69
C HIS C 1120 11.46 58.74 49.93
N TRP C 1121 10.89 57.80 50.68
CA TRP C 1121 10.14 56.71 50.07
C TRP C 1121 8.74 57.17 49.67
N PHE C 1122 8.13 56.40 48.79
CA PHE C 1122 6.75 56.63 48.36
C PHE C 1122 6.13 55.28 48.03
N VAL C 1123 4.84 55.30 47.71
CA VAL C 1123 4.12 54.10 47.30
C VAL C 1123 3.45 54.37 45.96
N THR C 1124 3.47 53.36 45.09
CA THR C 1124 2.88 53.48 43.76
C THR C 1124 2.43 52.11 43.30
N GLN C 1125 1.55 52.12 42.30
CA GLN C 1125 1.09 50.85 41.73
C GLN C 1125 2.20 50.24 40.85
N ARG C 1126 1.93 49.03 40.39
CA ARG C 1126 2.97 48.19 39.79
C ARG C 1126 3.25 48.51 38.33
N ASN C 1127 2.50 49.41 37.71
CA ASN C 1127 2.72 49.69 36.30
C ASN C 1127 2.63 51.17 35.94
N PHE C 1128 2.64 52.07 36.93
CA PHE C 1128 2.60 53.50 36.65
C PHE C 1128 3.13 54.23 37.87
N TYR C 1129 4.18 55.03 37.69
CA TYR C 1129 4.86 55.70 38.80
C TYR C 1129 4.06 56.93 39.20
N GLU C 1130 3.21 56.77 40.21
CA GLU C 1130 2.53 57.90 40.84
C GLU C 1130 2.80 57.86 42.35
N PRO C 1131 3.63 58.77 42.88
CA PRO C 1131 3.96 58.70 44.30
C PRO C 1131 2.78 59.05 45.17
N GLN C 1132 2.67 58.34 46.30
CA GLN C 1132 1.63 58.58 47.28
C GLN C 1132 2.22 58.44 48.68
N ILE C 1133 1.57 59.09 49.65
CA ILE C 1133 2.03 59.05 51.03
C ILE C 1133 1.65 57.71 51.64
N ILE C 1134 2.63 57.04 52.23
CA ILE C 1134 2.41 55.72 52.83
C ILE C 1134 1.69 55.92 54.15
N THR C 1135 0.41 55.58 54.19
CA THR C 1135 -0.40 55.71 55.38
C THR C 1135 -0.83 54.33 55.89
N THR C 1136 -1.61 54.32 56.96
CA THR C 1136 -2.20 53.10 57.46
C THR C 1136 -3.23 52.51 56.50
N ASP C 1137 -3.84 53.34 55.65
CA ASP C 1137 -4.82 52.84 54.69
C ASP C 1137 -4.17 52.00 53.58
N ASN C 1138 -2.95 52.34 53.19
CA ASN C 1138 -2.27 51.65 52.10
C ASN C 1138 -1.35 50.53 52.56
N THR C 1139 -1.30 50.25 53.86
CA THR C 1139 -0.49 49.16 54.38
C THR C 1139 -1.29 48.35 55.40
N PHE C 1140 -0.81 47.15 55.68
CA PHE C 1140 -1.41 46.29 56.69
C PHE C 1140 -0.31 45.69 57.55
N VAL C 1141 -0.67 45.37 58.80
CA VAL C 1141 0.26 44.83 59.78
C VAL C 1141 0.20 43.31 59.72
N SER C 1142 1.38 42.67 59.76
CA SER C 1142 1.44 41.21 59.74
C SER C 1142 2.75 40.80 60.41
N GLY C 1143 2.68 40.38 61.67
CA GLY C 1143 3.83 39.88 62.38
C GLY C 1143 4.76 40.99 62.84
N ASN C 1144 5.88 40.57 63.42
CA ASN C 1144 6.88 41.51 63.89
C ASN C 1144 7.67 42.08 62.71
N CYS C 1145 8.59 43.00 63.02
CA CYS C 1145 9.38 43.69 62.01
C CYS C 1145 10.84 43.25 62.01
N ASP C 1146 11.14 42.06 62.54
CA ASP C 1146 12.52 41.57 62.59
C ASP C 1146 12.66 40.22 61.90
N VAL C 1147 11.69 39.81 61.10
CA VAL C 1147 11.74 38.53 60.42
C VAL C 1147 11.82 38.67 58.90
N VAL C 1148 11.40 39.78 58.33
CA VAL C 1148 11.43 39.96 56.88
C VAL C 1148 12.83 40.41 56.45
N ILE C 1149 13.20 40.07 55.22
CA ILE C 1149 14.54 40.34 54.72
C ILE C 1149 14.51 41.64 53.91
N GLY C 1150 15.41 42.56 54.25
CA GLY C 1150 15.50 43.82 53.55
C GLY C 1150 14.64 44.93 54.12
N ILE C 1151 14.16 44.79 55.35
CA ILE C 1151 13.31 45.82 55.94
C ILE C 1151 14.13 47.09 56.20
N VAL C 1152 13.47 48.23 56.09
CA VAL C 1152 14.07 49.53 56.38
C VAL C 1152 13.20 50.23 57.42
N ASN C 1153 13.85 50.78 58.44
CA ASN C 1153 13.15 51.45 59.54
C ASN C 1153 12.84 52.89 59.14
N ASN C 1154 11.55 53.17 58.96
CA ASN C 1154 11.09 54.50 58.54
C ASN C 1154 9.82 54.81 59.34
N THR C 1155 9.09 55.83 58.90
CA THR C 1155 7.86 56.25 59.56
C THR C 1155 6.69 56.15 58.61
N VAL C 1156 5.50 55.98 59.19
CA VAL C 1156 4.25 55.88 58.43
C VAL C 1156 3.32 56.99 58.90
N TYR C 1157 2.71 57.68 57.95
CA TYR C 1157 1.80 58.77 58.28
C TYR C 1157 0.54 58.23 58.95
N ASP C 1158 0.18 58.84 60.08
CA ASP C 1158 -1.04 58.48 60.80
C ASP C 1158 -2.23 59.15 60.12
N PRO C 1159 -3.25 58.41 59.71
CA PRO C 1159 -4.39 59.04 59.03
C PRO C 1159 -5.11 60.10 59.87
N LEU C 1160 -5.21 59.91 61.19
CA LEU C 1160 -5.90 60.86 62.05
C LEU C 1160 -4.99 61.21 63.23
N GLN C 1161 -4.08 62.15 63.01
CA GLN C 1161 -3.28 62.69 64.09
C GLN C 1161 -4.02 63.79 64.86
N PRO C 1162 -4.58 64.82 64.21
CA PRO C 1162 -5.24 65.90 64.99
C PRO C 1162 -6.75 65.80 65.11
N GLU C 1163 -7.38 64.75 64.60
CA GLU C 1163 -8.84 64.69 64.55
C GLU C 1163 -9.48 64.42 65.90
N LEU C 1164 -8.69 64.21 66.97
CA LEU C 1164 -9.22 64.00 68.31
C LEU C 1164 -8.94 65.20 69.22
N ASP C 1165 -8.77 66.38 68.64
CA ASP C 1165 -8.52 67.59 69.41
C ASP C 1165 -9.85 68.12 69.93
N SER C 1166 -10.12 67.85 71.21
CA SER C 1166 -11.38 68.30 71.83
C SER C 1166 -11.18 68.59 73.31
N GLN D 33 34.73 -59.06 1.12
CA GLN D 33 35.24 -58.70 2.44
C GLN D 33 34.17 -57.98 3.24
N CYS D 34 32.92 -58.09 2.80
CA CYS D 34 31.81 -57.44 3.48
C CYS D 34 31.29 -58.34 4.60
N VAL D 35 31.06 -57.74 5.77
CA VAL D 35 30.54 -58.44 6.93
C VAL D 35 29.28 -57.75 7.40
N ASN D 36 28.39 -58.51 8.02
CA ASN D 36 27.10 -58.02 8.47
C ASN D 36 27.06 -58.02 9.99
N LEU D 37 26.56 -56.92 10.56
CA LEU D 37 26.39 -56.80 12.01
C LEU D 37 25.09 -56.09 12.32
N THR D 38 24.01 -56.46 11.62
CA THR D 38 22.73 -55.80 11.77
C THR D 38 21.84 -56.44 12.83
N THR D 39 22.33 -57.46 13.54
CA THR D 39 21.55 -58.12 14.58
C THR D 39 21.81 -57.42 15.90
N ARG D 40 20.99 -56.40 16.20
CA ARG D 40 21.13 -55.65 17.43
C ARG D 40 19.79 -55.04 17.79
N THR D 41 19.66 -54.66 19.06
CA THR D 41 18.44 -54.03 19.58
C THR D 41 18.83 -52.71 20.24
N GLN D 42 18.67 -51.61 19.50
CA GLN D 42 19.02 -50.30 20.01
C GLN D 42 17.97 -49.81 21.00
N LEU D 43 18.27 -48.66 21.62
CA LEU D 43 17.33 -48.06 22.56
C LEU D 43 16.07 -47.62 21.84
N PRO D 44 14.89 -47.88 22.41
CA PRO D 44 13.65 -47.51 21.73
C PRO D 44 13.49 -46.00 21.65
N PRO D 45 13.58 -45.29 22.77
CA PRO D 45 13.43 -43.83 22.73
C PRO D 45 14.55 -43.13 21.97
N ALA D 46 15.79 -43.34 22.41
CA ALA D 46 16.98 -42.74 21.79
C ALA D 46 16.83 -41.22 21.63
N TYR D 47 16.33 -40.58 22.68
CA TYR D 47 16.02 -39.15 22.66
C TYR D 47 16.95 -38.39 23.58
N THR D 48 17.44 -37.25 23.10
CA THR D 48 18.32 -36.38 23.87
C THR D 48 17.86 -34.93 23.70
N ASN D 49 18.18 -34.12 24.70
CA ASN D 49 17.74 -32.73 24.76
C ASN D 49 18.91 -31.80 24.44
N SER D 50 18.69 -30.87 23.53
CA SER D 50 19.67 -29.85 23.17
C SER D 50 19.11 -28.49 23.50
N PHE D 51 19.89 -27.66 24.20
CA PHE D 51 19.40 -26.36 24.63
C PHE D 51 19.29 -25.40 23.45
N THR D 52 20.42 -25.08 22.81
CA THR D 52 20.43 -24.15 21.68
C THR D 52 21.66 -24.46 20.84
N ARG D 53 21.44 -25.12 19.70
CA ARG D 53 22.54 -25.44 18.80
C ARG D 53 22.10 -25.33 17.35
N PHE D 77 14.80 -24.33 17.29
CA PHE D 77 15.69 -24.41 18.43
C PHE D 77 15.05 -25.21 19.56
N PHE D 78 15.89 -25.68 20.49
CA PHE D 78 15.46 -26.47 21.64
C PHE D 78 14.67 -27.71 21.20
N SER D 79 15.13 -28.36 20.14
CA SER D 79 14.46 -29.53 19.59
C SER D 79 15.12 -30.80 20.11
N ASN D 80 14.65 -31.94 19.61
CA ASN D 80 15.15 -33.25 20.01
C ASN D 80 15.93 -33.86 18.85
N VAL D 81 17.13 -34.35 19.16
CA VAL D 81 18.01 -34.98 18.18
C VAL D 81 18.25 -36.42 18.61
N THR D 82 18.28 -37.32 17.64
CA THR D 82 18.47 -38.74 17.94
C THR D 82 19.85 -38.97 18.56
N TRP D 83 19.91 -39.97 19.45
CA TRP D 83 21.12 -40.24 20.21
C TRP D 83 21.63 -41.64 19.91
N PHE D 84 21.71 -42.01 18.64
CA PHE D 84 22.18 -43.33 18.25
C PHE D 84 23.58 -43.60 18.79
N HIS D 85 23.75 -44.74 19.42
CA HIS D 85 24.97 -45.05 20.15
C HIS D 85 25.90 -46.01 19.42
N ALA D 86 25.36 -47.07 18.81
CA ALA D 86 26.09 -48.06 18.03
C ALA D 86 27.15 -48.81 18.84
N ILE D 87 27.18 -48.62 20.16
CA ILE D 87 28.11 -49.37 21.02
C ILE D 87 27.38 -49.72 22.31
N HIS D 88 26.94 -50.97 22.43
CA HIS D 88 26.18 -51.44 23.59
C HIS D 88 26.89 -52.67 24.14
N VAL D 89 27.64 -52.48 25.22
CA VAL D 89 28.33 -53.57 25.88
C VAL D 89 27.34 -54.29 26.80
N SER D 90 27.20 -55.60 26.59
CA SER D 90 26.26 -56.41 27.38
C SER D 90 26.86 -56.66 28.75
N GLY D 91 26.61 -55.74 29.68
CA GLY D 91 27.11 -55.88 31.02
C GLY D 91 28.62 -55.68 31.09
N THR D 92 29.22 -56.23 32.15
CA THR D 92 30.66 -56.12 32.36
C THR D 92 31.47 -57.03 31.44
N ASN D 93 30.86 -58.10 30.93
CA ASN D 93 31.54 -59.03 30.04
C ASN D 93 30.61 -59.39 28.90
N GLY D 94 31.11 -59.26 27.68
CA GLY D 94 30.32 -59.56 26.50
C GLY D 94 30.94 -58.94 25.27
N THR D 95 30.23 -59.10 24.16
CA THR D 95 30.67 -58.58 22.87
C THR D 95 29.82 -57.39 22.47
N LYS D 96 30.49 -56.32 22.01
CA LYS D 96 29.80 -55.11 21.61
C LYS D 96 29.05 -55.33 20.29
N ARG D 97 28.04 -54.50 20.06
CA ARG D 97 27.22 -54.56 18.87
C ARG D 97 27.23 -53.19 18.18
N PHE D 98 27.49 -53.19 16.88
CA PHE D 98 27.54 -51.97 16.09
C PHE D 98 26.30 -51.89 15.22
N ASP D 99 25.60 -50.75 15.27
CA ASP D 99 24.36 -50.59 14.52
C ASP D 99 24.22 -49.11 14.13
N ASN D 100 24.24 -48.86 12.84
CA ASN D 100 24.04 -47.51 12.30
C ASN D 100 22.95 -47.59 11.23
N PRO D 101 21.70 -47.73 11.64
CA PRO D 101 20.61 -47.90 10.68
C PRO D 101 20.37 -46.63 9.87
N VAL D 102 19.79 -46.82 8.69
CA VAL D 102 19.49 -45.71 7.80
C VAL D 102 18.33 -44.90 8.40
N LEU D 103 18.59 -43.64 8.74
CA LEU D 103 17.59 -42.78 9.32
C LEU D 103 16.96 -41.89 8.27
N PRO D 104 15.71 -41.45 8.48
CA PRO D 104 15.04 -40.62 7.48
C PRO D 104 15.75 -39.30 7.28
N PHE D 105 15.73 -38.83 6.02
CA PHE D 105 16.34 -37.53 5.72
C PHE D 105 15.51 -36.39 6.29
N ASN D 106 14.19 -36.41 6.07
CA ASN D 106 13.27 -35.42 6.59
C ASN D 106 13.65 -33.99 6.16
N ASP D 107 14.16 -33.87 4.94
CA ASP D 107 14.52 -32.59 4.32
C ASP D 107 15.52 -31.82 5.18
N GLY D 108 16.70 -32.41 5.33
CA GLY D 108 17.77 -31.75 6.10
C GLY D 108 18.09 -32.53 7.35
N VAL D 109 19.38 -32.76 7.57
CA VAL D 109 19.86 -33.53 8.72
C VAL D 109 21.11 -32.86 9.28
N TYR D 110 21.21 -32.82 10.61
CA TYR D 110 22.39 -32.32 11.28
C TYR D 110 23.05 -33.47 12.04
N PHE D 111 24.34 -33.68 11.79
CA PHE D 111 25.09 -34.77 12.40
C PHE D 111 26.19 -34.22 13.30
N ALA D 112 26.47 -34.95 14.37
CA ALA D 112 27.50 -34.57 15.34
C ALA D 112 28.48 -35.72 15.51
N SER D 113 29.75 -35.40 15.67
CA SER D 113 30.80 -36.41 15.78
C SER D 113 31.04 -36.83 17.23
N THR D 114 31.43 -35.86 18.07
CA THR D 114 31.70 -36.10 19.50
C THR D 114 32.72 -37.22 19.69
N GLU D 115 33.72 -37.27 18.81
CA GLU D 115 34.75 -38.28 18.83
C GLU D 115 36.11 -37.62 19.00
N LYS D 116 36.90 -38.14 19.93
CA LYS D 116 38.25 -37.63 20.18
C LYS D 116 39.31 -38.30 19.31
N SER D 117 38.92 -39.30 18.50
CA SER D 117 39.87 -39.99 17.64
C SER D 117 39.39 -40.01 16.18
N ASN D 118 38.42 -39.16 15.84
CA ASN D 118 37.85 -39.06 14.49
C ASN D 118 37.29 -40.43 14.04
N ILE D 119 36.38 -40.96 14.86
CA ILE D 119 35.76 -42.23 14.54
C ILE D 119 34.91 -42.12 13.28
N ILE D 120 34.12 -41.06 13.17
CA ILE D 120 33.27 -40.85 12.00
C ILE D 120 34.14 -40.35 10.85
N ARG D 121 33.99 -40.98 9.69
CA ARG D 121 34.76 -40.61 8.50
C ARG D 121 33.86 -40.10 7.39
N GLY D 122 32.74 -39.47 7.76
CA GLY D 122 31.84 -38.90 6.78
C GLY D 122 30.41 -39.41 6.88
N TRP D 123 29.69 -39.38 5.77
CA TRP D 123 28.32 -39.87 5.72
C TRP D 123 27.98 -40.27 4.29
N ILE D 124 27.00 -41.15 4.17
CA ILE D 124 26.48 -41.57 2.87
C ILE D 124 25.01 -41.20 2.80
N PHE D 125 24.52 -41.02 1.58
CA PHE D 125 23.16 -40.55 1.39
C PHE D 125 22.63 -41.07 0.06
N GLY D 126 21.31 -41.00 -0.10
CA GLY D 126 20.67 -41.45 -1.32
C GLY D 126 19.53 -42.42 -1.05
N THR D 127 19.18 -43.21 -2.07
CA THR D 127 18.11 -44.19 -1.95
C THR D 127 18.63 -45.42 -1.21
N THR D 128 17.88 -46.53 -1.31
CA THR D 128 18.26 -47.77 -0.65
C THR D 128 19.60 -48.33 -1.13
N LEU D 129 20.17 -47.79 -2.21
CA LEU D 129 21.50 -48.14 -2.71
C LEU D 129 21.58 -49.62 -3.09
N ASP D 130 20.69 -50.02 -4.00
CA ASP D 130 20.64 -51.37 -4.54
C ASP D 130 20.84 -51.37 -6.05
N SER D 131 21.77 -50.54 -6.52
CA SER D 131 22.07 -50.39 -7.95
C SER D 131 20.82 -50.00 -8.74
N LYS D 132 20.00 -49.12 -8.17
CA LYS D 132 18.79 -48.65 -8.82
C LYS D 132 18.73 -47.14 -8.97
N THR D 133 19.51 -46.38 -8.21
CA THR D 133 19.50 -44.93 -8.29
C THR D 133 20.85 -44.41 -7.81
N GLN D 134 21.11 -43.14 -8.13
CA GLN D 134 22.34 -42.50 -7.69
C GLN D 134 22.29 -42.24 -6.18
N SER D 135 23.42 -42.45 -5.51
CA SER D 135 23.52 -42.27 -4.08
C SER D 135 24.77 -41.47 -3.76
N LEU D 136 24.62 -40.41 -2.97
CA LEU D 136 25.76 -39.60 -2.58
C LEU D 136 26.68 -40.37 -1.65
N LEU D 137 27.98 -40.16 -1.81
CA LEU D 137 28.98 -40.83 -0.99
C LEU D 137 30.02 -39.82 -0.53
N ILE D 138 30.56 -40.07 0.67
CA ILE D 138 31.64 -39.24 1.21
C ILE D 138 32.50 -40.13 2.10
N VAL D 139 33.81 -40.16 1.81
CA VAL D 139 34.75 -40.98 2.56
C VAL D 139 36.00 -40.15 2.85
N ASN D 140 36.76 -40.62 3.84
CA ASN D 140 37.98 -39.95 4.27
C ASN D 140 39.18 -40.82 3.92
N ASN D 141 40.12 -40.27 3.15
CA ASN D 141 41.34 -40.95 2.80
C ASN D 141 42.41 -40.63 3.85
N ALA D 142 43.67 -40.95 3.55
CA ALA D 142 44.75 -40.60 4.46
C ALA D 142 44.87 -39.09 4.62
N THR D 143 45.22 -38.39 3.55
CA THR D 143 45.17 -36.93 3.49
C THR D 143 44.48 -36.54 2.18
N ASN D 144 43.14 -36.56 2.20
CA ASN D 144 42.31 -36.26 1.03
C ASN D 144 40.86 -36.28 1.46
N VAL D 145 40.01 -35.78 0.58
CA VAL D 145 38.55 -35.84 0.74
C VAL D 145 37.97 -36.47 -0.51
N VAL D 146 37.10 -37.46 -0.33
CA VAL D 146 36.56 -38.25 -1.43
C VAL D 146 35.05 -38.07 -1.48
N ILE D 147 34.54 -37.66 -2.63
CA ILE D 147 33.11 -37.60 -2.90
C ILE D 147 32.82 -38.52 -4.09
N LYS D 148 31.97 -39.52 -3.88
CA LYS D 148 31.71 -40.56 -4.86
C LYS D 148 30.22 -40.73 -5.09
N VAL D 149 29.52 -39.61 -5.32
CA VAL D 149 28.08 -39.65 -5.56
C VAL D 149 27.83 -40.35 -6.89
N CYS D 150 27.28 -41.56 -6.82
CA CYS D 150 27.06 -42.40 -8.00
C CYS D 150 26.01 -43.45 -7.63
N GLU D 151 25.86 -44.45 -8.49
CA GLU D 151 24.97 -45.57 -8.23
C GLU D 151 25.78 -46.79 -7.82
N PHE D 152 25.40 -47.41 -6.71
CA PHE D 152 26.12 -48.57 -6.20
C PHE D 152 25.16 -49.44 -5.39
N GLN D 153 25.54 -50.70 -5.22
CA GLN D 153 24.79 -51.66 -4.42
C GLN D 153 25.76 -52.31 -3.44
N PHE D 154 25.95 -51.65 -2.29
CA PHE D 154 26.89 -52.10 -1.28
C PHE D 154 26.16 -52.89 -0.20
N CYS D 155 26.92 -53.32 0.81
CA CYS D 155 26.36 -54.10 1.90
C CYS D 155 25.50 -53.22 2.80
N ASN D 156 24.75 -53.88 3.69
CA ASN D 156 23.86 -53.15 4.60
C ASN D 156 24.66 -52.28 5.57
N ASP D 157 25.76 -52.81 6.10
CA ASP D 157 26.55 -52.10 7.10
C ASP D 157 27.86 -51.62 6.48
N PRO D 158 28.04 -50.31 6.27
CA PRO D 158 29.34 -49.83 5.81
C PRO D 158 30.40 -49.96 6.89
N PHE D 159 31.61 -50.31 6.47
CA PHE D 159 32.72 -50.49 7.39
C PHE D 159 33.99 -49.92 6.79
N LEU D 160 34.92 -49.54 7.66
CA LEU D 160 36.22 -49.02 7.25
C LEU D 160 37.32 -49.90 7.84
N GLY D 161 38.53 -49.73 7.30
CA GLY D 161 39.67 -50.53 7.70
C GLY D 161 40.53 -49.82 8.73
N VAL D 162 40.77 -50.50 9.84
CA VAL D 162 41.62 -49.97 10.90
C VAL D 162 42.22 -51.14 11.68
N TYR D 163 43.53 -51.11 11.89
CA TYR D 163 44.24 -52.19 12.58
C TYR D 163 45.26 -51.62 13.56
N TYR D 164 44.86 -50.58 14.31
CA TYR D 164 45.69 -49.94 15.31
C TYR D 164 47.01 -49.42 14.70
N HIS D 165 46.84 -48.47 13.79
CA HIS D 165 47.98 -47.90 13.05
C HIS D 165 48.76 -46.98 13.98
N LYS D 166 49.63 -47.58 14.78
CA LYS D 166 50.47 -46.84 15.69
C LYS D 166 51.80 -46.51 15.03
N ASN D 167 52.76 -46.04 15.82
CA ASN D 167 54.09 -45.70 15.32
C ASN D 167 54.84 -47.00 14.97
N ASN D 168 55.05 -47.22 13.68
CA ASN D 168 55.69 -48.45 13.22
C ASN D 168 56.29 -48.17 11.84
N LYS D 169 56.64 -49.24 11.12
CA LYS D 169 57.24 -49.14 9.79
C LYS D 169 56.19 -49.00 8.68
N SER D 170 55.00 -48.52 9.01
CA SER D 170 53.90 -48.34 8.06
C SER D 170 53.50 -49.66 7.40
N TRP D 171 53.10 -50.61 8.25
CA TRP D 171 52.65 -51.92 7.81
C TRP D 171 51.24 -52.21 8.33
N MET D 172 50.47 -51.17 8.59
CA MET D 172 49.10 -51.32 9.09
C MET D 172 48.15 -51.59 7.93
N GLU D 173 47.59 -52.79 7.88
CA GLU D 173 46.67 -53.16 6.82
C GLU D 173 45.27 -52.61 7.11
N SER D 174 44.62 -52.08 6.08
CA SER D 174 43.28 -51.55 6.21
C SER D 174 42.51 -51.84 4.93
N GLU D 175 41.20 -51.97 5.06
CA GLU D 175 40.33 -52.27 3.91
C GLU D 175 38.91 -51.84 4.27
N PHE D 176 38.37 -50.88 3.53
CA PHE D 176 37.02 -50.39 3.74
C PHE D 176 36.08 -51.07 2.76
N ARG D 177 34.98 -51.64 3.28
CA ARG D 177 33.97 -52.32 2.48
C ARG D 177 32.70 -51.48 2.52
N VAL D 178 32.63 -50.50 1.63
CA VAL D 178 31.47 -49.61 1.55
C VAL D 178 30.95 -49.46 0.12
N TYR D 179 31.58 -50.09 -0.86
CA TYR D 179 31.15 -49.97 -2.26
C TYR D 179 31.44 -51.31 -2.94
N SER D 180 30.41 -52.16 -2.99
CA SER D 180 30.57 -53.46 -3.65
C SER D 180 30.69 -53.30 -5.16
N SER D 181 29.94 -52.37 -5.75
CA SER D 181 29.95 -52.13 -7.18
C SER D 181 30.03 -50.63 -7.43
N ALA D 182 30.21 -50.26 -8.70
CA ALA D 182 30.33 -48.86 -9.08
C ALA D 182 29.77 -48.67 -10.47
N ASN D 183 28.77 -47.81 -10.60
CA ASN D 183 28.19 -47.46 -11.89
C ASN D 183 28.89 -46.22 -12.44
N ASN D 184 28.32 -45.61 -13.46
CA ASN D 184 28.90 -44.42 -14.10
C ASN D 184 28.86 -43.27 -13.09
N CYS D 185 30.03 -42.93 -12.56
CA CYS D 185 30.12 -41.90 -11.53
C CYS D 185 29.85 -40.52 -12.11
N THR D 186 29.44 -39.61 -11.23
CA THR D 186 29.17 -38.22 -11.61
C THR D 186 29.70 -37.24 -10.58
N PHE D 187 30.65 -37.66 -9.75
CA PHE D 187 31.21 -36.82 -8.70
C PHE D 187 32.72 -36.85 -8.77
N GLU D 188 33.35 -35.67 -8.69
CA GLU D 188 34.80 -35.56 -8.70
C GLU D 188 35.16 -34.27 -7.98
N TYR D 189 35.56 -34.38 -6.72
CA TYR D 189 35.92 -33.21 -5.92
C TYR D 189 36.77 -33.68 -4.75
N VAL D 190 37.92 -33.02 -4.54
CA VAL D 190 38.81 -33.33 -3.43
C VAL D 190 39.07 -32.04 -2.67
N SER D 191 38.93 -32.10 -1.34
CA SER D 191 39.13 -30.97 -0.47
C SER D 191 40.19 -31.31 0.58
N GLN D 192 40.52 -30.33 1.41
CA GLN D 192 41.52 -30.55 2.46
C GLN D 192 40.91 -31.38 3.59
N PRO D 193 41.51 -32.52 3.94
CA PRO D 193 40.95 -33.32 5.03
C PRO D 193 41.07 -32.61 6.37
N PHE D 194 40.09 -32.88 7.23
CA PHE D 194 40.03 -32.30 8.57
C PHE D 194 40.18 -33.42 9.59
N LEU D 195 41.28 -33.41 10.33
CA LEU D 195 41.55 -34.42 11.34
C LEU D 195 41.91 -33.86 12.71
N MET D 196 42.40 -32.63 12.80
CA MET D 196 42.76 -32.04 14.08
C MET D 196 41.76 -30.96 14.49
N PHE D 205 38.21 -29.91 28.57
CA PHE D 205 39.04 -30.89 27.87
C PHE D 205 38.17 -31.93 27.17
N LYS D 206 37.81 -31.64 25.92
CA LYS D 206 36.99 -32.54 25.13
C LYS D 206 37.22 -32.23 23.66
N ASN D 207 36.65 -33.06 22.79
CA ASN D 207 36.79 -32.89 21.35
C ASN D 207 35.50 -33.33 20.67
N LEU D 208 34.92 -32.44 19.87
CA LEU D 208 33.68 -32.73 19.18
C LEU D 208 33.58 -31.88 17.93
N ARG D 209 32.70 -32.29 17.03
CA ARG D 209 32.50 -31.58 15.77
C ARG D 209 31.10 -31.89 15.26
N GLU D 210 30.64 -31.08 14.31
CA GLU D 210 29.31 -31.26 13.75
C GLU D 210 29.28 -30.71 12.32
N PHE D 211 28.25 -31.13 11.59
CA PHE D 211 28.02 -30.64 10.23
C PHE D 211 26.54 -30.78 9.92
N VAL D 212 26.03 -29.87 9.09
CA VAL D 212 24.63 -29.86 8.70
C VAL D 212 24.56 -29.95 7.19
N PHE D 213 23.77 -30.91 6.70
CA PHE D 213 23.60 -31.13 5.27
C PHE D 213 22.18 -30.74 4.85
N LYS D 214 22.07 -30.12 3.69
CA LYS D 214 20.77 -29.68 3.17
C LYS D 214 20.83 -29.67 1.66
N ASN D 215 20.01 -30.50 1.02
CA ASN D 215 19.96 -30.60 -0.44
C ASN D 215 18.70 -29.88 -0.92
N ILE D 216 18.91 -28.84 -1.74
CA ILE D 216 17.79 -28.06 -2.27
C ILE D 216 17.77 -28.21 -3.78
N ASP D 217 18.25 -29.35 -4.28
CA ASP D 217 18.27 -29.76 -5.67
C ASP D 217 19.19 -28.93 -6.54
N GLY D 218 19.84 -27.89 -6.00
CA GLY D 218 20.79 -27.13 -6.77
C GLY D 218 22.20 -27.19 -6.22
N TYR D 219 22.31 -27.29 -4.89
CA TYR D 219 23.60 -27.33 -4.22
C TYR D 219 23.44 -27.80 -2.78
N PHE D 220 24.20 -28.81 -2.37
CA PHE D 220 24.16 -29.30 -1.00
C PHE D 220 25.01 -28.37 -0.13
N LYS D 221 24.37 -27.33 0.39
CA LYS D 221 25.07 -26.32 1.19
C LYS D 221 25.39 -26.91 2.56
N ILE D 222 26.52 -27.62 2.61
CA ILE D 222 26.95 -28.29 3.83
C ILE D 222 27.42 -27.27 4.86
N TYR D 223 27.64 -27.72 6.09
CA TYR D 223 28.12 -26.88 7.17
C TYR D 223 29.35 -27.51 7.81
N SER D 224 29.94 -26.81 8.77
CA SER D 224 31.07 -27.32 9.51
C SER D 224 31.10 -26.67 10.89
N LYS D 225 31.47 -27.47 11.90
CA LYS D 225 31.53 -27.04 13.29
C LYS D 225 32.84 -27.49 13.92
N HIS D 226 33.95 -27.20 13.25
CA HIS D 226 35.27 -27.62 13.71
C HIS D 226 35.73 -26.92 14.99
N THR D 227 34.89 -26.09 15.60
CA THR D 227 35.26 -25.44 16.85
C THR D 227 35.43 -26.47 17.96
N PRO D 228 36.51 -26.39 18.74
CA PRO D 228 36.76 -27.40 19.79
C PRO D 228 35.88 -27.22 21.02
N ILE D 229 34.68 -27.78 20.95
CA ILE D 229 33.75 -27.71 22.06
C ILE D 229 34.27 -28.59 23.19
N ASN D 230 34.32 -28.04 24.40
CA ASN D 230 34.79 -28.75 25.57
C ASN D 230 34.08 -28.21 26.80
N LEU D 231 34.49 -28.71 27.97
CA LEU D 231 33.93 -28.30 29.27
C LEU D 231 32.42 -28.50 29.34
N VAL D 232 31.92 -29.53 28.67
CA VAL D 232 30.50 -29.83 28.66
C VAL D 232 30.33 -31.30 28.32
N ARG D 233 29.27 -31.92 28.85
CA ARG D 233 29.00 -33.32 28.59
C ARG D 233 28.72 -33.56 27.11
N ASP D 234 27.60 -33.00 26.61
CA ASP D 234 27.29 -33.09 25.19
C ASP D 234 26.36 -31.92 24.85
N LEU D 235 26.92 -30.86 24.29
CA LEU D 235 26.17 -29.70 23.84
C LEU D 235 25.21 -29.17 24.92
N PRO D 236 25.72 -28.85 26.11
CA PRO D 236 24.79 -28.38 27.16
C PRO D 236 24.31 -26.96 26.92
N GLN D 237 25.16 -26.07 26.44
CA GLN D 237 24.78 -24.69 26.15
C GLN D 237 25.73 -24.16 25.09
N GLY D 238 25.27 -24.11 23.84
CA GLY D 238 26.11 -23.67 22.75
C GLY D 238 25.86 -22.23 22.34
N PHE D 239 26.76 -21.33 22.74
CA PHE D 239 26.67 -19.92 22.37
C PHE D 239 27.54 -19.64 21.14
N SER D 240 27.19 -20.30 20.04
CA SER D 240 27.94 -20.15 18.80
C SER D 240 27.01 -20.49 17.63
N ALA D 241 27.40 -20.00 16.45
CA ALA D 241 26.63 -20.25 15.23
C ALA D 241 27.58 -20.11 14.05
N LEU D 242 28.01 -21.24 13.48
CA LEU D 242 28.89 -21.25 12.34
C LEU D 242 28.47 -22.36 11.39
N GLU D 243 28.48 -22.07 10.09
CA GLU D 243 28.11 -23.07 9.10
C GLU D 243 28.81 -22.81 7.77
N PRO D 244 30.12 -22.69 7.75
CA PRO D 244 30.83 -22.57 6.47
C PRO D 244 31.30 -23.91 5.94
N LEU D 245 31.07 -24.19 4.66
CA LEU D 245 31.55 -25.42 4.05
C LEU D 245 31.49 -25.27 2.54
N VAL D 246 32.21 -26.16 1.84
CA VAL D 246 32.24 -26.16 0.39
C VAL D 246 31.01 -26.88 -0.13
N ASP D 247 30.31 -26.25 -1.07
CA ASP D 247 29.14 -26.85 -1.69
C ASP D 247 29.54 -27.78 -2.82
N LEU D 248 28.71 -28.79 -3.06
CA LEU D 248 28.95 -29.79 -4.10
C LEU D 248 27.69 -29.89 -4.94
N PRO D 249 27.53 -29.01 -5.94
CA PRO D 249 26.29 -29.02 -6.74
C PRO D 249 26.20 -30.21 -7.66
N ILE D 250 25.24 -31.10 -7.40
CA ILE D 250 24.99 -32.26 -8.23
C ILE D 250 23.49 -32.53 -8.26
N GLY D 251 23.06 -33.27 -9.28
CA GLY D 251 21.66 -33.61 -9.42
C GLY D 251 21.34 -34.99 -8.90
N ILE D 252 20.74 -35.07 -7.71
CA ILE D 252 20.42 -36.33 -7.08
C ILE D 252 19.03 -36.24 -6.46
N ASN D 253 18.48 -37.41 -6.12
CA ASN D 253 17.18 -37.51 -5.49
C ASN D 253 17.33 -38.19 -4.13
N ILE D 254 18.29 -37.72 -3.33
CA ILE D 254 18.74 -38.38 -2.10
C ILE D 254 17.58 -38.68 -1.16
N THR D 255 17.38 -39.95 -0.87
CA THR D 255 16.40 -40.43 0.08
C THR D 255 17.04 -40.52 1.46
N ARG D 256 16.42 -41.26 2.38
CA ARG D 256 16.95 -41.44 3.73
C ARG D 256 18.40 -41.91 3.71
N PHE D 257 19.23 -41.27 4.53
CA PHE D 257 20.67 -41.46 4.52
C PHE D 257 21.10 -42.35 5.68
N GLN D 258 22.42 -42.58 5.76
CA GLN D 258 22.99 -43.41 6.81
C GLN D 258 24.41 -42.93 7.11
N THR D 259 24.89 -43.29 8.28
CA THR D 259 26.21 -42.87 8.73
C THR D 259 27.27 -43.88 8.30
N LEU D 260 28.52 -43.61 8.70
CA LEU D 260 29.63 -44.50 8.39
C LEU D 260 30.69 -44.34 9.47
N LEU D 261 31.12 -45.45 10.06
CA LEU D 261 32.05 -45.44 11.16
C LEU D 261 33.21 -46.38 10.88
N ALA D 262 34.33 -46.11 11.54
CA ALA D 262 35.53 -46.94 11.44
C ALA D 262 35.78 -47.63 12.78
N LEU D 263 35.96 -48.94 12.74
CA LEU D 263 36.17 -49.74 13.95
C LEU D 263 37.64 -49.71 14.34
N HIS D 264 38.07 -48.55 14.83
CA HIS D 264 39.45 -48.34 15.27
C HIS D 264 39.57 -48.56 16.78
N ARG D 265 39.20 -49.77 17.21
CA ARG D 265 39.25 -50.13 18.62
C ARG D 265 39.85 -51.50 18.88
N SER D 266 40.16 -52.28 17.85
CA SER D 266 40.73 -53.61 18.04
C SER D 266 42.19 -53.50 18.43
N TYR D 267 42.58 -54.23 19.48
CA TYR D 267 43.97 -54.25 19.93
C TYR D 267 44.35 -55.68 20.29
N LEU D 268 45.52 -56.11 19.85
CA LEU D 268 46.01 -57.46 20.11
C LEU D 268 46.84 -57.56 21.38
N THR D 269 47.16 -56.44 22.01
CA THR D 269 47.96 -56.42 23.24
C THR D 269 47.28 -55.50 24.26
N PRO D 270 46.08 -55.87 24.72
CA PRO D 270 45.38 -55.04 25.70
C PRO D 270 45.67 -55.46 27.14
N GLY D 271 45.80 -54.47 28.01
CA GLY D 271 46.00 -54.75 29.42
C GLY D 271 44.81 -55.44 30.05
N ASP D 272 43.60 -55.02 29.67
CA ASP D 272 42.38 -55.62 30.16
C ASP D 272 41.56 -56.15 28.99
N SER D 273 40.98 -57.32 29.17
CA SER D 273 40.18 -57.95 28.12
C SER D 273 38.80 -57.28 28.02
N SER D 274 38.02 -57.73 27.05
CA SER D 274 36.66 -57.25 26.80
C SER D 274 36.64 -55.73 26.56
N SER D 275 37.26 -55.34 25.44
CA SER D 275 37.32 -53.94 24.99
C SER D 275 37.97 -53.05 26.05
N GLY D 276 39.25 -53.34 26.31
CA GLY D 276 40.03 -52.63 27.28
C GLY D 276 40.54 -51.27 26.85
N TRP D 277 40.15 -50.80 25.67
CA TRP D 277 40.57 -49.49 25.20
C TRP D 277 39.86 -48.39 26.00
N THR D 278 40.31 -47.15 25.81
CA THR D 278 39.75 -46.03 26.55
C THR D 278 38.30 -45.78 26.16
N ALA D 279 37.98 -45.83 24.87
CA ALA D 279 36.63 -45.57 24.39
C ALA D 279 36.48 -46.20 23.01
N GLY D 280 35.24 -46.20 22.52
CA GLY D 280 34.96 -46.75 21.20
C GLY D 280 35.56 -45.96 20.05
N ALA D 281 35.06 -44.76 19.76
CA ALA D 281 33.87 -44.21 20.40
C ALA D 281 32.90 -43.70 19.34
N ALA D 282 31.99 -44.55 18.89
CA ALA D 282 31.09 -44.23 17.78
C ALA D 282 29.79 -43.60 18.29
N ALA D 283 29.95 -42.50 19.03
CA ALA D 283 28.80 -41.78 19.59
C ALA D 283 28.43 -40.65 18.64
N TYR D 284 27.64 -40.99 17.63
CA TYR D 284 27.20 -40.02 16.64
C TYR D 284 25.80 -39.53 16.97
N TYR D 285 25.63 -38.21 17.02
CA TYR D 285 24.34 -37.57 17.30
C TYR D 285 23.80 -36.98 16.01
N VAL D 286 22.60 -37.40 15.62
CA VAL D 286 21.98 -36.98 14.37
C VAL D 286 20.61 -36.38 14.69
N GLY D 287 20.33 -35.21 14.10
CA GLY D 287 19.06 -34.55 14.31
C GLY D 287 18.96 -33.23 13.59
N TYR D 288 14.29 -34.83 11.63
CA TYR D 288 15.60 -34.31 11.99
C TYR D 288 15.63 -32.78 11.96
N LEU D 289 15.08 -32.21 10.89
CA LEU D 289 15.02 -30.77 10.71
C LEU D 289 13.59 -30.36 10.40
N GLN D 290 13.36 -29.05 10.44
CA GLN D 290 12.04 -28.47 10.21
C GLN D 290 12.20 -27.20 9.40
N PRO D 291 11.17 -26.79 8.66
CA PRO D 291 11.26 -25.53 7.89
C PRO D 291 10.86 -24.30 8.73
N ARG D 292 11.66 -24.02 9.75
CA ARG D 292 11.44 -22.85 10.58
C ARG D 292 11.91 -21.59 9.84
N THR D 293 11.75 -20.44 10.50
CA THR D 293 12.13 -19.14 9.94
C THR D 293 12.89 -18.31 10.96
N PHE D 294 13.86 -18.95 11.62
CA PHE D 294 14.62 -18.29 12.67
C PHE D 294 15.35 -17.07 12.14
N LEU D 295 15.34 -16.00 12.94
CA LEU D 295 15.91 -14.72 12.57
C LEU D 295 17.31 -14.58 13.17
N LEU D 296 18.31 -14.44 12.33
CA LEU D 296 19.70 -14.27 12.75
C LEU D 296 20.19 -12.89 12.34
N LYS D 297 20.92 -12.24 13.24
CA LYS D 297 21.46 -10.91 13.02
C LYS D 297 22.95 -11.01 12.71
N TYR D 298 23.43 -10.10 11.87
CA TYR D 298 24.83 -10.10 11.50
C TYR D 298 25.71 -9.68 12.68
N ASN D 299 27.02 -9.75 12.45
CA ASN D 299 28.02 -9.51 13.49
C ASN D 299 29.22 -8.85 12.82
N GLU D 300 29.95 -8.05 13.59
CA GLU D 300 31.19 -7.51 13.06
C GLU D 300 32.18 -8.64 12.79
N ASN D 301 33.02 -8.44 11.78
CA ASN D 301 33.90 -9.43 11.16
C ASN D 301 33.13 -10.53 10.44
N GLY D 302 31.86 -10.32 10.13
CA GLY D 302 31.10 -11.23 9.29
C GLY D 302 30.58 -12.48 9.97
N THR D 303 30.78 -12.64 11.27
CA THR D 303 30.36 -13.83 11.98
C THR D 303 28.86 -13.75 12.29
N ILE D 304 28.39 -14.63 13.16
CA ILE D 304 27.00 -14.65 13.59
C ILE D 304 26.99 -14.62 15.12
N THR D 305 26.21 -13.70 15.70
CA THR D 305 26.18 -13.55 17.15
C THR D 305 25.31 -14.61 17.80
N ASP D 306 24.03 -14.63 17.46
CA ASP D 306 23.09 -15.59 18.03
C ASP D 306 22.00 -15.88 17.02
N ALA D 307 21.07 -16.75 17.41
CA ALA D 307 19.97 -17.16 16.53
C ALA D 307 18.67 -17.11 17.33
N VAL D 308 17.76 -16.24 16.92
CA VAL D 308 16.46 -16.10 17.58
C VAL D 308 15.39 -16.59 16.62
N ASP D 309 14.63 -17.60 17.06
CA ASP D 309 13.59 -18.20 16.25
C ASP D 309 12.32 -17.34 16.31
N CYS D 310 11.47 -17.52 15.30
CA CYS D 310 10.19 -16.84 15.24
C CYS D 310 9.02 -17.67 15.77
N ALA D 311 9.26 -18.95 16.09
CA ALA D 311 8.18 -19.83 16.55
C ALA D 311 8.64 -20.72 17.69
N LEU D 312 9.74 -20.36 18.38
CA LEU D 312 10.18 -21.12 19.53
C LEU D 312 9.21 -20.99 20.70
N ASP D 313 8.82 -19.76 21.00
CA ASP D 313 7.90 -19.47 22.10
C ASP D 313 7.31 -18.09 21.86
N PRO D 314 6.19 -17.76 22.52
CA PRO D 314 5.56 -16.45 22.27
C PRO D 314 6.46 -15.25 22.49
N LEU D 315 7.41 -15.33 23.41
CA LEU D 315 8.32 -14.20 23.62
C LEU D 315 9.20 -13.96 22.40
N SER D 316 9.75 -15.03 21.82
CA SER D 316 10.64 -14.86 20.68
C SER D 316 9.89 -14.37 19.45
N GLU D 317 8.59 -14.68 19.35
CA GLU D 317 7.80 -14.16 18.24
C GLU D 317 7.68 -12.64 18.31
N THR D 318 7.63 -12.09 19.52
CA THR D 318 7.65 -10.63 19.67
C THR D 318 8.95 -10.04 19.15
N LYS D 319 10.08 -10.66 19.48
CA LYS D 319 11.36 -10.23 18.93
C LYS D 319 11.43 -10.41 17.43
N CYS D 320 10.72 -11.39 16.87
CA CYS D 320 10.76 -11.62 15.44
C CYS D 320 9.96 -10.57 14.68
N THR D 321 8.79 -10.19 15.20
CA THR D 321 7.97 -9.19 14.50
C THR D 321 8.49 -7.77 14.71
N LEU D 322 9.24 -7.53 15.79
CA LEU D 322 9.81 -6.21 16.02
C LEU D 322 11.16 -6.02 15.35
N LYS D 323 11.70 -7.06 14.72
CA LYS D 323 13.00 -7.01 14.03
C LYS D 323 14.13 -6.58 14.97
N SER D 324 14.02 -6.94 16.24
CA SER D 324 15.01 -6.52 17.23
C SER D 324 15.07 -7.56 18.34
N PHE D 325 16.14 -7.48 19.14
CA PHE D 325 16.35 -8.43 20.22
C PHE D 325 15.66 -8.02 21.51
N THR D 326 15.78 -6.75 21.89
CA THR D 326 15.18 -6.25 23.12
C THR D 326 13.74 -5.84 22.88
N VAL D 327 12.92 -5.94 23.93
CA VAL D 327 11.51 -5.58 23.89
C VAL D 327 11.20 -4.69 25.07
N GLU D 328 10.61 -3.53 24.80
CA GLU D 328 10.17 -2.63 25.85
C GLU D 328 8.90 -3.17 26.50
N LYS D 329 8.74 -2.89 27.79
CA LYS D 329 7.56 -3.34 28.53
C LYS D 329 6.28 -2.76 27.93
N GLY D 330 5.30 -3.62 27.75
CA GLY D 330 4.03 -3.23 27.17
C GLY D 330 3.38 -4.40 26.48
N ILE D 331 2.43 -4.10 25.59
CA ILE D 331 1.71 -5.10 24.83
C ILE D 331 2.08 -4.94 23.36
N TYR D 332 2.11 -6.07 22.64
CA TYR D 332 2.48 -6.07 21.24
C TYR D 332 1.65 -7.10 20.49
N GLN D 333 1.44 -6.83 19.21
CA GLN D 333 0.74 -7.75 18.31
C GLN D 333 1.75 -8.37 17.36
N THR D 334 1.77 -9.70 17.31
CA THR D 334 2.75 -10.43 16.51
C THR D 334 2.17 -11.02 15.24
N SER D 335 1.10 -11.81 15.35
CA SER D 335 0.52 -12.48 14.20
C SER D 335 -0.98 -12.61 14.43
N ASN D 336 -1.62 -13.47 13.64
CA ASN D 336 -3.05 -13.71 13.73
C ASN D 336 -3.31 -15.20 13.71
N PHE D 337 -4.44 -15.59 14.30
CA PHE D 337 -4.86 -16.98 14.37
C PHE D 337 -6.20 -17.15 13.64
N ARG D 338 -6.40 -18.35 13.09
CA ARG D 338 -7.61 -18.64 12.36
C ARG D 338 -7.80 -20.15 12.30
N VAL D 339 -8.96 -20.62 12.76
CA VAL D 339 -9.25 -22.05 12.71
C VAL D 339 -9.54 -22.46 11.26
N GLN D 340 -9.01 -23.60 10.87
CA GLN D 340 -9.10 -24.05 9.48
C GLN D 340 -10.23 -25.06 9.31
N PRO D 341 -10.84 -25.09 8.13
CA PRO D 341 -11.87 -26.11 7.86
C PRO D 341 -11.28 -27.50 7.83
N THR D 342 -12.12 -28.48 8.18
CA THR D 342 -11.70 -29.88 8.26
C THR D 342 -12.11 -30.70 7.04
N GLU D 343 -13.29 -30.46 6.49
CA GLU D 343 -13.82 -31.22 5.37
C GLU D 343 -13.96 -30.30 4.15
N SER D 344 -14.50 -30.88 3.07
CA SER D 344 -14.77 -30.14 1.83
C SER D 344 -16.05 -30.70 1.24
N ILE D 345 -17.10 -29.88 1.19
CA ILE D 345 -18.42 -30.33 0.79
C ILE D 345 -18.89 -29.53 -0.42
N VAL D 346 -19.59 -30.23 -1.32
CA VAL D 346 -20.23 -29.63 -2.49
C VAL D 346 -21.66 -30.13 -2.55
N ARG D 347 -22.61 -29.20 -2.67
CA ARG D 347 -24.03 -29.54 -2.68
C ARG D 347 -24.69 -29.08 -3.97
N PHE D 348 -25.57 -29.91 -4.50
CA PHE D 348 -26.34 -29.64 -5.70
C PHE D 348 -27.80 -30.02 -5.45
N PRO D 349 -28.72 -29.47 -6.24
CA PRO D 349 -30.12 -29.89 -6.13
C PRO D 349 -30.27 -31.37 -6.44
N ASN D 350 -31.36 -31.95 -5.92
CA ASN D 350 -31.56 -33.39 -6.01
C ASN D 350 -31.73 -33.84 -7.46
N ILE D 351 -31.16 -35.01 -7.77
CA ILE D 351 -31.19 -35.57 -9.11
C ILE D 351 -32.50 -36.34 -9.27
N THR D 352 -33.43 -35.79 -10.05
CA THR D 352 -34.75 -36.40 -10.23
C THR D 352 -35.02 -36.78 -11.67
N ASN D 353 -34.88 -35.85 -12.62
CA ASN D 353 -35.28 -36.08 -14.01
C ASN D 353 -34.08 -36.60 -14.80
N LEU D 354 -33.94 -37.92 -14.84
CA LEU D 354 -32.85 -38.55 -15.58
C LEU D 354 -33.12 -38.49 -17.08
N CYS D 355 -32.04 -38.53 -17.84
CA CYS D 355 -32.16 -38.51 -19.29
C CYS D 355 -32.74 -39.82 -19.80
N PRO D 356 -33.58 -39.79 -20.85
CA PRO D 356 -34.15 -41.03 -21.41
C PRO D 356 -33.15 -41.78 -22.30
N PHE D 357 -32.25 -42.51 -21.65
CA PHE D 357 -31.19 -43.23 -22.35
C PHE D 357 -31.59 -44.65 -22.73
N GLY D 358 -32.82 -45.08 -22.40
CA GLY D 358 -33.24 -46.42 -22.74
C GLY D 358 -33.52 -46.64 -24.21
N GLU D 359 -33.79 -45.57 -24.96
CA GLU D 359 -34.10 -45.69 -26.37
C GLU D 359 -32.86 -45.92 -27.23
N VAL D 360 -31.67 -45.61 -26.72
CA VAL D 360 -30.42 -45.75 -27.49
C VAL D 360 -29.58 -46.92 -27.01
N PHE D 361 -30.00 -47.64 -25.97
CA PHE D 361 -29.26 -48.78 -25.48
C PHE D 361 -30.02 -50.10 -25.56
N ASN D 362 -31.34 -50.07 -25.72
CA ASN D 362 -32.14 -51.28 -25.84
C ASN D 362 -33.15 -51.15 -26.97
N ALA D 363 -32.71 -50.57 -28.08
CA ALA D 363 -33.59 -50.40 -29.23
C ALA D 363 -33.87 -51.74 -29.89
N THR D 364 -35.12 -51.93 -30.33
CA THR D 364 -35.50 -53.17 -31.00
C THR D 364 -34.79 -53.33 -32.34
N ARG D 365 -34.70 -52.25 -33.11
CA ARG D 365 -34.06 -52.28 -34.41
C ARG D 365 -33.15 -51.06 -34.57
N PHE D 366 -32.19 -51.18 -35.47
CA PHE D 366 -31.21 -50.13 -35.73
C PHE D 366 -31.35 -49.64 -37.17
N ALA D 367 -30.45 -48.76 -37.58
CA ALA D 367 -30.48 -48.14 -38.89
C ALA D 367 -29.33 -48.65 -39.75
N SER D 368 -29.40 -48.33 -41.04
CA SER D 368 -28.40 -48.74 -42.00
C SER D 368 -27.28 -47.69 -42.06
N VAL D 369 -26.39 -47.83 -43.05
CA VAL D 369 -25.27 -46.91 -43.18
C VAL D 369 -25.73 -45.58 -43.77
N TYR D 370 -26.43 -45.63 -44.90
CA TYR D 370 -26.86 -44.39 -45.56
C TYR D 370 -28.07 -43.76 -44.89
N ALA D 371 -28.79 -44.50 -44.05
CA ALA D 371 -29.98 -43.97 -43.39
C ALA D 371 -29.82 -44.00 -41.88
N TRP D 372 -28.66 -43.58 -41.38
CA TRP D 372 -28.41 -43.58 -39.95
C TRP D 372 -29.30 -42.57 -39.24
N ASN D 373 -29.84 -42.98 -38.09
CA ASN D 373 -30.73 -42.12 -37.32
C ASN D 373 -29.93 -41.20 -36.40
N ARG D 374 -30.50 -40.03 -36.13
CA ARG D 374 -29.90 -39.04 -35.26
C ARG D 374 -30.77 -38.86 -34.03
N LYS D 375 -30.16 -38.94 -32.85
CA LYS D 375 -30.86 -38.81 -31.58
C LYS D 375 -30.29 -37.61 -30.83
N ARG D 376 -31.19 -36.77 -30.32
CA ARG D 376 -30.82 -35.57 -29.58
C ARG D 376 -31.29 -35.72 -28.13
N ILE D 377 -30.36 -35.52 -27.20
CA ILE D 377 -30.65 -35.61 -25.77
C ILE D 377 -30.30 -34.28 -25.12
N SER D 378 -31.27 -33.67 -24.46
CA SER D 378 -31.08 -32.38 -23.80
C SER D 378 -32.15 -32.20 -22.73
N ASN D 379 -31.99 -31.13 -21.96
CA ASN D 379 -32.95 -30.74 -20.91
C ASN D 379 -33.13 -31.86 -19.88
N CYS D 380 -32.03 -32.50 -19.50
CA CYS D 380 -32.04 -33.53 -18.48
C CYS D 380 -30.63 -33.65 -17.91
N VAL D 381 -30.43 -34.65 -17.05
CA VAL D 381 -29.14 -34.91 -16.41
C VAL D 381 -28.64 -36.28 -16.85
N ALA D 382 -27.37 -36.34 -17.25
CA ALA D 382 -26.76 -37.56 -17.75
C ALA D 382 -25.65 -37.99 -16.79
N ASP D 383 -25.83 -39.14 -16.16
CA ASP D 383 -24.83 -39.67 -15.24
C ASP D 383 -23.80 -40.45 -16.04
N TYR D 384 -22.58 -39.92 -16.12
CA TYR D 384 -21.52 -40.56 -16.88
C TYR D 384 -20.84 -41.70 -16.14
N SER D 385 -21.05 -41.80 -14.82
CA SER D 385 -20.39 -42.85 -14.05
C SER D 385 -21.03 -44.22 -14.32
N VAL D 386 -22.36 -44.28 -14.36
CA VAL D 386 -23.03 -45.55 -14.57
C VAL D 386 -22.81 -46.05 -15.99
N LEU D 387 -22.78 -45.14 -16.97
CA LEU D 387 -22.54 -45.54 -18.36
C LEU D 387 -21.12 -46.03 -18.56
N TYR D 388 -20.14 -45.37 -17.92
CA TYR D 388 -18.75 -45.78 -18.07
C TYR D 388 -18.46 -47.06 -17.30
N ASN D 389 -19.05 -47.21 -16.11
CA ASN D 389 -18.85 -48.39 -15.29
C ASN D 389 -20.01 -49.34 -15.50
N SER D 390 -19.96 -50.05 -16.63
CA SER D 390 -21.00 -51.01 -17.00
C SER D 390 -20.49 -52.43 -17.19
N ALA D 391 -19.19 -52.62 -17.43
CA ALA D 391 -18.58 -53.94 -17.64
C ALA D 391 -19.27 -54.70 -18.76
N SER D 392 -19.60 -53.99 -19.84
CA SER D 392 -20.26 -54.60 -20.99
C SER D 392 -19.64 -54.23 -22.33
N PHE D 393 -18.89 -53.14 -22.43
CA PHE D 393 -18.27 -52.72 -23.67
C PHE D 393 -16.79 -53.10 -23.69
N SER D 394 -16.19 -52.97 -24.88
CA SER D 394 -14.77 -53.29 -25.04
C SER D 394 -14.00 -52.25 -25.84
N THR D 395 -14.65 -51.32 -26.54
CA THR D 395 -13.96 -50.32 -27.33
C THR D 395 -14.34 -48.93 -26.83
N PHE D 396 -13.34 -48.11 -26.54
CA PHE D 396 -13.57 -46.74 -26.08
C PHE D 396 -12.33 -45.92 -26.38
N LYS D 397 -12.42 -45.04 -27.37
CA LYS D 397 -11.30 -44.18 -27.73
C LYS D 397 -11.83 -42.87 -28.31
N CYS D 398 -11.19 -41.77 -27.94
CA CYS D 398 -11.53 -40.44 -28.43
C CYS D 398 -10.37 -39.51 -28.12
N TYR D 399 -10.44 -38.31 -28.69
CA TYR D 399 -9.40 -37.30 -28.54
C TYR D 399 -9.99 -36.01 -28.00
N GLY D 400 -9.24 -35.34 -27.13
CA GLY D 400 -9.61 -34.07 -26.57
C GLY D 400 -10.26 -34.14 -25.21
N VAL D 401 -10.80 -35.30 -24.82
CA VAL D 401 -11.42 -35.48 -23.52
C VAL D 401 -10.94 -36.79 -22.92
N SER D 402 -11.11 -36.90 -21.60
CA SER D 402 -10.76 -38.09 -20.85
C SER D 402 -11.92 -38.48 -19.95
N PRO D 403 -12.06 -39.77 -19.62
CA PRO D 403 -13.12 -40.18 -18.70
C PRO D 403 -13.02 -39.54 -17.32
N THR D 404 -11.81 -39.26 -16.84
CA THR D 404 -11.65 -38.62 -15.54
C THR D 404 -11.96 -37.12 -15.58
N LYS D 405 -12.06 -36.53 -16.77
CA LYS D 405 -12.45 -35.13 -16.90
C LYS D 405 -13.91 -34.94 -17.28
N LEU D 406 -14.64 -36.03 -17.54
CA LEU D 406 -16.05 -35.93 -17.89
C LEU D 406 -16.92 -35.57 -16.69
N ASN D 407 -16.39 -35.63 -15.47
CA ASN D 407 -17.20 -35.33 -14.29
C ASN D 407 -17.48 -33.84 -14.16
N ASP D 408 -16.62 -32.98 -14.73
CA ASP D 408 -16.76 -31.53 -14.63
C ASP D 408 -16.68 -30.90 -16.02
N LEU D 409 -17.81 -30.90 -16.72
CA LEU D 409 -17.98 -30.26 -18.03
C LEU D 409 -19.46 -30.28 -18.39
N CYS D 410 -19.92 -29.20 -19.02
CA CYS D 410 -21.30 -29.09 -19.47
C CYS D 410 -21.34 -28.54 -20.88
N PHE D 411 -22.25 -29.07 -21.69
CA PHE D 411 -22.44 -28.62 -23.06
C PHE D 411 -23.92 -28.35 -23.30
N THR D 412 -24.19 -27.58 -24.35
CA THR D 412 -25.56 -27.17 -24.65
C THR D 412 -26.39 -28.36 -25.12
N ASN D 413 -25.86 -29.15 -26.06
CA ASN D 413 -26.61 -30.23 -26.66
C ASN D 413 -25.71 -31.45 -26.86
N VAL D 414 -26.33 -32.63 -26.84
CA VAL D 414 -25.65 -33.89 -27.07
C VAL D 414 -26.38 -34.62 -28.18
N TYR D 415 -25.62 -35.06 -29.20
CA TYR D 415 -26.16 -35.78 -30.33
C TYR D 415 -25.67 -37.23 -30.29
N ALA D 416 -26.59 -38.16 -30.55
CA ALA D 416 -26.28 -39.59 -30.53
C ALA D 416 -26.65 -40.19 -31.88
N ASP D 417 -25.72 -40.96 -32.46
CA ASP D 417 -25.92 -41.61 -33.73
C ASP D 417 -25.53 -43.09 -33.62
N SER D 418 -26.24 -43.93 -34.36
CA SER D 418 -25.98 -45.36 -34.36
C SER D 418 -26.22 -45.91 -35.75
N PHE D 419 -25.41 -46.91 -36.13
CA PHE D 419 -25.51 -47.53 -37.43
C PHE D 419 -24.89 -48.93 -37.34
N VAL D 420 -24.87 -49.63 -38.47
CA VAL D 420 -24.35 -50.98 -38.56
C VAL D 420 -23.13 -50.95 -39.48
N ILE D 421 -22.02 -51.51 -39.00
CA ILE D 421 -20.77 -51.55 -39.75
C ILE D 421 -20.32 -53.00 -39.87
N ARG D 422 -19.30 -53.21 -40.70
CA ARG D 422 -18.72 -54.52 -40.94
C ARG D 422 -17.50 -54.70 -40.05
N GLY D 423 -16.91 -55.90 -40.11
CA GLY D 423 -15.74 -56.18 -39.28
C GLY D 423 -14.53 -55.33 -39.64
N ASP D 424 -14.33 -55.10 -40.93
CA ASP D 424 -13.20 -54.30 -41.40
C ASP D 424 -13.51 -52.82 -41.49
N GLU D 425 -14.72 -52.40 -41.13
CA GLU D 425 -15.13 -51.01 -41.18
C GLU D 425 -15.18 -50.39 -39.77
N VAL D 426 -14.28 -50.82 -38.90
CA VAL D 426 -14.21 -50.29 -37.55
C VAL D 426 -12.96 -49.44 -37.32
N ARG D 427 -11.87 -49.70 -38.04
CA ARG D 427 -10.65 -48.91 -37.91
C ARG D 427 -10.67 -47.64 -38.77
N GLN D 428 -11.64 -47.50 -39.66
CA GLN D 428 -11.71 -46.34 -40.54
C GLN D 428 -12.32 -45.12 -39.87
N ILE D 429 -12.87 -45.26 -38.68
CA ILE D 429 -13.50 -44.12 -37.98
C ILE D 429 -12.38 -43.45 -37.18
N ALA D 430 -11.65 -42.57 -37.87
CA ALA D 430 -10.54 -41.83 -37.28
C ALA D 430 -10.20 -40.68 -38.19
N PRO D 431 -9.93 -39.48 -37.67
CA PRO D 431 -9.58 -38.35 -38.54
C PRO D 431 -8.22 -38.55 -39.18
N GLY D 432 -8.15 -38.31 -40.49
CA GLY D 432 -6.91 -38.44 -41.22
C GLY D 432 -6.70 -39.77 -41.91
N GLN D 433 -7.74 -40.60 -42.01
CA GLN D 433 -7.63 -41.90 -42.66
C GLN D 433 -8.74 -42.06 -43.69
N THR D 434 -8.48 -42.91 -44.68
CA THR D 434 -9.42 -43.19 -45.75
C THR D 434 -9.72 -44.68 -45.79
N GLY D 435 -10.88 -45.02 -46.35
CA GLY D 435 -11.29 -46.39 -46.42
C GLY D 435 -12.54 -46.57 -47.24
N LYS D 436 -13.22 -47.70 -47.01
CA LYS D 436 -14.44 -47.99 -47.75
C LYS D 436 -15.55 -46.99 -47.45
N ILE D 437 -15.69 -46.60 -46.19
CA ILE D 437 -16.72 -45.66 -45.76
C ILE D 437 -16.13 -44.46 -45.02
N ALA D 438 -14.82 -44.37 -44.89
CA ALA D 438 -14.21 -43.27 -44.15
C ALA D 438 -14.38 -41.94 -44.88
N ASP D 439 -14.15 -41.93 -46.19
CA ASP D 439 -14.25 -40.71 -46.98
C ASP D 439 -15.47 -40.69 -47.89
N TYR D 440 -16.36 -41.66 -47.76
CA TYR D 440 -17.53 -41.76 -48.64
C TYR D 440 -18.86 -41.78 -47.92
N ASN D 441 -18.92 -42.30 -46.70
CA ASN D 441 -20.19 -42.40 -45.97
C ASN D 441 -20.19 -41.66 -44.65
N TYR D 442 -19.06 -41.62 -43.94
CA TYR D 442 -19.00 -40.93 -42.66
C TYR D 442 -17.55 -40.47 -42.44
N LYS D 443 -17.32 -39.16 -42.52
CA LYS D 443 -16.01 -38.58 -42.34
C LYS D 443 -16.01 -37.70 -41.10
N LEU D 444 -15.06 -37.97 -40.20
CA LEU D 444 -14.96 -37.17 -38.99
C LEU D 444 -14.34 -35.80 -39.32
N PRO D 445 -14.73 -34.76 -38.58
CA PRO D 445 -14.14 -33.43 -38.81
C PRO D 445 -12.69 -33.35 -38.37
N ASP D 446 -12.09 -32.16 -38.50
CA ASP D 446 -10.71 -31.98 -38.09
C ASP D 446 -10.55 -32.17 -36.59
N ASP D 447 -11.51 -31.67 -35.80
CA ASP D 447 -11.51 -31.84 -34.35
C ASP D 447 -12.79 -32.54 -33.92
N PHE D 448 -12.65 -33.48 -33.01
CA PHE D 448 -13.78 -34.24 -32.49
C PHE D 448 -13.70 -34.29 -30.97
N THR D 449 -14.87 -34.39 -30.33
CA THR D 449 -14.96 -34.40 -28.88
C THR D 449 -15.62 -35.65 -28.33
N GLY D 450 -16.66 -36.16 -28.99
CA GLY D 450 -17.36 -37.32 -28.47
C GLY D 450 -16.54 -38.59 -28.58
N CYS D 451 -16.98 -39.61 -27.85
CA CYS D 451 -16.30 -40.90 -27.79
C CYS D 451 -17.25 -42.01 -28.21
N VAL D 452 -16.67 -43.11 -28.66
CA VAL D 452 -17.42 -44.25 -29.20
C VAL D 452 -17.45 -45.37 -28.16
N ILE D 453 -18.59 -46.07 -28.09
CA ILE D 453 -18.76 -47.21 -27.21
C ILE D 453 -19.28 -48.36 -28.04
N ALA D 454 -18.56 -49.49 -28.02
CA ALA D 454 -18.92 -50.66 -28.80
C ALA D 454 -19.00 -51.88 -27.90
N TRP D 455 -20.02 -52.71 -28.14
CA TRP D 455 -20.24 -53.93 -27.37
C TRP D 455 -20.54 -55.08 -28.33
N ASN D 456 -20.87 -56.24 -27.76
CA ASN D 456 -21.09 -57.44 -28.55
C ASN D 456 -22.41 -57.36 -29.31
N SER D 457 -22.47 -58.08 -30.43
CA SER D 457 -23.67 -58.13 -31.25
C SER D 457 -24.01 -59.54 -31.71
N ASN D 458 -23.30 -60.56 -31.21
CA ASN D 458 -23.53 -61.94 -31.60
C ASN D 458 -24.52 -62.67 -30.70
N ASN D 459 -25.12 -61.97 -29.73
CA ASN D 459 -26.04 -62.64 -28.81
C ASN D 459 -27.34 -63.01 -29.50
N LEU D 460 -28.06 -62.03 -30.04
CA LEU D 460 -29.31 -62.31 -30.73
C LEU D 460 -29.49 -61.48 -32.00
N ASP D 461 -28.47 -60.74 -32.43
CA ASP D 461 -28.56 -59.89 -33.61
C ASP D 461 -27.97 -60.56 -34.86
N SER D 462 -28.04 -61.88 -34.93
CA SER D 462 -27.52 -62.61 -36.09
C SER D 462 -28.34 -63.89 -36.23
N LYS D 463 -29.31 -63.88 -37.14
CA LYS D 463 -30.16 -65.03 -37.38
C LYS D 463 -29.52 -65.98 -38.37
N VAL D 464 -30.02 -67.21 -38.38
CA VAL D 464 -29.50 -68.24 -39.29
C VAL D 464 -29.99 -67.96 -40.71
N GLY D 465 -29.21 -68.42 -41.68
CA GLY D 465 -29.56 -68.22 -43.08
C GLY D 465 -29.17 -66.88 -43.66
N GLY D 466 -28.41 -66.07 -42.92
CA GLY D 466 -28.00 -64.76 -43.39
C GLY D 466 -28.99 -63.68 -43.03
N ASN D 467 -28.51 -62.44 -43.11
CA ASN D 467 -29.32 -61.27 -42.79
C ASN D 467 -29.29 -60.33 -43.98
N TYR D 468 -30.47 -59.95 -44.48
CA TYR D 468 -30.62 -59.04 -45.60
C TYR D 468 -31.45 -57.82 -45.23
N ASN D 469 -31.49 -57.48 -43.94
CA ASN D 469 -32.27 -56.35 -43.46
C ASN D 469 -31.47 -55.06 -43.38
N TYR D 470 -30.19 -55.08 -43.78
CA TYR D 470 -29.35 -53.90 -43.74
C TYR D 470 -28.65 -53.74 -45.09
N LEU D 471 -28.39 -52.49 -45.45
CA LEU D 471 -27.83 -52.15 -46.75
C LEU D 471 -26.76 -51.09 -46.58
N TYR D 472 -25.71 -51.18 -47.39
CA TYR D 472 -24.59 -50.24 -47.35
C TYR D 472 -24.28 -49.74 -48.76
N ARG D 473 -23.27 -48.89 -48.86
CA ARG D 473 -22.88 -48.26 -50.12
C ARG D 473 -21.45 -48.67 -50.47
N LEU D 474 -21.24 -48.94 -51.76
CA LEU D 474 -19.93 -49.38 -52.25
C LEU D 474 -19.12 -48.26 -52.88
N PHE D 475 -19.69 -47.57 -53.87
CA PHE D 475 -18.97 -46.55 -54.63
C PHE D 475 -19.51 -45.16 -54.31
N ARG D 476 -18.64 -44.16 -54.50
CA ARG D 476 -19.01 -42.77 -54.31
C ARG D 476 -18.17 -41.91 -55.23
N LYS D 477 -18.79 -40.88 -55.81
CA LYS D 477 -18.10 -40.06 -56.81
C LYS D 477 -17.02 -39.19 -56.18
N SER D 478 -17.34 -38.53 -55.07
CA SER D 478 -16.42 -37.60 -54.44
C SER D 478 -16.69 -37.58 -52.94
N ASN D 479 -16.15 -36.58 -52.25
CA ASN D 479 -16.34 -36.44 -50.82
C ASN D 479 -17.77 -36.00 -50.50
N LEU D 480 -18.16 -36.19 -49.25
CA LEU D 480 -19.49 -35.84 -48.77
C LEU D 480 -19.42 -34.69 -47.78
N LYS D 481 -20.52 -33.97 -47.67
CA LYS D 481 -20.60 -32.86 -46.72
C LYS D 481 -20.60 -33.40 -45.29
N PRO D 482 -19.94 -32.71 -44.36
CA PRO D 482 -19.94 -33.18 -42.97
C PRO D 482 -21.33 -33.12 -42.37
N PHE D 483 -21.61 -34.11 -41.50
CA PHE D 483 -22.89 -34.22 -40.78
C PHE D 483 -24.07 -34.24 -41.75
N GLU D 484 -23.91 -34.98 -42.86
CA GLU D 484 -24.93 -35.09 -43.89
C GLU D 484 -25.27 -36.56 -44.13
N ARG D 485 -26.56 -36.83 -44.29
CA ARG D 485 -27.06 -38.17 -44.58
C ARG D 485 -27.82 -38.13 -45.89
N ASP D 486 -27.49 -39.06 -46.79
CA ASP D 486 -28.11 -39.12 -48.11
C ASP D 486 -28.97 -40.37 -48.23
N ILE D 487 -30.18 -40.20 -48.78
CA ILE D 487 -31.10 -41.32 -48.97
C ILE D 487 -31.38 -41.32 -50.47
N SER D 488 -30.40 -40.89 -51.25
CA SER D 488 -30.57 -40.83 -52.70
C SER D 488 -30.50 -42.22 -53.31
N THR D 489 -31.45 -42.53 -54.18
CA THR D 489 -31.53 -43.81 -54.87
C THR D 489 -31.24 -43.65 -56.36
N GLU D 490 -30.33 -42.74 -56.70
CA GLU D 490 -29.98 -42.50 -58.10
C GLU D 490 -29.17 -43.67 -58.65
N ILE D 491 -29.24 -43.82 -59.97
CA ILE D 491 -28.53 -44.89 -60.67
C ILE D 491 -27.19 -44.36 -61.16
N TYR D 492 -26.15 -45.18 -61.04
CA TYR D 492 -24.80 -44.81 -61.45
C TYR D 492 -24.48 -45.42 -62.80
N GLN D 493 -23.91 -44.60 -63.68
CA GLN D 493 -23.53 -45.03 -65.03
C GLN D 493 -22.06 -45.46 -65.01
N ALA D 494 -21.82 -46.75 -65.16
CA ALA D 494 -20.46 -47.28 -65.20
C ALA D 494 -19.87 -47.22 -66.60
N GLY D 495 -20.62 -47.67 -67.60
CA GLY D 495 -20.15 -47.65 -68.97
C GLY D 495 -20.51 -46.36 -69.68
N SER D 496 -20.03 -46.25 -70.92
CA SER D 496 -20.31 -45.06 -71.72
C SER D 496 -21.74 -45.05 -72.23
N THR D 497 -22.35 -46.22 -72.40
CA THR D 497 -23.72 -46.30 -72.89
C THR D 497 -24.69 -45.90 -71.79
N PRO D 498 -25.55 -44.89 -72.01
CA PRO D 498 -26.49 -44.47 -70.96
C PRO D 498 -27.61 -45.50 -70.81
N CYS D 499 -27.69 -46.10 -69.61
CA CYS D 499 -28.75 -47.04 -69.30
C CYS D 499 -29.95 -46.37 -68.65
N ASN D 500 -29.70 -45.40 -67.77
CA ASN D 500 -30.74 -44.58 -67.14
C ASN D 500 -31.75 -45.44 -66.37
N GLY D 501 -31.25 -46.12 -65.33
CA GLY D 501 -32.08 -46.89 -64.44
C GLY D 501 -32.19 -48.36 -64.76
N VAL D 502 -31.47 -48.85 -65.77
CA VAL D 502 -31.50 -50.26 -66.16
C VAL D 502 -30.16 -50.86 -65.75
N GLU D 503 -30.20 -51.82 -64.81
CA GLU D 503 -28.99 -52.47 -64.36
C GLU D 503 -28.60 -53.60 -65.31
N GLY D 504 -27.51 -54.29 -64.99
CA GLY D 504 -27.02 -55.36 -65.84
C GLY D 504 -25.91 -54.94 -66.77
N PHE D 505 -26.27 -54.65 -68.04
CA PHE D 505 -25.29 -54.25 -69.04
C PHE D 505 -24.64 -52.93 -68.67
N ASN D 506 -23.35 -53.00 -68.33
CA ASN D 506 -22.46 -51.91 -67.90
C ASN D 506 -23.13 -50.88 -66.99
N CYS D 507 -23.98 -51.36 -66.08
CA CYS D 507 -24.65 -50.49 -65.12
C CYS D 507 -24.93 -51.31 -63.86
N TYR D 508 -24.38 -50.88 -62.73
CA TYR D 508 -24.54 -51.59 -61.47
C TYR D 508 -24.91 -50.61 -60.37
N PHE D 509 -25.75 -51.05 -59.45
CA PHE D 509 -26.15 -50.22 -58.32
C PHE D 509 -25.07 -50.25 -57.26
N PRO D 510 -24.52 -49.10 -56.85
CA PRO D 510 -23.44 -49.10 -55.86
C PRO D 510 -23.90 -49.39 -54.44
N LEU D 511 -25.16 -49.77 -54.27
CA LEU D 511 -25.74 -50.03 -52.95
C LEU D 511 -26.18 -51.48 -52.90
N GLN D 512 -25.58 -52.25 -51.99
CA GLN D 512 -25.87 -53.65 -51.82
CA GLN D 512 -25.87 -53.66 -51.82
C GLN D 512 -26.20 -53.94 -50.36
N SER D 513 -26.83 -55.10 -50.14
CA SER D 513 -27.24 -55.50 -48.81
C SER D 513 -26.10 -56.24 -48.11
N TYR D 514 -26.37 -56.79 -46.93
CA TYR D 514 -25.39 -57.50 -46.13
C TYR D 514 -25.58 -59.01 -46.23
N GLY D 515 -24.63 -59.74 -45.66
CA GLY D 515 -24.71 -61.18 -45.50
C GLY D 515 -23.90 -61.63 -44.32
N PHE D 516 -24.51 -62.36 -43.38
CA PHE D 516 -23.86 -62.73 -42.13
C PHE D 516 -24.31 -64.12 -41.72
N GLN D 517 -23.42 -65.10 -41.83
CA GLN D 517 -23.69 -66.43 -41.32
C GLN D 517 -23.60 -66.44 -39.79
N PRO D 518 -24.37 -67.30 -39.12
CA PRO D 518 -24.34 -67.34 -37.65
C PRO D 518 -23.09 -67.97 -37.07
N THR D 519 -22.17 -68.46 -37.90
CA THR D 519 -20.94 -69.10 -37.44
C THR D 519 -19.73 -68.46 -38.13
N ASN D 520 -19.70 -67.13 -38.11
CA ASN D 520 -18.59 -66.39 -38.71
C ASN D 520 -17.44 -66.26 -37.72
N GLY D 521 -16.31 -65.77 -38.22
CA GLY D 521 -15.13 -65.57 -37.42
C GLY D 521 -15.20 -64.32 -36.56
N VAL D 522 -14.16 -64.13 -35.75
CA VAL D 522 -14.08 -62.97 -34.88
C VAL D 522 -13.98 -61.68 -35.71
N GLY D 523 -13.15 -61.70 -36.74
CA GLY D 523 -13.01 -60.53 -37.60
C GLY D 523 -14.15 -60.28 -38.56
N TYR D 524 -15.05 -61.25 -38.71
CA TYR D 524 -16.20 -61.12 -39.60
C TYR D 524 -17.51 -61.02 -38.82
N GLN D 525 -17.48 -60.38 -37.66
CA GLN D 525 -18.65 -60.22 -36.81
C GLN D 525 -18.98 -58.75 -36.66
N PRO D 526 -20.19 -58.31 -36.99
CA PRO D 526 -20.54 -56.90 -36.83
C PRO D 526 -20.60 -56.48 -35.36
N TYR D 527 -20.31 -55.20 -35.13
CA TYR D 527 -20.32 -54.63 -33.79
C TYR D 527 -21.45 -53.61 -33.67
N ARG D 528 -21.68 -53.16 -32.45
CA ARG D 528 -22.71 -52.16 -32.13
C ARG D 528 -22.02 -50.97 -31.50
N VAL D 529 -21.60 -50.02 -32.34
CA VAL D 529 -20.87 -48.83 -31.90
C VAL D 529 -21.81 -47.64 -31.91
N VAL D 530 -21.69 -46.78 -30.90
CA VAL D 530 -22.48 -45.57 -30.78
C VAL D 530 -21.53 -44.39 -30.60
N VAL D 531 -21.69 -43.38 -31.46
CA VAL D 531 -20.82 -42.21 -31.46
C VAL D 531 -21.62 -41.01 -30.96
N LEU D 532 -20.96 -40.14 -30.18
CA LEU D 532 -21.59 -38.96 -29.62
C LEU D 532 -20.94 -37.70 -30.18
N SER D 533 -21.70 -36.61 -30.16
CA SER D 533 -21.23 -35.32 -30.65
C SER D 533 -21.72 -34.22 -29.73
N PHE D 534 -20.86 -33.23 -29.50
CA PHE D 534 -21.17 -32.10 -28.64
C PHE D 534 -20.84 -30.80 -29.36
N GLU D 535 -21.50 -29.72 -28.93
CA GLU D 535 -21.29 -28.39 -29.50
C GLU D 535 -21.07 -27.39 -28.38
N LEU D 536 -20.31 -26.35 -28.70
CA LEU D 536 -19.94 -25.30 -27.74
C LEU D 536 -20.26 -23.93 -28.32
N LEU D 537 -21.48 -23.78 -28.82
CA LEU D 537 -21.92 -22.49 -29.35
C LEU D 537 -22.38 -21.58 -28.22
N HIS D 538 -22.71 -20.35 -28.58
CA HIS D 538 -23.14 -19.36 -27.59
C HIS D 538 -24.57 -19.63 -27.10
N ALA D 539 -24.70 -20.55 -26.15
CA ALA D 539 -25.99 -20.92 -25.60
C ALA D 539 -25.77 -21.44 -24.19
N PRO D 540 -26.76 -21.32 -23.30
CA PRO D 540 -26.61 -21.88 -21.95
C PRO D 540 -26.47 -23.39 -21.99
N ALA D 541 -25.68 -23.91 -21.04
CA ALA D 541 -25.47 -25.35 -20.93
C ALA D 541 -26.71 -25.99 -20.30
N THR D 542 -27.20 -27.07 -20.91
CA THR D 542 -28.43 -27.71 -20.46
C THR D 542 -28.23 -29.07 -19.82
N VAL D 543 -27.32 -29.89 -20.33
CA VAL D 543 -27.16 -31.27 -19.88
C VAL D 543 -25.73 -31.49 -19.39
N CYS D 544 -25.62 -31.97 -18.15
CA CYS D 544 -24.38 -32.48 -17.55
C CYS D 544 -24.69 -33.07 -16.18
N GLY D 545 -23.93 -34.09 -15.77
CA GLY D 545 -24.23 -34.79 -14.55
C GLY D 545 -23.14 -34.73 -13.51
N PRO D 546 -23.51 -34.38 -12.28
CA PRO D 546 -22.55 -34.41 -11.17
C PRO D 546 -22.35 -35.83 -10.65
N LYS D 547 -21.44 -35.95 -9.70
CA LYS D 547 -21.11 -37.23 -9.09
C LYS D 547 -21.03 -37.06 -7.57
N LYS D 548 -21.54 -38.06 -6.84
CA LYS D 548 -21.56 -37.99 -5.38
C LYS D 548 -20.15 -38.08 -4.82
N SER D 549 -19.81 -37.16 -3.92
CA SER D 549 -18.47 -37.09 -3.37
C SER D 549 -18.43 -37.37 -1.87
N THR D 550 -19.18 -36.61 -1.06
CA THR D 550 -19.13 -36.74 0.39
C THR D 550 -20.57 -36.77 0.92
N ASN D 551 -20.69 -36.73 2.24
CA ASN D 551 -21.97 -36.72 2.94
C ASN D 551 -22.19 -35.36 3.60
N LEU D 552 -23.38 -35.19 4.16
CA LEU D 552 -23.76 -33.92 4.77
C LEU D 552 -23.02 -33.70 6.10
N VAL D 553 -22.74 -32.43 6.38
CA VAL D 553 -22.06 -32.03 7.60
C VAL D 553 -22.81 -30.83 8.18
N LYS D 554 -22.69 -30.63 9.50
CA LYS D 554 -23.44 -29.59 10.17
C LYS D 554 -22.68 -29.10 11.38
N ASN D 555 -22.83 -27.80 11.69
CA ASN D 555 -22.42 -27.20 12.96
C ASN D 555 -20.90 -27.24 13.16
N LYS D 556 -20.14 -27.08 12.08
CA LYS D 556 -18.70 -26.93 12.17
C LYS D 556 -18.22 -26.16 10.95
N CYS D 557 -17.35 -25.17 11.18
CA CYS D 557 -17.06 -24.15 10.19
C CYS D 557 -16.18 -24.75 9.11
N VAL D 558 -16.77 -25.08 7.96
CA VAL D 558 -16.07 -25.70 6.84
C VAL D 558 -16.48 -24.98 5.55
N ASN D 559 -15.66 -25.17 4.52
CA ASN D 559 -15.97 -24.59 3.22
C ASN D 559 -17.09 -25.38 2.54
N PHE D 560 -17.85 -24.69 1.69
CA PHE D 560 -18.99 -25.29 1.02
C PHE D 560 -19.13 -24.71 -0.38
N ASN D 561 -19.79 -25.48 -1.25
CA ASN D 561 -20.06 -25.07 -2.63
C ASN D 561 -21.57 -25.20 -2.85
N PHE D 562 -22.29 -24.10 -2.61
CA PHE D 562 -23.74 -24.08 -2.67
C PHE D 562 -24.17 -23.41 -3.97
N ASN D 563 -24.52 -24.24 -4.96
CA ASN D 563 -24.99 -23.78 -6.28
C ASN D 563 -23.98 -22.84 -6.94
N GLY D 564 -22.70 -23.18 -6.83
CA GLY D 564 -21.64 -22.38 -7.40
C GLY D 564 -21.13 -21.27 -6.51
N LEU D 565 -21.71 -21.08 -5.32
CA LEU D 565 -21.28 -20.05 -4.39
C LEU D 565 -20.39 -20.70 -3.34
N THR D 566 -19.17 -20.19 -3.21
CA THR D 566 -18.20 -20.71 -2.27
C THR D 566 -18.12 -19.82 -1.03
N GLY D 567 -17.90 -20.46 0.11
CA GLY D 567 -17.78 -19.74 1.36
C GLY D 567 -17.52 -20.72 2.50
N THR D 568 -17.14 -20.14 3.64
CA THR D 568 -16.83 -20.93 4.82
C THR D 568 -17.50 -20.27 6.02
N GLY D 569 -18.23 -21.05 6.80
CA GLY D 569 -18.93 -20.50 7.95
C GLY D 569 -19.51 -21.61 8.80
N VAL D 570 -19.94 -21.22 10.01
CA VAL D 570 -20.64 -22.12 10.91
C VAL D 570 -22.10 -22.20 10.48
N LEU D 571 -22.57 -23.41 10.22
CA LEU D 571 -23.97 -23.59 9.83
C LEU D 571 -24.84 -23.73 11.07
N THR D 572 -25.80 -22.83 11.22
CA THR D 572 -26.70 -22.82 12.35
C THR D 572 -28.12 -22.64 11.83
N GLU D 573 -29.05 -23.45 12.36
CA GLU D 573 -30.44 -23.39 11.92
C GLU D 573 -31.03 -22.02 12.21
N SER D 574 -31.71 -21.46 11.21
CA SER D 574 -32.29 -20.13 11.30
C SER D 574 -33.81 -20.21 11.37
N ASN D 575 -34.39 -19.33 12.17
CA ASN D 575 -35.84 -19.25 12.33
C ASN D 575 -36.50 -18.30 11.35
N LYS D 576 -35.72 -17.64 10.50
CA LYS D 576 -36.28 -16.71 9.53
C LYS D 576 -37.04 -17.46 8.44
N LYS D 577 -38.17 -16.89 8.03
CA LYS D 577 -39.00 -17.46 6.97
C LYS D 577 -38.59 -16.84 5.63
N PHE D 578 -38.26 -17.68 4.67
CA PHE D 578 -37.80 -17.24 3.37
C PHE D 578 -38.91 -17.33 2.34
N LEU D 579 -38.81 -16.50 1.31
CA LEU D 579 -39.73 -16.58 0.19
C LEU D 579 -39.49 -17.87 -0.59
N PRO D 580 -40.54 -18.44 -1.20
CA PRO D 580 -40.38 -19.73 -1.87
C PRO D 580 -39.42 -19.71 -3.05
N PHE D 581 -39.19 -18.54 -3.67
CA PHE D 581 -38.29 -18.48 -4.82
C PHE D 581 -36.88 -18.04 -4.46
N GLN D 582 -36.67 -17.43 -3.30
CA GLN D 582 -35.33 -17.03 -2.89
C GLN D 582 -34.50 -18.26 -2.54
N GLN D 583 -33.19 -18.15 -2.76
CA GLN D 583 -32.26 -19.25 -2.50
C GLN D 583 -31.33 -18.98 -1.33
N PHE D 584 -30.57 -17.89 -1.37
CA PHE D 584 -29.63 -17.56 -0.32
C PHE D 584 -29.75 -16.08 0.03
N GLY D 585 -29.43 -15.77 1.28
CA GLY D 585 -29.62 -14.43 1.81
C GLY D 585 -28.39 -13.55 1.71
N ARG D 586 -28.54 -12.33 2.21
CA ARG D 586 -27.49 -11.32 2.23
C ARG D 586 -27.86 -10.27 3.27
N ASP D 587 -27.13 -9.16 3.28
CA ASP D 587 -27.40 -8.07 4.21
C ASP D 587 -26.85 -6.77 3.60
N ILE D 588 -26.77 -5.72 4.42
CA ILE D 588 -26.14 -4.48 3.99
C ILE D 588 -24.65 -4.69 3.74
N ALA D 589 -24.04 -5.67 4.43
CA ALA D 589 -22.63 -5.94 4.28
C ALA D 589 -22.29 -6.65 2.97
N ASP D 590 -23.29 -7.05 2.19
CA ASP D 590 -23.10 -7.76 0.93
C ASP D 590 -22.30 -9.05 1.15
N THR D 591 -22.68 -9.80 2.16
CA THR D 591 -22.06 -11.08 2.48
C THR D 591 -23.15 -12.14 2.64
N THR D 592 -22.78 -13.38 2.35
CA THR D 592 -23.72 -14.49 2.43
C THR D 592 -23.78 -15.01 3.86
N ASP D 593 -24.92 -14.84 4.50
CA ASP D 593 -25.11 -15.30 5.88
C ASP D 593 -26.28 -16.27 6.02
N ALA D 594 -26.93 -16.65 4.92
CA ALA D 594 -28.04 -17.59 4.97
C ALA D 594 -28.13 -18.30 3.63
N VAL D 595 -28.75 -19.48 3.64
CA VAL D 595 -28.86 -20.30 2.43
C VAL D 595 -29.96 -21.32 2.65
N ARG D 596 -30.53 -21.82 1.55
CA ARG D 596 -31.46 -22.93 1.58
C ARG D 596 -30.73 -24.24 1.35
N ASP D 597 -31.06 -25.25 2.13
CA ASP D 597 -30.47 -26.57 1.95
C ASP D 597 -31.11 -27.23 0.74
N PRO D 598 -30.34 -27.60 -0.29
CA PRO D 598 -30.93 -28.33 -1.43
C PRO D 598 -31.38 -29.75 -1.09
N GLN D 599 -31.08 -30.26 0.09
CA GLN D 599 -31.50 -31.58 0.52
C GLN D 599 -32.85 -31.56 1.22
N THR D 600 -33.03 -30.68 2.19
CA THR D 600 -34.29 -30.56 2.94
C THR D 600 -34.66 -29.09 3.09
N LEU D 601 -35.95 -28.86 3.31
CA LEU D 601 -36.49 -27.50 3.42
C LEU D 601 -36.22 -26.97 4.84
N GLU D 602 -35.00 -26.49 5.03
CA GLU D 602 -34.61 -25.88 6.29
C GLU D 602 -33.79 -24.62 6.01
N ILE D 603 -33.78 -23.72 6.99
CA ILE D 603 -33.10 -22.43 6.88
C ILE D 603 -31.88 -22.47 7.80
N LEU D 604 -30.71 -22.24 7.22
CA LEU D 604 -29.45 -22.29 7.95
C LEU D 604 -28.74 -20.95 7.85
N ASP D 605 -28.19 -20.49 8.98
CA ASP D 605 -27.42 -19.26 9.03
C ASP D 605 -25.93 -19.56 8.95
N ILE D 606 -25.18 -18.63 8.38
CA ILE D 606 -23.74 -18.77 8.19
C ILE D 606 -23.02 -17.78 9.09
N THR D 607 -22.12 -18.29 9.92
CA THR D 607 -21.31 -17.49 10.83
C THR D 607 -19.86 -17.86 10.59
N PRO D 608 -18.98 -16.92 10.28
CA PRO D 608 -17.61 -17.28 9.87
C PRO D 608 -16.83 -17.89 11.02
N CYS D 609 -15.76 -18.61 10.66
CA CYS D 609 -14.87 -19.20 11.65
C CYS D 609 -14.31 -18.13 12.57
N SER D 610 -14.22 -18.45 13.85
CA SER D 610 -13.69 -17.52 14.83
C SER D 610 -12.22 -17.24 14.56
N PHE D 611 -11.85 -15.97 14.68
CA PHE D 611 -10.49 -15.53 14.41
C PHE D 611 -10.17 -14.32 15.27
N GLY D 612 -8.99 -13.77 15.07
CA GLY D 612 -8.58 -12.59 15.81
C GLY D 612 -7.07 -12.42 15.76
N GLY D 613 -6.63 -11.34 16.39
CA GLY D 613 -5.21 -11.05 16.48
C GLY D 613 -4.57 -11.70 17.69
N VAL D 614 -3.27 -11.94 17.58
CA VAL D 614 -2.48 -12.52 18.65
C VAL D 614 -1.73 -11.41 19.36
N SER D 615 -2.07 -11.17 20.62
CA SER D 615 -1.43 -10.14 21.43
C SER D 615 -0.56 -10.78 22.48
N VAL D 616 0.69 -10.36 22.57
CA VAL D 616 1.66 -10.89 23.52
C VAL D 616 1.96 -9.82 24.54
N ILE D 617 1.78 -10.15 25.81
CA ILE D 617 2.04 -9.23 26.92
C ILE D 617 3.32 -9.69 27.61
N THR D 618 4.29 -8.79 27.69
CA THR D 618 5.55 -9.08 28.33
C THR D 618 5.94 -7.92 29.23
N PRO D 619 6.65 -8.19 30.33
CA PRO D 619 7.20 -7.11 31.16
C PRO D 619 8.54 -6.58 30.69
N GLY D 620 8.97 -6.91 29.48
CA GLY D 620 10.27 -6.47 28.98
C GLY D 620 11.34 -7.54 29.11
N THR D 621 12.15 -7.70 28.08
CA THR D 621 13.19 -8.73 28.10
C THR D 621 14.30 -8.42 29.10
N ASN D 622 14.38 -7.19 29.58
CA ASN D 622 15.40 -6.83 30.57
C ASN D 622 15.03 -7.28 31.97
N THR D 623 13.80 -7.75 32.19
CA THR D 623 13.33 -8.14 33.51
C THR D 623 13.09 -9.63 33.64
N SER D 624 12.30 -10.22 32.76
CA SER D 624 11.96 -11.63 32.87
C SER D 624 11.85 -12.23 31.47
N ASN D 625 11.29 -13.43 31.39
CA ASN D 625 11.17 -14.17 30.14
C ASN D 625 9.73 -14.63 29.94
N GLN D 626 9.01 -14.86 31.04
CA GLN D 626 7.63 -15.33 30.95
C GLN D 626 6.73 -14.26 30.34
N VAL D 627 5.83 -14.70 29.46
CA VAL D 627 4.91 -13.81 28.78
C VAL D 627 3.50 -14.37 28.87
N ALA D 628 2.52 -13.51 28.61
CA ALA D 628 1.12 -13.87 28.59
C ALA D 628 0.52 -13.53 27.23
N VAL D 629 -0.26 -14.47 26.70
CA VAL D 629 -0.85 -14.35 25.37
C VAL D 629 -2.35 -14.17 25.53
N LEU D 630 -2.91 -13.17 24.84
CA LEU D 630 -4.33 -12.87 24.90
C LEU D 630 -4.91 -12.91 23.50
N TYR D 631 -6.07 -13.56 23.36
CA TYR D 631 -6.76 -13.71 22.09
C TYR D 631 -8.01 -12.84 22.09
N GLN D 632 -8.44 -12.41 20.91
CA GLN D 632 -9.46 -11.38 20.76
C GLN D 632 -10.77 -12.01 20.30
N ASP D 633 -11.79 -11.94 21.16
CA ASP D 633 -13.18 -12.29 20.83
C ASP D 633 -13.29 -13.70 20.27
N VAL D 634 -12.95 -14.67 21.12
CA VAL D 634 -12.88 -16.08 20.69
C VAL D 634 -13.94 -16.89 21.41
N ASN D 635 -14.24 -16.53 22.66
CA ASN D 635 -14.88 -17.33 23.72
C ASN D 635 -13.91 -18.37 24.25
N CYS D 636 -12.72 -18.49 23.65
CA CYS D 636 -11.53 -19.15 24.18
C CYS D 636 -11.68 -20.67 24.26
N THR D 637 -12.85 -21.22 23.92
CA THR D 637 -13.02 -22.66 23.94
C THR D 637 -12.33 -23.36 22.78
N GLU D 638 -11.79 -22.61 21.81
CA GLU D 638 -11.10 -23.20 20.67
C GLU D 638 -9.67 -22.72 20.53
N VAL D 639 -9.09 -22.10 21.55
CA VAL D 639 -7.72 -21.59 21.46
C VAL D 639 -6.63 -22.67 21.41
N PRO D 640 -6.79 -23.88 21.98
CA PRO D 640 -5.75 -24.89 21.73
C PRO D 640 -5.63 -25.29 20.27
N VAL D 641 -6.74 -25.25 19.52
CA VAL D 641 -6.76 -25.59 18.11
C VAL D 641 -6.83 -24.37 17.21
N ALA D 642 -6.81 -23.16 17.79
CA ALA D 642 -6.90 -21.95 16.99
C ALA D 642 -5.70 -21.78 16.07
N ILE D 643 -4.50 -22.06 16.57
CA ILE D 643 -3.29 -21.92 15.76
C ILE D 643 -3.10 -23.13 14.87
N LEU D 648 0.41 -26.29 18.42
CA LEU D 648 1.38 -26.88 17.49
C LEU D 648 2.69 -27.18 18.21
N THR D 649 3.42 -26.11 18.53
CA THR D 649 4.69 -26.26 19.25
C THR D 649 4.43 -26.78 20.66
N PRO D 650 5.23 -27.75 21.12
CA PRO D 650 5.06 -28.22 22.52
C PRO D 650 5.26 -27.13 23.55
N THR D 651 6.11 -26.14 23.27
CA THR D 651 6.21 -24.98 24.15
C THR D 651 4.91 -24.20 24.19
N TRP D 652 4.25 -24.05 23.03
CA TRP D 652 2.96 -23.39 22.98
C TRP D 652 1.84 -24.21 23.62
N ARG D 653 2.06 -25.52 23.80
CA ARG D 653 1.05 -26.36 24.43
C ARG D 653 0.83 -25.98 25.89
N VAL D 654 1.87 -25.49 26.56
CA VAL D 654 1.71 -25.01 27.93
C VAL D 654 0.81 -23.78 27.94
N TYR D 655 0.89 -22.95 26.91
CA TYR D 655 0.05 -21.77 26.78
C TYR D 655 -1.27 -22.05 26.08
N SER D 656 -1.74 -23.29 26.10
CA SER D 656 -3.01 -23.63 25.47
C SER D 656 -3.94 -24.38 26.41
N THR D 657 -3.42 -25.26 27.26
CA THR D 657 -4.24 -26.08 28.15
C THR D 657 -3.64 -26.04 29.55
N GLY D 658 -4.49 -25.86 30.55
CA GLY D 658 -4.05 -25.85 31.92
C GLY D 658 -5.02 -25.09 32.80
N SER D 659 -4.64 -25.00 34.08
CA SER D 659 -5.45 -24.27 35.05
C SER D 659 -5.19 -22.76 35.01
N ASN D 660 -4.20 -22.31 34.27
CA ASN D 660 -3.88 -20.88 34.16
C ASN D 660 -4.61 -20.23 32.99
N VAL D 661 -5.93 -20.38 32.96
CA VAL D 661 -6.77 -19.78 31.93
C VAL D 661 -7.86 -18.98 32.62
N PHE D 662 -8.00 -17.71 32.25
CA PHE D 662 -9.03 -16.84 32.78
C PHE D 662 -9.72 -16.12 31.64
N GLN D 663 -11.04 -16.03 31.72
CA GLN D 663 -11.85 -15.49 30.64
C GLN D 663 -12.15 -14.01 30.89
N THR D 664 -11.94 -13.19 29.87
CA THR D 664 -12.27 -11.77 29.90
C THR D 664 -13.40 -11.51 28.92
N ARG D 665 -13.88 -10.27 28.90
CA ARG D 665 -14.82 -9.87 27.88
C ARG D 665 -14.15 -9.55 26.54
N ALA D 666 -12.82 -9.46 26.52
CA ALA D 666 -12.06 -9.28 25.29
C ALA D 666 -11.41 -10.57 24.82
N GLY D 667 -11.75 -11.70 25.43
CA GLY D 667 -11.13 -12.97 25.10
C GLY D 667 -10.70 -13.72 26.34
N CYS D 668 -9.57 -14.41 26.29
CA CYS D 668 -8.99 -14.99 27.50
C CYS D 668 -7.50 -14.70 27.51
N LEU D 669 -6.98 -14.41 28.70
CA LEU D 669 -5.57 -14.13 28.91
C LEU D 669 -4.91 -15.38 29.47
N ILE D 670 -3.99 -15.95 28.71
CA ILE D 670 -3.32 -17.21 29.08
C ILE D 670 -2.08 -16.87 29.88
N GLY D 671 -1.88 -17.58 30.99
CA GLY D 671 -0.74 -17.33 31.84
C GLY D 671 -0.92 -16.25 32.88
N ALA D 672 -2.17 -15.96 33.26
CA ALA D 672 -2.46 -14.92 34.23
C ALA D 672 -3.38 -15.46 35.32
N GLU D 673 -3.16 -14.98 36.54
CA GLU D 673 -3.99 -15.34 37.68
C GLU D 673 -4.87 -14.15 38.04
N HIS D 674 -6.16 -14.39 38.18
CA HIS D 674 -7.13 -13.33 38.47
C HIS D 674 -7.04 -12.99 39.96
N VAL D 675 -6.37 -11.90 40.29
CA VAL D 675 -6.29 -11.44 41.66
C VAL D 675 -7.48 -10.53 41.94
N ASN D 676 -8.04 -10.66 43.14
CA ASN D 676 -9.21 -9.88 43.51
C ASN D 676 -8.85 -8.45 43.92
N ASN D 677 -7.57 -8.15 44.09
CA ASN D 677 -7.14 -6.78 44.37
C ASN D 677 -7.18 -5.95 43.09
N SER D 678 -6.80 -4.68 43.22
CA SER D 678 -6.83 -3.78 42.07
C SER D 678 -5.81 -2.67 42.31
N TYR D 679 -4.76 -2.64 41.50
CA TYR D 679 -3.70 -1.65 41.59
C TYR D 679 -3.67 -0.82 40.30
N GLU D 680 -2.83 0.20 40.29
CA GLU D 680 -2.63 1.00 39.09
C GLU D 680 -1.84 0.18 38.07
N CYS D 681 -2.32 0.15 36.83
CA CYS D 681 -1.70 -0.69 35.82
C CYS D 681 -0.83 0.13 34.88
N ASP D 682 0.29 -0.47 34.47
CA ASP D 682 1.20 0.15 33.52
C ASP D 682 1.12 -0.45 32.13
N ILE D 683 0.62 -1.67 32.01
CA ILE D 683 0.49 -2.35 30.73
C ILE D 683 -1.00 -2.42 30.39
N PRO D 684 -1.48 -1.63 29.44
CA PRO D 684 -2.90 -1.68 29.10
C PRO D 684 -3.21 -2.83 28.15
N ILE D 685 -4.41 -3.38 28.30
CA ILE D 685 -4.87 -4.48 27.46
C ILE D 685 -6.12 -4.05 26.71
N GLY D 686 -7.14 -3.66 27.46
CA GLY D 686 -8.41 -3.25 26.90
C GLY D 686 -9.55 -3.81 27.72
N ALA D 687 -10.72 -3.20 27.57
CA ALA D 687 -11.95 -3.63 28.24
C ALA D 687 -11.80 -3.63 29.76
N GLY D 688 -11.05 -2.66 30.27
CA GLY D 688 -11.00 -2.44 31.71
C GLY D 688 -10.18 -3.44 32.50
N ILE D 689 -9.31 -4.21 31.85
CA ILE D 689 -8.47 -5.19 32.52
C ILE D 689 -7.03 -4.97 32.09
N CYS D 690 -6.12 -4.87 33.04
CA CYS D 690 -4.69 -4.70 32.78
C CYS D 690 -3.92 -5.92 33.27
N ALA D 691 -2.62 -5.87 33.06
CA ALA D 691 -1.70 -6.90 33.54
C ALA D 691 -0.49 -6.24 34.17
N SER D 692 -0.01 -6.81 35.27
CA SER D 692 1.14 -6.28 35.97
C SER D 692 2.02 -7.42 36.43
N TYR D 693 3.26 -7.09 36.79
CA TYR D 693 4.26 -8.08 37.22
C TYR D 693 4.68 -7.72 38.64
N GLN D 694 3.96 -8.24 39.63
CA GLN D 694 4.31 -8.01 41.02
C GLN D 694 4.35 -9.32 41.80
N THR D 695 3.54 -10.29 41.39
CA THR D 695 3.48 -11.58 42.08
C THR D 695 2.88 -12.65 41.17
N SER D 708 7.07 -17.56 42.56
CA SER D 708 7.06 -16.37 43.41
C SER D 708 6.60 -15.13 42.64
N GLN D 709 7.13 -14.97 41.43
CA GLN D 709 6.80 -13.85 40.57
C GLN D 709 6.18 -14.37 39.28
N SER D 710 5.03 -13.81 38.91
CA SER D 710 4.31 -14.23 37.73
C SER D 710 3.44 -13.07 37.24
N ILE D 711 2.79 -13.29 36.10
CA ILE D 711 1.94 -12.28 35.46
C ILE D 711 0.51 -12.47 35.94
N ILE D 712 -0.13 -11.38 36.37
CA ILE D 712 -1.49 -11.42 36.88
C ILE D 712 -2.37 -10.56 35.98
N ALA D 713 -3.69 -10.76 36.10
CA ALA D 713 -4.67 -9.99 35.35
C ALA D 713 -5.74 -9.51 36.33
N TYR D 714 -6.10 -8.24 36.21
CA TYR D 714 -7.03 -7.63 37.17
C TYR D 714 -7.65 -6.39 36.55
N THR D 715 -8.78 -5.98 37.12
CA THR D 715 -9.55 -4.85 36.61
C THR D 715 -8.93 -3.53 37.07
N MET D 716 -9.43 -2.44 36.48
CA MET D 716 -8.86 -1.13 36.71
C MET D 716 -9.00 -0.68 38.16
N SER D 717 -8.02 0.07 38.64
CA SER D 717 -8.12 0.82 39.88
C SER D 717 -8.25 2.28 39.53
N LEU D 718 -9.38 2.89 39.90
CA LEU D 718 -9.67 4.27 39.50
C LEU D 718 -9.03 5.29 40.42
N GLY D 719 -8.35 4.86 41.47
CA GLY D 719 -7.68 5.79 42.37
C GLY D 719 -7.90 5.45 43.84
N ALA D 720 -7.41 6.32 44.71
CA ALA D 720 -7.57 6.11 46.14
C ALA D 720 -8.99 6.48 46.58
N GLU D 721 -9.62 5.59 47.34
CA GLU D 721 -10.95 5.84 47.84
C GLU D 721 -10.93 6.96 48.87
N ASN D 722 -11.92 7.85 48.79
CA ASN D 722 -11.97 9.00 49.69
C ASN D 722 -13.41 9.49 49.78
N SER D 723 -13.68 10.25 50.84
CA SER D 723 -14.99 10.86 51.04
C SER D 723 -14.84 12.02 52.02
N VAL D 724 -15.14 13.23 51.57
CA VAL D 724 -15.00 14.41 52.41
C VAL D 724 -16.19 14.52 53.34
N ALA D 725 -15.98 15.16 54.49
CA ALA D 725 -17.03 15.32 55.49
C ALA D 725 -17.73 16.66 55.27
N TYR D 726 -18.61 16.68 54.28
CA TYR D 726 -19.36 17.88 53.97
C TYR D 726 -20.41 18.15 55.03
N SER D 727 -20.59 19.42 55.35
CA SER D 727 -21.66 19.87 56.25
C SER D 727 -21.96 21.32 55.93
N ASN D 728 -22.88 21.91 56.69
CA ASN D 728 -23.23 23.31 56.46
C ASN D 728 -22.17 24.27 56.98
N ASN D 729 -21.50 23.92 58.09
CA ASN D 729 -20.64 24.88 58.77
C ASN D 729 -19.22 24.35 58.98
N SER D 730 -18.73 23.50 58.10
CA SER D 730 -17.36 23.00 58.16
C SER D 730 -16.59 23.45 56.93
N ILE D 731 -15.42 24.04 57.14
CA ILE D 731 -14.55 24.51 56.07
C ILE D 731 -13.16 23.96 56.30
N ALA D 732 -12.39 23.88 55.21
CA ALA D 732 -11.02 23.39 55.23
C ALA D 732 -10.09 24.49 54.75
N ILE D 733 -9.23 24.96 55.64
CA ILE D 733 -8.26 26.01 55.33
C ILE D 733 -6.87 25.44 55.60
N PRO D 734 -5.97 25.44 54.63
CA PRO D 734 -4.61 24.92 54.87
C PRO D 734 -3.86 25.79 55.89
N THR D 735 -3.06 25.13 56.72
CA THR D 735 -2.25 25.81 57.72
C THR D 735 -0.78 25.89 57.34
N ASN D 736 -0.36 25.16 56.32
CA ASN D 736 1.00 25.22 55.81
C ASN D 736 0.94 25.11 54.29
N PHE D 737 2.12 25.11 53.67
CA PHE D 737 2.18 25.01 52.22
C PHE D 737 3.51 24.41 51.83
N THR D 738 3.55 23.85 50.63
CA THR D 738 4.79 23.33 50.06
C THR D 738 4.88 23.76 48.61
N ILE D 739 6.11 23.87 48.12
CA ILE D 739 6.36 24.25 46.73
C ILE D 739 6.69 22.99 45.96
N SER D 740 6.17 22.90 44.73
CA SER D 740 6.33 21.70 43.91
C SER D 740 6.77 22.09 42.51
N VAL D 741 7.72 21.35 41.98
CA VAL D 741 8.22 21.56 40.62
C VAL D 741 8.01 20.28 39.84
N THR D 742 7.22 20.37 38.76
CA THR D 742 6.95 19.25 37.88
C THR D 742 7.62 19.50 36.54
N THR D 743 7.44 18.55 35.62
CA THR D 743 8.00 18.65 34.28
C THR D 743 6.92 18.30 33.27
N GLU D 744 7.11 18.80 32.05
CA GLU D 744 6.19 18.52 30.96
C GLU D 744 6.94 18.62 29.65
N ILE D 745 6.79 17.61 28.79
CA ILE D 745 7.48 17.52 27.52
C ILE D 745 6.48 17.73 26.40
N LEU D 746 6.85 18.54 25.40
CA LEU D 746 6.02 18.81 24.24
C LEU D 746 6.93 18.92 23.03
N PRO D 747 6.68 18.15 21.97
CA PRO D 747 7.48 18.30 20.75
C PRO D 747 7.25 19.65 20.10
N VAL D 748 8.29 20.17 19.46
CA VAL D 748 8.24 21.43 18.75
C VAL D 748 8.51 21.25 17.26
N SER D 749 9.63 20.63 16.91
CA SER D 749 9.96 20.36 15.52
C SER D 749 10.40 18.90 15.39
N MET D 750 10.04 18.30 14.27
CA MET D 750 10.39 16.92 13.97
C MET D 750 11.57 16.87 13.01
N THR D 751 11.97 15.65 12.66
CA THR D 751 13.16 15.46 11.85
C THR D 751 12.97 16.07 10.46
N LYS D 752 13.98 16.80 10.00
CA LYS D 752 13.93 17.50 8.72
C LYS D 752 14.33 16.52 7.61
N THR D 753 13.37 16.14 6.78
CA THR D 753 13.62 15.19 5.70
C THR D 753 13.12 15.76 4.38
N SER D 754 13.77 15.34 3.30
CA SER D 754 13.37 15.74 1.96
C SER D 754 13.75 14.62 1.00
N VAL D 755 12.90 14.41 -0.01
CA VAL D 755 13.08 13.34 -0.99
C VAL D 755 13.21 13.98 -2.36
N ASP D 756 14.25 13.60 -3.10
CA ASP D 756 14.41 14.08 -4.46
C ASP D 756 13.47 13.34 -5.40
N CYS D 757 13.15 13.99 -6.52
CA CYS D 757 12.23 13.44 -7.51
C CYS D 757 12.74 12.16 -8.13
N THR D 758 13.88 12.22 -8.82
CA THR D 758 14.31 11.12 -9.65
C THR D 758 15.18 10.12 -8.90
N MET D 759 15.91 10.58 -7.87
CA MET D 759 16.91 9.74 -7.22
C MET D 759 16.28 8.53 -6.53
N TYR D 760 15.15 8.73 -5.86
CA TYR D 760 14.54 7.62 -5.13
C TYR D 760 13.96 6.58 -6.06
N ILE D 761 13.24 7.02 -7.10
CA ILE D 761 12.59 6.07 -8.01
C ILE D 761 13.63 5.29 -8.80
N CYS D 762 14.58 5.99 -9.41
CA CYS D 762 15.62 5.34 -10.21
C CYS D 762 16.77 6.32 -10.42
N GLY D 763 17.94 5.98 -9.89
CA GLY D 763 19.08 6.88 -9.94
C GLY D 763 19.99 6.58 -11.12
N ASP D 764 20.50 7.65 -11.74
CA ASP D 764 21.49 7.58 -12.82
C ASP D 764 21.00 6.75 -14.00
N SER D 765 19.71 6.85 -14.32
CA SER D 765 19.12 6.13 -15.45
C SER D 765 18.27 7.11 -16.25
N THR D 766 18.84 7.64 -17.33
CA THR D 766 18.09 8.56 -18.19
C THR D 766 17.02 7.84 -19.01
N GLU D 767 17.09 6.52 -19.13
CA GLU D 767 16.05 5.75 -19.78
C GLU D 767 14.86 5.51 -18.87
N CYS D 768 15.01 5.72 -17.56
CA CYS D 768 13.93 5.55 -16.62
C CYS D 768 13.16 6.85 -16.39
N SER D 769 13.85 7.98 -16.31
CA SER D 769 13.19 9.26 -16.10
C SER D 769 12.28 9.63 -17.27
N ASN D 770 12.56 9.11 -18.47
CA ASN D 770 11.68 9.36 -19.60
C ASN D 770 10.31 8.73 -19.37
N LEU D 771 10.27 7.52 -18.82
CA LEU D 771 9.00 6.87 -18.53
C LEU D 771 8.28 7.52 -17.36
N LEU D 772 9.02 8.05 -16.38
CA LEU D 772 8.39 8.72 -15.26
C LEU D 772 7.77 10.05 -15.68
N LEU D 773 8.31 10.66 -16.74
CA LEU D 773 7.78 11.95 -17.20
C LEU D 773 6.36 11.81 -17.74
N GLN D 774 5.99 10.63 -18.24
CA GLN D 774 4.65 10.43 -18.79
C GLN D 774 3.59 10.21 -17.73
N TYR D 775 3.97 10.10 -16.45
CA TYR D 775 3.00 9.97 -15.37
C TYR D 775 2.66 11.30 -14.73
N GLY D 776 2.66 12.39 -15.51
CA GLY D 776 2.24 13.66 -14.99
C GLY D 776 3.29 14.27 -14.07
N SER D 777 2.81 15.11 -13.16
CA SER D 777 3.67 15.84 -12.23
C SER D 777 3.36 15.35 -10.82
N PHE D 778 4.02 14.27 -10.41
CA PHE D 778 3.92 13.79 -9.03
C PHE D 778 5.04 14.33 -8.15
N CYS D 779 6.29 14.14 -8.57
CA CYS D 779 7.42 14.55 -7.75
C CYS D 779 7.54 16.06 -7.62
N THR D 780 6.96 16.84 -8.55
CA THR D 780 6.90 18.27 -8.35
C THR D 780 5.80 18.67 -7.38
N GLN D 781 4.91 17.73 -7.02
CA GLN D 781 3.95 17.95 -5.95
C GLN D 781 4.45 17.39 -4.62
N LEU D 782 4.99 16.17 -4.64
CA LEU D 782 5.39 15.51 -3.39
C LEU D 782 6.59 16.21 -2.76
N ASN D 783 7.60 16.56 -3.57
CA ASN D 783 8.74 17.29 -3.04
C ASN D 783 8.32 18.69 -2.59
N ARG D 784 7.44 19.34 -3.36
CA ARG D 784 6.94 20.64 -2.97
C ARG D 784 6.16 20.55 -1.65
N ALA D 785 5.35 19.50 -1.49
CA ALA D 785 4.68 19.27 -0.22
C ALA D 785 5.68 18.97 0.89
N LEU D 786 6.69 18.15 0.58
CA LEU D 786 7.73 17.85 1.57
C LEU D 786 8.53 19.10 1.91
N THR D 787 8.84 19.93 0.91
CA THR D 787 9.50 21.19 1.17
C THR D 787 8.62 22.10 2.02
N GLY D 788 7.30 22.03 1.80
CA GLY D 788 6.38 22.80 2.61
C GLY D 788 6.43 22.45 4.08
N ILE D 789 6.81 21.20 4.39
CA ILE D 789 7.05 20.82 5.78
C ILE D 789 8.27 21.58 6.33
N ALA D 790 9.31 21.70 5.51
CA ALA D 790 10.54 22.34 5.97
C ALA D 790 10.31 23.80 6.34
N VAL D 791 9.51 24.52 5.54
CA VAL D 791 9.19 25.90 5.87
C VAL D 791 8.41 25.96 7.17
N GLU D 792 7.44 25.06 7.34
CA GLU D 792 6.64 25.04 8.56
C GLU D 792 7.48 24.64 9.78
N GLN D 793 8.39 23.69 9.61
CA GLN D 793 9.20 23.22 10.73
C GLN D 793 10.12 24.32 11.26
N ASP D 794 10.77 25.06 10.36
CA ASP D 794 11.58 26.18 10.81
C ASP D 794 10.72 27.30 11.37
N LYS D 795 9.54 27.52 10.78
CA LYS D 795 8.63 28.53 11.31
C LYS D 795 8.10 28.14 12.68
N ASN D 796 7.89 26.85 12.92
CA ASN D 796 7.39 26.39 14.22
C ASN D 796 8.38 26.73 15.33
N THR D 797 9.67 26.49 15.09
CA THR D 797 10.67 26.82 16.10
C THR D 797 10.77 28.32 16.33
N GLN D 798 10.58 29.12 15.28
CA GLN D 798 10.68 30.58 15.42
C GLN D 798 9.52 31.13 16.24
N GLU D 799 8.32 30.58 16.08
CA GLU D 799 7.14 31.06 16.78
C GLU D 799 7.01 30.46 18.17
N VAL D 800 7.91 29.56 18.56
CA VAL D 800 7.93 28.99 19.90
C VAL D 800 9.09 29.55 20.72
N PHE D 801 10.28 29.61 20.12
CA PHE D 801 11.47 30.00 20.88
C PHE D 801 11.82 31.47 20.71
N ALA D 802 11.72 32.01 19.50
CA ALA D 802 12.07 33.41 19.25
C ALA D 802 10.89 34.32 19.57
N GLN D 803 10.40 34.20 20.80
CA GLN D 803 9.32 35.06 21.26
C GLN D 803 9.83 36.46 21.61
N VAL D 804 11.09 36.57 22.03
CA VAL D 804 11.69 37.85 22.35
C VAL D 804 12.62 38.25 21.22
N LYS D 805 12.96 39.54 21.19
CA LYS D 805 13.82 40.09 20.13
C LYS D 805 15.16 40.55 20.65
N GLN D 806 15.42 40.44 21.95
CA GLN D 806 16.71 40.82 22.53
C GLN D 806 17.22 39.65 23.37
N ILE D 807 18.51 39.40 23.29
CA ILE D 807 19.14 38.30 24.03
C ILE D 807 19.59 38.86 25.37
N TYR D 808 18.81 38.62 26.41
CA TYR D 808 19.14 39.07 27.75
C TYR D 808 20.23 38.20 28.36
N LYS D 809 20.94 38.76 29.32
CA LYS D 809 22.00 38.06 30.04
C LYS D 809 21.76 38.16 31.54
N THR D 810 21.96 37.06 32.24
CA THR D 810 21.81 37.08 33.68
C THR D 810 22.95 37.87 34.32
N PRO D 811 22.69 38.62 35.39
CA PRO D 811 23.76 39.37 36.04
C PRO D 811 24.75 38.43 36.71
N PRO D 812 26.02 38.82 36.83
CA PRO D 812 27.00 37.95 37.47
C PRO D 812 26.71 37.65 38.94
N ILE D 813 26.09 38.58 39.65
CA ILE D 813 25.80 38.40 41.07
C ILE D 813 24.55 37.53 41.19
N LYS D 814 24.73 36.29 41.63
CA LYS D 814 23.62 35.35 41.78
C LYS D 814 23.03 35.42 43.20
N ASP D 815 22.71 36.64 43.61
CA ASP D 815 22.10 36.90 44.91
C ASP D 815 20.60 37.11 44.67
N PHE D 816 19.86 36.00 44.64
CA PHE D 816 18.43 36.01 44.37
C PHE D 816 17.60 35.81 45.63
N GLY D 817 18.08 36.32 46.76
CA GLY D 817 17.36 36.18 48.02
C GLY D 817 17.25 34.77 48.54
N GLY D 818 18.34 34.00 48.51
CA GLY D 818 18.37 32.67 49.09
C GLY D 818 18.13 31.54 48.11
N PHE D 819 17.77 31.83 46.87
CA PHE D 819 17.51 30.79 45.89
C PHE D 819 18.78 30.41 45.17
N ASN D 820 18.86 29.14 44.76
CA ASN D 820 19.99 28.61 43.99
C ASN D 820 19.52 28.29 42.59
N PHE D 821 20.23 28.81 41.59
CA PHE D 821 19.78 28.76 40.21
C PHE D 821 20.84 28.19 39.27
N SER D 822 21.87 27.52 39.82
CA SER D 822 22.99 27.10 38.99
C SER D 822 22.60 25.92 38.09
N GLN D 823 21.71 25.05 38.56
CA GLN D 823 21.40 23.84 37.81
C GLN D 823 20.61 24.12 36.54
N ILE D 824 19.90 25.25 36.48
CA ILE D 824 19.02 25.55 35.35
C ILE D 824 19.58 26.63 34.45
N LEU D 825 20.75 27.16 34.73
CA LEU D 825 21.37 28.16 33.88
C LEU D 825 22.61 27.58 33.20
N PRO D 826 22.96 28.08 32.00
CA PRO D 826 24.14 27.54 31.31
C PRO D 826 25.42 27.80 32.10
N ASP D 827 26.33 26.83 32.04
CA ASP D 827 27.62 26.96 32.71
C ASP D 827 28.58 27.73 31.82
N PRO D 828 29.11 28.87 32.26
CA PRO D 828 30.04 29.63 31.41
C PRO D 828 31.39 28.96 31.25
N SER D 829 31.76 28.02 32.13
CA SER D 829 33.05 27.36 32.02
C SER D 829 33.10 26.44 30.80
N LYS D 830 32.01 25.73 30.53
CA LYS D 830 31.97 24.83 29.38
C LYS D 830 31.92 25.63 28.09
N PRO D 831 32.50 25.10 27.00
CA PRO D 831 32.45 25.81 25.72
C PRO D 831 31.09 25.77 25.04
N SER D 832 30.11 25.09 25.60
CA SER D 832 28.77 25.01 25.04
C SER D 832 27.79 25.78 25.90
N LYS D 833 26.73 26.28 25.28
CA LYS D 833 25.71 27.05 25.98
C LYS D 833 24.61 26.19 26.56
N ARG D 834 24.68 24.87 26.38
CA ARG D 834 23.69 23.99 27.01
C ARG D 834 23.86 24.00 28.51
N SER D 835 22.74 24.06 29.23
CA SER D 835 22.79 24.21 30.67
C SER D 835 23.06 22.86 31.33
N PHE D 836 23.02 22.86 32.68
CA PHE D 836 23.43 21.69 33.44
C PHE D 836 22.47 20.52 33.23
N ILE D 837 21.16 20.79 33.20
CA ILE D 837 20.20 19.71 33.02
C ILE D 837 19.94 19.38 31.56
N GLU D 838 20.27 20.29 30.64
CA GLU D 838 20.07 20.00 29.22
C GLU D 838 21.02 18.92 28.73
N ASP D 839 22.23 18.85 29.30
CA ASP D 839 23.14 17.76 28.98
C ASP D 839 22.55 16.42 29.42
N LEU D 840 21.92 16.37 30.59
CA LEU D 840 21.22 15.17 31.02
C LEU D 840 20.08 14.84 30.07
N LEU D 841 19.34 15.86 29.63
CA LEU D 841 18.21 15.63 28.73
C LEU D 841 18.68 15.20 27.35
N PHE D 842 19.80 15.75 26.87
CA PHE D 842 20.24 15.46 25.52
C PHE D 842 20.74 14.02 25.39
N ASN D 843 21.27 13.44 26.47
CA ASN D 843 21.68 12.04 26.43
C ASN D 843 20.60 11.08 26.94
N LYS D 844 19.56 11.60 27.58
CA LYS D 844 18.46 10.73 28.02
C LYS D 844 17.71 10.17 26.83
N VAL D 845 17.52 10.98 25.79
CA VAL D 845 16.88 10.55 24.56
C VAL D 845 17.87 10.72 23.42
N THR D 846 17.82 9.80 22.45
CA THR D 846 18.74 9.79 21.32
C THR D 846 17.95 9.89 20.02
N LEU D 847 18.67 9.84 18.90
CA LEU D 847 18.06 9.87 17.58
C LEU D 847 18.26 8.59 16.79
N ALA D 848 19.36 7.88 16.98
CA ALA D 848 19.62 6.64 16.26
C ALA D 848 18.75 5.51 16.79
N CYS D 870 20.92 8.34 8.41
CA CYS D 870 22.23 8.58 9.00
C CYS D 870 23.34 8.20 8.03
N ALA D 871 23.23 7.01 7.44
CA ALA D 871 24.22 6.52 6.49
C ALA D 871 23.63 6.03 5.18
N GLN D 872 22.31 6.14 4.98
CA GLN D 872 21.66 5.66 3.78
C GLN D 872 21.38 6.81 2.80
N LYS D 873 22.24 7.83 2.82
CA LYS D 873 22.02 9.02 1.98
C LYS D 873 22.10 8.70 0.49
N PHE D 874 22.67 7.55 0.14
CA PHE D 874 22.96 7.24 -1.26
C PHE D 874 21.69 7.14 -2.09
N ASN D 875 20.64 6.53 -1.55
CA ASN D 875 19.39 6.33 -2.31
C ASN D 875 18.38 7.45 -2.06
N GLY D 876 18.78 8.68 -2.35
CA GLY D 876 17.88 9.82 -2.37
C GLY D 876 17.54 10.47 -1.04
N LEU D 877 17.37 9.67 0.01
CA LEU D 877 16.93 10.18 1.30
C LEU D 877 18.06 10.99 1.94
N THR D 878 17.81 12.28 2.15
CA THR D 878 18.76 13.18 2.78
C THR D 878 18.10 13.89 3.95
N VAL D 879 18.94 14.53 4.78
CA VAL D 879 18.47 15.24 5.96
C VAL D 879 18.97 16.67 5.88
N LEU D 880 18.04 17.63 5.82
CA LEU D 880 18.41 19.03 5.82
C LEU D 880 18.69 19.50 7.25
N PRO D 881 19.75 20.27 7.46
CA PRO D 881 20.02 20.79 8.79
C PRO D 881 18.92 21.75 9.22
N PRO D 882 18.62 21.80 10.52
CA PRO D 882 17.63 22.76 11.01
C PRO D 882 18.14 24.18 10.91
N LEU D 883 17.18 25.12 10.87
CA LEU D 883 17.55 26.53 10.78
C LEU D 883 18.29 26.99 12.03
N LEU D 884 17.86 26.55 13.20
CA LEU D 884 18.48 26.91 14.46
C LEU D 884 19.25 25.71 14.99
N THR D 885 20.58 25.83 15.02
CA THR D 885 21.41 24.75 15.55
C THR D 885 21.31 24.71 17.08
N ASP D 886 21.75 23.58 17.64
CA ASP D 886 21.61 23.34 19.07
C ASP D 886 22.34 24.37 19.93
N GLU D 887 23.43 24.97 19.41
CA GLU D 887 24.11 26.02 20.14
C GLU D 887 23.23 27.25 20.29
N MET D 888 22.50 27.61 19.23
CA MET D 888 21.62 28.76 19.27
C MET D 888 20.33 28.47 20.03
N ILE D 889 19.88 27.22 20.02
CA ILE D 889 18.68 26.84 20.76
C ILE D 889 18.87 27.09 22.26
N ALA D 890 20.04 26.73 22.79
CA ALA D 890 20.32 27.00 24.19
C ALA D 890 20.44 28.50 24.45
N GLN D 891 20.87 29.28 23.46
CA GLN D 891 21.04 30.72 23.67
C GLN D 891 19.71 31.42 23.87
N TYR D 892 18.67 30.99 23.15
CA TYR D 892 17.35 31.59 23.34
C TYR D 892 16.84 31.37 24.76
N THR D 893 16.97 30.13 25.26
CA THR D 893 16.46 29.83 26.60
C THR D 893 17.21 30.60 27.67
N SER D 894 18.53 30.74 27.52
CA SER D 894 19.32 31.47 28.51
C SER D 894 18.85 32.91 28.64
N ALA D 895 18.45 33.52 27.54
CA ALA D 895 17.90 34.87 27.61
C ALA D 895 16.51 34.88 28.24
N LEU D 896 15.71 33.86 27.95
CA LEU D 896 14.35 33.80 28.46
C LEU D 896 14.31 33.66 29.98
N LEU D 897 15.19 32.82 30.54
CA LEU D 897 15.36 32.83 31.99
C LEU D 897 15.93 34.15 32.48
N ALA D 898 16.82 34.77 31.70
CA ALA D 898 17.37 36.06 32.09
C ALA D 898 16.34 37.17 32.08
N GLY D 899 15.17 36.95 31.49
CA GLY D 899 14.11 37.93 31.54
C GLY D 899 13.11 37.66 32.65
N THR D 900 12.65 36.41 32.74
CA THR D 900 11.63 36.07 33.73
C THR D 900 12.18 36.17 35.15
N ILE D 901 13.40 35.67 35.37
CA ILE D 901 13.95 35.64 36.73
C ILE D 901 14.29 37.05 37.20
N THR D 902 14.91 37.85 36.34
CA THR D 902 15.46 39.13 36.75
C THR D 902 14.54 40.30 36.47
N SER D 903 13.87 40.34 35.33
CA SER D 903 13.05 41.48 34.95
C SER D 903 11.57 41.25 35.19
N GLY D 904 11.20 40.18 35.90
CA GLY D 904 9.79 39.88 36.06
C GLY D 904 9.17 39.43 34.75
N TRP D 905 7.87 39.66 34.62
CA TRP D 905 7.16 39.35 33.39
C TRP D 905 7.05 40.56 32.47
N THR D 906 7.62 41.70 32.84
CA THR D 906 7.45 42.91 32.04
C THR D 906 8.24 42.82 30.73
N PHE D 907 9.29 42.01 30.68
CA PHE D 907 10.08 41.89 29.46
C PHE D 907 9.29 41.23 28.32
N GLY D 908 8.21 40.52 28.65
CA GLY D 908 7.31 40.04 27.64
C GLY D 908 6.27 41.03 27.18
N ALA D 909 6.32 42.25 27.72
CA ALA D 909 5.33 43.28 27.39
C ALA D 909 5.97 44.59 26.96
N GLY D 910 7.27 44.61 26.72
CA GLY D 910 7.95 45.82 26.30
C GLY D 910 9.37 45.83 26.83
N ALA D 911 9.84 47.02 27.20
CA ALA D 911 11.17 47.16 27.77
C ALA D 911 11.24 46.47 29.13
N ALA D 912 12.35 45.78 29.38
CA ALA D 912 12.52 45.05 30.63
C ALA D 912 12.66 46.02 31.80
N LEU D 913 12.01 45.70 32.91
CA LEU D 913 12.05 46.50 34.12
C LEU D 913 12.65 45.64 35.24
N GLN D 914 13.70 46.14 35.87
CA GLN D 914 14.39 45.37 36.89
C GLN D 914 13.54 45.24 38.15
N ILE D 915 13.71 44.11 38.84
CA ILE D 915 12.92 43.77 40.02
C ILE D 915 13.67 42.67 40.79
N PRO D 916 13.68 42.72 42.12
CA PRO D 916 14.23 41.59 42.87
C PRO D 916 13.39 40.35 42.71
N PHE D 917 14.04 39.18 42.79
CA PHE D 917 13.30 37.93 42.71
C PHE D 917 12.49 37.68 43.97
N ALA D 918 12.95 38.17 45.12
CA ALA D 918 12.13 38.14 46.32
C ALA D 918 10.90 39.03 46.16
N MET D 919 11.05 40.16 45.48
CA MET D 919 9.89 40.99 45.12
C MET D 919 8.95 40.22 44.20
N GLN D 920 9.51 39.51 43.21
CA GLN D 920 8.73 39.01 42.09
C GLN D 920 7.69 37.99 42.55
N MET D 921 8.12 36.96 43.28
CA MET D 921 7.15 35.97 43.76
C MET D 921 6.32 36.47 44.92
N ALA D 922 6.71 37.58 45.56
CA ALA D 922 5.96 38.09 46.70
C ALA D 922 4.55 38.49 46.29
N TYR D 923 4.45 39.33 45.26
CA TYR D 923 3.15 39.72 44.73
C TYR D 923 2.71 38.86 43.56
N ARG D 924 3.49 37.85 43.19
CA ARG D 924 2.97 36.83 42.30
C ARG D 924 1.98 35.93 43.02
N PHE D 925 2.17 35.74 44.32
CA PHE D 925 1.18 35.04 45.14
C PHE D 925 -0.13 35.80 45.21
N ASN D 926 -0.09 37.12 44.97
CA ASN D 926 -1.33 37.90 44.93
C ASN D 926 -2.23 37.47 43.78
N GLY D 927 -1.69 36.77 42.78
CA GLY D 927 -2.49 36.28 41.68
C GLY D 927 -3.21 34.97 41.95
N ILE D 928 -2.92 34.30 43.05
CA ILE D 928 -3.58 33.04 43.39
C ILE D 928 -4.44 33.18 44.64
N GLY D 929 -4.69 34.40 45.10
CA GLY D 929 -5.64 34.62 46.17
C GLY D 929 -5.08 34.74 47.57
N VAL D 930 -3.76 34.84 47.72
CA VAL D 930 -3.13 34.99 49.02
C VAL D 930 -2.32 36.29 49.02
N THR D 931 -2.33 36.98 50.16
CA THR D 931 -1.62 38.24 50.29
C THR D 931 -0.11 38.00 50.28
N GLN D 932 0.63 39.10 50.20
CA GLN D 932 2.08 39.05 50.02
C GLN D 932 2.85 38.98 51.32
N ASN D 933 2.17 38.90 52.47
CA ASN D 933 2.88 38.76 53.73
C ASN D 933 3.36 37.34 54.00
N VAL D 934 2.95 36.37 53.19
CA VAL D 934 3.30 34.98 53.43
C VAL D 934 4.78 34.74 53.17
N LEU D 935 5.29 35.23 52.03
CA LEU D 935 6.65 34.91 51.64
C LEU D 935 7.68 35.66 52.48
N TYR D 936 7.42 36.93 52.80
CA TYR D 936 8.37 37.71 53.57
C TYR D 936 8.56 37.14 54.98
N GLU D 937 7.59 36.39 55.48
CA GLU D 937 7.75 35.64 56.72
C GLU D 937 8.24 34.22 56.50
N ASN D 938 8.31 33.77 55.24
CA ASN D 938 8.71 32.39 54.95
C ASN D 938 9.65 32.32 53.75
N GLN D 939 10.47 33.36 53.53
CA GLN D 939 11.39 33.35 52.41
C GLN D 939 12.46 32.27 52.58
N LYS D 940 12.96 32.09 53.80
CA LYS D 940 13.93 31.03 54.05
C LYS D 940 13.32 29.65 53.82
N LEU D 941 12.07 29.46 54.27
CA LEU D 941 11.42 28.17 54.14
C LEU D 941 11.19 27.79 52.67
N ILE D 942 10.72 28.74 51.86
CA ILE D 942 10.42 28.42 50.47
C ILE D 942 11.71 28.23 49.66
N ALA D 943 12.79 28.89 50.06
CA ALA D 943 14.03 28.81 49.28
C ALA D 943 14.63 27.42 49.34
N ASN D 944 14.74 26.84 50.54
CA ASN D 944 15.29 25.49 50.65
C ASN D 944 14.37 24.45 50.02
N GLN D 945 13.06 24.63 50.17
CA GLN D 945 12.12 23.72 49.53
C GLN D 945 12.20 23.80 48.02
N PHE D 946 12.31 25.01 47.48
CA PHE D 946 12.44 25.18 46.03
C PHE D 946 13.75 24.57 45.53
N ASN D 947 14.84 24.79 46.27
CA ASN D 947 16.13 24.22 45.87
C ASN D 947 16.09 22.69 45.93
N SER D 948 15.45 22.13 46.95
CA SER D 948 15.30 20.68 47.04
C SER D 948 14.40 20.15 45.94
N ALA D 949 13.42 20.96 45.50
CA ALA D 949 12.57 20.54 44.39
C ALA D 949 13.36 20.41 43.09
N ILE D 950 14.31 21.32 42.86
CA ILE D 950 15.19 21.19 41.71
C ILE D 950 16.07 19.96 41.85
N GLY D 951 16.55 19.68 43.06
CA GLY D 951 17.35 18.49 43.29
C GLY D 951 16.56 17.20 43.11
N LYS D 952 15.28 17.20 43.50
CA LYS D 952 14.48 15.99 43.37
C LYS D 952 14.25 15.62 41.91
N ILE D 953 13.98 16.61 41.05
CA ILE D 953 13.75 16.31 39.65
C ILE D 953 15.07 16.00 38.94
N GLN D 954 16.19 16.50 39.46
CA GLN D 954 17.48 16.22 38.86
C GLN D 954 17.88 14.76 39.00
N ASP D 955 17.67 14.18 40.19
CA ASP D 955 18.04 12.79 40.41
C ASP D 955 17.16 11.84 39.59
N SER D 956 15.88 12.18 39.45
CA SER D 956 14.97 11.32 38.68
C SER D 956 15.35 11.25 37.20
N LEU D 957 15.70 12.39 36.61
CA LEU D 957 16.11 12.38 35.21
C LEU D 957 17.51 11.81 35.01
N SER D 958 18.36 11.90 36.04
CA SER D 958 19.69 11.31 35.97
C SER D 958 19.69 9.81 36.24
N SER D 959 18.57 9.25 36.70
CA SER D 959 18.46 7.83 36.99
C SER D 959 17.96 7.10 35.74
N THR D 960 17.58 5.84 35.90
CA THR D 960 17.10 5.02 34.81
C THR D 960 15.61 5.22 34.51
N ALA D 961 14.93 6.06 35.28
CA ALA D 961 13.52 6.32 35.05
C ALA D 961 13.34 7.15 33.79
N SER D 962 12.65 6.58 32.80
CA SER D 962 12.44 7.23 31.51
C SER D 962 11.25 8.17 31.64
N ALA D 963 11.51 9.46 31.82
CA ALA D 963 10.47 10.47 31.91
C ALA D 963 10.19 11.18 30.59
N LEU D 964 11.09 11.05 29.61
CA LEU D 964 10.90 11.69 28.31
C LEU D 964 10.25 10.71 27.32
N GLY D 965 9.07 10.24 27.71
CA GLY D 965 8.36 9.27 26.90
C GLY D 965 7.88 9.83 25.58
N LYS D 966 7.43 11.09 25.58
CA LYS D 966 6.86 11.66 24.36
C LYS D 966 7.91 11.97 23.31
N LEU D 967 9.13 12.32 23.74
CA LEU D 967 10.17 12.70 22.78
C LEU D 967 10.63 11.52 21.94
N GLN D 968 10.73 10.33 22.54
CA GLN D 968 11.22 9.16 21.80
C GLN D 968 10.25 8.75 20.69
N ASP D 969 8.95 8.91 20.92
CA ASP D 969 7.97 8.48 19.93
C ASP D 969 8.10 9.28 18.62
N VAL D 970 8.27 10.60 18.72
CA VAL D 970 8.34 11.42 17.52
C VAL D 970 9.63 11.15 16.75
N VAL D 971 10.72 10.86 17.47
CA VAL D 971 11.97 10.52 16.79
C VAL D 971 11.86 9.17 16.10
N ASN D 972 11.27 8.18 16.78
CA ASN D 972 11.10 6.87 16.19
C ASN D 972 10.15 6.92 14.98
N GLN D 973 9.09 7.72 15.07
CA GLN D 973 8.16 7.84 13.94
C GLN D 973 8.85 8.44 12.73
N ASN D 974 9.71 9.43 12.92
CA ASN D 974 10.50 9.97 11.83
C ASN D 974 11.74 9.13 11.52
N ALA D 975 11.93 8.00 12.21
CA ALA D 975 12.96 7.03 11.88
C ALA D 975 12.40 5.72 11.36
N GLN D 976 11.32 5.23 11.95
CA GLN D 976 10.69 4.01 11.46
C GLN D 976 10.10 4.22 10.07
N ALA D 977 9.48 5.38 9.84
CA ALA D 977 8.87 5.64 8.53
C ALA D 977 9.91 5.69 7.43
N LEU D 978 11.05 6.33 7.68
CA LEU D 978 12.12 6.35 6.70
C LEU D 978 12.68 4.95 6.46
N ASN D 979 12.87 4.17 7.54
CA ASN D 979 13.42 2.82 7.39
C ASN D 979 12.48 1.92 6.60
N THR D 980 11.17 2.09 6.77
CA THR D 980 10.21 1.38 5.93
C THR D 980 10.35 1.80 4.48
N LEU D 981 10.62 3.08 4.23
CA LEU D 981 10.87 3.53 2.87
C LEU D 981 12.17 2.95 2.33
N VAL D 982 13.17 2.78 3.21
CA VAL D 982 14.42 2.17 2.79
C VAL D 982 14.20 0.70 2.43
N LYS D 983 13.49 -0.03 3.30
CA LYS D 983 13.27 -1.46 3.07
C LYS D 983 12.36 -1.71 1.88
N GLN D 984 11.47 -0.76 1.58
CA GLN D 984 10.48 -0.98 0.52
C GLN D 984 11.11 -1.08 -0.86
N LEU D 985 12.31 -0.50 -1.04
CA LEU D 985 12.99 -0.58 -2.32
C LEU D 985 13.50 -1.97 -2.64
N SER D 986 13.54 -2.88 -1.66
CA SER D 986 14.03 -4.23 -1.86
C SER D 986 12.96 -5.18 -2.38
N SER D 987 11.74 -4.69 -2.57
CA SER D 987 10.63 -5.51 -3.03
C SER D 987 10.45 -5.35 -4.53
N ASN D 988 10.14 -6.46 -5.20
CA ASN D 988 10.03 -6.46 -6.65
C ASN D 988 8.67 -5.97 -7.15
N PHE D 989 7.67 -5.90 -6.28
CA PHE D 989 6.29 -5.62 -6.68
C PHE D 989 5.83 -6.58 -7.79
N GLY D 990 6.28 -7.83 -7.71
CA GLY D 990 5.98 -8.82 -8.71
C GLY D 990 6.90 -8.84 -9.91
N ALA D 991 7.95 -8.02 -9.92
CA ALA D 991 8.85 -7.98 -11.07
C ALA D 991 9.81 -9.16 -11.04
N ILE D 992 10.50 -9.37 -12.17
CA ILE D 992 11.50 -10.43 -12.24
C ILE D 992 12.71 -10.13 -11.38
N SER D 993 12.93 -8.86 -11.05
CA SER D 993 14.00 -8.48 -10.14
C SER D 993 13.61 -7.18 -9.45
N SER D 994 14.20 -6.95 -8.29
CA SER D 994 13.92 -5.74 -7.51
C SER D 994 14.85 -4.59 -7.85
N VAL D 995 15.80 -4.80 -8.76
CA VAL D 995 16.75 -3.76 -9.17
C VAL D 995 16.55 -3.49 -10.66
N LEU D 996 16.49 -2.20 -11.01
CA LEU D 996 16.21 -1.82 -12.39
C LEU D 996 17.40 -2.05 -13.31
N ASN D 997 18.62 -2.01 -12.77
CA ASN D 997 19.80 -2.20 -13.61
C ASN D 997 19.83 -3.59 -14.23
N ASP D 998 19.44 -4.62 -13.46
CA ASP D 998 19.34 -5.96 -14.04
C ASP D 998 18.25 -6.01 -15.10
N ILE D 999 17.12 -5.34 -14.86
CA ILE D 999 16.05 -5.31 -15.85
C ILE D 999 16.50 -4.55 -17.09
N LEU D 1000 17.27 -3.48 -16.91
CA LEU D 1000 17.88 -2.80 -18.05
C LEU D 1000 18.88 -3.70 -18.78
N SER D 1001 19.40 -4.71 -18.11
CA SER D 1001 20.29 -5.70 -18.72
C SER D 1001 19.57 -6.99 -19.06
N ARG D 1002 18.24 -7.03 -18.96
CA ARG D 1002 17.46 -8.23 -19.21
C ARG D 1002 16.52 -8.11 -20.40
N LEU D 1003 15.67 -7.09 -20.42
CA LEU D 1003 14.61 -6.96 -21.42
C LEU D 1003 14.88 -5.78 -22.33
N ASP D 1004 14.58 -5.95 -23.61
CA ASP D 1004 14.69 -4.86 -24.56
C ASP D 1004 13.66 -3.77 -24.24
N PRO D 1005 13.96 -2.52 -24.60
CA PRO D 1005 13.03 -1.42 -24.30
C PRO D 1005 11.63 -1.63 -24.86
N PRO D 1006 11.46 -2.25 -26.06
CA PRO D 1006 10.09 -2.62 -26.44
C PRO D 1006 9.43 -3.59 -25.47
N GLU D 1007 10.18 -4.53 -24.91
CA GLU D 1007 9.63 -5.46 -23.92
C GLU D 1007 9.77 -4.96 -22.50
N ALA D 1008 10.48 -3.86 -22.27
CA ALA D 1008 10.63 -3.29 -20.94
C ALA D 1008 9.60 -2.21 -20.64
N GLU D 1009 8.77 -1.84 -21.61
CA GLU D 1009 7.72 -0.86 -21.35
C GLU D 1009 6.73 -1.39 -20.32
N VAL D 1010 6.30 -2.64 -20.46
CA VAL D 1010 5.38 -3.23 -19.50
C VAL D 1010 6.09 -3.48 -18.18
N GLN D 1011 7.32 -3.98 -18.23
CA GLN D 1011 8.00 -4.43 -17.02
C GLN D 1011 8.38 -3.27 -16.11
N ILE D 1012 9.00 -2.24 -16.67
CA ILE D 1012 9.50 -1.13 -15.85
C ILE D 1012 8.35 -0.29 -15.31
N ASP D 1013 7.32 -0.06 -16.14
CA ASP D 1013 6.22 0.80 -15.74
C ASP D 1013 5.53 0.29 -14.48
N ARG D 1014 5.34 -1.03 -14.37
CA ARG D 1014 4.68 -1.58 -13.20
C ARG D 1014 5.57 -1.45 -11.95
N LEU D 1015 6.89 -1.47 -12.13
CA LEU D 1015 7.78 -1.05 -11.06
C LEU D 1015 7.60 0.43 -10.74
N ILE D 1016 7.52 1.27 -11.76
CA ILE D 1016 7.39 2.71 -11.53
C ILE D 1016 6.06 3.01 -10.83
N THR D 1017 4.99 2.36 -11.27
CA THR D 1017 3.70 2.55 -10.62
C THR D 1017 3.73 2.08 -9.18
N GLY D 1018 4.39 0.95 -8.91
CA GLY D 1018 4.45 0.44 -7.55
C GLY D 1018 5.25 1.34 -6.61
N ARG D 1019 6.39 1.85 -7.07
CA ARG D 1019 7.23 2.66 -6.20
C ARG D 1019 6.65 4.05 -5.98
N LEU D 1020 5.85 4.55 -6.92
CA LEU D 1020 5.14 5.81 -6.70
C LEU D 1020 4.13 5.66 -5.57
N GLN D 1021 3.46 4.51 -5.49
CA GLN D 1021 2.55 4.25 -4.38
C GLN D 1021 3.31 4.20 -3.06
N SER D 1022 4.54 3.66 -3.08
CA SER D 1022 5.35 3.62 -1.87
C SER D 1022 5.71 5.02 -1.40
N LEU D 1023 6.08 5.91 -2.33
CA LEU D 1023 6.48 7.26 -1.95
C LEU D 1023 5.29 8.13 -1.60
N GLN D 1024 4.15 7.92 -2.27
CA GLN D 1024 2.95 8.72 -1.98
C GLN D 1024 2.47 8.50 -0.56
N THR D 1025 2.55 7.25 -0.08
CA THR D 1025 2.13 6.95 1.29
C THR D 1025 3.03 7.66 2.30
N TYR D 1026 4.34 7.71 2.03
CA TYR D 1026 5.27 8.38 2.94
C TYR D 1026 4.98 9.88 3.03
N VAL D 1027 4.78 10.53 1.88
CA VAL D 1027 4.50 11.97 1.89
C VAL D 1027 3.17 12.24 2.58
N THR D 1028 2.17 11.38 2.36
CA THR D 1028 0.90 11.53 3.04
C THR D 1028 1.07 11.37 4.55
N GLN D 1029 1.70 10.27 4.98
CA GLN D 1029 1.87 10.04 6.41
C GLN D 1029 2.78 11.09 7.07
N GLN D 1030 3.62 11.77 6.29
CA GLN D 1030 4.44 12.83 6.84
C GLN D 1030 3.62 14.09 7.12
N LEU D 1031 2.54 14.30 6.36
CA LEU D 1031 1.75 15.51 6.52
C LEU D 1031 0.92 15.48 7.81
N ILE D 1032 0.26 14.36 8.09
CA ILE D 1032 -0.52 14.25 9.34
C ILE D 1032 0.41 14.34 10.54
N ARG D 1033 1.55 13.68 10.47
CA ARG D 1033 2.53 13.78 11.56
C ARG D 1033 3.02 15.21 11.71
N ALA D 1034 3.25 15.90 10.59
CA ALA D 1034 3.60 17.31 10.66
C ALA D 1034 2.42 18.15 11.15
N ALA D 1035 1.19 17.74 10.84
CA ALA D 1035 0.03 18.47 11.33
C ALA D 1035 -0.14 18.31 12.83
N GLU D 1036 0.12 17.12 13.37
CA GLU D 1036 -0.04 16.89 14.79
C GLU D 1036 1.01 17.63 15.61
N ILE D 1037 2.26 17.66 15.12
CA ILE D 1037 3.30 18.41 15.81
C ILE D 1037 2.99 19.90 15.78
N ARG D 1038 2.50 20.40 14.66
CA ARG D 1038 2.15 21.81 14.54
C ARG D 1038 1.04 22.18 15.52
N ALA D 1039 0.07 21.28 15.73
CA ALA D 1039 -0.92 21.51 16.76
C ALA D 1039 -0.28 21.54 18.14
N SER D 1040 0.70 20.66 18.37
CA SER D 1040 1.44 20.71 19.63
C SER D 1040 2.43 21.87 19.66
N ALA D 1041 2.95 22.26 18.49
CA ALA D 1041 3.86 23.40 18.45
C ALA D 1041 3.16 24.69 18.86
N ASN D 1042 1.93 24.90 18.37
CA ASN D 1042 1.16 26.06 18.82
C ASN D 1042 0.80 25.95 20.29
N LEU D 1043 0.55 24.72 20.77
CA LEU D 1043 0.36 24.53 22.20
C LEU D 1043 1.61 24.91 22.99
N ALA D 1044 2.78 24.51 22.50
CA ALA D 1044 4.03 24.95 23.11
C ALA D 1044 4.21 26.46 22.95
N ALA D 1045 3.83 27.01 21.80
CA ALA D 1045 3.93 28.45 21.59
C ALA D 1045 3.01 29.21 22.53
N THR D 1046 1.79 28.71 22.72
CA THR D 1046 0.87 29.35 23.66
C THR D 1046 1.41 29.30 25.08
N LYS D 1047 1.94 28.16 25.49
CA LYS D 1047 2.55 28.04 26.81
C LYS D 1047 3.77 28.94 26.94
N MET D 1048 4.45 29.22 25.83
CA MET D 1048 5.53 30.20 25.87
C MET D 1048 5.00 31.59 26.22
N SER D 1049 3.91 31.99 25.57
CA SER D 1049 3.33 33.31 25.84
C SER D 1049 2.56 33.34 27.15
N GLU D 1050 2.02 32.20 27.59
CA GLU D 1050 1.18 32.14 28.78
C GLU D 1050 1.94 31.66 30.01
N CYS D 1051 2.54 30.49 29.93
CA CYS D 1051 3.09 29.83 31.11
C CYS D 1051 4.44 30.39 31.54
N VAL D 1052 5.06 31.25 30.74
CA VAL D 1052 6.40 31.74 31.02
C VAL D 1052 6.43 33.25 31.17
N LEU D 1053 5.99 33.97 30.13
CA LEU D 1053 6.10 35.43 30.10
C LEU D 1053 5.07 36.12 30.98
N GLY D 1054 4.40 35.39 31.86
CA GLY D 1054 3.44 36.01 32.76
C GLY D 1054 2.89 34.99 33.73
N GLN D 1055 1.82 35.38 34.41
CA GLN D 1055 1.12 34.51 35.34
C GLN D 1055 -0.21 34.12 34.72
N SER D 1056 -0.49 32.83 34.68
CA SER D 1056 -1.71 32.31 34.07
C SER D 1056 -2.67 31.85 35.16
N LYS D 1057 -3.91 32.34 35.09
CA LYS D 1057 -4.94 31.97 36.05
C LYS D 1057 -5.75 30.77 35.59
N ARG D 1058 -5.42 30.17 34.46
CA ARG D 1058 -6.12 28.98 33.99
C ARG D 1058 -5.65 27.77 34.80
N VAL D 1059 -6.61 26.98 35.26
CA VAL D 1059 -6.32 25.85 36.15
C VAL D 1059 -5.76 24.70 35.31
N ASP D 1060 -4.67 24.11 35.79
CA ASP D 1060 -4.08 22.90 35.24
C ASP D 1060 -3.70 23.04 33.77
N PHE D 1061 -3.26 24.23 33.37
CA PHE D 1061 -2.71 24.42 32.03
C PHE D 1061 -1.19 24.45 32.01
N CYS D 1062 -0.56 24.84 33.11
CA CYS D 1062 0.90 24.83 33.23
C CYS D 1062 1.26 23.92 34.40
N GLY D 1063 1.38 22.62 34.12
CA GLY D 1063 1.75 21.68 35.17
C GLY D 1063 0.53 21.19 35.92
N LYS D 1064 0.62 21.17 37.24
CA LYS D 1064 -0.47 20.72 38.09
C LYS D 1064 -0.47 21.59 39.35
N GLY D 1065 -1.56 22.31 39.57
CA GLY D 1065 -1.71 23.18 40.72
C GLY D 1065 -1.74 24.64 40.32
N TYR D 1066 -1.69 25.50 41.35
CA TYR D 1066 -1.64 26.93 41.12
C TYR D 1066 -0.33 27.31 40.44
N HIS D 1067 -0.41 28.22 39.47
CA HIS D 1067 0.76 28.61 38.69
C HIS D 1067 1.49 29.76 39.38
N LEU D 1068 2.81 29.65 39.46
CA LEU D 1068 3.66 30.78 39.83
C LEU D 1068 4.54 31.23 38.67
N MET D 1069 5.33 30.33 38.09
CA MET D 1069 6.17 30.61 36.93
C MET D 1069 6.78 29.31 36.44
N SER D 1070 7.44 29.36 35.28
CA SER D 1070 8.03 28.18 34.66
C SER D 1070 9.42 28.48 34.13
N PHE D 1071 10.23 27.42 33.99
CA PHE D 1071 11.58 27.50 33.45
C PHE D 1071 11.67 26.70 32.16
N PRO D 1072 11.52 27.34 31.01
CA PRO D 1072 11.77 26.64 29.73
C PRO D 1072 13.23 26.22 29.61
N GLN D 1073 13.46 25.04 29.04
CA GLN D 1073 14.80 24.55 28.78
C GLN D 1073 14.84 23.90 27.41
N SER D 1074 16.03 23.93 26.80
CA SER D 1074 16.21 23.33 25.49
C SER D 1074 16.20 21.81 25.58
N ALA D 1075 15.61 21.17 24.58
CA ALA D 1075 15.59 19.73 24.45
C ALA D 1075 15.71 19.37 22.97
N PRO D 1076 16.25 18.20 22.66
CA PRO D 1076 16.33 17.79 21.25
C PRO D 1076 14.94 17.54 20.68
N HIS D 1077 14.61 18.25 19.60
CA HIS D 1077 13.33 18.13 18.90
C HIS D 1077 12.15 18.41 19.84
N GLY D 1078 12.31 19.40 20.72
CA GLY D 1078 11.22 19.75 21.61
C GLY D 1078 11.67 20.77 22.64
N VAL D 1079 10.79 20.99 23.61
CA VAL D 1079 11.04 21.91 24.73
C VAL D 1079 10.59 21.23 26.02
N VAL D 1080 11.23 21.60 27.11
CA VAL D 1080 10.91 21.08 28.44
C VAL D 1080 10.48 22.25 29.31
N PHE D 1081 9.32 22.12 29.96
CA PHE D 1081 8.79 23.15 30.84
C PHE D 1081 8.91 22.68 32.28
N LEU D 1082 9.42 23.53 33.15
CA LEU D 1082 9.56 23.25 34.57
C LEU D 1082 8.61 24.16 35.34
N HIS D 1083 7.37 23.70 35.49
CA HIS D 1083 6.34 24.50 36.16
C HIS D 1083 6.55 24.43 37.67
N VAL D 1084 6.72 25.60 38.29
CA VAL D 1084 6.86 25.71 39.73
C VAL D 1084 5.48 26.02 40.29
N THR D 1085 4.85 25.03 40.90
CA THR D 1085 3.45 25.14 41.30
C THR D 1085 3.31 25.16 42.82
N TYR D 1086 2.24 25.81 43.27
CA TYR D 1086 1.94 25.98 44.69
C TYR D 1086 0.89 24.95 45.09
N VAL D 1087 1.23 24.11 46.06
CA VAL D 1087 0.38 23.03 46.51
C VAL D 1087 0.10 23.22 48.00
N PRO D 1088 -1.16 23.30 48.43
CA PRO D 1088 -1.45 23.41 49.86
C PRO D 1088 -1.02 22.17 50.62
N ALA D 1089 -0.53 22.37 51.84
CA ALA D 1089 -0.09 21.30 52.71
C ALA D 1089 -1.25 20.87 53.61
N GLN D 1090 -0.95 20.14 54.68
CA GLN D 1090 -1.96 19.68 55.62
C GLN D 1090 -2.78 20.84 56.17
N GLU D 1091 -4.03 20.54 56.52
CA GLU D 1091 -5.00 21.56 56.91
C GLU D 1091 -5.51 21.29 58.32
N LYS D 1092 -6.27 22.24 58.83
CA LYS D 1092 -6.92 22.14 60.13
C LYS D 1092 -8.43 22.13 59.95
N ASN D 1093 -9.11 21.36 60.79
CA ASN D 1093 -10.55 21.15 60.68
C ASN D 1093 -11.26 22.35 61.30
N PHE D 1094 -11.67 23.30 60.47
CA PHE D 1094 -12.27 24.54 60.96
C PHE D 1094 -13.80 24.44 60.94
N THR D 1095 -14.42 25.31 61.74
CA THR D 1095 -15.86 25.51 61.75
C THR D 1095 -16.14 26.92 61.26
N THR D 1096 -16.99 27.04 60.24
CA THR D 1096 -17.19 28.29 59.53
C THR D 1096 -18.63 28.75 59.64
N ALA D 1097 -18.87 29.97 59.15
CA ALA D 1097 -20.20 30.56 59.09
C ALA D 1097 -20.17 31.70 58.09
N PRO D 1098 -21.21 31.88 57.27
CA PRO D 1098 -21.16 32.89 56.22
C PRO D 1098 -21.00 34.32 56.70
N ALA D 1099 -21.59 34.68 57.85
CA ALA D 1099 -21.66 36.09 58.24
C ALA D 1099 -21.63 36.23 59.75
N ILE D 1100 -21.60 37.48 60.19
CA ILE D 1100 -21.65 37.84 61.61
C ILE D 1100 -22.71 38.92 61.79
N CYS D 1101 -23.56 38.74 62.80
CA CYS D 1101 -24.52 39.75 63.21
C CYS D 1101 -24.04 40.36 64.52
N HIS D 1102 -23.96 41.70 64.56
CA HIS D 1102 -23.38 42.40 65.70
C HIS D 1102 -24.43 43.21 66.47
N ASP D 1103 -25.06 44.18 65.81
CA ASP D 1103 -26.12 44.99 66.41
C ASP D 1103 -27.33 44.98 65.49
N GLY D 1104 -27.70 43.79 65.01
CA GLY D 1104 -28.73 43.69 64.00
C GLY D 1104 -28.26 44.01 62.60
N LYS D 1105 -26.96 44.20 62.41
CA LYS D 1105 -26.38 44.48 61.10
C LYS D 1105 -25.53 43.30 60.67
N ALA D 1106 -25.49 43.06 59.36
CA ALA D 1106 -24.74 41.95 58.80
C ALA D 1106 -23.39 42.45 58.31
N HIS D 1107 -22.32 41.76 58.70
CA HIS D 1107 -20.96 42.06 58.26
C HIS D 1107 -20.48 40.91 57.39
N PHE D 1108 -20.12 41.21 56.14
CA PHE D 1108 -19.68 40.18 55.21
C PHE D 1108 -18.19 40.32 54.96
N PRO D 1109 -17.48 39.22 54.69
CA PRO D 1109 -16.03 39.30 54.48
C PRO D 1109 -15.70 39.97 53.16
N ARG D 1110 -14.89 41.03 53.23
CA ARG D 1110 -14.43 41.69 52.01
C ARG D 1110 -13.52 40.76 51.20
N GLU D 1111 -12.61 40.05 51.86
CA GLU D 1111 -11.69 39.16 51.16
C GLU D 1111 -11.23 38.10 52.15
N GLY D 1112 -11.78 36.90 52.02
CA GLY D 1112 -11.35 35.77 52.82
C GLY D 1112 -12.53 34.97 53.32
N VAL D 1113 -12.25 34.11 54.30
CA VAL D 1113 -13.24 33.24 54.89
C VAL D 1113 -13.42 33.62 56.35
N PHE D 1114 -14.42 33.02 56.98
CA PHE D 1114 -14.69 33.20 58.40
C PHE D 1114 -14.49 31.87 59.10
N VAL D 1115 -13.50 31.79 59.97
CA VAL D 1115 -13.13 30.54 60.62
C VAL D 1115 -13.11 30.75 62.13
N SER D 1116 -13.21 29.64 62.86
CA SER D 1116 -13.26 29.69 64.31
C SER D 1116 -12.39 28.59 64.90
N ASN D 1117 -11.76 28.90 66.04
CA ASN D 1117 -11.14 27.87 66.86
C ASN D 1117 -12.18 26.91 67.41
N GLY D 1118 -13.39 27.41 67.66
CA GLY D 1118 -14.45 26.63 68.25
C GLY D 1118 -15.25 27.48 69.21
N THR D 1119 -14.59 28.50 69.78
CA THR D 1119 -15.24 29.50 70.62
C THR D 1119 -15.08 30.90 70.06
N HIS D 1120 -13.86 31.28 69.67
CA HIS D 1120 -13.58 32.60 69.12
C HIS D 1120 -13.52 32.54 67.61
N TRP D 1121 -13.91 33.65 66.96
CA TRP D 1121 -13.96 33.73 65.51
C TRP D 1121 -12.82 34.58 64.99
N PHE D 1122 -12.36 34.26 63.78
CA PHE D 1122 -11.28 34.99 63.13
C PHE D 1122 -11.52 35.01 61.63
N VAL D 1123 -10.86 35.96 60.96
CA VAL D 1123 -10.91 36.10 59.51
C VAL D 1123 -9.51 35.82 58.96
N THR D 1124 -9.46 35.15 57.81
CA THR D 1124 -8.20 34.81 57.19
C THR D 1124 -8.38 34.68 55.69
N GLN D 1125 -7.27 34.67 54.97
CA GLN D 1125 -7.30 34.48 53.53
C GLN D 1125 -7.82 33.08 53.19
N ARG D 1126 -8.41 32.97 51.99
CA ARG D 1126 -9.10 31.73 51.62
C ARG D 1126 -8.15 30.56 51.50
N ASN D 1127 -6.96 30.78 50.94
CA ASN D 1127 -6.04 29.70 50.64
C ASN D 1127 -4.88 29.61 51.63
N PHE D 1128 -4.92 30.35 52.73
CA PHE D 1128 -3.88 30.27 53.75
C PHE D 1128 -4.46 30.76 55.07
N TYR D 1129 -4.17 30.02 56.15
CA TYR D 1129 -4.73 30.32 57.46
C TYR D 1129 -3.84 31.34 58.15
N GLU D 1130 -4.27 32.60 58.16
CA GLU D 1130 -3.63 33.66 58.93
C GLU D 1130 -4.74 34.38 59.69
N PRO D 1131 -5.13 33.86 60.86
CA PRO D 1131 -6.29 34.41 61.56
C PRO D 1131 -6.08 35.85 61.98
N GLN D 1132 -7.15 36.65 61.89
CA GLN D 1132 -7.12 38.06 62.24
C GLN D 1132 -8.35 38.40 63.07
N ILE D 1133 -8.24 39.50 63.81
CA ILE D 1133 -9.34 39.99 64.63
C ILE D 1133 -10.40 40.62 63.73
N ILE D 1134 -11.67 40.34 64.01
CA ILE D 1134 -12.77 40.84 63.20
C ILE D 1134 -12.92 42.34 63.48
N THR D 1135 -12.62 43.16 62.48
CA THR D 1135 -12.77 44.61 62.59
C THR D 1135 -13.79 45.10 61.57
N THR D 1136 -14.07 46.40 61.63
CA THR D 1136 -14.91 47.03 60.62
C THR D 1136 -14.15 47.38 59.35
N ASP D 1137 -12.82 47.22 59.35
CA ASP D 1137 -12.00 47.51 58.18
C ASP D 1137 -11.89 46.32 57.24
N ASN D 1138 -11.97 45.10 57.76
CA ASN D 1138 -11.87 43.90 56.95
C ASN D 1138 -13.22 43.44 56.41
N THR D 1139 -14.32 44.07 56.81
CA THR D 1139 -15.66 43.70 56.42
C THR D 1139 -16.42 44.93 55.94
N PHE D 1140 -17.61 44.71 55.38
CA PHE D 1140 -18.50 45.79 55.02
C PHE D 1140 -19.93 45.40 55.37
N VAL D 1141 -20.74 46.41 55.68
CA VAL D 1141 -22.09 46.21 56.19
C VAL D 1141 -23.08 46.23 55.04
N SER D 1142 -23.98 45.25 55.00
CA SER D 1142 -24.99 45.19 53.96
C SER D 1142 -26.15 44.33 54.45
N GLY D 1143 -27.37 44.87 54.34
CA GLY D 1143 -28.56 44.12 54.65
C GLY D 1143 -28.79 43.93 56.14
N ASN D 1144 -29.91 43.27 56.45
CA ASN D 1144 -30.29 42.99 57.82
C ASN D 1144 -29.73 41.62 58.23
N CYS D 1145 -30.18 41.10 59.37
CA CYS D 1145 -29.69 39.84 59.88
C CYS D 1145 -30.67 38.69 59.75
N ASP D 1146 -31.88 38.94 59.25
CA ASP D 1146 -32.91 37.91 59.11
C ASP D 1146 -33.06 37.41 57.68
N VAL D 1147 -32.16 37.79 56.78
CA VAL D 1147 -32.27 37.39 55.40
C VAL D 1147 -31.16 36.43 54.95
N VAL D 1148 -30.13 36.22 55.76
CA VAL D 1148 -29.00 35.37 55.40
C VAL D 1148 -29.01 34.14 56.31
N ILE D 1149 -29.00 32.96 55.70
CA ILE D 1149 -29.02 31.72 56.46
C ILE D 1149 -27.62 31.43 57.00
N GLY D 1150 -27.57 30.82 58.19
CA GLY D 1150 -26.32 30.38 58.76
C GLY D 1150 -25.54 31.45 59.50
N ILE D 1151 -26.10 32.65 59.66
CA ILE D 1151 -25.37 33.72 60.34
C ILE D 1151 -25.24 33.40 61.82
N VAL D 1152 -24.12 33.84 62.41
CA VAL D 1152 -23.82 33.60 63.82
C VAL D 1152 -23.54 34.93 64.49
N ASN D 1153 -23.95 35.05 65.75
CA ASN D 1153 -23.71 36.27 66.50
C ASN D 1153 -22.26 36.32 66.98
N ASN D 1154 -21.65 37.49 66.90
CA ASN D 1154 -20.29 37.71 67.36
C ASN D 1154 -20.07 39.21 67.52
N THR D 1155 -18.94 39.55 68.13
CA THR D 1155 -18.57 40.93 68.39
C THR D 1155 -17.47 41.37 67.43
N VAL D 1156 -17.36 42.69 67.24
CA VAL D 1156 -16.37 43.29 66.36
C VAL D 1156 -15.62 44.35 67.15
N TYR D 1157 -14.29 44.26 67.16
CA TYR D 1157 -13.46 45.23 67.85
C TYR D 1157 -13.34 46.50 67.02
N ASP D 1158 -13.56 47.65 67.65
CA ASP D 1158 -13.51 48.93 66.95
C ASP D 1158 -12.23 49.65 67.31
N PRO D 1159 -11.29 49.81 66.38
CA PRO D 1159 -9.97 50.37 66.72
C PRO D 1159 -9.81 51.86 66.48
N LEU D 1160 -10.84 52.58 66.04
CA LEU D 1160 -10.64 53.97 65.64
C LEU D 1160 -10.46 54.88 66.85
N GLN D 1161 -11.23 54.65 67.92
CA GLN D 1161 -11.12 55.45 69.14
C GLN D 1161 -11.05 54.53 70.35
N PRO D 1162 -9.90 53.87 70.55
CA PRO D 1162 -9.78 52.94 71.68
C PRO D 1162 -9.55 53.65 73.01
N GLU D 1163 -8.78 54.74 73.01
CA GLU D 1163 -8.41 55.42 74.24
C GLU D 1163 -8.52 56.94 74.17
N LEU D 1164 -8.60 57.54 72.98
CA LEU D 1164 -8.55 59.00 72.85
C LEU D 1164 -9.91 59.65 73.05
N ASP D 1165 -10.85 58.99 73.72
CA ASP D 1165 -12.14 59.59 74.00
C ASP D 1165 -12.00 60.74 74.99
N SER D 1166 -12.71 61.83 74.73
CA SER D 1166 -12.66 63.00 75.59
C SER D 1166 -13.97 63.78 75.53
N ALA E 46 -58.49 4.35 -23.88
CA ALA E 46 -57.38 4.02 -24.76
C ALA E 46 -56.06 4.03 -24.00
N TYR E 47 -55.84 5.10 -23.20
CA TYR E 47 -54.64 5.25 -22.41
C TYR E 47 -55.04 5.44 -20.95
N THR E 48 -54.48 4.61 -20.08
CA THR E 48 -54.82 4.60 -18.66
C THR E 48 -53.52 4.50 -17.85
N ASN E 49 -53.53 5.07 -16.65
CA ASN E 49 -52.37 5.00 -15.77
C ASN E 49 -52.81 4.59 -14.38
N SER E 50 -51.92 3.90 -13.67
CA SER E 50 -52.19 3.44 -12.31
C SER E 50 -51.25 4.03 -11.27
N PHE E 51 -50.16 4.68 -11.70
CA PHE E 51 -49.26 5.48 -10.88
C PHE E 51 -48.39 4.64 -9.95
N THR E 52 -48.68 3.33 -9.84
CA THR E 52 -47.91 2.42 -8.98
C THR E 52 -47.96 1.04 -9.64
N ARG E 53 -46.93 0.75 -10.45
CA ARG E 53 -46.85 -0.55 -11.10
C ARG E 53 -45.43 -0.78 -11.60
N GLY E 54 -45.10 -2.06 -11.77
CA GLY E 54 -43.80 -2.43 -12.30
C GLY E 54 -42.77 -2.75 -11.24
N VAL E 55 -43.14 -3.58 -10.27
CA VAL E 55 -42.25 -3.98 -9.20
C VAL E 55 -42.19 -5.51 -9.15
N TYR E 56 -40.96 -6.04 -9.07
CA TYR E 56 -40.75 -7.47 -8.91
C TYR E 56 -39.34 -7.68 -8.39
N TYR E 57 -39.11 -8.87 -7.84
CA TYR E 57 -37.80 -9.18 -7.28
C TYR E 57 -36.80 -9.39 -8.39
N PRO E 58 -35.72 -8.61 -8.46
CA PRO E 58 -34.75 -8.79 -9.56
C PRO E 58 -33.82 -9.97 -9.39
N ASP E 59 -33.71 -10.53 -8.19
CA ASP E 59 -32.81 -11.64 -7.95
C ASP E 59 -33.35 -12.48 -6.79
N LYS E 60 -32.88 -13.73 -6.73
CA LYS E 60 -33.30 -14.66 -5.68
C LYS E 60 -32.40 -14.50 -4.44
N VAL E 61 -32.52 -13.33 -3.83
CA VAL E 61 -31.70 -12.96 -2.68
C VAL E 61 -32.64 -12.53 -1.55
N PHE E 62 -32.39 -13.05 -0.35
CA PHE E 62 -33.19 -12.71 0.83
C PHE E 62 -32.48 -11.60 1.60
N ARG E 63 -33.23 -10.56 1.97
CA ARG E 63 -32.72 -9.45 2.75
C ARG E 63 -33.75 -9.08 3.81
N SER E 64 -33.28 -8.44 4.87
CA SER E 64 -34.13 -8.04 5.99
C SER E 64 -33.81 -6.60 6.36
N SER E 65 -34.76 -5.70 6.12
CA SER E 65 -34.63 -4.27 6.43
C SER E 65 -33.38 -3.68 5.79
N VAL E 66 -33.13 -4.08 4.54
CA VAL E 66 -31.94 -3.66 3.81
C VAL E 66 -32.40 -2.91 2.57
N LEU E 67 -31.90 -1.68 2.41
CA LEU E 67 -32.18 -0.88 1.22
C LEU E 67 -31.12 -1.16 0.18
N HIS E 68 -31.52 -1.75 -0.94
CA HIS E 68 -30.59 -2.22 -1.96
C HIS E 68 -30.92 -1.59 -3.31
N SER E 69 -29.88 -1.29 -4.08
CA SER E 69 -30.01 -0.76 -5.42
C SER E 69 -29.70 -1.86 -6.42
N THR E 70 -30.55 -2.01 -7.43
CA THR E 70 -30.46 -3.12 -8.36
C THR E 70 -30.39 -2.62 -9.80
N GLN E 71 -29.87 -3.48 -10.67
CA GLN E 71 -29.72 -3.22 -12.10
C GLN E 71 -30.63 -4.19 -12.84
N ASP E 72 -31.87 -3.79 -13.07
CA ASP E 72 -32.81 -4.65 -13.78
C ASP E 72 -33.84 -3.78 -14.49
N LEU E 73 -34.49 -4.39 -15.49
CA LEU E 73 -35.54 -3.72 -16.23
C LEU E 73 -36.80 -3.61 -15.38
N PHE E 74 -37.53 -2.51 -15.55
CA PHE E 74 -38.70 -2.22 -14.75
C PHE E 74 -39.66 -1.35 -15.53
N LEU E 75 -40.75 -0.93 -14.87
CA LEU E 75 -41.72 -0.02 -15.45
C LEU E 75 -41.61 1.32 -14.76
N PRO E 76 -41.19 2.39 -15.44
CA PRO E 76 -41.19 3.71 -14.82
C PRO E 76 -42.60 4.14 -14.44
N PHE E 77 -42.70 4.83 -13.31
CA PHE E 77 -43.99 5.31 -12.85
C PHE E 77 -44.48 6.46 -13.71
N PHE E 78 -45.78 6.77 -13.58
CA PHE E 78 -46.44 7.84 -14.32
C PHE E 78 -46.33 7.64 -15.83
N SER E 79 -46.32 6.38 -16.28
CA SER E 79 -46.10 6.06 -17.69
C SER E 79 -47.42 5.72 -18.35
N ASN E 80 -47.72 6.39 -19.44
CA ASN E 80 -48.96 6.14 -20.19
C ASN E 80 -48.86 4.79 -20.88
N VAL E 81 -49.76 3.88 -20.54
CA VAL E 81 -49.81 2.54 -21.13
C VAL E 81 -51.16 2.36 -21.81
N THR E 82 -51.15 1.71 -22.97
CA THR E 82 -52.35 1.56 -23.77
C THR E 82 -53.34 0.62 -23.09
N TRP E 83 -54.63 0.93 -23.26
CA TRP E 83 -55.72 0.09 -22.78
C TRP E 83 -56.43 -0.52 -23.97
N PHE E 84 -56.47 -1.86 -24.03
CA PHE E 84 -57.06 -2.59 -25.12
C PHE E 84 -58.27 -3.35 -24.60
N HIS E 85 -59.47 -2.87 -24.93
CA HIS E 85 -60.71 -3.49 -24.50
C HIS E 85 -61.28 -4.31 -25.65
N ALA E 86 -61.38 -5.62 -25.45
CA ALA E 86 -61.87 -6.53 -26.48
C ALA E 86 -63.39 -6.57 -26.45
N ILE E 87 -63.98 -5.49 -26.96
CA ILE E 87 -65.43 -5.34 -27.03
C ILE E 87 -65.81 -4.98 -28.46
N HIS E 88 -67.01 -5.38 -28.87
CA HIS E 88 -67.50 -5.12 -30.22
C HIS E 88 -68.90 -4.54 -30.19
N ASP E 99 -59.86 -7.55 -32.62
CA ASP E 99 -59.06 -6.69 -31.76
C ASP E 99 -57.82 -7.42 -31.25
N ASN E 100 -57.09 -8.04 -32.18
CA ASN E 100 -55.88 -8.79 -31.85
C ASN E 100 -54.73 -8.30 -32.74
N PRO E 101 -54.16 -7.15 -32.41
CA PRO E 101 -53.01 -6.65 -33.19
C PRO E 101 -51.72 -7.33 -32.77
N VAL E 102 -50.69 -7.14 -33.59
CA VAL E 102 -49.37 -7.70 -33.33
C VAL E 102 -48.59 -6.67 -32.53
N LEU E 103 -48.38 -6.96 -31.25
CA LEU E 103 -47.70 -5.97 -30.41
C LEU E 103 -46.20 -6.26 -30.36
N PRO E 104 -45.37 -5.22 -30.40
CA PRO E 104 -43.91 -5.44 -30.39
C PRO E 104 -43.44 -5.90 -29.02
N PHE E 105 -42.28 -6.59 -29.04
CA PHE E 105 -41.61 -7.06 -27.84
C PHE E 105 -40.15 -6.61 -27.94
N ASN E 106 -39.85 -5.44 -27.38
CA ASN E 106 -38.50 -4.89 -27.52
C ASN E 106 -37.53 -5.55 -26.53
N ASP E 107 -37.75 -5.32 -25.24
CA ASP E 107 -36.87 -5.90 -24.22
C ASP E 107 -37.65 -6.41 -23.02
N GLY E 108 -38.95 -6.66 -23.15
CA GLY E 108 -39.77 -7.09 -22.05
C GLY E 108 -41.09 -6.37 -21.99
N VAL E 109 -42.18 -7.11 -21.74
CA VAL E 109 -43.52 -6.55 -21.76
C VAL E 109 -44.21 -6.90 -20.45
N TYR E 110 -44.74 -5.90 -19.77
CA TYR E 110 -45.57 -6.13 -18.60
C TYR E 110 -47.00 -6.44 -19.02
N PHE E 111 -47.58 -7.46 -18.40
CA PHE E 111 -48.90 -7.96 -18.76
C PHE E 111 -49.79 -8.00 -17.54
N ALA E 112 -51.01 -7.47 -17.65
CA ALA E 112 -51.97 -7.48 -16.57
C ALA E 112 -53.36 -7.71 -17.14
N SER E 113 -54.17 -8.50 -16.43
CA SER E 113 -55.50 -8.84 -16.88
C SER E 113 -56.48 -8.72 -15.72
N THR E 114 -57.58 -8.01 -15.95
CA THR E 114 -58.67 -7.93 -14.97
C THR E 114 -59.74 -8.96 -15.30
N GLU E 115 -59.34 -10.23 -15.24
CA GLU E 115 -60.22 -11.32 -15.63
C GLU E 115 -61.35 -11.52 -14.63
N LYS E 116 -62.47 -12.01 -15.13
CA LYS E 116 -63.60 -12.41 -14.30
C LYS E 116 -64.13 -13.79 -14.61
N SER E 117 -63.81 -14.37 -15.77
CA SER E 117 -64.25 -15.72 -16.10
C SER E 117 -63.15 -16.53 -16.78
N ASN E 118 -61.88 -16.18 -16.57
CA ASN E 118 -60.73 -16.88 -17.14
C ASN E 118 -60.80 -16.89 -18.68
N ILE E 119 -60.74 -15.70 -19.25
CA ILE E 119 -60.78 -15.57 -20.71
C ILE E 119 -59.41 -15.79 -21.32
N ILE E 120 -58.43 -15.00 -20.90
CA ILE E 120 -57.08 -15.12 -21.42
C ILE E 120 -56.40 -16.32 -20.77
N ARG E 121 -55.80 -17.18 -21.60
CA ARG E 121 -55.17 -18.39 -21.11
C ARG E 121 -53.66 -18.42 -21.34
N GLY E 122 -53.20 -18.14 -22.56
CA GLY E 122 -51.79 -18.25 -22.86
C GLY E 122 -51.26 -17.14 -23.75
N TRP E 123 -50.06 -17.32 -24.28
CA TRP E 123 -49.40 -16.32 -25.10
C TRP E 123 -48.65 -17.01 -26.23
N ILE E 124 -48.37 -16.24 -27.28
CA ILE E 124 -47.62 -16.71 -28.44
C ILE E 124 -46.43 -15.79 -28.62
N PHE E 125 -45.24 -16.38 -28.80
CA PHE E 125 -44.01 -15.62 -28.95
C PHE E 125 -43.33 -15.99 -30.26
N GLY E 126 -42.38 -15.16 -30.67
CA GLY E 126 -41.64 -15.39 -31.89
C GLY E 126 -40.99 -14.11 -32.36
N THR E 127 -40.33 -14.21 -33.52
CA THR E 127 -39.65 -13.07 -34.14
C THR E 127 -40.00 -12.85 -35.60
N THR E 128 -40.41 -13.88 -36.33
CA THR E 128 -40.79 -13.74 -37.73
C THR E 128 -42.24 -14.13 -38.01
N LEU E 129 -42.83 -14.99 -37.19
CA LEU E 129 -44.23 -15.41 -37.31
C LEU E 129 -44.54 -16.01 -38.67
N ASP E 130 -43.61 -16.78 -39.22
CA ASP E 130 -43.79 -17.42 -40.53
C ASP E 130 -43.67 -18.93 -40.45
N SER E 131 -43.69 -19.51 -39.24
CA SER E 131 -43.57 -20.95 -39.02
C SER E 131 -42.27 -21.51 -39.60
N LYS E 132 -41.23 -20.68 -39.68
CA LYS E 132 -39.93 -21.07 -40.18
C LYS E 132 -38.85 -21.08 -39.09
N THR E 133 -38.81 -20.06 -38.25
CA THR E 133 -37.85 -19.99 -37.17
C THR E 133 -38.44 -20.57 -35.89
N GLN E 134 -37.57 -20.78 -34.90
CA GLN E 134 -38.00 -21.32 -33.62
C GLN E 134 -38.86 -20.32 -32.87
N SER E 135 -39.93 -20.80 -32.24
CA SER E 135 -40.86 -19.94 -31.54
C SER E 135 -41.41 -20.67 -30.32
N LEU E 136 -41.95 -19.89 -29.39
CA LEU E 136 -42.53 -20.41 -28.16
C LEU E 136 -44.01 -20.09 -28.11
N LEU E 137 -44.78 -21.01 -27.52
CA LEU E 137 -46.23 -20.86 -27.44
C LEU E 137 -46.72 -21.56 -26.17
N ILE E 138 -47.71 -20.95 -25.52
CA ILE E 138 -48.20 -21.42 -24.23
C ILE E 138 -49.71 -21.61 -24.31
N VAL E 139 -50.19 -22.75 -23.82
CA VAL E 139 -51.62 -23.05 -23.75
C VAL E 139 -51.95 -23.46 -22.33
N ASN E 140 -53.01 -22.89 -21.77
CA ASN E 140 -53.55 -23.30 -20.48
C ASN E 140 -54.92 -23.91 -20.69
N ASN E 141 -55.10 -25.15 -20.24
CA ASN E 141 -56.35 -25.88 -20.38
C ASN E 141 -57.08 -26.02 -19.05
N ALA E 142 -56.91 -25.04 -18.16
CA ALA E 142 -57.61 -24.94 -16.88
C ALA E 142 -57.28 -26.08 -15.92
N THR E 143 -56.38 -26.97 -16.31
CA THR E 143 -55.93 -28.04 -15.42
C THR E 143 -54.42 -28.24 -15.40
N ASN E 144 -53.69 -27.80 -16.43
CA ASN E 144 -52.25 -27.95 -16.48
C ASN E 144 -51.66 -26.77 -17.23
N VAL E 145 -50.37 -26.53 -17.01
CA VAL E 145 -49.62 -25.48 -17.69
C VAL E 145 -48.56 -26.14 -18.54
N VAL E 146 -48.60 -25.90 -19.84
CA VAL E 146 -47.66 -26.51 -20.79
C VAL E 146 -47.08 -25.41 -21.67
N ILE E 147 -45.77 -25.50 -21.92
CA ILE E 147 -45.05 -24.56 -22.78
C ILE E 147 -44.37 -25.38 -23.87
N LYS E 148 -44.73 -25.11 -25.12
CA LYS E 148 -44.20 -25.86 -26.26
C LYS E 148 -43.32 -24.94 -27.09
N VAL E 149 -42.15 -25.44 -27.47
CA VAL E 149 -41.19 -24.70 -28.29
C VAL E 149 -41.06 -25.46 -29.60
N CYS E 150 -41.88 -25.10 -30.58
CA CYS E 150 -41.86 -25.74 -31.89
C CYS E 150 -42.23 -24.72 -32.95
N GLU E 151 -42.26 -25.18 -34.20
CA GLU E 151 -42.66 -24.34 -35.34
C GLU E 151 -44.15 -24.59 -35.60
N PHE E 152 -44.98 -23.66 -35.15
CA PHE E 152 -46.43 -23.78 -35.25
C PHE E 152 -46.95 -22.97 -36.43
N GLN E 153 -48.01 -23.48 -37.05
CA GLN E 153 -48.70 -22.71 -38.07
C GLN E 153 -49.33 -21.48 -37.44
N PHE E 154 -49.11 -20.31 -38.04
CA PHE E 154 -49.53 -19.03 -37.49
C PHE E 154 -50.73 -18.52 -38.28
N CYS E 155 -51.90 -18.57 -37.66
CA CYS E 155 -53.11 -18.07 -38.30
C CYS E 155 -53.20 -16.55 -38.17
N ASN E 156 -53.93 -15.94 -39.11
CA ASN E 156 -54.14 -14.50 -39.06
C ASN E 156 -54.95 -14.10 -37.85
N ASP E 157 -55.95 -14.89 -37.49
CA ASP E 157 -56.78 -14.67 -36.31
C ASP E 157 -56.83 -15.96 -35.51
N PRO E 158 -55.79 -16.25 -34.73
CA PRO E 158 -55.76 -17.50 -33.97
C PRO E 158 -56.43 -17.38 -32.61
N PHE E 159 -57.25 -18.39 -32.30
CA PHE E 159 -57.93 -18.46 -31.01
C PHE E 159 -58.29 -19.91 -30.73
N LEU E 160 -58.57 -20.19 -29.46
CA LEU E 160 -58.97 -21.52 -29.02
C LEU E 160 -60.40 -21.47 -28.49
N GLY E 161 -61.25 -22.36 -29.02
CA GLY E 161 -62.64 -22.41 -28.62
C GLY E 161 -62.84 -23.22 -27.35
N VAL E 162 -64.10 -23.25 -26.91
CA VAL E 162 -64.46 -23.98 -25.70
C VAL E 162 -64.64 -25.46 -26.02
N VAL E 178 -56.52 -27.31 -29.32
CA VAL E 178 -57.21 -27.39 -30.59
C VAL E 178 -56.46 -26.59 -31.65
N TYR E 179 -55.27 -26.12 -31.30
CA TYR E 179 -54.45 -25.33 -32.22
C TYR E 179 -52.99 -25.56 -31.84
N SER E 180 -52.32 -26.45 -32.58
CA SER E 180 -50.93 -26.79 -32.30
C SER E 180 -50.33 -27.39 -33.56
N SER E 181 -48.99 -27.46 -33.57
CA SER E 181 -48.27 -28.04 -34.69
C SER E 181 -46.92 -28.55 -34.19
N ALA E 182 -46.28 -29.39 -35.00
CA ALA E 182 -44.97 -29.94 -34.67
C ALA E 182 -44.26 -30.29 -35.97
N ASN E 183 -43.16 -29.60 -36.24
CA ASN E 183 -42.40 -29.83 -37.48
C ASN E 183 -40.95 -29.43 -37.22
N ASN E 184 -40.09 -30.44 -37.01
CA ASN E 184 -38.65 -30.27 -36.85
C ASN E 184 -38.31 -29.32 -35.71
N CYS E 185 -38.67 -29.75 -34.49
CA CYS E 185 -38.37 -29.00 -33.29
C CYS E 185 -37.72 -29.93 -32.26
N THR E 186 -37.41 -29.37 -31.09
CA THR E 186 -36.62 -30.06 -30.09
C THR E 186 -37.47 -30.80 -29.05
N PHE E 187 -38.29 -30.06 -28.31
CA PHE E 187 -38.98 -30.65 -27.16
C PHE E 187 -40.21 -29.80 -26.83
N GLU E 188 -40.97 -30.28 -25.85
CA GLU E 188 -42.11 -29.57 -25.29
C GLU E 188 -42.03 -29.65 -23.77
N TYR E 189 -42.22 -28.52 -23.10
CA TYR E 189 -42.12 -28.45 -21.65
C TYR E 189 -43.51 -28.55 -21.03
N VAL E 190 -43.64 -29.41 -20.02
CA VAL E 190 -44.89 -29.63 -19.32
C VAL E 190 -44.68 -29.29 -17.85
N SER E 191 -45.53 -28.42 -17.32
CA SER E 191 -45.44 -28.03 -15.91
C SER E 191 -46.73 -28.35 -15.17
N PHE E 205 -65.37 -8.37 -9.28
CA PHE E 205 -64.48 -9.51 -9.31
C PHE E 205 -63.25 -9.26 -8.46
N LYS E 206 -63.00 -10.14 -7.49
CA LYS E 206 -61.83 -10.05 -6.63
C LYS E 206 -60.72 -10.98 -7.12
N ASN E 207 -60.26 -10.71 -8.34
CA ASN E 207 -59.21 -11.51 -8.97
C ASN E 207 -58.42 -10.60 -9.90
N LEU E 208 -57.16 -10.37 -9.58
CA LEU E 208 -56.25 -9.61 -10.44
C LEU E 208 -55.03 -10.47 -10.75
N ARG E 209 -54.72 -10.60 -12.03
CA ARG E 209 -53.58 -11.39 -12.48
C ARG E 209 -52.62 -10.50 -13.26
N GLU E 210 -51.34 -10.54 -12.90
CA GLU E 210 -50.31 -9.76 -13.56
C GLU E 210 -49.19 -10.70 -13.97
N PHE E 211 -48.65 -10.48 -15.17
CA PHE E 211 -47.59 -11.32 -15.72
C PHE E 211 -46.48 -10.44 -16.27
N VAL E 212 -45.24 -10.92 -16.13
CA VAL E 212 -44.07 -10.19 -16.58
C VAL E 212 -43.23 -11.12 -17.46
N PHE E 213 -42.91 -10.65 -18.67
CA PHE E 213 -42.06 -11.37 -19.60
C PHE E 213 -40.76 -10.61 -19.79
N LYS E 214 -39.64 -11.32 -19.75
CA LYS E 214 -38.34 -10.74 -20.01
C LYS E 214 -37.53 -11.68 -20.90
N ASN E 215 -36.56 -11.12 -21.63
CA ASN E 215 -35.71 -11.91 -22.52
C ASN E 215 -34.32 -11.28 -22.53
N ILE E 216 -33.43 -11.79 -21.69
CA ILE E 216 -32.04 -11.34 -21.62
C ILE E 216 -31.14 -12.56 -21.59
N ASP E 217 -29.92 -12.39 -22.10
CA ASP E 217 -28.77 -13.31 -22.02
C ASP E 217 -29.12 -14.80 -22.10
N GLY E 218 -30.06 -15.15 -22.97
CA GLY E 218 -30.42 -16.54 -23.18
C GLY E 218 -31.28 -17.16 -22.10
N TYR E 219 -31.78 -16.37 -21.14
CA TYR E 219 -32.61 -16.87 -20.06
C TYR E 219 -33.98 -16.23 -20.13
N PHE E 220 -35.02 -17.05 -19.95
CA PHE E 220 -36.40 -16.59 -19.99
C PHE E 220 -37.07 -16.90 -18.66
N LYS E 221 -37.61 -15.87 -18.02
CA LYS E 221 -38.32 -16.02 -16.76
C LYS E 221 -39.69 -15.37 -16.85
N ILE E 222 -40.64 -15.89 -16.08
CA ILE E 222 -42.00 -15.38 -16.05
C ILE E 222 -42.36 -15.08 -14.60
N TYR E 223 -42.87 -13.88 -14.34
CA TYR E 223 -43.29 -13.46 -13.02
C TYR E 223 -44.81 -13.34 -13.01
N SER E 224 -45.45 -14.05 -12.08
CA SER E 224 -46.90 -14.15 -12.07
C SER E 224 -47.44 -13.94 -10.66
N LYS E 225 -48.72 -13.59 -10.58
CA LYS E 225 -49.40 -13.35 -9.32
C LYS E 225 -50.91 -13.41 -9.54
N HIS E 226 -51.63 -13.91 -8.53
CA HIS E 226 -53.07 -13.73 -8.43
C HIS E 226 -53.36 -13.00 -7.13
N THR E 227 -54.24 -12.00 -7.18
CA THR E 227 -54.53 -11.17 -6.02
C THR E 227 -55.94 -10.61 -6.16
N PRO E 228 -56.65 -10.41 -5.04
CA PRO E 228 -57.99 -9.82 -5.13
C PRO E 228 -57.97 -8.30 -5.09
N ILE E 229 -58.77 -7.70 -5.97
CA ILE E 229 -58.96 -6.25 -6.02
C ILE E 229 -60.44 -5.96 -6.09
N ASN E 230 -60.81 -4.74 -5.71
CA ASN E 230 -62.21 -4.30 -5.72
C ASN E 230 -62.24 -2.84 -6.17
N LEU E 231 -62.45 -2.64 -7.48
CA LEU E 231 -62.62 -1.31 -8.02
C LEU E 231 -63.47 -1.42 -9.28
N VAL E 232 -64.13 -0.31 -9.62
CA VAL E 232 -65.16 -0.35 -10.66
C VAL E 232 -64.56 -0.59 -12.04
N ARG E 233 -63.46 0.08 -12.37
CA ARG E 233 -63.02 -0.01 -13.76
C ARG E 233 -61.57 -0.42 -13.95
N ASP E 234 -60.65 0.05 -13.10
CA ASP E 234 -59.24 -0.20 -13.35
C ASP E 234 -58.46 -0.53 -12.08
N LEU E 235 -57.14 -0.49 -12.17
CA LEU E 235 -56.28 -0.94 -11.08
C LEU E 235 -56.41 0.00 -9.89
N PRO E 236 -56.39 -0.54 -8.66
CA PRO E 236 -56.43 0.32 -7.47
C PRO E 236 -55.08 0.94 -7.15
N GLN E 237 -54.99 1.63 -6.02
CA GLN E 237 -53.76 2.27 -5.58
C GLN E 237 -52.94 1.37 -4.66
N GLY E 238 -53.35 0.12 -4.46
CA GLY E 238 -52.63 -0.78 -3.60
C GLY E 238 -51.30 -1.21 -4.19
N PHE E 239 -50.45 -1.76 -3.33
CA PHE E 239 -49.10 -2.16 -3.71
C PHE E 239 -48.82 -3.57 -3.21
N SER E 240 -48.10 -4.33 -4.04
CA SER E 240 -47.67 -5.68 -3.68
C SER E 240 -46.48 -6.04 -4.58
N ALA E 241 -45.72 -7.05 -4.13
CA ALA E 241 -44.49 -7.44 -4.80
C ALA E 241 -44.67 -8.73 -5.57
N LEU E 242 -44.37 -8.69 -6.87
CA LEU E 242 -44.56 -9.85 -7.73
C LEU E 242 -43.52 -10.93 -7.45
N GLU E 243 -43.85 -12.16 -7.88
CA GLU E 243 -43.00 -13.32 -7.65
C GLU E 243 -42.71 -14.05 -8.96
N PRO E 244 -41.51 -14.57 -9.14
CA PRO E 244 -41.20 -15.36 -10.34
C PRO E 244 -41.89 -16.70 -10.32
N LEU E 245 -42.07 -17.28 -11.51
CA LEU E 245 -42.74 -18.56 -11.67
C LEU E 245 -41.81 -19.66 -12.15
N VAL E 246 -41.13 -19.46 -13.28
CA VAL E 246 -40.32 -20.51 -13.87
C VAL E 246 -39.22 -19.86 -14.70
N ASP E 247 -38.09 -20.56 -14.82
CA ASP E 247 -36.95 -20.12 -15.62
C ASP E 247 -36.78 -21.04 -16.81
N LEU E 248 -36.68 -20.45 -18.01
CA LEU E 248 -36.56 -21.20 -19.25
C LEU E 248 -35.25 -20.83 -19.93
N PRO E 249 -34.37 -21.80 -20.21
CA PRO E 249 -33.00 -21.48 -20.68
C PRO E 249 -32.80 -21.50 -22.19
N ILE E 250 -33.86 -21.64 -22.99
CA ILE E 250 -33.67 -21.70 -24.44
C ILE E 250 -33.18 -20.36 -24.98
N GLY E 251 -33.83 -19.27 -24.58
CA GLY E 251 -33.38 -17.94 -24.93
C GLY E 251 -33.47 -17.61 -26.40
N ILE E 252 -34.68 -17.51 -26.93
CA ILE E 252 -34.92 -17.14 -28.31
C ILE E 252 -35.16 -15.64 -28.39
N ASN E 253 -34.57 -15.00 -29.39
CA ASN E 253 -34.77 -13.57 -29.61
C ASN E 253 -36.22 -13.34 -30.05
N ILE E 254 -37.02 -12.74 -29.18
CA ILE E 254 -38.44 -12.51 -29.43
C ILE E 254 -38.64 -11.06 -29.84
N THR E 255 -39.34 -10.86 -30.96
CA THR E 255 -39.63 -9.52 -31.48
C THR E 255 -41.11 -9.18 -31.42
N ARG E 256 -41.97 -10.10 -31.85
CA ARG E 256 -43.41 -9.88 -31.85
C ARG E 256 -44.09 -11.01 -31.08
N PHE E 257 -45.11 -10.65 -30.31
CA PHE E 257 -45.81 -11.61 -29.48
C PHE E 257 -47.32 -11.36 -29.56
N GLN E 258 -48.08 -12.41 -29.28
CA GLN E 258 -49.53 -12.36 -29.32
C GLN E 258 -50.11 -13.09 -28.12
N THR E 259 -51.32 -12.68 -27.73
CA THR E 259 -52.02 -13.27 -26.60
C THR E 259 -53.15 -14.18 -27.09
N LEU E 260 -53.92 -14.70 -26.15
CA LEU E 260 -55.01 -15.62 -26.44
C LEU E 260 -56.26 -15.19 -25.69
N LEU E 261 -57.42 -15.50 -26.28
CA LEU E 261 -58.71 -15.20 -25.69
C LEU E 261 -59.61 -16.42 -25.78
N ALA E 262 -60.70 -16.40 -25.02
CA ALA E 262 -61.69 -17.46 -25.00
C ALA E 262 -62.96 -16.97 -25.71
N LEU E 263 -63.39 -17.70 -26.74
CA LEU E 263 -64.55 -17.33 -27.51
C LEU E 263 -65.14 -18.58 -28.15
N HIS E 264 -66.40 -18.48 -28.54
CA HIS E 264 -67.16 -19.66 -28.97
C HIS E 264 -67.26 -19.79 -30.49
N ARG E 265 -67.55 -18.68 -31.19
CA ARG E 265 -67.80 -18.77 -32.63
C ARG E 265 -66.51 -19.01 -33.39
N SER E 266 -66.50 -20.02 -34.25
CA SER E 266 -65.33 -20.38 -35.02
C SER E 266 -65.26 -19.58 -36.32
N TYR E 267 -65.08 -18.27 -36.16
CA TYR E 267 -64.98 -17.34 -37.29
C TYR E 267 -63.51 -17.16 -37.64
N LEU E 268 -62.96 -18.14 -38.36
CA LEU E 268 -61.57 -18.11 -38.75
C LEU E 268 -61.42 -17.35 -40.07
N THR E 269 -60.69 -16.24 -40.04
CA THR E 269 -60.47 -15.41 -41.22
C THR E 269 -58.99 -15.37 -41.55
N PRO E 270 -58.52 -16.17 -42.51
CA PRO E 270 -57.09 -16.20 -42.88
C PRO E 270 -56.71 -15.05 -43.81
N ALA E 283 -59.25 -7.33 -21.72
CA ALA E 283 -58.59 -6.16 -21.13
C ALA E 283 -57.18 -6.51 -20.68
N TYR E 284 -56.19 -6.18 -21.51
CA TYR E 284 -54.79 -6.46 -21.22
C TYR E 284 -53.95 -5.21 -21.44
N TYR E 285 -52.94 -5.05 -20.59
CA TYR E 285 -52.07 -3.89 -20.61
C TYR E 285 -50.67 -4.29 -21.07
N VAL E 286 -50.04 -3.42 -21.85
CA VAL E 286 -48.70 -3.64 -22.34
C VAL E 286 -47.91 -2.33 -22.24
N GLY E 287 -46.74 -2.39 -21.62
CA GLY E 287 -45.88 -1.22 -21.48
C GLY E 287 -44.45 -1.54 -21.89
N TYR E 288 -43.67 -0.49 -22.07
CA TYR E 288 -42.28 -0.59 -22.48
C TYR E 288 -41.37 -0.46 -21.26
N LEU E 289 -40.09 -0.78 -21.46
CA LEU E 289 -39.11 -0.77 -20.40
C LEU E 289 -37.95 0.15 -20.75
N GLN E 290 -37.25 0.63 -19.72
CA GLN E 290 -36.02 1.36 -19.88
C GLN E 290 -35.00 0.79 -18.90
N PRO E 291 -33.75 0.59 -19.33
CA PRO E 291 -32.76 0.01 -18.41
C PRO E 291 -32.29 1.00 -17.35
N ARG E 292 -33.15 1.28 -16.38
CA ARG E 292 -32.84 2.20 -15.29
C ARG E 292 -33.20 1.56 -13.97
N THR E 293 -32.63 2.11 -12.90
CA THR E 293 -32.59 1.46 -11.60
C THR E 293 -33.67 1.99 -10.66
N PHE E 294 -34.25 1.10 -9.88
CA PHE E 294 -35.10 1.46 -8.76
C PHE E 294 -34.31 1.40 -7.46
N LEU E 295 -35.00 1.53 -6.34
CA LEU E 295 -34.42 1.39 -5.01
C LEU E 295 -35.48 0.72 -4.14
N LEU E 296 -35.36 -0.59 -3.97
CA LEU E 296 -36.36 -1.37 -3.26
C LEU E 296 -36.13 -1.29 -1.75
N LYS E 297 -37.24 -1.37 -1.01
CA LYS E 297 -37.22 -1.37 0.45
C LYS E 297 -37.76 -2.70 0.95
N TYR E 298 -36.93 -3.44 1.67
CA TYR E 298 -37.30 -4.74 2.20
C TYR E 298 -37.74 -4.60 3.65
N ASN E 299 -38.73 -5.38 4.05
CA ASN E 299 -39.23 -5.34 5.41
C ASN E 299 -38.38 -6.26 6.29
N GLU E 300 -38.82 -6.47 7.54
CA GLU E 300 -38.11 -7.35 8.45
C GLU E 300 -38.19 -8.82 8.06
N ASN E 301 -39.07 -9.18 7.12
CA ASN E 301 -39.24 -10.56 6.71
C ASN E 301 -39.04 -10.76 5.22
N GLY E 302 -38.49 -9.78 4.52
CA GLY E 302 -38.14 -9.94 3.12
C GLY E 302 -39.24 -9.62 2.13
N THR E 303 -40.25 -8.87 2.53
CA THR E 303 -41.34 -8.48 1.63
C THR E 303 -41.16 -7.03 1.21
N ILE E 304 -41.25 -6.79 -0.10
CA ILE E 304 -41.11 -5.43 -0.61
C ILE E 304 -42.36 -4.62 -0.27
N THR E 305 -42.15 -3.46 0.32
CA THR E 305 -43.26 -2.58 0.71
C THR E 305 -43.39 -1.35 -0.18
N ASP E 306 -42.28 -0.78 -0.64
CA ASP E 306 -42.34 0.39 -1.51
C ASP E 306 -41.01 0.48 -2.25
N ALA E 307 -41.06 1.11 -3.43
CA ALA E 307 -39.88 1.31 -4.26
C ALA E 307 -39.85 2.74 -4.75
N VAL E 308 -38.64 3.27 -4.93
CA VAL E 308 -38.41 4.64 -5.35
C VAL E 308 -37.48 4.65 -6.55
N ASP E 309 -37.85 5.37 -7.59
CA ASP E 309 -37.04 5.52 -8.79
C ASP E 309 -36.33 6.87 -8.74
N CYS E 310 -35.38 7.06 -9.67
CA CYS E 310 -34.44 8.17 -9.62
C CYS E 310 -34.64 9.19 -10.74
N ALA E 311 -35.77 9.15 -11.44
CA ALA E 311 -36.08 10.12 -12.49
C ALA E 311 -37.54 10.55 -12.40
N LEU E 312 -38.01 10.75 -11.17
CA LEU E 312 -39.42 10.89 -10.82
C LEU E 312 -39.63 12.07 -9.88
N ASP E 313 -39.36 13.29 -10.39
CA ASP E 313 -39.40 14.62 -9.74
C ASP E 313 -38.50 14.62 -8.51
N PRO E 314 -37.22 14.95 -8.72
CA PRO E 314 -36.09 14.33 -8.02
C PRO E 314 -36.09 14.29 -6.49
N LEU E 315 -37.16 14.74 -5.83
CA LEU E 315 -37.34 14.35 -4.44
C LEU E 315 -37.25 12.83 -4.29
N SER E 316 -37.80 12.09 -5.26
CA SER E 316 -37.55 10.66 -5.32
C SER E 316 -36.07 10.37 -5.60
N GLU E 317 -35.45 11.13 -6.51
CA GLU E 317 -34.03 10.96 -6.80
C GLU E 317 -33.16 11.40 -5.63
N THR E 318 -33.66 12.28 -4.76
CA THR E 318 -32.96 12.56 -3.52
C THR E 318 -32.85 11.31 -2.67
N LYS E 319 -33.92 10.51 -2.60
CA LYS E 319 -33.86 9.22 -1.94
C LYS E 319 -32.95 8.24 -2.65
N CYS E 320 -32.70 8.44 -3.95
CA CYS E 320 -31.87 7.51 -4.71
C CYS E 320 -30.43 7.48 -4.20
N THR E 321 -29.89 8.65 -3.85
CA THR E 321 -28.51 8.71 -3.40
C THR E 321 -28.38 8.54 -1.89
N LEU E 322 -29.26 9.18 -1.11
CA LEU E 322 -29.16 9.11 0.35
C LEU E 322 -29.53 7.74 0.90
N LYS E 323 -30.21 6.91 0.10
CA LYS E 323 -30.61 5.56 0.50
C LYS E 323 -31.47 5.59 1.77
N SER E 324 -32.59 6.30 1.67
CA SER E 324 -33.52 6.43 2.78
C SER E 324 -34.88 6.80 2.23
N PHE E 325 -35.91 6.65 3.07
CA PHE E 325 -37.27 7.01 2.67
C PHE E 325 -37.75 8.32 3.29
N THR E 326 -37.14 8.76 4.39
CA THR E 326 -37.42 10.06 4.98
C THR E 326 -36.16 10.90 4.88
N VAL E 327 -36.26 12.05 4.22
CA VAL E 327 -35.11 12.92 3.98
C VAL E 327 -35.14 14.05 5.01
N GLU E 328 -33.99 14.31 5.61
CA GLU E 328 -33.89 15.42 6.55
C GLU E 328 -33.89 16.75 5.79
N LYS E 329 -34.30 17.80 6.49
CA LYS E 329 -34.35 19.12 5.88
C LYS E 329 -32.95 19.60 5.52
N GLY E 330 -32.80 20.14 4.32
CA GLY E 330 -31.52 20.63 3.87
C GLY E 330 -31.44 20.60 2.36
N ILE E 331 -30.25 20.94 1.87
CA ILE E 331 -29.96 20.96 0.44
C ILE E 331 -29.08 19.74 0.11
N TYR E 332 -29.55 18.93 -0.83
CA TYR E 332 -28.89 17.68 -1.21
C TYR E 332 -28.64 17.70 -2.71
N GLN E 333 -27.44 17.29 -3.12
CA GLN E 333 -27.12 17.14 -4.54
C GLN E 333 -27.04 15.65 -4.87
N THR E 334 -27.60 15.30 -6.03
CA THR E 334 -27.73 13.89 -6.42
C THR E 334 -26.90 13.56 -7.65
N SER E 335 -27.09 14.26 -8.76
CA SER E 335 -26.47 13.88 -10.02
C SER E 335 -26.00 15.13 -10.75
N ASN E 336 -25.66 14.96 -12.02
CA ASN E 336 -25.11 16.02 -12.85
C ASN E 336 -25.85 16.04 -14.19
N PHE E 337 -25.87 17.21 -14.83
CA PHE E 337 -26.55 17.36 -16.10
C PHE E 337 -25.56 17.87 -17.15
N ARG E 338 -25.74 17.42 -18.38
CA ARG E 338 -24.95 17.87 -19.51
C ARG E 338 -25.88 18.20 -20.66
N VAL E 339 -25.68 19.37 -21.28
CA VAL E 339 -26.56 19.80 -22.36
C VAL E 339 -26.30 18.93 -23.58
N GLN E 340 -27.32 18.19 -23.99
CA GLN E 340 -27.19 17.28 -25.13
C GLN E 340 -27.10 18.07 -26.42
N PRO E 341 -26.07 17.85 -27.24
CA PRO E 341 -26.02 18.52 -28.55
C PRO E 341 -27.13 18.03 -29.46
N THR E 342 -27.58 18.92 -30.34
CA THR E 342 -28.70 18.61 -31.21
C THR E 342 -28.29 17.67 -32.34
N GLU E 343 -27.34 18.09 -33.17
CA GLU E 343 -26.87 17.26 -34.27
C GLU E 343 -25.36 17.41 -34.41
N SER E 344 -24.74 16.38 -34.98
CA SER E 344 -23.30 16.36 -35.16
C SER E 344 -22.91 17.09 -36.43
N ILE E 345 -21.70 17.64 -36.43
CA ILE E 345 -21.16 18.39 -37.55
C ILE E 345 -19.83 17.79 -37.94
N VAL E 346 -19.66 17.53 -39.25
CA VAL E 346 -18.41 17.00 -39.78
C VAL E 346 -17.97 17.89 -40.94
N ARG E 347 -16.67 18.22 -40.97
CA ARG E 347 -16.11 19.04 -42.04
C ARG E 347 -14.69 18.59 -42.32
N PHE E 348 -14.45 18.27 -43.59
CA PHE E 348 -13.17 17.76 -44.08
C PHE E 348 -12.66 18.72 -45.14
N PRO E 349 -11.35 18.71 -45.41
CA PRO E 349 -10.80 19.61 -46.43
C PRO E 349 -11.40 19.34 -47.80
N ASN E 350 -11.59 20.43 -48.56
CA ASN E 350 -12.29 20.37 -49.85
C ASN E 350 -11.38 19.77 -50.92
N ILE E 351 -11.18 18.46 -50.81
CA ILE E 351 -10.44 17.67 -51.79
C ILE E 351 -11.32 16.52 -52.24
N THR E 352 -11.37 16.30 -53.56
CA THR E 352 -12.17 15.23 -54.13
C THR E 352 -11.45 14.44 -55.21
N ASN E 353 -10.18 14.73 -55.46
CA ASN E 353 -9.45 14.01 -56.50
C ASN E 353 -9.18 12.57 -56.09
N LEU E 354 -9.14 11.68 -57.08
CA LEU E 354 -8.86 10.28 -56.82
C LEU E 354 -7.38 10.07 -56.56
N CYS E 355 -7.08 9.21 -55.59
CA CYS E 355 -5.69 8.93 -55.27
C CYS E 355 -5.15 7.77 -56.09
N PRO E 356 -3.98 7.93 -56.71
CA PRO E 356 -3.44 6.83 -57.54
C PRO E 356 -2.93 5.65 -56.72
N PHE E 357 -3.85 4.92 -56.10
CA PHE E 357 -3.49 3.73 -55.34
C PHE E 357 -3.19 2.53 -56.23
N GLY E 358 -3.49 2.61 -57.53
CA GLY E 358 -3.22 1.50 -58.43
C GLY E 358 -1.74 1.33 -58.75
N GLU E 359 -0.94 2.39 -58.59
CA GLU E 359 0.49 2.30 -58.84
C GLU E 359 1.25 1.65 -57.69
N VAL E 360 0.63 1.54 -56.51
CA VAL E 360 1.25 0.89 -55.38
C VAL E 360 0.62 -0.46 -55.05
N PHE E 361 -0.69 -0.62 -55.25
CA PHE E 361 -1.36 -1.88 -54.99
C PHE E 361 -1.25 -2.84 -56.18
N ASN E 362 -1.68 -2.40 -57.36
CA ASN E 362 -1.61 -3.22 -58.57
C ASN E 362 -0.32 -2.92 -59.34
N ALA E 363 0.80 -3.15 -58.66
CA ALA E 363 2.13 -2.92 -59.22
C ALA E 363 2.82 -4.26 -59.45
N THR E 364 3.34 -4.47 -60.65
CA THR E 364 3.98 -5.71 -61.03
C THR E 364 5.48 -5.72 -60.73
N ARG E 365 6.03 -4.62 -60.24
CA ARG E 365 7.47 -4.53 -59.96
C ARG E 365 7.66 -3.94 -58.57
N PHE E 366 8.31 -4.70 -57.70
CA PHE E 366 8.62 -4.27 -56.34
C PHE E 366 10.13 -4.22 -56.14
N ALA E 367 10.56 -3.27 -55.30
CA ALA E 367 11.97 -3.16 -54.98
C ALA E 367 12.41 -4.28 -54.05
N SER E 368 13.73 -4.48 -53.98
CA SER E 368 14.28 -5.52 -53.13
C SER E 368 14.11 -5.16 -51.65
N VAL E 369 14.16 -6.19 -50.79
CA VAL E 369 13.97 -5.98 -49.37
C VAL E 369 15.12 -5.19 -48.76
N TYR E 370 16.35 -5.41 -49.24
CA TYR E 370 17.49 -4.68 -48.70
C TYR E 370 17.57 -3.24 -49.21
N ALA E 371 16.93 -2.94 -50.34
CA ALA E 371 16.86 -1.59 -50.89
C ALA E 371 15.40 -1.27 -51.15
N TRP E 372 14.71 -0.79 -50.11
CA TRP E 372 13.29 -0.47 -50.20
C TRP E 372 13.10 0.98 -50.60
N ASN E 373 11.85 1.33 -50.89
CA ASN E 373 11.48 2.69 -51.29
C ASN E 373 10.29 3.16 -50.48
N ARG E 374 10.21 4.47 -50.27
CA ARG E 374 9.13 5.09 -49.52
C ARG E 374 8.32 5.97 -50.46
N LYS E 375 7.00 5.79 -50.44
CA LYS E 375 6.09 6.56 -51.27
C LYS E 375 5.24 7.46 -50.39
N ARG E 376 5.27 8.77 -50.68
CA ARG E 376 4.51 9.75 -49.93
C ARG E 376 3.12 9.89 -50.53
N ILE E 377 2.09 9.83 -49.68
CA ILE E 377 0.71 9.94 -50.10
C ILE E 377 0.12 11.18 -49.46
N SER E 378 -0.42 12.08 -50.28
CA SER E 378 -0.97 13.33 -49.79
C SER E 378 -2.07 13.80 -50.74
N ASN E 379 -2.96 14.64 -50.19
CA ASN E 379 -4.09 15.20 -50.93
C ASN E 379 -4.94 14.10 -51.57
N CYS E 380 -5.32 13.12 -50.75
CA CYS E 380 -6.08 11.97 -51.22
C CYS E 380 -7.29 11.75 -50.34
N VAL E 381 -8.32 11.16 -50.92
CA VAL E 381 -9.52 10.74 -50.19
C VAL E 381 -9.48 9.22 -50.08
N ALA E 382 -8.96 8.74 -48.96
CA ALA E 382 -8.75 7.32 -48.76
C ALA E 382 -10.07 6.60 -48.54
N ASP E 383 -10.20 5.41 -49.14
CA ASP E 383 -11.36 4.56 -48.97
C ASP E 383 -10.86 3.15 -48.67
N TYR E 384 -10.64 2.85 -47.39
CA TYR E 384 -10.19 1.54 -46.96
C TYR E 384 -11.35 0.57 -46.75
N SER E 385 -12.59 1.00 -46.99
CA SER E 385 -13.73 0.11 -46.85
C SER E 385 -13.64 -1.05 -47.83
N VAL E 386 -13.24 -0.78 -49.07
CA VAL E 386 -13.05 -1.84 -50.05
C VAL E 386 -11.88 -2.75 -49.68
N LEU E 387 -10.95 -2.26 -48.85
CA LEU E 387 -9.85 -3.10 -48.37
C LEU E 387 -10.25 -3.98 -47.19
N TYR E 388 -11.41 -3.73 -46.58
CA TYR E 388 -11.83 -4.49 -45.41
C TYR E 388 -12.68 -5.70 -45.79
N ASN E 389 -13.67 -5.51 -46.67
CA ASN E 389 -14.56 -6.60 -47.07
C ASN E 389 -13.98 -7.46 -48.18
N SER E 390 -12.82 -7.11 -48.74
CA SER E 390 -12.23 -7.89 -49.81
C SER E 390 -11.71 -9.22 -49.28
N ALA E 391 -12.06 -10.31 -49.96
CA ALA E 391 -11.64 -11.64 -49.58
C ALA E 391 -10.37 -12.09 -50.31
N SER E 392 -9.82 -11.26 -51.19
CA SER E 392 -8.61 -11.63 -51.90
C SER E 392 -7.38 -11.55 -50.99
N PHE E 393 -7.38 -10.63 -50.03
CA PHE E 393 -6.26 -10.47 -49.13
C PHE E 393 -6.24 -11.58 -48.08
N SER E 394 -5.04 -11.91 -47.61
CA SER E 394 -4.86 -12.94 -46.60
C SER E 394 -4.31 -12.42 -45.28
N THR E 395 -3.92 -11.16 -45.20
CA THR E 395 -3.40 -10.58 -43.97
C THR E 395 -3.86 -9.12 -43.91
N PHE E 396 -4.76 -8.83 -42.98
CA PHE E 396 -5.34 -7.50 -42.81
C PHE E 396 -5.29 -7.09 -41.34
N LYS E 397 -4.12 -7.28 -40.72
CA LYS E 397 -3.92 -6.98 -39.31
C LYS E 397 -3.23 -5.63 -39.18
N CYS E 398 -3.83 -4.73 -38.41
CA CYS E 398 -3.28 -3.40 -38.17
C CYS E 398 -3.00 -3.25 -36.68
N TYR E 399 -1.78 -2.84 -36.35
CA TYR E 399 -1.31 -2.82 -34.97
C TYR E 399 -1.58 -1.51 -34.24
N GLY E 400 -2.08 -0.49 -34.93
CA GLY E 400 -2.34 0.78 -34.27
C GLY E 400 -3.75 1.32 -34.45
N VAL E 401 -4.44 0.85 -35.49
CA VAL E 401 -5.76 1.33 -35.86
C VAL E 401 -6.68 0.15 -36.03
N SER E 402 -7.87 0.22 -35.44
CA SER E 402 -8.89 -0.79 -35.70
C SER E 402 -9.34 -0.71 -37.16
N PRO E 403 -9.49 -1.84 -37.84
CA PRO E 403 -9.88 -1.81 -39.26
C PRO E 403 -11.24 -1.16 -39.51
N THR E 404 -12.18 -1.29 -38.57
CA THR E 404 -13.49 -0.70 -38.75
C THR E 404 -13.46 0.82 -38.69
N LYS E 405 -12.46 1.41 -38.04
CA LYS E 405 -12.34 2.85 -37.90
C LYS E 405 -11.37 3.47 -38.89
N LEU E 406 -10.97 2.71 -39.92
CA LEU E 406 -10.03 3.24 -40.91
C LEU E 406 -10.63 4.41 -41.68
N ASN E 407 -11.90 4.29 -42.08
CA ASN E 407 -12.55 5.34 -42.86
C ASN E 407 -12.99 6.51 -42.00
N ASP E 408 -13.11 6.34 -40.69
CA ASP E 408 -13.56 7.40 -39.81
C ASP E 408 -12.42 8.28 -39.29
N LEU E 409 -11.19 8.01 -39.71
CA LEU E 409 -10.03 8.77 -39.25
C LEU E 409 -9.33 9.42 -40.43
N CYS E 410 -8.91 10.67 -40.24
CA CYS E 410 -8.20 11.43 -41.26
C CYS E 410 -6.78 11.65 -40.76
N PHE E 411 -5.80 11.16 -41.53
CA PHE E 411 -4.41 11.14 -41.12
C PHE E 411 -3.62 12.23 -41.82
N THR E 412 -2.33 12.30 -41.50
CA THR E 412 -1.41 13.20 -42.17
C THR E 412 -0.06 12.49 -42.33
N ASN E 413 0.69 12.92 -43.34
CA ASN E 413 2.01 12.34 -43.67
C ASN E 413 1.89 10.84 -43.91
N VAL E 414 0.85 10.43 -44.63
CA VAL E 414 0.63 9.02 -44.91
C VAL E 414 1.69 8.56 -45.92
N TYR E 415 2.46 7.55 -45.52
CA TYR E 415 3.58 7.05 -46.33
C TYR E 415 3.32 5.62 -46.73
N ALA E 416 3.87 5.22 -47.87
CA ALA E 416 3.67 3.89 -48.42
C ALA E 416 5.01 3.21 -48.64
N ASP E 417 5.13 1.97 -48.15
CA ASP E 417 6.33 1.17 -48.33
C ASP E 417 5.94 -0.19 -48.87
N SER E 418 6.84 -0.80 -49.63
CA SER E 418 6.58 -2.10 -50.24
C SER E 418 7.88 -2.90 -50.31
N PHE E 419 7.76 -4.20 -50.11
CA PHE E 419 8.90 -5.12 -50.18
C PHE E 419 8.36 -6.53 -50.31
N VAL E 420 9.25 -7.52 -50.25
CA VAL E 420 8.89 -8.93 -50.31
C VAL E 420 9.58 -9.66 -49.16
N ILE E 421 9.03 -10.81 -48.80
CA ILE E 421 9.55 -11.64 -47.72
C ILE E 421 9.63 -13.08 -48.20
N ARG E 422 10.33 -13.91 -47.42
CA ARG E 422 10.46 -15.33 -47.76
C ARG E 422 9.14 -16.07 -47.57
N GLY E 423 8.33 -15.66 -46.59
CA GLY E 423 7.05 -16.28 -46.31
C GLY E 423 6.88 -16.65 -44.84
N ASP E 424 7.97 -16.97 -44.16
CA ASP E 424 7.94 -17.31 -42.74
C ASP E 424 8.25 -16.13 -41.84
N GLU E 425 8.40 -14.93 -42.40
CA GLU E 425 8.78 -13.75 -41.64
C GLU E 425 7.58 -12.83 -41.37
N VAL E 426 6.36 -13.35 -41.50
CA VAL E 426 5.17 -12.53 -41.32
C VAL E 426 5.02 -12.07 -39.87
N ARG E 427 5.55 -12.83 -38.93
CA ARG E 427 5.41 -12.50 -37.51
C ARG E 427 6.46 -11.51 -37.02
N GLN E 428 7.37 -11.05 -37.88
CA GLN E 428 8.47 -10.19 -37.47
C GLN E 428 8.25 -8.72 -37.79
N ILE E 429 7.06 -8.34 -38.21
CA ILE E 429 6.74 -6.94 -38.45
C ILE E 429 5.97 -6.34 -37.27
N ALA E 430 5.98 -7.05 -36.13
CA ALA E 430 5.47 -6.48 -34.90
C ALA E 430 6.44 -5.45 -34.35
N PRO E 431 5.96 -4.49 -33.55
CA PRO E 431 6.88 -3.46 -33.01
C PRO E 431 7.84 -4.03 -31.98
N GLY E 432 8.90 -4.68 -32.45
CA GLY E 432 9.88 -5.29 -31.58
C GLY E 432 9.83 -6.80 -31.64
N GLN E 433 10.75 -7.41 -32.39
CA GLN E 433 10.75 -8.85 -32.61
C GLN E 433 12.20 -9.33 -32.66
N THR E 434 12.37 -10.57 -33.10
CA THR E 434 13.69 -11.20 -33.18
C THR E 434 13.82 -11.92 -34.52
N GLY E 435 15.06 -12.04 -34.98
CA GLY E 435 15.32 -12.75 -36.23
C GLY E 435 16.26 -12.02 -37.16
N LYS E 436 15.89 -11.92 -38.43
CA LYS E 436 16.70 -11.30 -39.46
C LYS E 436 16.07 -10.03 -40.02
N ILE E 437 14.80 -10.10 -40.42
CA ILE E 437 14.14 -8.94 -41.02
C ILE E 437 13.97 -7.83 -39.99
N ALA E 438 13.53 -8.20 -38.78
CA ALA E 438 13.31 -7.18 -37.75
C ALA E 438 14.62 -6.68 -37.16
N ASP E 439 15.56 -7.60 -36.90
CA ASP E 439 16.80 -7.23 -36.21
C ASP E 439 17.79 -6.52 -37.14
N TYR E 440 17.90 -6.97 -38.39
CA TYR E 440 18.95 -6.50 -39.28
C TYR E 440 18.47 -5.80 -40.54
N ASN E 441 17.25 -6.06 -41.00
CA ASN E 441 16.78 -5.51 -42.27
C ASN E 441 15.86 -4.32 -42.10
N TYR E 442 14.78 -4.47 -41.34
CA TYR E 442 13.81 -3.40 -41.13
C TYR E 442 13.39 -3.43 -39.67
N LYS E 443 13.80 -2.42 -38.91
CA LYS E 443 13.51 -2.33 -37.48
C LYS E 443 12.38 -1.35 -37.26
N LEU E 444 11.43 -1.73 -36.40
CA LEU E 444 10.32 -0.81 -36.15
C LEU E 444 10.48 -0.15 -34.79
N PRO E 445 10.07 1.12 -34.66
CA PRO E 445 10.21 1.81 -33.37
C PRO E 445 9.23 1.29 -32.35
N ASP E 446 9.52 1.60 -31.08
CA ASP E 446 8.64 1.19 -29.99
C ASP E 446 7.28 1.85 -30.09
N ASP E 447 7.25 3.14 -30.38
CA ASP E 447 5.99 3.87 -30.56
C ASP E 447 5.65 3.94 -32.05
N PHE E 448 5.34 2.77 -32.60
CA PHE E 448 5.04 2.62 -34.02
C PHE E 448 3.55 2.46 -34.22
N THR E 449 2.99 3.21 -35.17
CA THR E 449 1.60 3.08 -35.55
C THR E 449 1.52 2.84 -37.06
N GLY E 450 0.50 2.11 -37.46
CA GLY E 450 0.32 1.77 -38.87
C GLY E 450 -0.27 0.38 -39.01
N CYS E 451 -0.57 0.03 -40.26
CA CYS E 451 -1.19 -1.23 -40.59
C CYS E 451 -0.30 -2.02 -41.54
N VAL E 452 -0.37 -3.34 -41.43
CA VAL E 452 0.37 -4.26 -42.30
C VAL E 452 -0.65 -5.05 -43.11
N ILE E 453 -0.60 -4.89 -44.43
CA ILE E 453 -1.49 -5.60 -45.35
C ILE E 453 -0.62 -6.44 -46.27
N ALA E 454 -0.95 -7.72 -46.38
CA ALA E 454 -0.16 -8.65 -47.18
C ALA E 454 -1.08 -9.59 -47.95
N TRP E 455 -0.55 -10.12 -49.06
CA TRP E 455 -1.26 -11.09 -49.86
C TRP E 455 -0.26 -12.00 -50.53
N ASN E 456 -0.75 -13.17 -50.96
CA ASN E 456 0.10 -14.21 -51.55
C ASN E 456 -0.18 -14.32 -53.04
N SER E 457 0.89 -14.30 -53.85
CA SER E 457 0.80 -14.47 -55.29
C SER E 457 2.00 -15.31 -55.72
N ASN E 458 1.81 -16.63 -55.78
CA ASN E 458 2.89 -17.55 -56.11
C ASN E 458 3.01 -17.78 -57.62
N ASN E 459 1.90 -17.89 -58.32
CA ASN E 459 1.95 -18.13 -59.76
C ASN E 459 2.54 -16.95 -60.51
N LEU E 460 2.27 -15.72 -60.06
CA LEU E 460 2.81 -14.54 -60.72
C LEU E 460 4.30 -14.36 -60.47
N ASP E 461 4.86 -15.01 -59.44
CA ASP E 461 6.27 -14.87 -59.09
C ASP E 461 7.10 -16.09 -59.46
N SER E 462 6.55 -17.29 -59.31
CA SER E 462 7.28 -18.52 -59.61
C SER E 462 7.11 -18.89 -61.08
N LYS E 463 8.22 -19.11 -61.77
CA LYS E 463 8.20 -19.47 -63.18
C LYS E 463 8.31 -20.98 -63.35
N GLY E 466 19.17 -17.94 -64.27
CA GLY E 466 17.81 -17.76 -63.81
C GLY E 466 17.54 -16.36 -63.30
N ASN E 467 16.41 -16.19 -62.62
CA ASN E 467 16.02 -14.89 -62.08
C ASN E 467 16.71 -14.70 -60.73
N TYR E 468 17.63 -13.74 -60.67
CA TYR E 468 18.38 -13.43 -59.46
C TYR E 468 18.05 -12.03 -58.95
N ASN E 469 16.83 -11.55 -59.25
CA ASN E 469 16.42 -10.23 -58.82
C ASN E 469 16.18 -10.15 -57.32
N TYR E 470 15.72 -11.25 -56.71
CA TYR E 470 15.39 -11.26 -55.29
C TYR E 470 16.63 -11.64 -54.49
N LEU E 471 17.15 -10.69 -53.71
CA LEU E 471 18.29 -10.91 -52.83
C LEU E 471 18.00 -10.24 -51.49
N TYR E 472 18.61 -10.77 -50.43
CA TYR E 472 18.34 -10.30 -49.09
C TYR E 472 19.66 -10.09 -48.34
N ARG E 473 19.56 -9.27 -47.30
CA ARG E 473 20.70 -8.77 -46.54
C ARG E 473 20.92 -9.61 -45.29
N LEU E 474 22.17 -10.05 -45.08
CA LEU E 474 22.48 -11.07 -44.09
C LEU E 474 23.23 -10.52 -42.87
N PHE E 475 24.47 -10.11 -43.05
CA PHE E 475 25.41 -9.94 -41.95
C PHE E 475 25.76 -8.47 -41.73
N ARG E 476 25.94 -8.11 -40.47
CA ARG E 476 26.34 -6.77 -40.06
C ARG E 476 27.03 -6.85 -38.71
N LYS E 477 27.76 -5.79 -38.38
CA LYS E 477 28.40 -5.70 -37.06
C LYS E 477 27.35 -5.48 -35.98
N SER E 478 26.37 -4.62 -36.24
CA SER E 478 25.34 -4.29 -35.27
C SER E 478 23.99 -4.28 -35.98
N ASN E 479 22.97 -3.78 -35.29
CA ASN E 479 21.63 -3.73 -35.83
C ASN E 479 21.44 -2.44 -36.64
N LEU E 480 20.20 -2.16 -37.03
CA LEU E 480 19.86 -0.98 -37.82
C LEU E 480 18.82 -0.15 -37.08
N LYS E 481 18.95 1.17 -37.19
CA LYS E 481 17.98 2.06 -36.59
C LYS E 481 16.65 2.00 -37.34
N PRO E 482 15.53 2.28 -36.66
CA PRO E 482 14.24 2.25 -37.34
C PRO E 482 14.14 3.30 -38.43
N PHE E 483 13.39 2.96 -39.49
CA PHE E 483 13.10 3.86 -40.60
C PHE E 483 14.38 4.37 -41.27
N GLU E 484 15.29 3.44 -41.55
CA GLU E 484 16.52 3.78 -42.26
C GLU E 484 16.99 2.56 -43.03
N ARG E 485 17.86 2.80 -44.01
CA ARG E 485 18.41 1.74 -44.85
C ARG E 485 19.92 1.83 -44.84
N ASP E 486 20.56 0.67 -45.04
CA ASP E 486 22.02 0.58 -45.07
C ASP E 486 22.41 -0.25 -46.28
N ILE E 487 22.92 0.41 -47.32
CA ILE E 487 23.37 -0.24 -48.54
C ILE E 487 24.85 0.06 -48.73
N SER E 488 25.64 -0.99 -48.95
CA SER E 488 27.08 -0.83 -49.14
C SER E 488 27.61 -2.08 -49.83
N THR E 489 28.26 -1.90 -50.98
CA THR E 489 28.86 -3.02 -51.72
C THR E 489 30.29 -3.19 -51.25
N GLU E 490 30.42 -3.82 -50.07
CA GLU E 490 31.74 -4.03 -49.47
C GLU E 490 31.97 -5.50 -49.19
N ILE E 491 33.09 -5.82 -48.53
CA ILE E 491 33.45 -7.19 -48.18
C ILE E 491 33.46 -7.31 -46.66
N TYR E 492 32.70 -8.26 -46.14
CA TYR E 492 32.60 -8.48 -44.70
C TYR E 492 33.50 -9.64 -44.31
N GLN E 493 34.32 -9.42 -43.28
CA GLN E 493 35.22 -10.44 -42.78
C GLN E 493 34.73 -10.98 -41.43
N ALA E 494 35.07 -12.24 -41.17
CA ALA E 494 34.68 -12.89 -39.93
C ALA E 494 35.80 -12.93 -38.89
N GLY E 495 37.05 -12.81 -39.33
CA GLY E 495 38.18 -12.84 -38.41
C GLY E 495 39.01 -11.57 -38.48
N SER E 496 40.31 -11.71 -38.22
CA SER E 496 41.23 -10.57 -38.24
C SER E 496 41.80 -10.30 -39.63
N THR E 497 41.43 -11.08 -40.63
CA THR E 497 41.97 -10.90 -41.97
C THR E 497 41.34 -9.68 -42.63
N PRO E 498 42.13 -8.69 -43.06
CA PRO E 498 41.58 -7.49 -43.72
C PRO E 498 41.32 -7.73 -45.21
N CYS E 499 40.17 -8.32 -45.50
CA CYS E 499 39.80 -8.68 -46.88
C CYS E 499 39.41 -7.42 -47.64
N ASN E 500 40.37 -6.86 -48.38
CA ASN E 500 40.14 -5.68 -49.20
C ASN E 500 39.84 -6.15 -50.62
N GLY E 501 38.57 -6.42 -50.88
CA GLY E 501 38.17 -6.95 -52.18
C GLY E 501 38.54 -8.40 -52.39
N VAL E 502 38.76 -9.15 -51.32
CA VAL E 502 39.17 -10.55 -51.39
C VAL E 502 38.03 -11.42 -50.86
N GLU E 503 37.71 -12.48 -51.60
CA GLU E 503 36.65 -13.41 -51.23
C GLU E 503 37.20 -14.76 -50.80
N GLY E 504 38.27 -14.74 -50.00
CA GLY E 504 38.89 -15.97 -49.54
C GLY E 504 38.24 -16.58 -48.31
N PHE E 505 39.05 -17.05 -47.37
CA PHE E 505 38.51 -17.65 -46.15
C PHE E 505 37.93 -16.58 -45.23
N ASN E 506 36.80 -16.91 -44.60
CA ASN E 506 36.06 -16.02 -43.71
C ASN E 506 35.63 -14.71 -44.38
N CYS E 507 35.62 -14.69 -45.71
CA CYS E 507 35.21 -13.52 -46.48
C CYS E 507 34.49 -14.01 -47.71
N TYR E 508 33.18 -13.85 -47.75
CA TYR E 508 32.38 -14.34 -48.86
C TYR E 508 31.58 -13.18 -49.44
N PHE E 509 30.92 -13.42 -50.57
CA PHE E 509 30.02 -12.40 -51.10
C PHE E 509 28.84 -12.22 -50.13
N PRO E 510 28.54 -10.98 -49.73
CA PRO E 510 27.56 -10.76 -48.66
C PRO E 510 26.11 -10.84 -49.10
N LEU E 511 25.84 -11.06 -50.38
CA LEU E 511 24.48 -11.14 -50.92
C LEU E 511 24.09 -12.59 -51.21
N GLN E 512 22.87 -12.95 -50.84
CA GLN E 512 22.39 -14.33 -51.00
C GLN E 512 21.03 -14.34 -51.69
N SER E 513 20.87 -15.26 -52.64
CA SER E 513 19.62 -15.39 -53.37
C SER E 513 18.61 -16.21 -52.56
N TYR E 514 17.39 -16.31 -53.08
CA TYR E 514 16.31 -17.01 -52.42
C TYR E 514 16.13 -18.43 -52.94
N GLY E 515 15.89 -18.59 -54.24
CA GLY E 515 15.68 -19.89 -54.82
C GLY E 515 14.26 -20.40 -54.65
N PHE E 516 13.28 -19.64 -55.11
CA PHE E 516 11.89 -20.04 -54.98
C PHE E 516 11.56 -21.18 -55.93
N GLN E 517 10.83 -22.19 -55.42
CA GLN E 517 10.42 -23.33 -56.21
C GLN E 517 8.93 -23.58 -56.02
N PRO E 518 8.21 -23.99 -57.07
CA PRO E 518 6.79 -24.30 -56.92
C PRO E 518 6.53 -25.61 -56.20
N THR E 519 7.54 -26.46 -56.05
CA THR E 519 7.33 -27.74 -55.36
C THR E 519 7.07 -27.54 -53.88
N ASN E 520 7.70 -26.54 -53.27
CA ASN E 520 7.52 -26.28 -51.85
C ASN E 520 6.08 -25.87 -51.54
N GLY E 521 5.59 -26.32 -50.39
CA GLY E 521 4.24 -26.05 -49.97
C GLY E 521 4.11 -24.75 -49.20
N VAL E 522 3.14 -24.72 -48.28
CA VAL E 522 2.90 -23.53 -47.48
C VAL E 522 4.06 -23.32 -46.51
N GLY E 523 4.64 -22.13 -46.53
CA GLY E 523 5.77 -21.82 -45.69
C GLY E 523 6.93 -21.22 -46.47
N TYR E 524 6.94 -21.44 -47.78
CA TYR E 524 7.98 -20.90 -48.64
C TYR E 524 7.44 -20.07 -49.79
N GLN E 525 6.12 -19.89 -49.89
CA GLN E 525 5.55 -19.09 -50.96
C GLN E 525 5.91 -17.62 -50.77
N PRO E 526 6.25 -16.90 -51.84
CA PRO E 526 6.57 -15.48 -51.71
C PRO E 526 5.32 -14.67 -51.37
N TYR E 527 5.48 -13.72 -50.45
CA TYR E 527 4.38 -12.87 -50.01
C TYR E 527 4.71 -11.41 -50.29
N ARG E 528 3.70 -10.68 -50.75
CA ARG E 528 3.82 -9.25 -51.03
C ARG E 528 3.30 -8.49 -49.81
N VAL E 529 4.15 -7.68 -49.20
CA VAL E 529 3.84 -6.98 -47.96
C VAL E 529 3.94 -5.49 -48.19
N VAL E 530 2.91 -4.75 -47.80
CA VAL E 530 2.87 -3.30 -47.89
C VAL E 530 2.69 -2.74 -46.49
N VAL E 531 3.56 -1.81 -46.10
CA VAL E 531 3.54 -1.21 -44.77
C VAL E 531 3.07 0.23 -44.90
N LEU E 532 2.06 0.59 -44.13
CA LEU E 532 1.51 1.94 -44.12
C LEU E 532 1.93 2.65 -42.85
N SER E 533 2.40 3.89 -43.00
CA SER E 533 2.78 4.72 -41.88
C SER E 533 2.16 6.09 -42.03
N PHE E 534 1.94 6.74 -40.90
CA PHE E 534 1.29 8.05 -40.87
C PHE E 534 1.64 8.73 -39.55
N GLU E 535 1.29 10.00 -39.45
CA GLU E 535 1.48 10.76 -38.22
C GLU E 535 0.12 11.28 -37.79
N LEU E 536 -0.03 11.53 -36.48
CA LEU E 536 -1.34 11.84 -35.91
C LEU E 536 -1.31 13.13 -35.12
N LEU E 537 -2.26 14.03 -35.44
CA LEU E 537 -2.71 15.14 -34.60
C LEU E 537 -1.68 16.27 -34.49
N HIS E 538 -0.61 16.26 -35.28
CA HIS E 538 0.32 17.37 -35.27
C HIS E 538 0.39 18.10 -36.61
N ALA E 539 0.61 17.38 -37.70
CA ALA E 539 0.74 17.98 -39.02
C ALA E 539 -0.63 18.18 -39.65
N PRO E 540 -0.76 19.12 -40.59
CA PRO E 540 -2.03 19.29 -41.29
C PRO E 540 -2.45 18.03 -42.03
N ALA E 541 -3.73 17.69 -41.90
CA ALA E 541 -4.24 16.43 -42.43
C ALA E 541 -4.51 16.57 -43.93
N THR E 542 -3.81 15.74 -44.71
CA THR E 542 -4.01 15.71 -46.16
C THR E 542 -4.91 14.54 -46.57
N VAL E 543 -4.51 13.31 -46.22
CA VAL E 543 -5.34 12.15 -46.50
C VAL E 543 -6.47 12.10 -45.48
N CYS E 544 -7.71 12.02 -45.97
CA CYS E 544 -8.84 12.14 -45.06
C CYS E 544 -9.99 11.28 -45.56
N GLY E 545 -10.91 10.98 -44.65
CA GLY E 545 -11.97 10.02 -44.88
C GLY E 545 -13.06 10.51 -45.81
N PRO E 546 -13.77 9.57 -46.43
CA PRO E 546 -14.85 9.89 -47.38
C PRO E 546 -16.24 10.05 -46.74
N LYS E 547 -16.46 11.20 -46.11
CA LYS E 547 -17.76 11.53 -45.55
C LYS E 547 -18.22 12.89 -46.05
N LYS E 548 -19.54 13.08 -46.08
CA LYS E 548 -20.12 14.28 -46.66
C LYS E 548 -19.77 15.52 -45.85
N SER E 549 -19.68 16.64 -46.55
CA SER E 549 -19.33 17.93 -45.95
C SER E 549 -20.62 18.58 -45.45
N THR E 550 -20.98 18.28 -44.20
CA THR E 550 -22.21 18.82 -43.62
C THR E 550 -22.05 20.29 -43.27
N ASN E 551 -23.16 21.02 -43.40
CA ASN E 551 -23.15 22.45 -43.12
C ASN E 551 -22.91 22.72 -41.64
N LEU E 552 -22.27 23.86 -41.37
CA LEU E 552 -21.92 24.22 -40.00
C LEU E 552 -23.11 24.80 -39.25
N VAL E 553 -23.22 24.48 -37.97
CA VAL E 553 -24.19 25.07 -37.07
C VAL E 553 -23.44 25.99 -36.11
N LYS E 554 -23.94 27.21 -35.95
CA LYS E 554 -23.21 28.27 -35.27
C LYS E 554 -23.86 28.62 -33.93
N ASN E 555 -23.00 28.85 -32.94
CA ASN E 555 -23.39 29.48 -31.67
C ASN E 555 -24.41 28.65 -30.89
N LYS E 556 -24.31 27.33 -30.95
CA LYS E 556 -25.10 26.47 -30.08
C LYS E 556 -24.36 25.15 -29.89
N CYS E 557 -24.73 24.45 -28.82
CA CYS E 557 -24.02 23.22 -28.43
C CYS E 557 -24.29 22.15 -29.48
N VAL E 558 -23.29 21.89 -30.32
CA VAL E 558 -23.35 20.82 -31.31
C VAL E 558 -22.01 20.09 -31.33
N ASN E 559 -22.05 18.83 -31.75
CA ASN E 559 -20.83 18.07 -31.93
C ASN E 559 -20.08 18.57 -33.17
N PHE E 560 -18.77 18.33 -33.17
CA PHE E 560 -17.92 18.75 -34.28
C PHE E 560 -16.87 17.68 -34.53
N ASN E 561 -16.36 17.65 -35.76
CA ASN E 561 -15.33 16.69 -36.15
C ASN E 561 -14.49 17.35 -37.25
N PHE E 562 -13.31 17.81 -36.88
CA PHE E 562 -12.40 18.48 -37.82
C PHE E 562 -11.11 17.68 -37.90
N ASN E 563 -10.85 17.09 -39.08
CA ASN E 563 -9.67 16.26 -39.32
C ASN E 563 -9.56 15.13 -38.31
N GLY E 564 -10.68 14.49 -38.00
CA GLY E 564 -10.69 13.39 -37.06
C GLY E 564 -10.69 13.77 -35.60
N LEU E 565 -10.81 15.06 -35.29
CA LEU E 565 -10.81 15.54 -33.91
C LEU E 565 -12.26 15.73 -33.46
N THR E 566 -12.73 14.85 -32.59
CA THR E 566 -14.08 14.93 -32.06
C THR E 566 -14.11 15.84 -30.83
N GLY E 567 -15.33 16.21 -30.43
CA GLY E 567 -15.51 17.04 -29.26
C GLY E 567 -16.93 17.56 -29.20
N THR E 568 -17.19 18.31 -28.12
CA THR E 568 -18.51 18.86 -27.88
C THR E 568 -18.35 20.27 -27.32
N GLY E 569 -19.05 21.23 -27.93
CA GLY E 569 -18.96 22.60 -27.46
C GLY E 569 -19.71 23.53 -28.39
N VAL E 570 -19.40 24.82 -28.25
CA VAL E 570 -20.02 25.89 -29.03
C VAL E 570 -18.94 26.57 -29.85
N LEU E 571 -19.16 26.67 -31.16
CA LEU E 571 -18.21 27.31 -32.05
C LEU E 571 -18.58 28.78 -32.25
N THR E 572 -17.60 29.66 -32.05
CA THR E 572 -17.80 31.09 -32.16
C THR E 572 -16.69 31.69 -33.02
N GLU E 573 -17.01 32.80 -33.68
CA GLU E 573 -15.99 33.57 -34.38
C GLU E 573 -15.00 34.14 -33.36
N SER E 574 -13.72 34.10 -33.71
CA SER E 574 -12.66 34.24 -32.73
C SER E 574 -11.70 35.36 -33.05
N ASN E 575 -11.23 36.03 -32.00
CA ASN E 575 -10.07 36.91 -32.05
C ASN E 575 -8.81 36.07 -31.96
N LYS E 576 -7.68 36.69 -31.63
CA LYS E 576 -6.38 36.00 -31.48
C LYS E 576 -5.97 35.36 -32.82
N LYS E 577 -5.69 36.25 -33.77
CA LYS E 577 -5.38 35.87 -35.15
C LYS E 577 -4.30 34.81 -35.22
N PHE E 578 -4.64 33.65 -35.79
CA PHE E 578 -3.68 32.59 -36.00
C PHE E 578 -2.63 33.03 -37.02
N LEU E 579 -1.39 32.61 -36.83
CA LEU E 579 -0.40 32.75 -37.87
C LEU E 579 -0.76 31.80 -39.02
N PRO E 580 -0.26 32.07 -40.24
CA PRO E 580 -0.61 31.23 -41.40
C PRO E 580 -0.44 29.72 -41.19
N PHE E 581 0.48 29.30 -40.32
CA PHE E 581 0.70 27.89 -40.07
C PHE E 581 0.30 27.46 -38.66
N GLN E 582 -0.36 28.33 -37.90
CA GLN E 582 -0.91 27.95 -36.59
C GLN E 582 -2.29 27.33 -36.81
N GLN E 583 -2.28 26.01 -37.04
CA GLN E 583 -3.51 25.32 -37.40
C GLN E 583 -4.34 24.99 -36.15
N PHE E 584 -3.77 24.19 -35.25
CA PHE E 584 -4.52 23.61 -34.16
C PHE E 584 -4.53 24.56 -32.95
N GLY E 585 -5.05 24.08 -31.82
CA GLY E 585 -5.07 24.86 -30.61
C GLY E 585 -5.23 23.97 -29.40
N ARG E 586 -4.67 24.41 -28.27
CA ARG E 586 -4.71 23.62 -27.05
C ARG E 586 -4.75 24.58 -25.86
N ASP E 587 -4.80 23.99 -24.67
CA ASP E 587 -4.84 24.76 -23.43
C ASP E 587 -3.97 24.04 -22.40
N ILE E 588 -4.13 24.40 -21.12
CA ILE E 588 -3.34 23.80 -20.06
C ILE E 588 -3.63 22.30 -19.97
N ALA E 589 -4.90 21.93 -20.06
CA ALA E 589 -5.31 20.52 -19.94
C ALA E 589 -5.16 19.74 -21.24
N ASP E 590 -4.50 20.32 -22.25
CA ASP E 590 -4.37 19.71 -23.57
C ASP E 590 -5.74 19.39 -24.17
N THR E 591 -6.72 20.23 -23.89
CA THR E 591 -8.05 20.12 -24.47
C THR E 591 -8.22 21.18 -25.54
N THR E 592 -8.91 20.81 -26.61
CA THR E 592 -9.04 21.69 -27.77
C THR E 592 -9.87 22.92 -27.43
N ASP E 593 -9.38 24.08 -27.82
CA ASP E 593 -10.08 25.34 -27.60
C ASP E 593 -10.30 26.14 -28.88
N ALA E 594 -9.64 25.80 -29.98
CA ALA E 594 -9.81 26.51 -31.23
C ALA E 594 -9.47 25.58 -32.38
N VAL E 595 -10.05 25.86 -33.55
CA VAL E 595 -9.83 25.05 -34.74
C VAL E 595 -10.23 25.89 -35.94
N ARG E 596 -9.64 25.58 -37.10
CA ARG E 596 -9.96 26.26 -38.34
C ARG E 596 -10.71 25.30 -39.26
N ASP E 597 -11.63 25.86 -40.05
CA ASP E 597 -12.35 25.06 -41.02
C ASP E 597 -11.38 24.60 -42.11
N PRO E 598 -11.29 23.30 -42.38
CA PRO E 598 -10.34 22.84 -43.41
C PRO E 598 -10.76 23.18 -44.83
N GLN E 599 -11.99 23.65 -45.03
CA GLN E 599 -12.47 24.00 -46.36
C GLN E 599 -12.58 25.51 -46.59
N THR E 600 -12.76 26.30 -45.53
CA THR E 600 -12.85 27.75 -45.64
C THR E 600 -11.87 28.38 -44.66
N LEU E 601 -11.21 29.44 -45.10
CA LEU E 601 -10.20 30.10 -44.28
C LEU E 601 -10.84 30.89 -43.15
N GLU E 602 -11.42 30.20 -42.18
CA GLU E 602 -12.04 30.83 -41.02
C GLU E 602 -11.47 30.23 -39.76
N ILE E 603 -11.32 31.06 -38.74
CA ILE E 603 -10.76 30.67 -37.45
C ILE E 603 -11.86 30.70 -36.41
N LEU E 604 -12.04 29.59 -35.70
CA LEU E 604 -13.11 29.44 -34.72
C LEU E 604 -12.53 29.17 -33.34
N ASP E 605 -13.41 29.07 -32.36
CA ASP E 605 -13.06 28.69 -31.01
C ASP E 605 -13.92 27.52 -30.56
N ILE E 606 -13.35 26.70 -29.68
CA ILE E 606 -14.05 25.56 -29.10
C ILE E 606 -14.28 25.88 -27.63
N THR E 607 -15.54 26.12 -27.26
CA THR E 607 -15.91 26.45 -25.89
C THR E 607 -17.05 25.54 -25.46
N PRO E 608 -16.86 24.72 -24.41
CA PRO E 608 -17.96 23.87 -23.95
C PRO E 608 -18.98 24.70 -23.19
N CYS E 609 -20.26 24.48 -23.51
CA CYS E 609 -21.32 25.30 -22.97
C CYS E 609 -21.65 24.88 -21.54
N SER E 610 -22.75 25.41 -21.01
CA SER E 610 -23.05 25.30 -19.59
C SER E 610 -23.34 23.85 -19.19
N PHE E 611 -23.02 23.54 -17.93
CA PHE E 611 -23.27 22.23 -17.35
C PHE E 611 -23.22 22.39 -15.83
N GLY E 612 -23.24 21.28 -15.12
CA GLY E 612 -23.12 21.32 -13.68
C GLY E 612 -23.83 20.15 -13.03
N GLY E 613 -23.92 20.22 -11.71
CA GLY E 613 -24.59 19.19 -10.95
C GLY E 613 -26.04 19.52 -10.66
N VAL E 614 -26.76 18.50 -10.19
CA VAL E 614 -28.18 18.61 -9.86
C VAL E 614 -28.31 18.56 -8.34
N SER E 615 -28.92 19.60 -7.77
CA SER E 615 -29.13 19.70 -6.35
C SER E 615 -30.60 19.94 -6.05
N VAL E 616 -31.08 19.37 -4.96
CA VAL E 616 -32.50 19.37 -4.60
C VAL E 616 -32.64 20.00 -3.23
N ILE E 617 -33.60 20.93 -3.09
CA ILE E 617 -33.94 21.54 -1.82
C ILE E 617 -35.30 21.00 -1.39
N THR E 618 -35.34 20.39 -0.21
CA THR E 618 -36.57 19.80 0.31
C THR E 618 -36.79 20.22 1.75
N PRO E 619 -38.04 20.33 2.18
CA PRO E 619 -38.33 20.53 3.60
C PRO E 619 -38.59 19.25 4.38
N GLY E 620 -38.39 18.09 3.76
CA GLY E 620 -38.60 16.82 4.43
C GLY E 620 -39.84 16.09 3.96
N THR E 621 -39.77 14.75 3.92
CA THR E 621 -40.94 13.98 3.52
C THR E 621 -42.09 14.14 4.49
N ASN E 622 -41.79 14.35 5.77
CA ASN E 622 -42.85 14.57 6.76
C ASN E 622 -43.55 15.91 6.56
N THR E 623 -42.96 16.84 5.81
CA THR E 623 -43.55 18.16 5.64
C THR E 623 -44.48 18.22 4.42
N SER E 624 -43.93 17.98 3.23
CA SER E 624 -44.70 18.09 1.99
C SER E 624 -43.97 17.33 0.89
N ASN E 625 -44.41 17.53 -0.35
CA ASN E 625 -43.82 16.89 -1.50
C ASN E 625 -43.13 17.84 -2.46
N GLN E 626 -43.57 19.12 -2.50
CA GLN E 626 -42.96 20.09 -3.39
C GLN E 626 -41.53 20.38 -2.99
N VAL E 627 -40.66 20.54 -3.98
CA VAL E 627 -39.22 20.71 -3.76
C VAL E 627 -38.70 21.81 -4.67
N ALA E 628 -37.45 22.20 -4.42
CA ALA E 628 -36.74 23.19 -5.23
C ALA E 628 -35.45 22.58 -5.74
N VAL E 629 -35.15 22.81 -7.02
CA VAL E 629 -33.98 22.24 -7.68
C VAL E 629 -33.05 23.38 -8.06
N LEU E 630 -31.77 23.25 -7.70
CA LEU E 630 -30.77 24.27 -7.97
C LEU E 630 -29.70 23.73 -8.90
N TYR E 631 -29.45 24.43 -10.00
CA TYR E 631 -28.36 24.14 -10.92
C TYR E 631 -27.31 25.22 -10.76
N GLN E 632 -26.13 24.85 -10.27
CA GLN E 632 -25.13 25.85 -9.93
C GLN E 632 -24.48 26.43 -11.18
N ASP E 633 -24.16 27.73 -11.12
CA ASP E 633 -23.41 28.43 -12.16
C ASP E 633 -24.07 28.32 -13.53
N VAL E 634 -25.40 28.43 -13.56
CA VAL E 634 -26.18 28.32 -14.78
C VAL E 634 -27.18 29.46 -14.84
N ASN E 635 -27.26 30.13 -15.99
CA ASN E 635 -28.40 30.97 -16.32
C ASN E 635 -29.36 30.12 -17.13
N CYS E 636 -30.56 29.90 -16.59
CA CYS E 636 -31.58 29.14 -17.33
C CYS E 636 -32.12 29.98 -18.48
N THR E 637 -31.35 29.98 -19.56
CA THR E 637 -31.80 30.45 -20.87
C THR E 637 -31.80 29.33 -21.90
N GLU E 638 -31.16 28.20 -21.62
CA GLU E 638 -31.11 27.05 -22.51
C GLU E 638 -31.52 25.75 -21.81
N VAL E 639 -31.27 25.62 -20.51
CA VAL E 639 -31.56 24.37 -19.81
C VAL E 639 -33.04 24.03 -19.77
N PRO E 640 -33.95 24.93 -19.37
CA PRO E 640 -35.37 24.52 -19.28
C PRO E 640 -35.98 24.08 -20.60
N VAL E 641 -35.56 24.67 -21.71
CA VAL E 641 -36.14 24.32 -23.01
C VAL E 641 -35.46 23.06 -23.55
N TRP E 652 -38.45 18.56 -13.29
CA TRP E 652 -38.16 19.99 -13.37
C TRP E 652 -38.84 20.62 -14.59
N ARG E 653 -39.26 19.77 -15.53
CA ARG E 653 -39.96 20.27 -16.72
C ARG E 653 -41.32 20.85 -16.35
N VAL E 654 -42.06 20.20 -15.46
CA VAL E 654 -43.36 20.71 -15.04
C VAL E 654 -43.20 21.97 -14.19
N TYR E 655 -42.16 22.04 -13.35
CA TYR E 655 -41.95 23.22 -12.52
C TYR E 655 -41.49 24.42 -13.33
N SER E 656 -40.96 24.21 -14.54
CA SER E 656 -40.49 25.33 -15.36
C SER E 656 -41.64 26.21 -15.82
N THR E 657 -42.83 25.64 -15.98
CA THR E 657 -43.99 26.41 -16.42
C THR E 657 -44.42 27.38 -15.33
N GLY E 658 -44.67 28.63 -15.73
CA GLY E 658 -45.08 29.65 -14.79
C GLY E 658 -43.96 30.57 -14.36
N SER E 659 -44.07 31.17 -13.18
CA SER E 659 -43.06 32.07 -12.64
C SER E 659 -42.21 31.41 -11.56
N ASN E 660 -42.18 30.08 -11.52
CA ASN E 660 -41.41 29.37 -10.51
C ASN E 660 -39.91 29.47 -10.73
N VAL E 661 -39.47 29.90 -11.91
CA VAL E 661 -38.05 30.00 -12.19
C VAL E 661 -37.49 31.26 -11.56
N PHE E 662 -36.56 31.10 -10.62
CA PHE E 662 -35.91 32.20 -9.93
C PHE E 662 -34.41 32.13 -10.20
N GLN E 663 -33.78 33.28 -10.32
CA GLN E 663 -32.37 33.37 -10.70
C GLN E 663 -31.55 33.92 -9.55
N THR E 664 -30.49 33.20 -9.17
CA THR E 664 -29.63 33.57 -8.07
C THR E 664 -28.18 33.61 -8.55
N ARG E 665 -27.32 34.23 -7.73
CA ARG E 665 -25.89 34.17 -8.00
C ARG E 665 -25.32 32.79 -7.70
N ALA E 666 -25.85 32.11 -6.68
CA ALA E 666 -25.42 30.75 -6.35
C ALA E 666 -25.85 29.72 -7.38
N GLY E 667 -26.74 30.08 -8.28
CA GLY E 667 -27.22 29.18 -9.30
C GLY E 667 -28.62 29.56 -9.73
N CYS E 668 -29.26 28.65 -10.47
CA CYS E 668 -30.58 28.89 -11.04
C CYS E 668 -31.57 27.97 -10.33
N LEU E 669 -32.60 28.57 -9.72
CA LEU E 669 -33.54 27.86 -8.86
C LEU E 669 -34.85 27.68 -9.60
N ILE E 670 -35.34 26.43 -9.64
CA ILE E 670 -36.62 26.10 -10.24
C ILE E 670 -37.47 25.38 -9.21
N GLY E 671 -38.68 25.88 -9.00
CA GLY E 671 -39.60 25.31 -8.04
C GLY E 671 -39.86 26.13 -6.80
N ALA E 672 -39.45 27.38 -6.76
CA ALA E 672 -39.65 28.23 -5.60
C ALA E 672 -40.06 29.63 -6.05
N GLU E 673 -40.70 30.36 -5.13
CA GLU E 673 -41.16 31.72 -5.40
C GLU E 673 -40.35 32.69 -4.56
N HIS E 674 -39.70 33.64 -5.24
CA HIS E 674 -38.90 34.64 -4.55
C HIS E 674 -39.79 35.65 -3.83
N VAL E 675 -39.34 36.11 -2.67
CA VAL E 675 -40.06 37.11 -1.89
C VAL E 675 -39.12 38.28 -1.61
N ASN E 676 -39.73 39.44 -1.32
CA ASN E 676 -38.98 40.66 -1.12
C ASN E 676 -38.64 40.94 0.33
N ASN E 677 -39.37 40.36 1.29
CA ASN E 677 -39.10 40.60 2.70
C ASN E 677 -37.91 39.75 3.14
N SER E 678 -37.58 39.80 4.43
CA SER E 678 -36.40 39.15 4.96
C SER E 678 -36.82 38.21 6.09
N TYR E 679 -36.33 36.98 6.04
CA TYR E 679 -36.54 35.98 7.07
C TYR E 679 -35.21 35.40 7.50
N GLU E 680 -35.18 34.81 8.70
CA GLU E 680 -34.02 34.06 9.13
C GLU E 680 -33.90 32.77 8.32
N CYS E 681 -32.66 32.34 8.10
CA CYS E 681 -32.42 31.22 7.22
C CYS E 681 -32.89 29.90 7.83
N ASP E 682 -33.46 29.05 6.99
CA ASP E 682 -33.84 27.69 7.37
C ASP E 682 -33.00 26.65 6.65
N ILE E 683 -32.95 26.72 5.32
CA ILE E 683 -32.13 25.83 4.50
C ILE E 683 -31.03 26.67 3.86
N PRO E 684 -29.77 26.51 4.26
CA PRO E 684 -28.71 27.31 3.65
C PRO E 684 -28.38 26.89 2.22
N ILE E 685 -28.80 27.71 1.26
CA ILE E 685 -28.51 27.45 -0.15
C ILE E 685 -27.20 28.11 -0.57
N GLY E 686 -27.03 29.38 -0.23
CA GLY E 686 -25.81 30.09 -0.56
C GLY E 686 -26.04 31.41 -1.27
N ALA E 687 -25.04 32.28 -1.24
CA ALA E 687 -25.09 33.60 -1.87
C ALA E 687 -26.30 34.41 -1.41
N GLY E 688 -26.57 34.35 -0.10
CA GLY E 688 -27.69 35.09 0.44
C GLY E 688 -29.05 34.56 0.06
N ILE E 689 -29.15 33.27 -0.22
CA ILE E 689 -30.41 32.63 -0.57
C ILE E 689 -30.67 31.49 0.40
N CYS E 690 -31.88 31.46 0.96
CA CYS E 690 -32.30 30.39 1.84
C CYS E 690 -33.75 30.03 1.55
N ALA E 691 -34.11 28.79 1.87
CA ALA E 691 -35.43 28.25 1.54
C ALA E 691 -36.10 27.73 2.80
N SER E 692 -37.43 27.81 2.82
CA SER E 692 -38.22 27.36 3.95
C SER E 692 -39.61 27.00 3.46
N TYR E 693 -40.46 26.57 4.39
CA TYR E 693 -41.83 26.18 4.10
C TYR E 693 -42.78 27.11 4.86
N GLN E 694 -43.57 27.88 4.11
CA GLN E 694 -44.42 28.90 4.71
C GLN E 694 -45.79 28.88 4.06
N THR E 695 -46.82 29.09 4.88
CA THR E 695 -48.18 29.24 4.38
C THR E 695 -48.33 30.56 3.62
N SER E 708 -52.59 26.89 -0.15
CA SER E 708 -51.56 27.87 -0.50
C SER E 708 -50.25 27.57 0.23
N GLN E 709 -49.59 26.48 -0.18
CA GLN E 709 -48.33 26.06 0.41
C GLN E 709 -47.26 26.05 -0.68
N SER E 710 -46.11 26.66 -0.39
CA SER E 710 -45.03 26.75 -1.36
C SER E 710 -43.72 26.97 -0.61
N ILE E 711 -42.62 26.87 -1.35
CA ILE E 711 -41.28 27.09 -0.83
C ILE E 711 -40.77 28.42 -1.35
N ILE E 712 -40.28 29.26 -0.45
CA ILE E 712 -39.87 30.62 -0.78
C ILE E 712 -38.35 30.74 -0.66
N ALA E 713 -37.77 31.53 -1.57
CA ALA E 713 -36.36 31.87 -1.54
C ALA E 713 -36.23 33.36 -1.26
N TYR E 714 -35.35 33.70 -0.33
CA TYR E 714 -35.30 35.07 0.19
C TYR E 714 -33.86 35.45 0.49
N THR E 715 -33.67 36.70 0.86
CA THR E 715 -32.37 37.24 1.23
C THR E 715 -32.13 37.01 2.72
N MET E 716 -30.86 36.80 3.07
CA MET E 716 -30.48 36.54 4.44
C MET E 716 -30.86 37.69 5.35
N SER E 717 -31.49 37.35 6.48
CA SER E 717 -31.75 38.30 7.56
C SER E 717 -30.86 37.89 8.72
N LEU E 718 -29.80 38.66 8.96
CA LEU E 718 -28.76 38.25 9.89
C LEU E 718 -29.25 38.24 11.34
N GLY E 719 -30.32 38.96 11.64
CA GLY E 719 -30.86 38.98 12.98
C GLY E 719 -31.67 40.24 13.21
N ALA E 720 -32.01 40.46 14.47
CA ALA E 720 -32.74 41.66 14.86
C ALA E 720 -31.86 42.88 14.69
N GLU E 721 -32.44 43.95 14.16
CA GLU E 721 -31.71 45.19 13.93
C GLU E 721 -32.04 46.18 15.05
N ASN E 722 -31.02 46.59 15.80
CA ASN E 722 -31.22 47.56 16.87
C ASN E 722 -29.93 48.34 17.08
N SER E 723 -30.07 49.52 17.68
CA SER E 723 -28.93 50.36 18.05
C SER E 723 -29.18 50.90 19.45
N VAL E 724 -28.30 50.54 20.38
CA VAL E 724 -28.48 50.93 21.77
C VAL E 724 -28.28 52.44 21.91
N ALA E 725 -28.93 53.03 22.90
CA ALA E 725 -28.90 54.47 23.12
C ALA E 725 -27.57 54.85 23.75
N TYR E 726 -26.56 55.00 22.90
CA TYR E 726 -25.26 55.47 23.36
C TYR E 726 -25.29 56.98 23.56
N SER E 727 -24.59 57.44 24.60
CA SER E 727 -24.48 58.87 24.86
C SER E 727 -23.29 59.10 25.78
N ASN E 728 -23.13 60.37 26.19
CA ASN E 728 -22.03 60.78 27.04
C ASN E 728 -22.21 60.40 28.50
N ASN E 729 -23.44 60.38 28.99
CA ASN E 729 -23.70 60.13 30.41
C ASN E 729 -24.83 59.12 30.59
N SER E 730 -24.76 58.01 29.86
CA SER E 730 -25.72 56.93 30.00
C SER E 730 -24.99 55.62 30.23
N ILE E 731 -25.26 55.00 31.38
CA ILE E 731 -24.70 53.69 31.71
C ILE E 731 -25.85 52.78 32.12
N ALA E 732 -25.61 51.48 32.01
CA ALA E 732 -26.64 50.48 32.29
C ALA E 732 -26.11 49.51 33.34
N ILE E 733 -26.84 49.37 34.44
CA ILE E 733 -26.52 48.43 35.51
C ILE E 733 -27.74 47.53 35.70
N PRO E 734 -27.62 46.22 35.52
CA PRO E 734 -28.79 45.35 35.70
C PRO E 734 -29.26 45.33 37.13
N THR E 735 -30.58 45.21 37.29
CA THR E 735 -31.22 45.14 38.61
C THR E 735 -31.59 43.72 39.01
N ASN E 736 -31.37 42.74 38.15
CA ASN E 736 -31.65 41.35 38.45
C ASN E 736 -30.76 40.49 37.57
N PHE E 737 -30.82 39.17 37.80
CA PHE E 737 -29.96 38.26 37.05
C PHE E 737 -30.72 36.98 36.76
N THR E 738 -30.26 36.28 35.73
CA THR E 738 -30.84 35.02 35.31
C THR E 738 -29.76 33.97 35.24
N ILE E 739 -30.06 32.77 35.74
CA ILE E 739 -29.13 31.65 35.73
C ILE E 739 -29.63 30.64 34.71
N SER E 740 -28.81 30.35 33.70
CA SER E 740 -29.18 29.43 32.64
C SER E 740 -28.04 28.44 32.42
N VAL E 741 -28.40 27.23 32.01
CA VAL E 741 -27.43 26.17 31.70
C VAL E 741 -27.59 25.78 30.24
N THR E 742 -26.47 25.62 29.55
CA THR E 742 -26.44 25.26 28.15
C THR E 742 -25.63 23.99 27.96
N THR E 743 -26.10 23.12 27.07
CA THR E 743 -25.42 21.87 26.79
C THR E 743 -24.40 22.07 25.67
N GLU E 744 -23.17 21.63 25.92
CA GLU E 744 -22.09 21.72 24.94
C GLU E 744 -21.57 20.31 24.68
N ILE E 745 -21.41 19.97 23.40
CA ILE E 745 -21.10 18.61 22.97
C ILE E 745 -19.74 18.61 22.29
N LEU E 746 -18.86 17.71 22.72
CA LEU E 746 -17.54 17.57 22.13
C LEU E 746 -17.17 16.08 22.13
N PRO E 747 -16.93 15.48 20.98
CA PRO E 747 -16.45 14.09 20.96
C PRO E 747 -15.06 13.98 21.55
N VAL E 748 -14.78 12.83 22.16
CA VAL E 748 -13.48 12.55 22.74
C VAL E 748 -12.78 11.38 22.05
N SER E 749 -13.54 10.36 21.66
CA SER E 749 -12.97 9.19 20.99
C SER E 749 -14.06 8.49 20.20
N MET E 750 -13.64 7.67 19.25
CA MET E 750 -14.54 6.87 18.43
C MET E 750 -14.14 5.40 18.52
N THR E 751 -14.87 4.56 17.81
CA THR E 751 -14.65 3.12 17.88
C THR E 751 -13.32 2.75 17.23
N LYS E 752 -12.49 2.02 17.98
CA LYS E 752 -11.19 1.59 17.48
C LYS E 752 -11.39 0.44 16.49
N THR E 753 -10.73 0.54 15.33
CA THR E 753 -10.85 -0.47 14.29
C THR E 753 -9.49 -1.07 13.98
N SER E 754 -9.50 -2.31 13.52
CA SER E 754 -8.29 -3.00 13.13
C SER E 754 -8.61 -3.93 11.97
N VAL E 755 -7.74 -3.93 10.96
CA VAL E 755 -7.92 -4.73 9.75
C VAL E 755 -6.70 -5.62 9.57
N ASP E 756 -6.93 -6.90 9.32
CA ASP E 756 -5.87 -7.86 9.06
C ASP E 756 -5.87 -8.22 7.57
N CYS E 757 -4.72 -8.00 6.91
CA CYS E 757 -4.64 -8.26 5.48
C CYS E 757 -4.58 -9.73 5.14
N THR E 758 -4.26 -10.60 6.10
CA THR E 758 -4.03 -12.00 5.79
C THR E 758 -5.29 -12.67 5.26
N MET E 759 -6.45 -12.33 5.82
CA MET E 759 -7.71 -12.91 5.38
C MET E 759 -8.60 -11.93 4.64
N TYR E 760 -8.28 -10.65 4.63
CA TYR E 760 -9.14 -9.66 3.99
C TYR E 760 -8.93 -9.63 2.47
N ILE E 761 -7.70 -9.33 2.04
CA ILE E 761 -7.43 -9.20 0.62
C ILE E 761 -7.60 -10.54 -0.09
N CYS E 762 -7.10 -11.61 0.50
CA CYS E 762 -7.21 -12.96 -0.07
C CYS E 762 -7.91 -13.84 0.96
N GLY E 763 -9.22 -13.99 0.83
CA GLY E 763 -10.01 -14.71 1.79
C GLY E 763 -9.90 -16.22 1.70
N ASP E 764 -9.26 -16.82 2.71
CA ASP E 764 -9.14 -18.28 2.83
C ASP E 764 -8.47 -18.89 1.59
N SER E 765 -7.46 -18.21 1.07
CA SER E 765 -6.74 -18.68 -0.10
C SER E 765 -5.24 -18.47 0.13
N THR E 766 -4.50 -19.57 0.22
CA THR E 766 -3.05 -19.49 0.37
C THR E 766 -2.34 -19.25 -0.95
N GLU E 767 -3.02 -19.43 -2.08
CA GLU E 767 -2.44 -19.14 -3.39
C GLU E 767 -2.50 -17.67 -3.75
N CYS E 768 -3.18 -16.86 -2.95
CA CYS E 768 -3.24 -15.42 -3.17
C CYS E 768 -2.35 -14.62 -2.23
N SER E 769 -2.08 -15.16 -1.03
CA SER E 769 -1.24 -14.45 -0.07
C SER E 769 0.20 -14.32 -0.56
N ASN E 770 0.67 -15.30 -1.36
CA ASN E 770 2.03 -15.23 -1.87
C ASN E 770 2.22 -14.06 -2.86
N LEU E 771 1.17 -13.69 -3.59
CA LEU E 771 1.23 -12.44 -4.35
C LEU E 771 1.35 -11.24 -3.43
N LEU E 772 0.63 -11.24 -2.30
CA LEU E 772 0.71 -10.13 -1.36
C LEU E 772 2.08 -10.01 -0.73
N LEU E 773 2.76 -11.15 -0.50
CA LEU E 773 4.09 -11.12 0.08
C LEU E 773 5.12 -10.48 -0.86
N GLN E 774 4.85 -10.45 -2.16
CA GLN E 774 5.74 -9.81 -3.12
C GLN E 774 5.58 -8.29 -3.15
N TYR E 775 4.59 -7.75 -2.44
CA TYR E 775 4.37 -6.31 -2.40
C TYR E 775 5.10 -5.63 -1.26
N GLY E 776 6.18 -6.23 -0.76
CA GLY E 776 6.93 -5.60 0.33
C GLY E 776 6.12 -5.57 1.61
N SER E 777 6.26 -4.48 2.35
CA SER E 777 5.62 -4.32 3.66
C SER E 777 4.68 -3.11 3.62
N PHE E 778 3.47 -3.34 3.11
CA PHE E 778 2.36 -2.41 3.31
C PHE E 778 1.44 -2.83 4.44
N CYS E 779 1.07 -4.10 4.49
CA CYS E 779 0.11 -4.57 5.47
C CYS E 779 0.71 -4.83 6.84
N THR E 780 2.05 -4.88 6.95
CA THR E 780 2.69 -4.73 8.24
C THR E 780 2.92 -3.28 8.60
N GLN E 781 2.68 -2.37 7.66
CA GLN E 781 2.76 -0.93 7.88
C GLN E 781 1.40 -0.30 8.13
N LEU E 782 0.33 -0.88 7.59
CA LEU E 782 -1.01 -0.37 7.86
C LEU E 782 -1.55 -0.83 9.20
N ASN E 783 -1.14 -2.02 9.67
CA ASN E 783 -1.62 -2.50 10.97
C ASN E 783 -1.14 -1.61 12.10
N ARG E 784 0.11 -1.18 12.05
CA ARG E 784 0.62 -0.27 13.08
C ARG E 784 -0.03 1.10 12.99
N ALA E 785 -0.51 1.48 11.80
CA ALA E 785 -1.21 2.75 11.66
C ALA E 785 -2.55 2.71 12.39
N LEU E 786 -3.34 1.66 12.17
CA LEU E 786 -4.62 1.54 12.87
C LEU E 786 -4.41 1.35 14.36
N THR E 787 -3.47 0.48 14.75
CA THR E 787 -3.17 0.31 16.16
C THR E 787 -2.58 1.59 16.76
N GLY E 788 -1.82 2.34 15.96
CA GLY E 788 -1.35 3.64 16.40
C GLY E 788 -2.49 4.60 16.67
N ILE E 789 -3.57 4.50 15.89
CA ILE E 789 -4.77 5.28 16.17
C ILE E 789 -5.43 4.80 17.45
N ALA E 790 -5.59 3.47 17.59
CA ALA E 790 -6.29 2.91 18.75
C ALA E 790 -5.55 3.20 20.05
N VAL E 791 -4.23 3.09 20.04
CA VAL E 791 -3.43 3.44 21.21
C VAL E 791 -3.59 4.93 21.51
N GLU E 792 -3.55 5.76 20.48
CA GLU E 792 -3.70 7.19 20.67
C GLU E 792 -5.11 7.56 21.12
N GLN E 793 -6.12 6.82 20.65
CA GLN E 793 -7.49 7.14 21.04
C GLN E 793 -7.80 6.71 22.46
N ASP E 794 -7.18 5.63 22.93
CA ASP E 794 -7.30 5.28 24.34
C ASP E 794 -6.66 6.33 25.24
N LYS E 795 -5.63 7.01 24.74
CA LYS E 795 -5.06 8.13 25.48
C LYS E 795 -6.05 9.28 25.62
N ASN E 796 -6.91 9.47 24.62
CA ASN E 796 -7.89 10.56 24.67
C ASN E 796 -8.87 10.37 25.83
N THR E 797 -9.33 9.14 26.05
CA THR E 797 -10.26 8.88 27.13
C THR E 797 -9.62 9.14 28.49
N GLN E 798 -8.36 8.74 28.66
CA GLN E 798 -7.67 9.00 29.92
C GLN E 798 -7.30 10.46 30.06
N GLU E 799 -7.05 11.16 28.96
CA GLU E 799 -6.65 12.56 29.04
C GLU E 799 -7.80 13.47 29.44
N VAL E 800 -9.03 13.11 29.06
CA VAL E 800 -10.18 13.96 29.35
C VAL E 800 -10.75 13.66 30.73
N PHE E 801 -11.09 12.40 31.00
CA PHE E 801 -11.77 12.07 32.25
C PHE E 801 -10.80 11.84 33.41
N ALA E 802 -9.73 11.08 33.18
CA ALA E 802 -8.82 10.68 34.26
C ALA E 802 -7.81 11.79 34.54
N GLN E 803 -8.31 12.89 35.08
CA GLN E 803 -7.47 13.98 35.53
C GLN E 803 -7.49 14.14 37.05
N VAL E 804 -8.12 13.22 37.78
CA VAL E 804 -8.13 13.23 39.23
C VAL E 804 -7.54 11.92 39.73
N LYS E 805 -6.80 12.02 40.84
CA LYS E 805 -6.14 10.86 41.43
C LYS E 805 -6.95 10.24 42.56
N GLN E 806 -8.15 10.73 42.82
CA GLN E 806 -9.01 10.20 43.88
C GLN E 806 -10.43 10.04 43.36
N ILE E 807 -11.17 9.14 44.00
CA ILE E 807 -12.56 8.88 43.68
C ILE E 807 -13.41 9.28 44.89
N TYR E 808 -14.38 10.15 44.66
CA TYR E 808 -15.20 10.71 45.73
C TYR E 808 -16.59 10.10 45.71
N LYS E 809 -17.34 10.37 46.76
CA LYS E 809 -18.72 9.93 46.88
C LYS E 809 -19.56 11.03 47.50
N THR E 810 -20.85 11.02 47.19
CA THR E 810 -21.75 12.00 47.78
C THR E 810 -21.90 11.75 49.27
N PRO E 811 -22.04 12.81 50.08
CA PRO E 811 -22.29 12.59 51.51
C PRO E 811 -23.70 12.06 51.73
N PRO E 812 -23.92 11.33 52.83
CA PRO E 812 -25.27 10.82 53.10
C PRO E 812 -26.31 11.91 53.24
N ILE E 813 -25.96 13.06 53.81
CA ILE E 813 -26.85 14.20 53.87
C ILE E 813 -26.80 14.94 52.54
N LYS E 814 -27.86 15.67 52.23
CA LYS E 814 -27.98 16.37 50.95
C LYS E 814 -28.38 17.82 51.20
N ASP E 815 -27.70 18.48 52.13
CA ASP E 815 -27.96 19.87 52.47
C ASP E 815 -27.06 20.75 51.61
N PHE E 816 -27.50 21.00 50.37
CA PHE E 816 -26.75 21.80 49.41
C PHE E 816 -27.30 23.21 49.27
N GLY E 817 -27.90 23.75 50.33
CA GLY E 817 -28.41 25.11 50.30
C GLY E 817 -29.55 25.34 49.33
N GLY E 818 -30.49 24.42 49.25
CA GLY E 818 -31.65 24.56 48.40
C GLY E 818 -31.51 23.98 47.01
N PHE E 819 -30.30 23.57 46.62
CA PHE E 819 -30.09 22.97 45.31
C PHE E 819 -30.37 21.48 45.37
N ASN E 820 -31.12 20.97 44.39
CA ASN E 820 -31.47 19.56 44.29
C ASN E 820 -30.64 18.96 43.16
N PHE E 821 -29.58 18.23 43.54
CA PHE E 821 -28.62 17.69 42.59
C PHE E 821 -28.87 16.23 42.26
N SER E 822 -29.97 15.65 42.74
CA SER E 822 -30.24 14.24 42.51
C SER E 822 -30.50 13.92 41.04
N GLN E 823 -30.75 14.93 40.21
CA GLN E 823 -31.00 14.68 38.80
C GLN E 823 -29.73 14.23 38.07
N ILE E 824 -28.56 14.63 38.56
CA ILE E 824 -27.29 14.30 37.92
C ILE E 824 -26.39 13.45 38.80
N LEU E 825 -26.65 13.36 40.09
CA LEU E 825 -25.86 12.48 40.96
C LEU E 825 -26.27 11.03 40.77
N PRO E 826 -25.32 10.11 40.83
CA PRO E 826 -25.68 8.68 40.73
C PRO E 826 -26.43 8.22 41.96
N ASP E 827 -27.27 7.20 41.77
CA ASP E 827 -28.07 6.64 42.84
C ASP E 827 -27.84 5.13 42.95
N PRO E 828 -27.85 4.58 44.16
CA PRO E 828 -27.59 3.14 44.33
C PRO E 828 -28.79 2.25 44.03
N SER E 829 -29.92 2.82 43.61
CA SER E 829 -31.11 2.02 43.31
C SER E 829 -31.06 1.35 41.95
N LYS E 830 -30.02 1.62 41.16
CA LYS E 830 -29.84 1.06 39.83
C LYS E 830 -28.50 0.33 39.73
N PRO E 831 -28.43 -0.75 38.95
CA PRO E 831 -27.16 -1.50 38.84
C PRO E 831 -26.01 -0.67 38.30
N SER E 832 -26.27 0.25 37.38
CA SER E 832 -25.23 1.08 36.80
C SER E 832 -25.06 2.35 37.62
N LYS E 833 -23.80 2.78 37.79
CA LYS E 833 -23.49 3.97 38.57
C LYS E 833 -23.66 5.23 37.72
N ARG E 834 -24.90 5.45 37.30
CA ARG E 834 -25.28 6.59 36.47
C ARG E 834 -26.45 7.31 37.12
N SER E 835 -26.90 8.38 36.48
CA SER E 835 -28.07 9.13 36.92
C SER E 835 -29.13 9.11 35.82
N PHE E 836 -30.21 9.86 36.07
CA PHE E 836 -31.30 9.91 35.10
C PHE E 836 -30.87 10.58 33.80
N ILE E 837 -30.10 11.67 33.90
CA ILE E 837 -29.65 12.37 32.70
C ILE E 837 -28.63 11.54 31.95
N GLU E 838 -27.80 10.78 32.66
CA GLU E 838 -26.78 9.97 32.00
C GLU E 838 -27.39 8.82 31.22
N ASP E 839 -28.39 8.15 31.80
CA ASP E 839 -29.07 7.06 31.09
C ASP E 839 -29.86 7.57 29.90
N LEU E 840 -30.39 8.78 29.98
CA LEU E 840 -31.12 9.35 28.85
C LEU E 840 -30.19 9.55 27.66
N LEU E 841 -28.94 9.96 27.93
CA LEU E 841 -27.98 10.16 26.84
C LEU E 841 -27.66 8.84 26.14
N PHE E 842 -27.46 7.76 26.91
CA PHE E 842 -27.13 6.47 26.31
C PHE E 842 -28.30 5.89 25.53
N ASN E 843 -29.52 6.09 26.00
CA ASN E 843 -30.70 5.53 25.35
C ASN E 843 -31.20 6.38 24.20
N LYS E 844 -30.57 7.53 23.94
CA LYS E 844 -30.98 8.40 22.85
C LYS E 844 -30.06 8.33 21.64
N VAL E 845 -28.76 8.14 21.84
CA VAL E 845 -27.81 7.99 20.74
C VAL E 845 -27.66 6.50 20.44
N THR E 846 -28.17 6.08 19.29
CA THR E 846 -28.12 4.67 18.89
C THR E 846 -27.93 4.62 17.38
N LEU E 847 -28.00 3.40 16.84
CA LEU E 847 -27.85 3.17 15.40
C LEU E 847 -29.07 2.41 14.90
N ALA E 848 -29.48 2.71 13.67
CA ALA E 848 -30.64 2.09 13.04
C ALA E 848 -30.28 0.84 12.26
N ASP E 849 -29.22 0.14 12.66
CA ASP E 849 -28.73 -1.08 11.99
C ASP E 849 -28.40 -0.83 10.53
N ALA E 850 -27.96 0.39 10.21
CA ALA E 850 -27.52 0.74 8.87
C ALA E 850 -26.01 0.82 8.74
N GLY E 851 -25.27 0.39 9.75
CA GLY E 851 -23.82 0.49 9.73
C GLY E 851 -23.10 -0.80 10.02
N PHE E 852 -22.04 -0.72 10.82
CA PHE E 852 -21.19 -1.88 11.10
C PHE E 852 -20.86 -2.08 12.57
N ILE E 853 -20.93 -1.03 13.40
CA ILE E 853 -20.58 -1.17 14.81
C ILE E 853 -21.56 -2.09 15.53
N LYS E 854 -22.85 -1.96 15.25
CA LYS E 854 -23.85 -2.79 15.92
C LYS E 854 -23.68 -4.27 15.59
N GLN E 855 -23.14 -4.57 14.41
CA GLN E 855 -22.95 -5.97 14.04
C GLN E 855 -21.77 -6.61 14.77
N TYR E 856 -20.76 -5.82 15.12
CA TYR E 856 -19.56 -6.34 15.76
C TYR E 856 -19.33 -5.78 17.15
N GLY E 857 -19.40 -4.46 17.32
CA GLY E 857 -19.07 -3.84 18.59
C GLY E 857 -20.04 -4.17 19.71
N ASP E 858 -21.29 -3.76 19.57
CA ASP E 858 -22.29 -4.00 20.60
C ASP E 858 -22.82 -5.42 20.47
N CYS E 859 -22.76 -6.18 21.56
CA CYS E 859 -23.24 -7.55 21.57
C CYS E 859 -24.66 -7.64 22.12
N CYS E 870 -20.65 -12.78 21.55
CA CYS E 870 -20.77 -11.86 20.43
C CYS E 870 -20.52 -12.58 19.11
N ALA E 871 -21.15 -12.08 18.04
CA ALA E 871 -21.00 -12.65 16.71
C ALA E 871 -20.07 -11.77 15.88
N GLN E 872 -19.03 -12.37 15.33
CA GLN E 872 -18.05 -11.62 14.55
C GLN E 872 -18.56 -11.38 13.13
N LYS E 873 -17.82 -10.55 12.39
CA LYS E 873 -18.18 -10.17 11.04
C LYS E 873 -17.12 -10.67 10.05
N PHE E 874 -17.43 -10.52 8.77
CA PHE E 874 -16.61 -11.07 7.71
C PHE E 874 -15.49 -10.11 7.31
N ASN E 875 -14.52 -10.66 6.57
CA ASN E 875 -13.51 -9.90 5.85
C ASN E 875 -12.63 -9.04 6.77
N GLY E 876 -12.24 -9.62 7.90
CA GLY E 876 -11.15 -9.09 8.70
C GLY E 876 -11.32 -7.70 9.25
N LEU E 877 -12.51 -7.39 9.79
CA LEU E 877 -12.73 -6.15 10.52
C LEU E 877 -13.00 -6.50 11.98
N THR E 878 -12.03 -6.22 12.84
CA THR E 878 -12.13 -6.53 14.26
C THR E 878 -12.19 -5.22 15.05
N VAL E 879 -13.13 -5.15 15.99
CA VAL E 879 -13.34 -3.98 16.82
C VAL E 879 -12.79 -4.29 18.20
N LEU E 880 -11.79 -3.52 18.63
CA LEU E 880 -11.28 -3.73 19.98
C LEU E 880 -12.12 -2.93 20.98
N PRO E 881 -12.36 -3.50 22.17
CA PRO E 881 -13.13 -2.78 23.17
C PRO E 881 -12.37 -1.57 23.66
N PRO E 882 -13.07 -0.52 24.12
CA PRO E 882 -12.37 0.64 24.69
C PRO E 882 -11.63 0.27 25.96
N LEU E 883 -10.53 0.99 26.22
CA LEU E 883 -9.73 0.71 27.40
C LEU E 883 -10.51 0.97 28.68
N LEU E 884 -11.33 2.01 28.69
CA LEU E 884 -12.19 2.33 29.82
C LEU E 884 -13.63 2.03 29.43
N THR E 885 -14.27 1.13 30.17
CA THR E 885 -15.64 0.76 29.86
C THR E 885 -16.60 1.90 30.19
N ASP E 886 -17.78 1.85 29.57
CA ASP E 886 -18.77 2.90 29.76
C ASP E 886 -19.21 3.00 31.21
N GLU E 887 -19.18 1.90 31.95
CA GLU E 887 -19.55 1.95 33.37
C GLU E 887 -18.54 2.74 34.19
N MET E 888 -17.24 2.55 33.90
CA MET E 888 -16.21 3.26 34.67
C MET E 888 -16.09 4.72 34.26
N ILE E 889 -16.53 5.07 33.04
CA ILE E 889 -16.49 6.46 32.62
C ILE E 889 -17.41 7.30 33.49
N ALA E 890 -18.60 6.78 33.81
CA ALA E 890 -19.54 7.51 34.65
C ALA E 890 -18.99 7.75 36.05
N GLN E 891 -18.16 6.84 36.56
CA GLN E 891 -17.61 7.01 37.89
C GLN E 891 -16.60 8.16 37.94
N TYR E 892 -15.80 8.35 36.89
CA TYR E 892 -14.96 9.53 36.81
C TYR E 892 -15.81 10.80 36.76
N THR E 893 -16.88 10.79 35.99
CA THR E 893 -17.81 11.92 36.01
C THR E 893 -18.46 12.07 37.38
N SER E 894 -18.81 10.95 38.01
CA SER E 894 -19.32 11.00 39.37
C SER E 894 -18.27 11.55 40.34
N ALA E 895 -17.02 11.12 40.17
CA ALA E 895 -15.94 11.66 41.00
C ALA E 895 -15.76 13.16 40.76
N LEU E 896 -15.82 13.57 39.50
CA LEU E 896 -15.74 15.01 39.20
C LEU E 896 -16.97 15.74 39.71
N LEU E 897 -18.14 15.09 39.65
CA LEU E 897 -19.35 15.72 40.15
C LEU E 897 -19.26 15.98 41.65
N ALA E 898 -18.79 14.99 42.42
CA ALA E 898 -18.58 15.21 43.83
C ALA E 898 -17.40 16.14 44.09
N GLY E 899 -16.38 16.07 43.24
CA GLY E 899 -15.24 16.96 43.40
C GLY E 899 -15.59 18.42 43.17
N THR E 900 -16.37 18.69 42.12
CA THR E 900 -16.79 20.06 41.85
C THR E 900 -17.70 20.58 42.96
N ILE E 901 -18.62 19.74 43.44
CA ILE E 901 -19.61 20.18 44.41
C ILE E 901 -18.95 20.42 45.77
N THR E 902 -18.21 19.43 46.26
CA THR E 902 -17.71 19.49 47.62
C THR E 902 -16.36 20.19 47.76
N SER E 903 -15.69 20.47 46.66
CA SER E 903 -14.39 21.13 46.78
C SER E 903 -14.27 22.38 45.93
N GLY E 904 -14.87 22.40 44.74
CA GLY E 904 -14.78 23.57 43.89
C GLY E 904 -13.53 23.58 43.02
N TRP E 905 -12.53 24.35 43.42
CA TRP E 905 -11.27 24.45 42.69
C TRP E 905 -10.09 23.85 43.43
N THR E 906 -10.26 23.46 44.69
CA THR E 906 -9.12 22.98 45.47
C THR E 906 -8.67 21.59 45.02
N PHE E 907 -9.62 20.70 44.73
CA PHE E 907 -9.29 19.31 44.47
C PHE E 907 -8.57 19.12 43.14
N GLY E 908 -8.61 20.11 42.25
CA GLY E 908 -7.85 20.04 41.03
C GLY E 908 -6.44 20.58 41.12
N ALA E 909 -6.02 21.05 42.30
CA ALA E 909 -4.72 21.67 42.46
C ALA E 909 -3.95 21.11 43.66
N GLY E 910 -4.37 19.98 44.19
CA GLY E 910 -3.70 19.38 45.32
C GLY E 910 -4.70 18.61 46.17
N ALA E 911 -4.53 18.71 47.48
CA ALA E 911 -5.42 18.03 48.41
C ALA E 911 -6.82 18.64 48.36
N ALA E 912 -7.83 17.78 48.45
CA ALA E 912 -9.20 18.24 48.43
C ALA E 912 -9.51 19.00 49.72
N LEU E 913 -10.16 20.15 49.58
CA LEU E 913 -10.54 20.98 50.71
C LEU E 913 -12.06 21.07 50.74
N GLN E 914 -12.67 20.49 51.77
CA GLN E 914 -14.12 20.51 51.87
C GLN E 914 -14.62 21.90 52.21
N ILE E 915 -15.72 22.30 51.58
CA ILE E 915 -16.26 23.65 51.72
C ILE E 915 -17.77 23.57 51.47
N PRO E 916 -18.58 24.35 52.19
CA PRO E 916 -20.02 24.34 51.90
C PRO E 916 -20.31 24.84 50.51
N PHE E 917 -21.31 24.22 49.86
CA PHE E 917 -21.66 24.62 48.51
C PHE E 917 -22.30 26.00 48.47
N ALA E 918 -23.00 26.40 49.54
CA ALA E 918 -23.52 27.75 49.62
C ALA E 918 -22.39 28.77 49.62
N MET E 919 -21.31 28.47 50.34
CA MET E 919 -20.14 29.34 50.33
C MET E 919 -19.49 29.38 48.94
N GLN E 920 -19.39 28.22 48.29
CA GLN E 920 -18.73 28.15 47.01
C GLN E 920 -19.50 28.90 45.94
N MET E 921 -20.83 28.96 46.07
CA MET E 921 -21.64 29.78 45.18
C MET E 921 -21.26 31.25 45.30
N ALA E 922 -20.92 31.69 46.50
CA ALA E 922 -20.55 33.10 46.70
C ALA E 922 -19.19 33.39 46.07
N TYR E 923 -18.20 32.54 46.33
CA TYR E 923 -16.83 32.86 45.95
C TYR E 923 -16.61 32.83 44.45
N ARG E 924 -17.55 32.27 43.67
CA ARG E 924 -17.52 32.39 42.24
C ARG E 924 -18.11 33.71 41.75
N PHE E 925 -19.09 34.26 42.49
CA PHE E 925 -19.55 35.61 42.20
C PHE E 925 -18.44 36.64 42.41
N ASN E 926 -17.60 36.43 43.43
CA ASN E 926 -16.48 37.34 43.63
C ASN E 926 -15.47 37.23 42.49
N GLY E 927 -15.45 36.09 41.80
CA GLY E 927 -14.60 35.92 40.63
C GLY E 927 -15.12 36.54 39.36
N ILE E 928 -16.36 37.03 39.36
CA ILE E 928 -16.94 37.69 38.19
C ILE E 928 -17.36 39.11 38.51
N GLY E 929 -16.89 39.67 39.62
CA GLY E 929 -17.18 41.04 40.00
C GLY E 929 -18.46 41.24 40.78
N VAL E 930 -19.24 40.18 40.98
CA VAL E 930 -20.48 40.27 41.75
C VAL E 930 -20.13 40.28 43.23
N THR E 931 -20.73 41.20 43.98
CA THR E 931 -20.44 41.33 45.40
C THR E 931 -20.91 40.09 46.15
N GLN E 932 -20.22 39.79 47.26
CA GLN E 932 -20.56 38.62 48.08
C GLN E 932 -22.00 38.65 48.55
N ASN E 933 -22.55 39.83 48.81
CA ASN E 933 -23.88 39.94 49.41
C ASN E 933 -25.01 39.58 48.46
N VAL E 934 -24.78 39.56 47.15
CA VAL E 934 -25.88 39.34 46.21
C VAL E 934 -26.42 37.92 46.33
N LEU E 935 -25.54 36.94 46.56
CA LEU E 935 -25.99 35.56 46.69
C LEU E 935 -26.82 35.36 47.95
N TYR E 936 -26.33 35.84 49.09
CA TYR E 936 -26.96 35.53 50.36
C TYR E 936 -28.34 36.19 50.50
N GLU E 937 -28.50 37.41 50.00
CA GLU E 937 -29.81 38.05 50.07
C GLU E 937 -30.80 37.48 49.06
N ASN E 938 -30.32 36.80 48.03
CA ASN E 938 -31.18 36.20 47.00
C ASN E 938 -30.94 34.71 46.89
N GLN E 939 -30.67 34.04 48.02
CA GLN E 939 -30.38 32.61 47.98
C GLN E 939 -31.62 31.79 47.64
N LYS E 940 -32.78 32.19 48.17
CA LYS E 940 -34.01 31.43 47.91
C LYS E 940 -34.41 31.49 46.44
N LEU E 941 -34.27 32.66 45.82
CA LEU E 941 -34.66 32.80 44.42
C LEU E 941 -33.76 31.98 43.50
N ILE E 942 -32.45 31.95 43.80
CA ILE E 942 -31.52 31.19 42.98
C ILE E 942 -31.83 29.70 43.08
N ALA E 943 -32.20 29.22 44.26
CA ALA E 943 -32.46 27.80 44.46
C ALA E 943 -33.61 27.31 43.59
N ASN E 944 -34.70 28.07 43.52
CA ASN E 944 -35.80 27.71 42.64
C ASN E 944 -35.42 27.87 41.17
N GLN E 945 -34.64 28.91 40.86
CA GLN E 945 -34.34 29.21 39.46
C GLN E 945 -33.28 28.27 38.89
N PHE E 946 -32.27 27.91 39.70
CA PHE E 946 -31.22 27.03 39.20
C PHE E 946 -31.77 25.65 38.84
N ASN E 947 -32.67 25.11 39.68
CA ASN E 947 -33.25 23.82 39.39
C ASN E 947 -34.17 23.86 38.17
N SER E 948 -34.85 24.98 37.95
CA SER E 948 -35.70 25.12 36.78
C SER E 948 -34.90 25.03 35.49
N ALA E 949 -33.71 25.63 35.47
CA ALA E 949 -32.82 25.48 34.33
C ALA E 949 -32.37 24.04 34.18
N ILE E 950 -32.11 23.36 35.30
CA ILE E 950 -31.76 21.94 35.26
C ILE E 950 -32.94 21.13 34.71
N GLY E 951 -34.15 21.43 35.16
CA GLY E 951 -35.32 20.73 34.68
C GLY E 951 -35.64 20.96 33.23
N LYS E 952 -35.17 22.07 32.66
CA LYS E 952 -35.38 22.34 31.24
C LYS E 952 -34.52 21.50 30.33
N ILE E 953 -33.49 20.84 30.87
CA ILE E 953 -32.63 19.99 30.05
C ILE E 953 -33.40 18.78 29.53
N GLN E 954 -34.24 18.19 30.38
CA GLN E 954 -35.02 17.02 29.96
C GLN E 954 -35.97 17.37 28.83
N ASP E 955 -36.63 18.53 28.92
CA ASP E 955 -37.52 18.96 27.85
C ASP E 955 -36.75 19.29 26.57
N SER E 956 -35.50 19.73 26.70
CA SER E 956 -34.68 20.05 25.54
C SER E 956 -33.97 18.84 24.97
N LEU E 957 -34.01 17.68 25.64
CA LEU E 957 -33.33 16.49 25.16
C LEU E 957 -34.28 15.34 24.83
N SER E 958 -35.50 15.32 25.37
CA SER E 958 -36.45 14.26 25.09
C SER E 958 -37.35 14.58 23.90
N SER E 959 -37.19 15.74 23.28
CA SER E 959 -38.02 16.11 22.14
C SER E 959 -37.56 15.38 20.88
N THR E 960 -38.40 15.44 19.84
CA THR E 960 -38.05 14.84 18.56
C THR E 960 -36.84 15.53 17.94
N ALA E 961 -36.78 16.85 18.01
CA ALA E 961 -35.62 17.59 17.53
C ALA E 961 -34.46 17.44 18.50
N SER E 962 -33.67 16.38 18.33
CA SER E 962 -32.58 16.10 19.25
C SER E 962 -31.47 17.14 19.13
N ALA E 963 -30.91 17.53 20.27
CA ALA E 963 -29.79 18.45 20.32
C ALA E 963 -28.45 17.73 20.34
N LEU E 964 -28.45 16.40 20.32
CA LEU E 964 -27.22 15.62 20.32
C LEU E 964 -26.73 15.31 18.91
N GLY E 965 -26.64 16.36 18.09
CA GLY E 965 -26.24 16.16 16.71
C GLY E 965 -24.77 15.82 16.55
N LYS E 966 -23.90 16.45 17.34
CA LYS E 966 -22.46 16.27 17.16
C LYS E 966 -22.03 14.84 17.48
N LEU E 967 -22.56 14.26 18.55
CA LEU E 967 -22.23 12.87 18.88
C LEU E 967 -22.83 11.91 17.86
N GLN E 968 -24.05 12.18 17.40
CA GLN E 968 -24.69 11.32 16.41
C GLN E 968 -23.91 11.32 15.10
N ASP E 969 -23.24 12.43 14.78
CA ASP E 969 -22.48 12.49 13.53
C ASP E 969 -21.30 11.53 13.55
N VAL E 970 -20.49 11.58 14.61
CA VAL E 970 -19.24 10.82 14.64
C VAL E 970 -19.50 9.32 14.52
N VAL E 971 -20.59 8.85 15.13
CA VAL E 971 -20.97 7.45 14.99
C VAL E 971 -21.34 7.13 13.55
N ASN E 972 -21.96 8.07 12.84
CA ASN E 972 -22.48 7.79 11.51
C ASN E 972 -21.36 7.51 10.51
N GLN E 973 -20.52 8.52 10.22
CA GLN E 973 -19.47 8.31 9.22
C GLN E 973 -18.41 7.32 9.68
N ASN E 974 -18.34 7.00 10.96
CA ASN E 974 -17.56 5.86 11.39
C ASN E 974 -18.15 4.57 10.80
N ALA E 975 -19.47 4.46 10.82
CA ALA E 975 -20.13 3.30 10.23
C ALA E 975 -20.15 3.35 8.71
N GLN E 976 -20.27 4.54 8.11
CA GLN E 976 -20.25 4.63 6.65
C GLN E 976 -18.91 4.21 6.08
N ALA E 977 -17.81 4.59 6.74
CA ALA E 977 -16.49 4.22 6.25
C ALA E 977 -16.29 2.71 6.30
N LEU E 978 -16.72 2.07 7.39
CA LEU E 978 -16.58 0.62 7.50
C LEU E 978 -17.46 -0.10 6.50
N ASN E 979 -18.68 0.40 6.27
CA ASN E 979 -19.58 -0.23 5.32
C ASN E 979 -19.04 -0.14 3.90
N THR E 980 -18.40 0.98 3.57
CA THR E 980 -17.90 1.18 2.22
C THR E 980 -16.80 0.19 1.87
N LEU E 981 -15.90 -0.10 2.83
CA LEU E 981 -14.74 -0.93 2.56
C LEU E 981 -15.17 -2.35 2.18
N VAL E 982 -16.15 -2.91 2.90
CA VAL E 982 -16.66 -4.23 2.54
C VAL E 982 -17.41 -4.17 1.23
N LYS E 983 -18.16 -3.08 1.00
CA LYS E 983 -18.89 -2.92 -0.24
C LYS E 983 -17.97 -2.79 -1.44
N GLN E 984 -16.73 -2.34 -1.24
CA GLN E 984 -15.77 -2.27 -2.33
C GLN E 984 -15.39 -3.65 -2.87
N LEU E 985 -15.63 -4.70 -2.08
CA LEU E 985 -15.28 -6.06 -2.50
C LEU E 985 -16.23 -6.62 -3.54
N SER E 986 -17.42 -6.04 -3.71
CA SER E 986 -18.38 -6.56 -4.66
C SER E 986 -18.03 -6.22 -6.11
N SER E 987 -17.13 -5.27 -6.33
CA SER E 987 -16.78 -4.84 -7.68
C SER E 987 -15.59 -5.66 -8.19
N ASN E 988 -15.63 -6.01 -9.47
CA ASN E 988 -14.60 -6.84 -10.07
C ASN E 988 -13.34 -6.06 -10.44
N PHE E 989 -13.39 -4.73 -10.40
CA PHE E 989 -12.25 -3.87 -10.77
C PHE E 989 -11.75 -4.18 -12.18
N GLY E 990 -12.64 -4.58 -13.07
CA GLY E 990 -12.27 -4.94 -14.43
C GLY E 990 -11.88 -6.38 -14.62
N ALA E 991 -11.85 -7.19 -13.57
CA ALA E 991 -11.50 -8.59 -13.69
C ALA E 991 -12.70 -9.41 -14.11
N ILE E 992 -12.50 -10.73 -14.25
CA ILE E 992 -13.58 -11.60 -14.70
C ILE E 992 -14.65 -11.73 -13.63
N SER E 993 -14.26 -11.76 -12.36
CA SER E 993 -15.23 -11.91 -11.27
C SER E 993 -14.65 -11.31 -10.01
N SER E 994 -15.55 -11.06 -9.05
CA SER E 994 -15.17 -10.52 -7.75
C SER E 994 -14.87 -11.59 -6.72
N VAL E 995 -14.93 -12.86 -7.09
CA VAL E 995 -14.66 -13.98 -6.20
C VAL E 995 -13.36 -14.64 -6.65
N LEU E 996 -12.41 -14.79 -5.72
CA LEU E 996 -11.13 -15.37 -6.06
C LEU E 996 -11.27 -16.83 -6.46
N ASN E 997 -12.16 -17.57 -5.81
CA ASN E 997 -12.37 -18.96 -6.15
C ASN E 997 -12.94 -19.13 -7.54
N ASP E 998 -13.78 -18.19 -7.99
CA ASP E 998 -14.34 -18.27 -9.34
C ASP E 998 -13.29 -18.05 -10.42
N ILE E 999 -12.18 -17.37 -10.09
CA ILE E 999 -11.11 -17.18 -11.06
C ILE E 999 -10.44 -18.50 -11.39
N LEU E 1000 -10.14 -19.30 -10.36
CA LEU E 1000 -9.48 -20.58 -10.58
C LEU E 1000 -10.40 -21.58 -11.27
N SER E 1001 -11.71 -21.49 -11.02
CA SER E 1001 -12.66 -22.40 -11.63
C SER E 1001 -12.99 -22.07 -13.07
N ARG E 1002 -12.53 -20.94 -13.58
CA ARG E 1002 -12.84 -20.57 -14.96
C ARG E 1002 -11.60 -20.38 -15.82
N LEU E 1003 -10.53 -19.79 -15.29
CA LEU E 1003 -9.34 -19.52 -16.07
C LEU E 1003 -8.12 -20.05 -15.35
N ASP E 1004 -7.18 -20.60 -16.11
CA ASP E 1004 -5.99 -21.20 -15.55
C ASP E 1004 -5.06 -20.13 -14.96
N PRO E 1005 -4.23 -20.50 -13.99
CA PRO E 1005 -3.31 -19.53 -13.34
C PRO E 1005 -2.37 -18.81 -14.30
N PRO E 1006 -1.84 -19.44 -15.37
CA PRO E 1006 -0.81 -18.72 -16.18
C PRO E 1006 -1.22 -17.34 -16.70
N GLU E 1007 -2.47 -17.15 -17.11
CA GLU E 1007 -2.92 -15.82 -17.50
C GLU E 1007 -3.99 -15.28 -16.56
N ALA E 1008 -4.04 -15.77 -15.32
CA ALA E 1008 -4.91 -15.23 -14.29
C ALA E 1008 -4.15 -14.47 -13.21
N GLU E 1009 -2.83 -14.57 -13.16
CA GLU E 1009 -2.06 -13.90 -12.12
C GLU E 1009 -1.95 -12.40 -12.34
N VAL E 1010 -2.40 -11.86 -13.48
CA VAL E 1010 -2.28 -10.44 -13.74
C VAL E 1010 -3.59 -9.73 -13.44
N GLN E 1011 -4.71 -10.45 -13.45
CA GLN E 1011 -5.95 -9.85 -12.96
C GLN E 1011 -6.09 -9.97 -11.46
N ILE E 1012 -5.62 -11.08 -10.88
CA ILE E 1012 -5.58 -11.20 -9.42
C ILE E 1012 -4.64 -10.15 -8.84
N ASP E 1013 -3.54 -9.88 -9.53
CA ASP E 1013 -2.66 -8.78 -9.14
C ASP E 1013 -3.39 -7.45 -9.19
N ARG E 1014 -4.22 -7.25 -10.22
CA ARG E 1014 -4.99 -6.02 -10.32
C ARG E 1014 -6.06 -5.93 -9.24
N LEU E 1015 -6.64 -7.06 -8.83
CA LEU E 1015 -7.58 -7.06 -7.71
C LEU E 1015 -6.89 -6.62 -6.42
N ILE E 1016 -5.67 -7.09 -6.20
CA ILE E 1016 -4.95 -6.72 -4.98
C ILE E 1016 -4.66 -5.23 -4.96
N THR E 1017 -4.22 -4.67 -6.09
CA THR E 1017 -3.93 -3.24 -6.15
C THR E 1017 -5.19 -2.41 -5.89
N GLY E 1018 -6.32 -2.82 -6.49
CA GLY E 1018 -7.56 -2.12 -6.23
C GLY E 1018 -8.01 -2.24 -4.79
N ARG E 1019 -7.90 -3.44 -4.21
CA ARG E 1019 -8.26 -3.63 -2.82
C ARG E 1019 -7.28 -2.92 -1.89
N LEU E 1020 -5.99 -2.94 -2.23
CA LEU E 1020 -5.01 -2.21 -1.44
C LEU E 1020 -5.26 -0.71 -1.49
N GLN E 1021 -5.59 -0.20 -2.68
CA GLN E 1021 -5.98 1.21 -2.80
C GLN E 1021 -7.27 1.49 -2.05
N SER E 1022 -8.21 0.53 -2.09
CA SER E 1022 -9.44 0.67 -1.31
C SER E 1022 -9.12 0.68 0.19
N LEU E 1023 -8.19 -0.16 0.62
CA LEU E 1023 -7.80 -0.17 2.03
C LEU E 1023 -6.97 1.07 2.37
N GLN E 1024 -6.14 1.53 1.43
CA GLN E 1024 -5.28 2.67 1.70
C GLN E 1024 -6.08 3.95 1.92
N THR E 1025 -7.12 4.17 1.09
CA THR E 1025 -7.93 5.37 1.25
C THR E 1025 -8.77 5.31 2.52
N TYR E 1026 -9.08 4.10 3.01
CA TYR E 1026 -9.76 3.98 4.29
C TYR E 1026 -8.83 4.35 5.44
N VAL E 1027 -7.57 3.92 5.37
CA VAL E 1027 -6.60 4.28 6.40
C VAL E 1027 -6.34 5.78 6.39
N THR E 1028 -6.21 6.38 5.21
CA THR E 1028 -6.00 7.81 5.12
C THR E 1028 -7.20 8.58 5.67
N GLN E 1029 -8.41 8.12 5.36
CA GLN E 1029 -9.61 8.76 5.90
C GLN E 1029 -9.68 8.63 7.41
N GLN E 1030 -9.28 7.46 7.94
CA GLN E 1030 -9.28 7.27 9.39
C GLN E 1030 -8.26 8.18 10.07
N LEU E 1031 -7.07 8.33 9.46
CA LEU E 1031 -6.02 9.13 10.07
C LEU E 1031 -6.39 10.61 10.08
N ILE E 1032 -7.04 11.09 9.00
CA ILE E 1032 -7.48 12.48 8.96
C ILE E 1032 -8.51 12.75 10.05
N ARG E 1033 -9.47 11.85 10.20
CA ARG E 1033 -10.53 12.03 11.19
C ARG E 1033 -9.99 11.90 12.61
N ALA E 1034 -9.02 11.01 12.81
CA ALA E 1034 -8.44 10.84 14.15
C ALA E 1034 -7.74 12.11 14.62
N ALA E 1035 -7.08 12.81 13.70
CA ALA E 1035 -6.42 14.07 14.07
C ALA E 1035 -7.43 15.12 14.51
N GLU E 1036 -8.60 15.15 13.85
CA GLU E 1036 -9.64 16.09 14.25
C GLU E 1036 -10.22 15.74 15.61
N ILE E 1037 -10.34 14.44 15.91
CA ILE E 1037 -10.76 14.02 17.24
C ILE E 1037 -9.74 14.45 18.28
N ARG E 1038 -8.45 14.39 17.92
CA ARG E 1038 -7.40 14.86 18.83
C ARG E 1038 -7.56 16.34 19.14
N ALA E 1039 -7.86 17.15 18.12
CA ALA E 1039 -8.08 18.57 18.34
C ALA E 1039 -9.31 18.80 19.20
N SER E 1040 -10.36 18.02 18.97
CA SER E 1040 -11.58 18.15 19.77
C SER E 1040 -11.35 17.67 21.19
N ALA E 1041 -10.65 16.53 21.36
CA ALA E 1041 -10.40 16.01 22.69
C ALA E 1041 -9.49 16.95 23.49
N ASN E 1042 -8.46 17.50 22.86
CA ASN E 1042 -7.59 18.46 23.55
C ASN E 1042 -8.36 19.71 23.94
N LEU E 1043 -9.28 20.16 23.08
CA LEU E 1043 -10.19 21.23 23.47
C LEU E 1043 -11.08 20.79 24.62
N ALA E 1044 -11.58 19.55 24.56
CA ALA E 1044 -12.33 19.01 25.68
C ALA E 1044 -11.46 18.85 26.92
N ALA E 1045 -10.22 18.39 26.74
CA ALA E 1045 -9.31 18.26 27.88
C ALA E 1045 -8.99 19.62 28.49
N THR E 1046 -8.73 20.62 27.65
CA THR E 1046 -8.50 21.96 28.16
C THR E 1046 -9.73 22.51 28.86
N LYS E 1047 -10.91 22.23 28.31
CA LYS E 1047 -12.15 22.61 28.98
C LYS E 1047 -12.29 21.88 30.32
N MET E 1048 -11.94 20.59 30.35
CA MET E 1048 -12.03 19.84 31.59
C MET E 1048 -11.10 20.43 32.65
N SER E 1049 -9.93 20.91 32.23
CA SER E 1049 -9.01 21.55 33.17
C SER E 1049 -9.45 22.96 33.54
N GLU E 1050 -10.30 23.59 32.74
CA GLU E 1050 -10.72 24.97 32.99
C GLU E 1050 -12.19 25.11 33.36
N CYS E 1051 -13.09 24.43 32.65
CA CYS E 1051 -14.52 24.62 32.91
C CYS E 1051 -14.97 23.97 34.20
N VAL E 1052 -14.34 22.86 34.59
CA VAL E 1052 -14.82 22.02 35.68
C VAL E 1052 -13.92 22.14 36.91
N LEU E 1053 -12.63 21.86 36.76
CA LEU E 1053 -11.73 21.79 37.90
C LEU E 1053 -11.47 23.14 38.55
N GLY E 1054 -11.89 24.23 37.93
CA GLY E 1054 -11.70 25.54 38.50
C GLY E 1054 -12.64 26.56 37.91
N GLN E 1055 -12.27 27.82 38.05
CA GLN E 1055 -13.03 28.94 37.50
C GLN E 1055 -12.24 29.57 36.37
N SER E 1056 -12.90 29.77 35.23
CA SER E 1056 -12.28 30.35 34.05
C SER E 1056 -12.84 31.76 33.82
N LYS E 1057 -11.94 32.74 33.72
CA LYS E 1057 -12.32 34.10 33.41
C LYS E 1057 -12.34 34.38 31.92
N ARG E 1058 -12.07 33.39 31.10
CA ARG E 1058 -12.15 33.56 29.65
C ARG E 1058 -13.59 33.79 29.23
N VAL E 1059 -13.81 34.82 28.42
CA VAL E 1059 -15.17 35.20 28.03
C VAL E 1059 -15.66 34.24 26.94
N ASP E 1060 -16.85 33.69 27.15
CA ASP E 1060 -17.53 32.85 26.16
C ASP E 1060 -16.69 31.65 25.74
N PHE E 1061 -15.99 31.05 26.70
CA PHE E 1061 -15.27 29.80 26.46
C PHE E 1061 -16.01 28.60 27.00
N CYS E 1062 -16.56 28.69 28.22
CA CYS E 1062 -17.36 27.61 28.79
C CYS E 1062 -18.82 28.03 28.67
N GLY E 1063 -19.41 27.74 27.51
CA GLY E 1063 -20.77 28.13 27.24
C GLY E 1063 -20.90 29.62 26.96
N LYS E 1064 -22.14 30.09 27.00
CA LYS E 1064 -22.46 31.48 26.72
C LYS E 1064 -22.84 32.18 28.03
N GLY E 1065 -22.04 33.15 28.42
CA GLY E 1065 -22.27 33.91 29.63
C GLY E 1065 -21.13 33.77 30.62
N TYR E 1066 -21.28 34.45 31.75
CA TYR E 1066 -20.26 34.42 32.79
C TYR E 1066 -20.26 33.07 33.49
N HIS E 1067 -19.07 32.55 33.79
CA HIS E 1067 -18.93 31.19 34.28
C HIS E 1067 -19.13 31.14 35.79
N LEU E 1068 -19.88 30.14 36.24
CA LEU E 1068 -19.92 29.74 37.65
C LEU E 1068 -19.26 28.39 37.86
N MET E 1069 -19.77 27.33 37.22
CA MET E 1069 -19.18 26.00 37.34
C MET E 1069 -19.65 25.18 36.14
N SER E 1070 -19.19 23.94 36.10
CA SER E 1070 -19.59 23.02 35.04
C SER E 1070 -19.71 21.61 35.63
N PHE E 1071 -20.60 20.83 35.03
CA PHE E 1071 -20.82 19.44 35.43
C PHE E 1071 -20.61 18.55 34.21
N PRO E 1072 -19.65 17.62 34.24
CA PRO E 1072 -19.54 16.65 33.14
C PRO E 1072 -20.27 15.35 33.45
N GLN E 1073 -20.98 14.85 32.44
CA GLN E 1073 -21.61 13.54 32.51
C GLN E 1073 -21.07 12.66 31.38
N SER E 1074 -21.14 11.34 31.59
CA SER E 1074 -20.71 10.41 30.58
C SER E 1074 -21.63 10.48 29.36
N ALA E 1075 -21.03 10.31 28.18
CA ALA E 1075 -21.77 10.35 26.92
C ALA E 1075 -21.23 9.24 26.03
N PRO E 1076 -22.05 8.74 25.09
CA PRO E 1076 -21.57 7.69 24.19
C PRO E 1076 -20.50 8.19 23.24
N HIS E 1077 -19.26 7.71 23.43
CA HIS E 1077 -18.12 8.13 22.63
C HIS E 1077 -17.92 9.65 22.68
N GLY E 1078 -18.14 10.23 23.85
CA GLY E 1078 -18.03 11.67 23.99
C GLY E 1078 -18.26 12.11 25.41
N VAL E 1079 -18.40 13.41 25.59
CA VAL E 1079 -18.63 14.02 26.90
C VAL E 1079 -19.64 15.15 26.74
N VAL E 1080 -20.48 15.32 27.76
CA VAL E 1080 -21.50 16.35 27.77
C VAL E 1080 -21.18 17.33 28.89
N PHE E 1081 -21.04 18.61 28.53
CA PHE E 1081 -20.75 19.67 29.48
C PHE E 1081 -22.01 20.46 29.77
N LEU E 1082 -22.24 20.73 31.06
CA LEU E 1082 -23.37 21.56 31.50
C LEU E 1082 -22.80 22.77 32.22
N HIS E 1083 -22.74 23.91 31.52
CA HIS E 1083 -22.16 25.13 32.05
C HIS E 1083 -23.26 25.96 32.72
N VAL E 1084 -23.10 26.22 34.01
CA VAL E 1084 -23.98 27.13 34.73
C VAL E 1084 -23.50 28.55 34.44
N THR E 1085 -24.38 29.38 33.91
CA THR E 1085 -24.00 30.69 33.41
C THR E 1085 -24.76 31.79 34.12
N TYR E 1086 -24.09 32.93 34.30
CA TYR E 1086 -24.64 34.11 34.95
C TYR E 1086 -24.83 35.18 33.88
N VAL E 1087 -26.08 35.45 33.51
CA VAL E 1087 -26.38 36.45 32.50
C VAL E 1087 -27.24 37.55 33.11
N PRO E 1088 -27.01 38.82 32.76
CA PRO E 1088 -27.84 39.90 33.26
C PRO E 1088 -29.15 40.00 32.49
N ALA E 1089 -30.14 40.58 33.17
CA ALA E 1089 -31.44 40.84 32.55
C ALA E 1089 -32.14 41.94 33.32
N GLN E 1090 -33.11 42.56 32.66
CA GLN E 1090 -33.94 43.62 33.24
C GLN E 1090 -33.09 44.79 33.75
N GLU E 1091 -32.43 45.44 32.80
CA GLU E 1091 -31.56 46.57 33.10
C GLU E 1091 -32.37 47.87 33.14
N LYS E 1092 -31.74 48.91 33.69
CA LYS E 1092 -32.35 50.23 33.77
C LYS E 1092 -31.35 51.29 33.34
N ASN E 1093 -31.87 52.39 32.79
CA ASN E 1093 -31.03 53.51 32.41
C ASN E 1093 -30.53 54.25 33.64
N PHE E 1094 -29.30 54.76 33.56
CA PHE E 1094 -28.71 55.52 34.64
C PHE E 1094 -27.74 56.54 34.06
N THR E 1095 -27.43 57.55 34.85
CA THR E 1095 -26.49 58.60 34.46
C THR E 1095 -25.19 58.43 35.24
N THR E 1096 -24.07 58.41 34.52
CA THR E 1096 -22.77 58.14 35.09
C THR E 1096 -21.92 59.41 35.15
N ALA E 1097 -20.80 59.30 35.87
CA ALA E 1097 -19.88 60.41 36.04
C ALA E 1097 -18.48 59.85 36.27
N PRO E 1098 -17.49 60.29 35.50
CA PRO E 1098 -16.13 59.78 35.71
C PRO E 1098 -15.56 60.09 37.09
N ALA E 1099 -15.91 61.23 37.67
CA ALA E 1099 -15.35 61.62 38.96
C ALA E 1099 -16.33 62.55 39.66
N ILE E 1100 -16.13 62.70 40.97
CA ILE E 1100 -16.99 63.52 41.81
C ILE E 1100 -16.12 64.51 42.56
N CYS E 1101 -16.46 65.79 42.47
CA CYS E 1101 -15.74 66.86 43.15
C CYS E 1101 -16.58 67.39 44.29
N HIS E 1102 -15.95 67.56 45.46
CA HIS E 1102 -16.64 68.02 46.65
C HIS E 1102 -16.22 69.43 47.05
N ASP E 1103 -14.95 69.62 47.43
CA ASP E 1103 -14.47 70.92 47.86
C ASP E 1103 -13.10 71.21 47.25
N GLY E 1104 -12.93 70.90 45.97
CA GLY E 1104 -11.70 71.17 45.27
C GLY E 1104 -10.79 69.99 45.04
N LYS E 1105 -11.19 68.78 45.44
CA LYS E 1105 -10.44 67.57 45.14
C LYS E 1105 -11.34 66.54 44.49
N ALA E 1106 -10.83 65.87 43.47
CA ALA E 1106 -11.59 64.89 42.71
C ALA E 1106 -11.50 63.52 43.36
N HIS E 1107 -12.61 62.79 43.31
CA HIS E 1107 -12.68 61.45 43.86
C HIS E 1107 -12.98 60.44 42.75
N PHE E 1108 -12.60 59.19 43.00
CA PHE E 1108 -12.73 58.11 42.03
C PHE E 1108 -13.34 56.89 42.69
N PRO E 1109 -14.15 56.13 41.97
CA PRO E 1109 -14.63 54.85 42.52
C PRO E 1109 -13.50 53.84 42.62
N ARG E 1110 -13.62 52.95 43.60
CA ARG E 1110 -12.56 51.96 43.83
C ARG E 1110 -12.79 50.69 43.00
N GLU E 1111 -13.90 50.02 43.21
CA GLU E 1111 -14.30 48.88 42.37
C GLU E 1111 -15.78 48.99 42.03
N GLY E 1112 -16.22 50.19 41.66
CA GLY E 1112 -17.61 50.41 41.35
C GLY E 1112 -17.86 51.46 40.29
N VAL E 1113 -19.13 51.80 40.08
CA VAL E 1113 -19.52 52.79 39.09
C VAL E 1113 -20.34 53.85 39.80
N PHE E 1114 -20.43 55.03 39.18
CA PHE E 1114 -21.27 56.11 39.68
C PHE E 1114 -22.56 56.15 38.88
N VAL E 1115 -23.69 56.16 39.59
CA VAL E 1115 -25.00 56.18 38.97
C VAL E 1115 -25.83 57.30 39.57
N SER E 1116 -26.82 57.75 38.80
CA SER E 1116 -27.72 58.80 39.24
C SER E 1116 -29.15 58.40 38.91
N ASN E 1117 -30.05 58.55 39.89
CA ASN E 1117 -31.46 58.28 39.69
C ASN E 1117 -32.25 59.53 39.32
N GLY E 1118 -31.57 60.67 39.18
CA GLY E 1118 -32.23 61.90 38.79
C GLY E 1118 -32.02 63.03 39.78
N THR E 1119 -32.04 62.71 41.08
CA THR E 1119 -31.89 63.71 42.13
C THR E 1119 -30.57 63.57 42.86
N HIS E 1120 -30.27 62.40 43.39
CA HIS E 1120 -29.02 62.14 44.09
C HIS E 1120 -28.03 61.41 43.17
N TRP E 1121 -26.82 61.23 43.68
CA TRP E 1121 -25.79 60.45 43.00
C TRP E 1121 -25.43 59.28 43.89
N PHE E 1122 -25.35 58.08 43.30
CA PHE E 1122 -25.10 56.86 44.04
C PHE E 1122 -23.97 56.07 43.40
N VAL E 1123 -23.36 55.21 44.20
CA VAL E 1123 -22.27 54.33 43.77
C VAL E 1123 -22.70 52.89 43.94
N THR E 1124 -22.37 52.06 42.95
CA THR E 1124 -22.78 50.66 42.97
C THR E 1124 -21.82 49.86 42.10
N GLN E 1125 -22.04 48.56 42.04
CA GLN E 1125 -21.21 47.67 41.25
C GLN E 1125 -21.67 47.65 39.79
N ARG E 1126 -20.89 46.97 38.95
CA ARG E 1126 -21.12 46.96 37.52
C ARG E 1126 -21.91 45.76 37.03
N ASN E 1127 -22.31 44.85 37.92
CA ASN E 1127 -23.10 43.69 37.51
C ASN E 1127 -24.36 43.50 38.33
N PHE E 1128 -24.58 44.29 39.38
CA PHE E 1128 -25.81 44.23 40.15
C PHE E 1128 -26.01 45.57 40.83
N TYR E 1129 -27.20 46.16 40.66
CA TYR E 1129 -27.45 47.50 41.16
C TYR E 1129 -27.73 47.45 42.66
N GLU E 1130 -26.90 48.14 43.44
CA GLU E 1130 -27.07 48.22 44.89
C GLU E 1130 -26.63 49.62 45.32
N PRO E 1131 -27.58 50.54 45.46
CA PRO E 1131 -27.21 51.92 45.81
C PRO E 1131 -26.55 52.00 47.18
N GLN E 1132 -25.53 52.85 47.27
CA GLN E 1132 -24.79 53.05 48.51
C GLN E 1132 -24.40 54.52 48.63
N ILE E 1133 -24.17 54.95 49.85
CA ILE E 1133 -23.76 56.33 50.11
C ILE E 1133 -22.29 56.48 49.76
N ILE E 1134 -21.95 57.58 49.11
CA ILE E 1134 -20.58 57.83 48.66
C ILE E 1134 -19.76 58.30 49.86
N THR E 1135 -18.90 57.44 50.37
CA THR E 1135 -18.09 57.72 51.55
C THR E 1135 -16.62 57.89 51.16
N THR E 1136 -15.78 58.09 52.17
CA THR E 1136 -14.35 58.28 51.95
C THR E 1136 -13.57 56.97 51.89
N ASP E 1137 -14.21 55.84 52.18
CA ASP E 1137 -13.52 54.55 52.07
C ASP E 1137 -13.70 53.90 50.71
N ASN E 1138 -14.82 54.14 50.04
CA ASN E 1138 -15.05 53.61 48.71
C ASN E 1138 -14.43 54.48 47.62
N THR E 1139 -13.92 55.66 47.96
CA THR E 1139 -13.33 56.58 47.00
C THR E 1139 -11.98 57.05 47.49
N PHE E 1140 -11.14 57.48 46.55
CA PHE E 1140 -9.82 58.00 46.86
C PHE E 1140 -9.58 59.28 46.06
N VAL E 1141 -8.70 60.13 46.58
CA VAL E 1141 -8.45 61.44 46.01
C VAL E 1141 -7.35 61.31 44.97
N SER E 1142 -7.57 61.89 43.79
CA SER E 1142 -6.58 61.88 42.71
C SER E 1142 -6.76 63.16 41.90
N GLY E 1143 -5.87 64.13 42.13
CA GLY E 1143 -5.86 65.34 41.34
C GLY E 1143 -6.94 66.32 41.74
N ASN E 1144 -7.00 67.41 40.99
CA ASN E 1144 -7.96 68.48 41.20
C ASN E 1144 -9.21 68.25 40.35
N CYS E 1145 -10.10 69.24 40.32
CA CYS E 1145 -11.38 69.12 39.64
C CYS E 1145 -11.43 69.86 38.31
N ASP E 1146 -10.28 70.30 37.80
CA ASP E 1146 -10.23 71.03 36.54
C ASP E 1146 -9.36 70.34 35.49
N VAL E 1147 -9.20 69.02 35.60
CA VAL E 1147 -8.40 68.27 34.65
C VAL E 1147 -9.23 67.12 34.09
N VAL E 1148 -10.24 66.70 34.84
CA VAL E 1148 -11.06 65.56 34.46
C VAL E 1148 -12.15 66.02 33.49
N ILE E 1149 -12.32 65.29 32.40
CA ILE E 1149 -13.35 65.58 31.42
C ILE E 1149 -14.62 64.84 31.83
N GLY E 1150 -15.70 65.59 32.04
CA GLY E 1150 -16.96 65.02 32.46
C GLY E 1150 -17.20 64.97 33.95
N ILE E 1151 -16.36 65.63 34.74
CA ILE E 1151 -16.53 65.62 36.19
C ILE E 1151 -17.81 66.35 36.58
N VAL E 1152 -18.46 65.88 37.64
CA VAL E 1152 -19.73 66.42 38.11
C VAL E 1152 -19.60 66.77 39.58
N ASN E 1153 -20.06 67.97 39.95
CA ASN E 1153 -20.07 68.39 41.34
C ASN E 1153 -21.10 67.58 42.12
N ASN E 1154 -20.72 67.20 43.35
CA ASN E 1154 -21.62 66.46 44.23
C ASN E 1154 -21.09 66.58 45.65
N THR E 1155 -21.64 65.78 46.56
CA THR E 1155 -21.24 65.75 47.95
C THR E 1155 -20.64 64.40 48.30
N VAL E 1156 -19.72 64.41 49.26
CA VAL E 1156 -19.03 63.21 49.71
C VAL E 1156 -19.26 63.07 51.21
N TYR E 1157 -19.74 61.90 51.62
CA TYR E 1157 -20.01 61.64 53.03
C TYR E 1157 -18.74 61.22 53.75
N ASP E 1158 -18.64 61.57 55.03
CA ASP E 1158 -17.52 61.18 55.88
C ASP E 1158 -18.07 60.43 57.09
N PRO E 1159 -17.63 59.20 57.36
CA PRO E 1159 -18.18 58.43 58.47
C PRO E 1159 -17.55 58.73 59.82
N LEU E 1160 -16.79 59.82 59.97
CA LEU E 1160 -16.12 60.11 61.22
C LEU E 1160 -16.51 61.44 61.84
N GLN E 1161 -16.82 62.45 61.04
CA GLN E 1161 -17.13 63.78 61.58
C GLN E 1161 -18.54 63.97 62.13
N PRO E 1162 -19.62 63.50 61.49
CA PRO E 1162 -20.94 64.02 61.89
C PRO E 1162 -21.44 63.53 63.24
N GLU E 1163 -21.31 62.23 63.52
CA GLU E 1163 -21.76 61.67 64.79
C GLU E 1163 -20.63 61.24 65.71
N LEU E 1164 -19.48 60.89 65.15
CA LEU E 1164 -18.35 60.43 65.95
C LEU E 1164 -17.42 61.61 66.27
N ASP E 1165 -18.00 62.64 66.89
CA ASP E 1165 -17.28 63.84 67.27
C ASP E 1165 -16.83 63.83 68.72
N SER E 1166 -17.07 62.74 69.46
CA SER E 1166 -16.67 62.65 70.85
C SER E 1166 -15.48 61.71 71.02
C1 NAG F . 35.13 28.35 -28.48
C2 NAG F . 35.38 27.48 -27.24
C3 NAG F . 35.64 28.36 -26.01
C4 NAG F . 36.76 29.35 -26.29
C5 NAG F . 36.45 30.14 -27.57
C6 NAG F . 37.59 31.06 -27.98
C7 NAG F . 33.00 26.91 -26.74
C8 NAG F . 32.04 25.79 -26.52
N2 NAG F . 34.27 26.56 -27.00
O3 NAG F . 35.99 27.53 -24.91
O4 NAG F . 36.90 30.25 -25.21
O5 NAG F . 36.25 29.24 -28.66
O6 NAG F . 38.41 31.40 -26.86
O7 NAG F . 32.65 28.09 -26.68
C1 NAG G . 19.98 22.52 -64.06
C2 NAG G . 18.94 23.63 -64.14
C3 NAG G . 17.64 23.20 -63.45
C4 NAG G . 17.16 21.87 -63.99
C5 NAG G . 18.27 20.83 -63.93
C6 NAG G . 17.89 19.51 -64.58
C7 NAG G . 19.65 25.98 -64.27
C8 NAG G . 19.32 25.92 -65.73
N2 NAG G . 19.44 24.86 -63.56
O3 NAG G . 16.65 24.21 -63.63
O4 NAG G . 16.04 21.41 -63.24
O5 NAG G . 19.44 21.31 -64.61
O6 NAG G . 18.83 18.50 -64.26
O7 NAG G . 20.08 27.01 -63.75
C1 NAG H . 44.72 -15.95 -17.08
C2 NAG H . 45.80 -16.59 -16.21
C3 NAG H . 46.55 -15.51 -15.43
C4 NAG H . 47.07 -14.44 -16.37
C5 NAG H . 45.95 -13.89 -17.24
C6 NAG H . 46.43 -12.91 -18.28
C7 NAG H . 45.62 -18.85 -15.27
C8 NAG H . 46.71 -19.24 -16.22
N2 NAG H . 45.23 -17.57 -15.30
O3 NAG H . 47.63 -16.11 -14.71
O4 NAG H . 47.65 -13.37 -15.61
O5 NAG H . 45.31 -14.97 -17.94
O6 NAG H . 47.59 -12.21 -17.85
O7 NAG H . 45.12 -19.66 -14.49
C1 NAG I . 25.06 -27.53 -38.36
C2 NAG I . 26.53 -27.10 -38.24
C3 NAG I . 27.04 -26.57 -39.57
C4 NAG I . 26.79 -27.58 -40.69
C5 NAG I . 25.32 -28.00 -40.70
C6 NAG I . 25.03 -29.10 -41.70
C7 NAG I . 27.27 -26.38 -36.01
C8 NAG I . 27.36 -25.24 -35.05
N2 NAG I . 26.69 -26.12 -37.18
O3 NAG I . 28.42 -26.29 -39.46
O4 NAG I . 27.14 -27.02 -41.94
O5 NAG I . 24.94 -28.50 -39.41
O6 NAG I . 24.91 -30.36 -41.06
O7 NAG I . 27.72 -27.50 -35.75
C1 NAG J . 10.82 44.16 -8.14
C2 NAG J . 10.90 45.68 -8.11
C3 NAG J . 10.48 46.21 -6.74
C4 NAG J . 9.12 45.65 -6.34
C5 NAG J . 9.13 44.13 -6.43
C6 NAG J . 7.77 43.51 -6.17
C7 NAG J . 12.61 46.41 -9.71
C8 NAG J . 14.01 46.89 -9.89
N2 NAG J . 12.23 46.15 -8.46
O3 NAG J . 10.44 47.63 -6.77
O4 NAG J . 8.82 46.04 -5.00
O5 NAG J . 9.51 43.72 -7.76
O6 NAG J . 7.46 43.54 -4.79
O7 NAG J . 11.84 46.27 -10.67
C1 NAG K . 36.97 18.94 3.87
C2 NAG K . 36.97 18.07 5.13
C3 NAG K . 38.07 18.55 6.09
C4 NAG K . 39.41 18.61 5.38
C5 NAG K . 39.31 19.46 4.11
C6 NAG K . 40.58 19.45 3.30
C7 NAG K . 35.16 17.00 6.38
C8 NAG K . 33.81 17.19 6.99
N2 NAG K . 35.68 18.08 5.78
O3 NAG K . 38.13 17.67 7.20
O4 NAG K . 40.38 19.18 6.25
O5 NAG K . 38.27 18.93 3.26
O6 NAG K . 41.34 18.27 3.52
O7 NAG K . 35.76 15.93 6.43
C1 NAG L . 37.04 37.29 10.24
C2 NAG L . 37.97 37.82 9.15
C3 NAG L . 39.07 36.79 8.84
C4 NAG L . 39.80 36.40 10.11
C5 NAG L . 38.80 35.93 11.17
C6 NAG L . 39.45 35.63 12.50
C7 NAG L . 37.19 39.36 7.41
C8 NAG L . 36.37 39.52 6.17
N2 NAG L . 37.22 38.14 7.94
O3 NAG L . 39.98 37.34 7.90
O4 NAG L . 40.71 35.34 9.84
O5 NAG L . 37.83 36.95 11.40
O6 NAG L . 39.32 36.74 13.40
O7 NAG L . 37.80 40.30 7.90
C1 NAG M . 22.08 43.22 48.64
C2 NAG M . 21.79 43.13 50.14
C3 NAG M . 22.25 44.41 50.84
C4 NAG M . 23.71 44.71 50.52
C5 NAG M . 23.91 44.74 49.00
C6 NAG M . 25.35 44.91 48.60
C7 NAG M . 19.85 41.67 50.46
C8 NAG M . 18.38 41.60 50.72
N2 NAG M . 20.38 42.89 50.39
O3 NAG M . 22.09 44.25 52.25
O4 NAG M . 24.08 45.97 51.07
O5 NAG M . 23.47 43.50 48.43
O6 NAG M . 25.56 46.13 47.89
O7 NAG M . 20.53 40.66 50.31
C1 NAG N . -3.12 43.53 -32.14
C2 NAG N . -3.70 43.98 -30.81
C3 NAG N . -4.51 45.27 -30.98
C4 NAG N . -3.67 46.33 -31.68
C5 NAG N . -3.09 45.78 -32.98
C6 NAG N . -2.14 46.73 -33.66
C7 NAG N . -5.62 42.40 -30.69
C8 NAG N . -6.27 41.35 -29.84
N2 NAG N . -4.51 42.95 -30.17
O3 NAG N . -4.93 45.75 -29.71
O4 NAG N . -4.46 47.47 -31.99
O5 NAG N . -2.34 44.58 -32.71
O6 NAG N . -0.85 46.71 -33.06
O7 NAG N . -6.07 42.73 -31.78
C1 NAG O . 12.00 -35.70 23.83
C2 NAG O . 10.70 -35.50 23.01
C3 NAG O . 9.50 -35.23 23.91
C4 NAG O . 9.41 -36.28 25.02
C5 NAG O . 10.74 -36.39 25.75
C6 NAG O . 10.74 -37.49 26.80
C7 NAG O . 11.07 -33.19 21.94
C8 NAG O . 11.29 -32.52 23.28
N2 NAG O . 10.81 -34.52 21.92
O3 NAG O . 8.31 -35.23 23.15
O4 NAG O . 8.39 -35.93 25.94
O5 NAG O . 11.79 -36.70 24.82
O6 NAG O . 11.23 -38.71 26.27
O7 NAG O . 11.12 -32.55 20.90
C1 NAG P . 37.21 -8.45 14.64
C2 NAG P . 37.37 -8.82 16.11
C3 NAG P . 38.38 -7.89 16.78
C4 NAG P . 39.69 -7.87 16.02
C5 NAG P . 39.44 -7.54 14.55
C6 NAG P . 40.69 -7.63 13.70
C7 NAG P . 35.48 -9.89 17.25
C8 NAG P . 34.17 -9.67 17.94
N2 NAG P . 36.09 -8.79 16.80
O3 NAG P . 38.60 -8.33 18.12
O4 NAG P . 40.56 -6.90 16.58
O5 NAG P . 38.50 -8.46 13.99
O6 NAG P . 40.74 -8.86 12.99
O7 NAG P . 35.96 -11.00 17.12
C1 NAG Q . 18.63 -3.20 31.55
C2 NAG Q . 19.08 -3.63 32.97
C3 NAG Q . 20.48 -3.11 33.31
C4 NAG Q . 21.46 -3.46 32.20
C5 NAG Q . 20.93 -2.98 30.85
C6 NAG Q . 21.82 -3.36 29.69
C7 NAG Q . 17.60 -2.17 34.48
C8 NAG Q . 18.08 -0.89 33.84
N2 NAG Q . 18.10 -3.35 34.02
O3 NAG Q . 20.90 -3.68 34.54
O4 NAG Q . 22.71 -2.84 32.45
O5 NAG Q . 19.64 -3.57 30.60
O6 NAG Q . 21.51 -2.63 28.53
O7 NAG Q . 16.78 -2.15 35.39
C1 NAG R . -19.08 -19.49 25.17
C2 NAG R . -20.52 -19.06 24.83
C3 NAG R . -21.48 -19.51 25.93
C4 NAG R . -21.34 -20.99 26.20
C5 NAG R . -19.88 -21.34 26.49
C6 NAG R . -19.64 -22.83 26.65
C7 NAG R . -21.12 -17.06 23.53
C8 NAG R . -21.65 -18.01 22.49
N2 NAG R . -20.60 -17.62 24.63
O3 NAG R . -22.82 -19.20 25.55
O4 NAG R . -22.14 -21.36 27.31
O5 NAG R . -19.05 -20.90 25.40
O6 NAG R . -19.59 -23.21 28.01
O7 NAG R . -21.18 -15.85 23.39
C1 NAG S . -12.71 -13.16 44.64
C2 NAG S . -12.17 -14.59 44.59
C3 NAG S . -13.27 -15.55 44.14
C4 NAG S . -14.50 -15.40 45.03
C5 NAG S . -14.94 -13.93 45.06
C6 NAG S . -16.09 -13.69 46.02
C7 NAG S . -9.77 -14.88 44.13
C8 NAG S . -9.59 -15.01 45.62
N2 NAG S . -11.02 -14.68 43.70
O3 NAG S . -12.78 -16.89 44.22
O4 NAG S . -15.56 -16.20 44.52
O5 NAG S . -13.86 -13.10 45.50
O6 NAG S . -17.21 -14.53 45.72
O7 NAG S . -8.82 -14.96 43.36
C1 NAG T . -27.10 24.91 58.26
C2 NAG T . -28.20 23.97 57.78
C3 NAG T . -29.14 23.62 58.93
C4 NAG T . -28.35 23.07 60.11
C5 NAG T . -27.25 24.05 60.51
C6 NAG T . -26.36 23.53 61.61
C7 NAG T . -29.62 23.84 55.77
C8 NAG T . -30.33 24.62 54.71
N2 NAG T . -28.94 24.56 56.68
O3 NAG T . -30.09 22.65 58.50
O4 NAG T . -29.22 22.87 61.22
O5 NAG T . -26.41 24.32 59.38
O6 NAG T . -26.26 22.11 61.56
O7 NAG T . -29.66 22.62 55.81
C1 NAG U . -13.32 17.05 60.53
C2 NAG U . -12.67 15.79 59.92
C3 NAG U . -13.74 14.83 59.40
C4 NAG U . -14.74 14.52 60.50
C5 NAG U . -15.32 15.81 61.06
C6 NAG U . -16.26 15.58 62.23
C7 NAG U . -10.44 16.37 59.05
C8 NAG U . -9.64 16.73 57.84
N2 NAG U . -11.75 16.16 58.85
O3 NAG U . -13.10 13.63 58.95
O4 NAG U . -15.80 13.71 59.98
O5 NAG U . -14.26 16.65 61.54
O6 NAG U . -17.60 15.44 61.80
O7 NAG U . -9.93 16.27 60.16
C1 NAG V . 26.82 -50.32 -17.66
C2 NAG V . 26.77 -51.73 -17.07
C3 NAG V . 27.68 -52.65 -17.85
C4 NAG V . 27.35 -52.62 -19.33
C5 NAG V . 27.36 -51.18 -19.84
C6 NAG V . 26.91 -51.04 -21.28
C7 NAG V . 26.30 -52.03 -14.67
C8 NAG V . 24.91 -52.42 -15.08
N2 NAG V . 27.14 -51.71 -15.65
O3 NAG V . 27.53 -53.99 -17.36
O4 NAG V . 28.29 -53.39 -20.07
O5 NAG V . 26.47 -50.37 -19.05
O6 NAG V . 28.01 -51.16 -22.18
O7 NAG V . 26.65 -52.01 -13.49
C1 NAG W . 22.93 -0.17 -59.56
C2 NAG W . 23.80 -1.34 -59.13
C3 NAG W . 24.80 -1.68 -60.22
C4 NAG W . 24.09 -1.92 -61.54
C5 NAG W . 23.20 -0.73 -61.88
C6 NAG W . 22.35 -0.95 -63.11
C7 NAG W . 24.35 -1.76 -56.77
C8 NAG W . 23.41 -2.93 -56.84
N2 NAG W . 24.50 -1.04 -57.88
O3 NAG W . 25.54 -2.85 -59.86
O4 NAG W . 25.04 -2.10 -62.59
O5 NAG W . 22.29 -0.49 -60.80
O6 NAG W . 22.89 -1.98 -63.94
O7 NAG W . 24.95 -1.48 -55.73
C1 NAG X . -50.26 9.34 -24.43
C2 NAG X . -49.28 10.16 -25.28
C3 NAG X . -49.10 11.56 -24.68
C4 NAG X . -50.44 12.23 -24.48
C5 NAG X . -51.36 11.33 -23.66
C6 NAG X . -52.75 11.89 -23.51
C7 NAG X . -47.16 9.15 -24.43
C8 NAG X . -45.90 8.46 -24.84
N2 NAG X . -48.00 9.48 -25.44
O3 NAG X . -48.29 12.33 -25.56
O4 NAG X . -50.27 13.47 -23.80
O5 NAG X . -51.50 10.06 -24.30
O6 NAG X . -53.73 10.98 -23.98
O7 NAG X . -47.40 9.41 -23.26
C1 NAG Y . -44.23 -12.94 8.17
C2 NAG Y . -45.69 -12.54 7.87
C3 NAG Y . -46.47 -12.24 9.16
C4 NAG Y . -46.32 -13.39 10.14
C5 NAG Y . -44.84 -13.71 10.36
C6 NAG Y . -44.62 -14.90 11.26
C7 NAG Y . -45.42 -10.17 6.90
C8 NAG Y . -44.68 -9.67 8.12
N2 NAG Y . -45.83 -11.46 6.87
O3 NAG Y . -47.85 -12.05 8.84
O4 NAG Y . -46.92 -13.05 11.39
O5 NAG Y . -44.23 -14.03 9.10
O6 NAG Y . -45.13 -16.10 10.69
O7 NAG Y . -45.65 -9.43 5.94
C1 NAG Z . -12.90 23.53 -54.85
C2 NAG Z . -13.91 24.65 -54.73
C3 NAG Z . -13.31 25.97 -55.25
C4 NAG Z . -11.99 26.26 -54.55
C5 NAG Z . -11.05 25.07 -54.68
C6 NAG Z . -9.77 25.24 -53.90
C7 NAG Z . -16.33 24.29 -54.86
C8 NAG Z . -16.37 24.59 -53.39
N2 NAG Z . -15.13 24.33 -55.45
O3 NAG Z . -14.24 27.03 -55.01
O4 NAG Z . -11.38 27.40 -55.13
O5 NAG Z . -11.69 23.88 -54.16
O6 NAG Z . -9.27 24.00 -53.42
O7 NAG Z . -17.35 24.02 -55.50
C1 NAG AA . -6.65 -7.07 -58.53
C2 NAG AA . -8.15 -6.83 -58.76
C3 NAG AA . -8.95 -8.04 -58.26
C4 NAG AA . -8.43 -9.32 -58.87
C5 NAG AA . -6.93 -9.45 -58.66
C6 NAG AA . -6.32 -10.64 -59.36
C7 NAG AA . -9.10 -4.57 -58.76
C8 NAG AA . -9.20 -4.71 -60.25
N2 NAG AA . -8.59 -5.62 -58.10
O3 NAG AA . -10.33 -7.85 -58.58
O4 NAG AA . -9.09 -10.45 -58.30
O5 NAG AA . -6.25 -8.29 -59.16
O6 NAG AA . -7.13 -11.80 -59.21
O7 NAG AA . -9.47 -3.55 -58.18
C1 NAG BA . -27.78 34.87 -18.68
C2 NAG BA . -26.57 35.39 -17.90
C3 NAG BA . -25.61 36.11 -18.84
C4 NAG BA . -25.27 35.24 -20.04
C5 NAG BA . -26.55 34.71 -20.71
C6 NAG BA . -26.27 33.74 -21.83
C7 NAG BA . -26.49 36.19 -15.57
C8 NAG BA . -25.47 35.12 -15.33
N2 NAG BA . -26.98 36.26 -16.82
O3 NAG BA . -24.42 36.47 -18.15
O4 NAG BA . -24.53 35.98 -21.00
O5 NAG BA . -27.35 34.02 -19.74
O6 NAG BA . -27.46 33.42 -22.53
O7 NAG BA . -26.86 36.95 -14.69
C1 NAG CA . -40.08 43.28 -5.17
C2 NAG CA . -41.38 43.14 -5.95
C3 NAG CA . -41.13 43.47 -7.43
C4 NAG CA . -40.48 44.84 -7.57
C5 NAG CA . -39.22 44.91 -6.70
C6 NAG CA . -38.59 46.28 -6.70
C7 NAG CA . -43.22 41.59 -5.54
C8 NAG CA . -43.62 40.14 -5.43
N2 NAG CA . -41.93 41.81 -5.82
O3 NAG CA . -42.37 43.46 -8.13
O4 NAG CA . -40.13 45.08 -8.93
O5 NAG CA . -39.54 44.60 -5.34
O6 NAG CA . -39.46 47.26 -6.14
O7 NAG CA . -44.03 42.50 -5.38
C1 NAG DA . -21.72 65.00 26.11
C2 NAG DA . -20.62 65.81 26.79
C3 NAG DA . -21.24 66.90 27.65
C4 NAG DA . -22.20 67.76 26.83
C5 NAG DA . -23.22 66.87 26.13
C6 NAG DA . -24.12 67.63 25.18
C7 NAG DA . -18.53 64.59 27.21
C8 NAG DA . -17.78 63.71 28.16
N2 NAG DA . -19.75 64.95 27.59
O3 NAG DA . -20.21 67.72 28.20
O4 NAG DA . -22.87 68.68 27.67
O5 NAG DA . -22.55 65.87 25.34
O6 NAG DA . -23.98 67.17 23.85
O7 NAG DA . -18.05 64.97 26.15
C1 NAG EA . -33.17 54.08 28.00
C2 NAG EA . -34.45 53.26 27.87
C3 NAG EA . -34.68 52.87 26.41
C4 NAG EA . -34.67 54.11 25.52
C5 NAG EA . -33.39 54.91 25.74
C6 NAG EA . -33.38 56.22 24.99
C7 NAG EA . -35.21 51.90 29.76
C8 NAG EA . -35.03 50.62 30.52
N2 NAG EA . -34.40 52.08 28.72
O3 NAG EA . -35.92 52.20 26.29
O4 NAG EA . -34.76 53.72 24.15
O5 NAG EA . -33.24 55.23 27.14
O6 NAG EA . -34.03 56.10 23.73
O7 NAG EA . -36.07 52.73 30.07
#